data_6G5S
#
_entry.id   6G5S
#
_entity_poly.entity_id   1
_entity_poly.type   'polypeptide(L)'
_entity_poly.pdbx_seq_one_letter_code
;MGSSHHHHHHSSGLVPRGSHMSGNANTDYNAAIALVQDKSRQDDAMVAFQNFIKNYPDSTYLPNANYWLGQLNYNKGKKD
DAAYYFASVVKNYPKSPKAADAMFKVGVIMQDKGDTAKAKAVYQQVISKYPGTDGAKQAQKRLNAM
;
_entity_poly.pdbx_strand_id   A
#
# COMPACT_ATOMS: atom_id res chain seq x y z
N MET A 1 -24.53 -9.15 -20.93
CA MET A 1 -23.91 -10.49 -21.06
C MET A 1 -22.66 -10.60 -20.19
N GLY A 2 -21.69 -9.72 -20.44
CA GLY A 2 -20.47 -9.72 -19.65
C GLY A 2 -19.40 -8.85 -20.27
N SER A 3 -19.79 -7.66 -20.69
CA SER A 3 -18.87 -6.76 -21.35
C SER A 3 -18.68 -5.48 -20.52
N SER A 4 -18.71 -5.64 -19.21
CA SER A 4 -18.58 -4.51 -18.29
C SER A 4 -17.12 -4.12 -18.10
N HIS A 5 -16.43 -3.85 -19.20
CA HIS A 5 -15.04 -3.45 -19.17
C HIS A 5 -14.65 -2.74 -20.47
N HIS A 6 -15.49 -1.81 -20.89
CA HIS A 6 -15.18 -0.99 -22.05
C HIS A 6 -14.19 0.10 -21.66
N HIS A 7 -13.16 0.26 -22.47
CA HIS A 7 -12.10 1.21 -22.15
C HIS A 7 -12.59 2.65 -22.27
N HIS A 8 -12.75 3.30 -21.13
CA HIS A 8 -13.19 4.68 -21.08
C HIS A 8 -12.80 5.31 -19.75
N HIS A 9 -12.92 6.63 -19.66
CA HIS A 9 -12.64 7.35 -18.42
C HIS A 9 -11.17 7.22 -18.03
N HIS A 10 -10.29 7.22 -19.02
CA HIS A 10 -8.86 7.16 -18.76
C HIS A 10 -8.28 8.55 -18.59
N SER A 11 -8.80 9.48 -19.37
CA SER A 11 -8.38 10.86 -19.27
C SER A 11 -9.33 11.64 -18.36
N SER A 12 -8.92 11.82 -17.11
CA SER A 12 -9.73 12.54 -16.15
C SER A 12 -9.59 14.05 -16.35
N GLY A 13 -8.42 14.47 -16.76
CA GLY A 13 -8.16 15.87 -16.99
C GLY A 13 -6.77 16.26 -16.58
N LEU A 14 -6.51 17.55 -16.55
CA LEU A 14 -5.22 18.11 -16.14
C LEU A 14 -4.11 17.74 -17.14
N VAL A 15 -3.61 16.51 -17.04
CA VAL A 15 -2.51 16.05 -17.90
C VAL A 15 -1.24 16.85 -17.60
N PRO A 16 -0.40 16.37 -16.66
CA PRO A 16 0.86 16.99 -16.27
C PRO A 16 1.60 17.67 -17.43
N ARG A 17 1.73 18.98 -17.35
CA ARG A 17 2.39 19.76 -18.39
C ARG A 17 3.56 20.55 -17.82
N GLY A 18 4.28 19.94 -16.90
CA GLY A 18 5.39 20.61 -16.27
C GLY A 18 6.61 19.72 -16.17
N SER A 19 7.68 20.26 -15.59
CA SER A 19 8.90 19.49 -15.39
C SER A 19 8.76 18.57 -14.18
N HIS A 20 7.85 18.94 -13.28
CA HIS A 20 7.55 18.12 -12.12
C HIS A 20 6.30 17.29 -12.38
N MET A 21 5.87 16.54 -11.37
CA MET A 21 4.67 15.73 -11.47
C MET A 21 3.44 16.53 -11.04
N SER A 22 2.40 16.45 -11.84
CA SER A 22 1.14 17.10 -11.53
C SER A 22 0.02 16.09 -11.66
N GLY A 23 -0.87 16.03 -10.68
CA GLY A 23 -1.88 15.00 -10.68
C GLY A 23 -1.29 13.71 -10.21
N ASN A 24 -0.32 13.86 -9.31
CA ASN A 24 0.41 12.75 -8.71
C ASN A 24 -0.50 11.57 -8.42
N ALA A 25 -0.19 10.45 -9.05
CA ALA A 25 -0.90 9.22 -8.80
C ALA A 25 -0.81 8.87 -7.33
N ASN A 26 0.28 9.29 -6.71
CA ASN A 26 0.57 9.06 -5.34
C ASN A 26 -0.53 9.64 -4.51
N THR A 27 -0.86 10.87 -4.82
CA THR A 27 -1.78 11.60 -4.00
C THR A 27 -3.21 11.23 -4.34
N ASP A 28 -3.52 11.15 -5.62
CA ASP A 28 -4.86 10.86 -6.05
C ASP A 28 -5.22 9.44 -5.68
N TYR A 29 -4.24 8.55 -5.74
CA TYR A 29 -4.48 7.15 -5.41
C TYR A 29 -4.53 6.95 -3.92
N ASN A 30 -3.57 7.50 -3.21
CA ASN A 30 -3.62 7.51 -1.76
C ASN A 30 -4.94 8.09 -1.33
N ALA A 31 -5.49 8.98 -2.16
CA ALA A 31 -6.83 9.53 -1.96
C ALA A 31 -7.92 8.54 -2.37
N ALA A 32 -7.61 7.63 -3.31
CA ALA A 32 -8.59 6.70 -3.82
C ALA A 32 -8.75 5.59 -2.84
N ILE A 33 -7.63 5.02 -2.53
CA ILE A 33 -7.56 3.92 -1.64
C ILE A 33 -7.65 4.37 -0.17
N ALA A 34 -7.36 5.64 0.12
CA ALA A 34 -7.70 6.19 1.44
C ALA A 34 -9.16 5.89 1.75
N LEU A 35 -9.94 5.69 0.71
CA LEU A 35 -11.31 5.30 0.84
C LEU A 35 -11.40 3.91 1.48
N VAL A 36 -10.54 2.95 1.06
CA VAL A 36 -10.57 1.63 1.67
C VAL A 36 -10.32 1.75 3.15
N GLN A 37 -9.42 2.67 3.49
CA GLN A 37 -9.01 2.90 4.86
C GLN A 37 -10.18 3.51 5.61
N ASP A 38 -10.95 4.29 4.89
CA ASP A 38 -12.11 4.94 5.44
C ASP A 38 -13.21 3.92 5.63
N LYS A 39 -13.67 3.84 6.85
CA LYS A 39 -14.64 2.85 7.24
C LYS A 39 -16.00 3.20 6.70
N SER A 40 -16.06 4.32 6.01
CA SER A 40 -17.28 4.74 5.35
C SER A 40 -17.10 4.67 3.84
N ARG A 41 -15.90 4.30 3.40
CA ARG A 41 -15.59 4.33 1.99
C ARG A 41 -14.91 3.06 1.52
N GLN A 42 -14.99 2.01 2.30
CA GLN A 42 -14.34 0.74 1.94
C GLN A 42 -14.73 0.32 0.53
N ASP A 43 -16.00 0.54 0.20
CA ASP A 43 -16.54 0.27 -1.12
C ASP A 43 -16.20 1.36 -2.11
N ASP A 44 -16.15 2.60 -1.63
CA ASP A 44 -15.90 3.75 -2.49
C ASP A 44 -14.46 3.68 -2.98
N ALA A 45 -13.63 3.00 -2.21
CA ALA A 45 -12.28 2.70 -2.62
C ALA A 45 -12.23 1.67 -3.69
N MET A 46 -13.03 0.65 -3.53
CA MET A 46 -13.01 -0.42 -4.48
C MET A 46 -13.43 0.11 -5.82
N VAL A 47 -14.24 1.14 -5.78
CA VAL A 47 -14.66 1.80 -7.00
C VAL A 47 -13.61 2.81 -7.46
N ALA A 48 -13.06 3.54 -6.49
CA ALA A 48 -12.00 4.50 -6.74
C ALA A 48 -10.81 3.84 -7.40
N PHE A 49 -10.31 2.85 -6.69
CA PHE A 49 -9.04 2.26 -7.01
C PHE A 49 -9.16 1.38 -8.23
N GLN A 50 -10.33 0.78 -8.45
CA GLN A 50 -10.59 0.04 -9.69
C GLN A 50 -10.23 0.89 -10.87
N ASN A 51 -10.34 2.20 -10.67
CA ASN A 51 -9.99 3.13 -11.69
C ASN A 51 -8.47 3.21 -11.80
N PHE A 52 -7.84 2.98 -10.66
CA PHE A 52 -6.38 3.06 -10.57
C PHE A 52 -5.67 1.83 -11.09
N ILE A 53 -5.93 0.72 -10.46
CA ILE A 53 -5.17 -0.49 -10.70
C ILE A 53 -5.52 -1.15 -12.04
N LYS A 54 -6.74 -0.89 -12.51
CA LYS A 54 -7.14 -1.42 -13.80
C LYS A 54 -7.16 -0.34 -14.88
N ASN A 55 -7.71 0.82 -14.57
CA ASN A 55 -8.01 1.84 -15.58
C ASN A 55 -7.01 2.98 -15.60
N TYR A 56 -5.93 2.81 -14.88
CA TYR A 56 -4.87 3.83 -14.84
C TYR A 56 -3.48 3.23 -15.01
N PRO A 57 -3.21 2.58 -16.15
CA PRO A 57 -1.88 2.06 -16.46
C PRO A 57 -0.91 3.22 -16.61
N ASP A 58 -1.48 4.29 -17.06
CA ASP A 58 -0.78 5.56 -17.25
C ASP A 58 -0.27 6.12 -15.92
N SER A 59 -0.92 5.79 -14.81
CA SER A 59 -0.53 6.31 -13.53
C SER A 59 0.50 5.40 -12.89
N THR A 60 1.54 6.02 -12.36
CA THR A 60 2.63 5.33 -11.68
C THR A 60 2.13 4.27 -10.71
N TYR A 61 1.06 4.59 -10.01
CA TYR A 61 0.61 3.78 -8.89
C TYR A 61 -0.48 2.80 -9.24
N LEU A 62 -0.61 2.56 -10.52
CA LEU A 62 -1.37 1.42 -11.03
C LEU A 62 -1.26 0.20 -10.10
N PRO A 63 -0.03 -0.27 -9.75
CA PRO A 63 0.16 -1.50 -9.00
C PRO A 63 -0.12 -1.28 -7.53
N ASN A 64 0.48 -0.22 -7.01
CA ASN A 64 0.44 0.16 -5.62
C ASN A 64 -0.91 0.64 -5.22
N ALA A 65 -1.73 1.03 -6.15
CA ALA A 65 -3.05 1.39 -5.76
C ALA A 65 -3.75 0.15 -5.24
N ASN A 66 -3.36 -0.98 -5.81
CA ASN A 66 -3.78 -2.27 -5.34
C ASN A 66 -3.12 -2.56 -3.98
N TYR A 67 -1.98 -1.92 -3.72
CA TYR A 67 -1.24 -2.12 -2.47
C TYR A 67 -2.12 -1.76 -1.29
N TRP A 68 -2.65 -0.56 -1.37
CA TRP A 68 -3.46 -0.01 -0.30
C TRP A 68 -4.65 -0.94 -0.13
N LEU A 69 -5.08 -1.51 -1.24
CA LEU A 69 -6.15 -2.49 -1.21
C LEU A 69 -5.66 -3.80 -0.58
N GLY A 70 -4.40 -4.16 -0.81
CA GLY A 70 -3.88 -5.39 -0.26
C GLY A 70 -3.85 -5.41 1.25
N GLN A 71 -3.59 -4.26 1.84
CA GLN A 71 -3.57 -4.14 3.28
C GLN A 71 -4.98 -4.06 3.81
N LEU A 72 -5.69 -3.05 3.32
CA LEU A 72 -7.00 -2.72 3.87
C LEU A 72 -8.04 -3.79 3.57
N ASN A 73 -8.01 -4.36 2.36
CA ASN A 73 -9.03 -5.34 2.01
C ASN A 73 -8.91 -6.51 2.95
N TYR A 74 -7.68 -6.88 3.29
CA TYR A 74 -7.45 -7.89 4.26
C TYR A 74 -8.11 -7.50 5.56
N ASN A 75 -7.81 -6.33 6.09
CA ASN A 75 -8.39 -5.88 7.36
C ASN A 75 -9.89 -5.73 7.26
N LYS A 76 -10.42 -5.93 6.06
CA LYS A 76 -11.87 -5.93 5.88
C LYS A 76 -12.43 -7.32 6.15
N GLY A 77 -11.53 -8.27 6.42
CA GLY A 77 -11.92 -9.65 6.69
C GLY A 77 -11.67 -10.50 5.48
N LYS A 78 -10.83 -9.97 4.62
CA LYS A 78 -10.39 -10.66 3.43
C LYS A 78 -8.98 -11.07 3.66
N LYS A 79 -8.85 -11.60 4.81
CA LYS A 79 -7.66 -12.26 5.28
C LYS A 79 -7.23 -13.29 4.24
N ASP A 80 -8.18 -13.65 3.38
CA ASP A 80 -7.90 -14.40 2.18
C ASP A 80 -7.60 -13.49 0.98
N ASP A 81 -8.60 -12.68 0.60
CA ASP A 81 -8.55 -11.98 -0.68
C ASP A 81 -7.37 -11.01 -0.79
N ALA A 82 -7.26 -10.06 0.13
CA ALA A 82 -6.15 -9.12 0.05
C ALA A 82 -4.83 -9.76 0.40
N ALA A 83 -4.87 -10.85 1.14
CA ALA A 83 -3.66 -11.60 1.42
C ALA A 83 -2.95 -11.90 0.09
N TYR A 84 -3.75 -12.26 -0.92
CA TYR A 84 -3.25 -12.44 -2.26
C TYR A 84 -3.08 -11.09 -2.99
N TYR A 85 -3.88 -10.08 -2.62
CA TYR A 85 -3.73 -8.74 -3.17
C TYR A 85 -2.30 -8.28 -3.01
N PHE A 86 -1.84 -8.37 -1.78
CA PHE A 86 -0.46 -8.09 -1.47
C PHE A 86 0.45 -8.91 -2.36
N ALA A 87 0.20 -10.21 -2.42
CA ALA A 87 0.98 -11.11 -3.26
C ALA A 87 1.08 -10.57 -4.69
N SER A 88 -0.01 -9.97 -5.14
CA SER A 88 -0.06 -9.37 -6.46
C SER A 88 0.83 -8.12 -6.53
N VAL A 89 0.71 -7.20 -5.56
CA VAL A 89 1.43 -5.94 -5.65
C VAL A 89 2.90 -6.10 -5.32
N VAL A 90 3.18 -6.80 -4.22
CA VAL A 90 4.58 -7.15 -3.87
C VAL A 90 5.29 -7.73 -5.10
N LYS A 91 4.56 -8.52 -5.83
CA LYS A 91 5.01 -9.09 -7.09
C LYS A 91 5.15 -8.02 -8.18
N ASN A 92 4.04 -7.35 -8.45
CA ASN A 92 3.94 -6.39 -9.55
C ASN A 92 4.90 -5.24 -9.34
N TYR A 93 4.79 -4.63 -8.17
CA TYR A 93 5.62 -3.55 -7.79
C TYR A 93 6.74 -4.04 -6.89
N PRO A 94 7.90 -4.22 -7.49
CA PRO A 94 9.09 -4.67 -6.79
C PRO A 94 9.77 -3.51 -6.07
N LYS A 95 9.33 -2.32 -6.45
CA LYS A 95 9.95 -1.08 -6.04
C LYS A 95 9.00 -0.24 -5.18
N SER A 96 7.76 -0.70 -5.09
CA SER A 96 6.78 -0.09 -4.20
C SER A 96 7.22 -0.23 -2.74
N PRO A 97 6.62 0.57 -1.84
CA PRO A 97 6.80 0.38 -0.43
C PRO A 97 5.92 -0.76 0.03
N LYS A 98 4.98 -1.12 -0.84
CA LYS A 98 3.96 -2.10 -0.55
C LYS A 98 4.52 -3.47 -0.41
N ALA A 99 5.48 -3.77 -1.26
CA ALA A 99 6.19 -5.02 -1.16
C ALA A 99 6.65 -5.21 0.28
N ALA A 100 7.02 -4.12 0.92
CA ALA A 100 7.35 -4.13 2.34
C ALA A 100 6.10 -4.01 3.19
N ASP A 101 5.32 -2.99 2.90
CA ASP A 101 4.16 -2.60 3.69
C ASP A 101 3.22 -3.76 3.90
N ALA A 102 2.76 -4.35 2.81
CA ALA A 102 1.87 -5.47 2.88
C ALA A 102 2.64 -6.73 3.20
N MET A 103 3.94 -6.71 3.02
CA MET A 103 4.75 -7.77 3.58
C MET A 103 4.61 -7.73 5.08
N PHE A 104 4.59 -6.52 5.60
CA PHE A 104 4.37 -6.29 7.00
C PHE A 104 2.89 -6.55 7.40
N LYS A 105 1.97 -5.85 6.74
CA LYS A 105 0.55 -5.88 7.13
C LYS A 105 -0.12 -7.18 6.76
N VAL A 106 0.14 -7.67 5.57
CA VAL A 106 -0.36 -8.97 5.19
C VAL A 106 0.55 -9.99 5.83
N GLY A 107 1.74 -9.53 6.14
CA GLY A 107 2.63 -10.22 7.04
C GLY A 107 2.05 -10.36 8.42
N VAL A 108 1.08 -9.50 8.72
CA VAL A 108 0.34 -9.52 9.97
C VAL A 108 -0.77 -10.57 10.01
N ILE A 109 -1.55 -10.70 8.93
CA ILE A 109 -2.72 -11.58 8.93
C ILE A 109 -2.35 -13.02 9.26
N MET A 110 -1.12 -13.38 8.98
CA MET A 110 -0.65 -14.74 9.23
C MET A 110 -0.96 -15.21 10.64
N GLN A 111 -0.56 -14.45 11.60
CA GLN A 111 -0.78 -14.73 12.99
C GLN A 111 -2.26 -14.80 13.27
N ASP A 112 -2.98 -13.91 12.62
CA ASP A 112 -4.42 -13.92 12.65
C ASP A 112 -4.97 -15.29 12.24
N LYS A 113 -4.39 -15.88 11.20
CA LYS A 113 -4.74 -17.22 10.76
C LYS A 113 -3.93 -18.30 11.51
N GLY A 114 -2.81 -17.89 12.11
CA GLY A 114 -2.01 -18.81 12.90
C GLY A 114 -0.62 -19.10 12.32
N ASP A 115 0.08 -18.06 11.84
CA ASP A 115 1.50 -18.22 11.48
C ASP A 115 2.37 -17.20 12.17
N THR A 116 1.92 -16.71 13.29
CA THR A 116 2.79 -15.90 14.12
C THR A 116 4.05 -16.69 14.47
N ALA A 117 4.01 -17.97 14.26
CA ALA A 117 5.19 -18.78 14.34
C ALA A 117 6.06 -18.65 13.08
N LYS A 118 5.45 -18.96 11.95
CA LYS A 118 6.18 -19.08 10.69
C LYS A 118 6.32 -17.74 10.02
N ALA A 119 5.18 -17.15 9.79
CA ALA A 119 5.06 -15.95 9.05
C ALA A 119 5.57 -14.76 9.82
N LYS A 120 5.71 -14.88 11.13
CA LYS A 120 6.38 -13.84 11.89
C LYS A 120 7.73 -13.56 11.29
N ALA A 121 8.28 -14.59 10.70
CA ALA A 121 9.55 -14.50 9.99
C ALA A 121 9.45 -13.50 8.85
N VAL A 122 8.28 -13.46 8.21
CA VAL A 122 7.93 -12.46 7.21
C VAL A 122 8.33 -11.07 7.66
N TYR A 123 7.93 -10.72 8.85
CA TYR A 123 8.32 -9.44 9.43
C TYR A 123 9.82 -9.28 9.36
N GLN A 124 10.51 -10.28 9.89
CA GLN A 124 11.96 -10.23 10.10
C GLN A 124 12.61 -9.95 8.77
N GLN A 125 11.95 -10.46 7.76
CA GLN A 125 12.34 -10.28 6.41
C GLN A 125 12.20 -8.85 6.01
N VAL A 126 11.03 -8.25 6.12
CA VAL A 126 10.86 -6.87 5.70
C VAL A 126 11.90 -5.98 6.35
N ILE A 127 12.11 -6.16 7.64
CA ILE A 127 13.08 -5.38 8.37
C ILE A 127 14.45 -5.38 7.68
N SER A 128 14.84 -6.53 7.15
CA SER A 128 16.19 -6.69 6.62
C SER A 128 16.19 -6.79 5.09
N LYS A 129 15.07 -7.23 4.54
CA LYS A 129 14.95 -7.56 3.14
C LYS A 129 14.33 -6.40 2.40
N TYR A 130 13.37 -5.79 3.08
CA TYR A 130 12.74 -4.57 2.65
C TYR A 130 13.15 -3.38 3.52
N PRO A 131 14.45 -3.23 3.87
CA PRO A 131 14.86 -2.41 5.01
C PRO A 131 14.57 -0.94 4.82
N GLY A 132 14.02 -0.34 5.86
CA GLY A 132 13.74 1.07 5.85
C GLY A 132 12.68 1.43 4.85
N THR A 133 11.75 0.52 4.63
CA THR A 133 10.65 0.77 3.74
C THR A 133 9.37 0.73 4.57
N ASP A 134 8.27 1.20 4.00
CA ASP A 134 6.98 1.29 4.71
C ASP A 134 6.72 0.07 5.57
N GLY A 135 6.92 -1.10 4.98
CA GLY A 135 6.79 -2.35 5.72
C GLY A 135 7.85 -2.56 6.76
N ALA A 136 9.13 -2.44 6.37
CA ALA A 136 10.24 -2.75 7.27
C ALA A 136 10.20 -1.86 8.49
N LYS A 137 9.65 -0.67 8.30
CA LYS A 137 9.55 0.34 9.33
C LYS A 137 8.58 -0.12 10.41
N GLN A 138 7.39 -0.46 9.97
CA GLN A 138 6.34 -0.90 10.86
C GLN A 138 6.53 -2.35 11.31
N ALA A 139 7.20 -3.16 10.48
CA ALA A 139 7.38 -4.57 10.78
C ALA A 139 8.38 -4.73 11.91
N GLN A 140 9.24 -3.73 12.02
CA GLN A 140 10.22 -3.66 13.11
C GLN A 140 9.56 -3.77 14.47
N LYS A 141 8.35 -3.20 14.59
CA LYS A 141 7.61 -3.31 15.83
C LYS A 141 7.20 -4.75 16.09
N ARG A 142 6.82 -5.45 15.04
CA ARG A 142 6.35 -6.82 15.19
C ARG A 142 7.52 -7.74 15.46
N LEU A 143 8.64 -7.35 14.91
CA LEU A 143 9.90 -8.06 15.15
C LEU A 143 10.31 -7.93 16.62
N ASN A 144 9.99 -6.80 17.23
CA ASN A 144 10.44 -6.50 18.58
C ASN A 144 9.34 -6.76 19.61
N ALA A 145 8.11 -6.40 19.26
CA ALA A 145 7.02 -6.36 20.21
C ALA A 145 6.27 -7.67 20.18
N MET A 146 5.58 -7.89 19.08
CA MET A 146 4.69 -8.99 18.97
C MET A 146 5.22 -10.07 18.03
N MET A 1 19.62 14.54 -12.88
CA MET A 1 20.42 15.42 -11.99
C MET A 1 20.79 14.70 -10.71
N GLY A 2 19.83 14.00 -10.14
CA GLY A 2 20.09 13.25 -8.92
C GLY A 2 19.43 13.88 -7.72
N SER A 3 19.68 13.32 -6.55
CA SER A 3 19.15 13.86 -5.31
C SER A 3 20.08 13.51 -4.15
N SER A 4 21.29 13.10 -4.48
CA SER A 4 22.26 12.70 -3.48
C SER A 4 23.33 13.78 -3.28
N HIS A 5 23.08 14.98 -3.80
CA HIS A 5 23.98 16.10 -3.58
C HIS A 5 23.76 16.68 -2.19
N HIS A 6 22.51 16.68 -1.77
CA HIS A 6 22.13 17.12 -0.44
C HIS A 6 21.09 16.16 0.12
N HIS A 7 21.56 15.14 0.82
CA HIS A 7 20.68 14.10 1.35
C HIS A 7 19.89 14.64 2.56
N HIS A 8 20.49 14.55 3.74
CA HIS A 8 19.85 14.97 4.98
C HIS A 8 18.49 14.29 5.14
N HIS A 9 17.41 15.01 4.84
CA HIS A 9 16.05 14.46 4.84
C HIS A 9 15.19 15.27 3.88
N HIS A 10 14.66 14.61 2.85
CA HIS A 10 13.84 15.30 1.86
C HIS A 10 13.06 14.30 0.99
N SER A 11 12.12 14.83 0.23
CA SER A 11 11.37 14.04 -0.73
C SER A 11 11.03 14.92 -1.94
N SER A 12 11.97 15.01 -2.88
CA SER A 12 11.81 15.90 -4.02
C SER A 12 11.24 15.16 -5.22
N GLY A 13 9.93 14.94 -5.18
CA GLY A 13 9.25 14.30 -6.29
C GLY A 13 7.97 15.00 -6.66
N LEU A 14 7.87 16.27 -6.28
CA LEU A 14 6.67 17.07 -6.52
C LEU A 14 6.78 17.77 -7.88
N VAL A 15 7.03 16.98 -8.92
CA VAL A 15 7.09 17.51 -10.28
C VAL A 15 5.70 17.58 -10.90
N PRO A 16 4.91 16.47 -10.87
CA PRO A 16 3.52 16.41 -11.32
C PRO A 16 2.70 17.67 -11.03
N ARG A 17 1.86 18.02 -11.99
CA ARG A 17 0.96 19.16 -11.85
C ARG A 17 -0.22 18.77 -10.94
N GLY A 18 -0.56 19.67 -10.04
CA GLY A 18 -1.60 19.39 -9.07
C GLY A 18 -3.00 19.54 -9.64
N SER A 19 -3.47 18.52 -10.33
CA SER A 19 -4.85 18.50 -10.83
C SER A 19 -5.72 17.72 -9.86
N HIS A 20 -5.49 16.41 -9.79
CA HIS A 20 -6.14 15.57 -8.79
C HIS A 20 -5.13 15.31 -7.68
N MET A 21 -4.06 14.62 -8.04
CA MET A 21 -2.92 14.46 -7.17
C MET A 21 -2.32 15.83 -6.88
N SER A 22 -2.22 16.19 -5.62
CA SER A 22 -1.75 17.52 -5.27
C SER A 22 -0.64 17.42 -4.25
N GLY A 23 0.56 17.72 -4.72
CA GLY A 23 1.76 17.67 -3.92
C GLY A 23 2.15 16.26 -3.57
N ASN A 24 1.17 15.42 -3.26
CA ASN A 24 1.45 14.04 -3.03
C ASN A 24 0.34 13.11 -3.49
N ALA A 25 0.76 12.08 -4.23
CA ALA A 25 -0.14 11.03 -4.68
C ALA A 25 -0.58 10.20 -3.49
N ASN A 26 0.22 10.25 -2.44
CA ASN A 26 -0.05 9.53 -1.22
C ASN A 26 -1.43 9.90 -0.76
N THR A 27 -1.70 11.18 -0.81
CA THR A 27 -2.88 11.69 -0.19
C THR A 27 -4.10 11.44 -1.04
N ASP A 28 -4.02 11.75 -2.32
CA ASP A 28 -5.18 11.59 -3.17
C ASP A 28 -5.44 10.11 -3.41
N TYR A 29 -4.37 9.31 -3.43
CA TYR A 29 -4.53 7.87 -3.62
C TYR A 29 -5.00 7.21 -2.36
N ASN A 30 -4.32 7.46 -1.26
CA ASN A 30 -4.77 6.95 0.03
C ASN A 30 -6.21 7.37 0.23
N ALA A 31 -6.58 8.49 -0.39
CA ALA A 31 -7.97 8.96 -0.44
C ALA A 31 -8.82 8.18 -1.46
N ALA A 32 -8.19 7.64 -2.51
CA ALA A 32 -8.91 6.91 -3.54
C ALA A 32 -9.32 5.60 -2.96
N ILE A 33 -8.30 4.95 -2.49
CA ILE A 33 -8.40 3.71 -1.85
C ILE A 33 -8.93 3.90 -0.43
N ALA A 34 -8.85 5.11 0.12
CA ALA A 34 -9.58 5.42 1.38
C ALA A 34 -11.04 5.01 1.26
N LEU A 35 -11.53 4.92 0.05
CA LEU A 35 -12.82 4.37 -0.20
C LEU A 35 -12.83 2.90 0.18
N VAL A 36 -11.73 2.22 -0.12
CA VAL A 36 -11.58 0.81 0.20
C VAL A 36 -11.65 0.59 1.70
N GLN A 37 -11.14 1.57 2.47
CA GLN A 37 -11.21 1.50 3.92
C GLN A 37 -12.60 1.88 4.39
N ASP A 38 -13.23 2.77 3.64
CA ASP A 38 -14.59 3.15 3.93
C ASP A 38 -15.43 1.92 3.78
N LYS A 39 -16.08 1.57 4.85
CA LYS A 39 -16.79 0.31 4.95
C LYS A 39 -17.92 0.28 3.95
N SER A 40 -18.23 1.43 3.39
CA SER A 40 -19.33 1.54 2.45
C SER A 40 -18.84 1.93 1.06
N ARG A 41 -17.54 2.08 0.89
CA ARG A 41 -17.00 2.50 -0.39
C ARG A 41 -15.98 1.51 -0.89
N GLN A 42 -16.03 0.30 -0.38
CA GLN A 42 -15.04 -0.71 -0.76
C GLN A 42 -14.98 -0.88 -2.27
N ASP A 43 -16.14 -0.79 -2.90
CA ASP A 43 -16.24 -0.88 -4.35
C ASP A 43 -15.86 0.44 -5.00
N ASP A 44 -16.14 1.53 -4.31
CA ASP A 44 -15.83 2.85 -4.82
C ASP A 44 -14.33 3.05 -4.87
N ALA A 45 -13.61 2.32 -4.03
CA ALA A 45 -12.17 2.29 -4.11
C ALA A 45 -11.74 1.54 -5.31
N MET A 46 -12.45 0.46 -5.58
CA MET A 46 -12.12 -0.38 -6.70
C MET A 46 -12.17 0.44 -7.96
N VAL A 47 -13.07 1.41 -7.95
CA VAL A 47 -13.24 2.29 -9.08
C VAL A 47 -12.27 3.47 -9.00
N ALA A 48 -12.11 4.02 -7.80
CA ALA A 48 -11.19 5.09 -7.54
C ALA A 48 -9.79 4.72 -7.97
N PHE A 49 -9.33 3.65 -7.38
CA PHE A 49 -7.95 3.26 -7.47
C PHE A 49 -7.63 2.71 -8.84
N GLN A 50 -8.62 2.09 -9.49
CA GLN A 50 -8.47 1.67 -10.87
C GLN A 50 -7.97 2.81 -11.71
N ASN A 51 -8.28 4.00 -11.27
CA ASN A 51 -7.79 5.19 -11.92
C ASN A 51 -6.32 5.38 -11.60
N PHE A 52 -5.96 4.97 -10.40
CA PHE A 52 -4.62 5.16 -9.90
C PHE A 52 -3.63 4.20 -10.48
N ILE A 53 -3.85 2.93 -10.20
CA ILE A 53 -2.87 1.93 -10.49
C ILE A 53 -2.69 1.69 -11.98
N LYS A 54 -3.74 1.93 -12.75
CA LYS A 54 -3.66 1.73 -14.19
C LYS A 54 -3.59 3.06 -14.94
N ASN A 55 -4.49 3.99 -14.60
CA ASN A 55 -4.65 5.20 -15.41
C ASN A 55 -3.97 6.41 -14.80
N TYR A 56 -3.04 6.17 -13.92
CA TYR A 56 -2.27 7.26 -13.32
C TYR A 56 -0.82 6.87 -13.08
N PRO A 57 -0.07 6.60 -14.16
CA PRO A 57 1.38 6.41 -14.08
C PRO A 57 2.02 7.70 -13.64
N ASP A 58 1.32 8.75 -14.01
CA ASP A 58 1.65 10.13 -13.64
C ASP A 58 1.80 10.29 -12.13
N SER A 59 1.01 9.55 -11.35
CA SER A 59 1.04 9.66 -9.92
C SER A 59 1.87 8.52 -9.33
N THR A 60 2.85 8.92 -8.54
CA THR A 60 3.85 8.03 -7.95
C THR A 60 3.28 6.71 -7.45
N TYR A 61 2.11 6.78 -6.88
CA TYR A 61 1.53 5.67 -6.16
C TYR A 61 0.66 4.79 -7.02
N LEU A 62 0.80 4.88 -8.33
CA LEU A 62 0.17 3.91 -9.19
C LEU A 62 0.41 2.45 -8.71
N PRO A 63 1.60 2.07 -8.16
CA PRO A 63 1.83 0.70 -7.75
C PRO A 63 1.11 0.43 -6.43
N ASN A 64 1.34 1.37 -5.55
CA ASN A 64 0.91 1.32 -4.18
C ASN A 64 -0.56 1.54 -4.05
N ALA A 65 -1.17 2.19 -4.99
CA ALA A 65 -2.57 2.39 -4.90
C ALA A 65 -3.30 1.04 -4.89
N ASN A 66 -2.73 0.06 -5.60
CA ASN A 66 -3.24 -1.30 -5.60
C ASN A 66 -3.01 -1.93 -4.23
N TYR A 67 -2.04 -1.40 -3.53
CA TYR A 67 -1.58 -1.93 -2.27
C TYR A 67 -2.56 -1.65 -1.16
N TRP A 68 -3.07 -0.44 -1.14
CA TRP A 68 -4.06 -0.04 -0.17
C TRP A 68 -5.25 -0.96 -0.36
N LEU A 69 -5.42 -1.36 -1.61
CA LEU A 69 -6.45 -2.30 -2.00
C LEU A 69 -6.12 -3.67 -1.42
N GLY A 70 -4.84 -4.02 -1.43
CA GLY A 70 -4.40 -5.26 -0.83
C GLY A 70 -4.38 -5.24 0.70
N GLN A 71 -4.09 -4.10 1.29
CA GLN A 71 -3.92 -4.00 2.72
C GLN A 71 -5.26 -3.95 3.41
N LEU A 72 -6.09 -2.99 3.01
CA LEU A 72 -7.37 -2.81 3.66
C LEU A 72 -8.30 -3.97 3.38
N ASN A 73 -8.26 -4.50 2.16
CA ASN A 73 -9.21 -5.54 1.80
C ASN A 73 -9.01 -6.73 2.70
N TYR A 74 -7.78 -7.02 3.05
CA TYR A 74 -7.52 -8.05 4.00
C TYR A 74 -8.24 -7.71 5.29
N ASN A 75 -7.99 -6.54 5.85
CA ASN A 75 -8.65 -6.13 7.09
C ASN A 75 -10.16 -5.98 6.90
N LYS A 76 -10.63 -6.19 5.67
CA LYS A 76 -12.06 -6.24 5.39
C LYS A 76 -12.61 -7.65 5.66
N GLY A 77 -11.71 -8.57 5.99
CA GLY A 77 -12.09 -9.95 6.22
C GLY A 77 -11.81 -10.78 5.00
N LYS A 78 -10.90 -10.25 4.20
CA LYS A 78 -10.40 -10.94 3.04
C LYS A 78 -8.99 -11.34 3.35
N LYS A 79 -8.91 -11.86 4.54
CA LYS A 79 -7.71 -12.43 5.09
C LYS A 79 -7.14 -13.45 4.12
N ASP A 80 -8.00 -13.90 3.21
CA ASP A 80 -7.59 -14.71 2.07
C ASP A 80 -7.28 -13.85 0.84
N ASP A 81 -8.31 -13.12 0.38
CA ASP A 81 -8.25 -12.45 -0.93
C ASP A 81 -7.21 -11.33 -0.99
N ALA A 82 -7.28 -10.31 -0.12
CA ALA A 82 -6.26 -9.29 -0.14
C ALA A 82 -4.92 -9.79 0.35
N ALA A 83 -4.92 -10.86 1.12
CA ALA A 83 -3.68 -11.50 1.48
C ALA A 83 -2.88 -11.77 0.22
N TYR A 84 -3.59 -12.20 -0.81
CA TYR A 84 -3.03 -12.38 -2.13
C TYR A 84 -2.93 -11.04 -2.88
N TYR A 85 -3.82 -10.09 -2.59
CA TYR A 85 -3.75 -8.76 -3.20
C TYR A 85 -2.37 -8.15 -3.00
N PHE A 86 -1.90 -8.17 -1.76
CA PHE A 86 -0.52 -7.79 -1.48
C PHE A 86 0.44 -8.59 -2.34
N ALA A 87 0.26 -9.90 -2.34
CA ALA A 87 1.07 -10.79 -3.17
C ALA A 87 1.03 -10.35 -4.62
N SER A 88 -0.09 -9.79 -5.01
CA SER A 88 -0.25 -9.22 -6.33
C SER A 88 0.53 -7.91 -6.48
N VAL A 89 0.44 -7.01 -5.49
CA VAL A 89 1.07 -5.70 -5.62
C VAL A 89 2.58 -5.81 -5.45
N VAL A 90 3.01 -6.46 -4.37
CA VAL A 90 4.44 -6.78 -4.17
C VAL A 90 5.06 -7.37 -5.44
N LYS A 91 4.29 -8.24 -6.06
CA LYS A 91 4.67 -8.88 -7.32
C LYS A 91 4.63 -7.91 -8.49
N ASN A 92 3.46 -7.32 -8.70
CA ASN A 92 3.21 -6.47 -9.84
C ASN A 92 4.12 -5.27 -9.78
N TYR A 93 4.20 -4.69 -8.60
CA TYR A 93 4.92 -3.47 -8.39
C TYR A 93 6.17 -3.67 -7.60
N PRO A 94 7.29 -3.69 -8.33
CA PRO A 94 8.60 -3.92 -7.78
C PRO A 94 9.06 -2.73 -6.99
N LYS A 95 8.52 -1.60 -7.38
CA LYS A 95 8.94 -0.31 -6.84
C LYS A 95 7.91 0.27 -5.88
N SER A 96 6.82 -0.46 -5.67
CA SER A 96 5.85 -0.10 -4.65
C SER A 96 6.49 -0.21 -3.26
N PRO A 97 6.04 0.62 -2.30
CA PRO A 97 6.44 0.48 -0.91
C PRO A 97 5.69 -0.68 -0.26
N LYS A 98 4.70 -1.19 -0.98
CA LYS A 98 3.80 -2.22 -0.49
C LYS A 98 4.50 -3.53 -0.33
N ALA A 99 5.42 -3.78 -1.23
CA ALA A 99 6.24 -4.96 -1.17
C ALA A 99 6.76 -5.15 0.24
N ALA A 100 7.09 -4.05 0.90
CA ALA A 100 7.45 -4.06 2.31
C ALA A 100 6.22 -4.00 3.18
N ASP A 101 5.39 -3.01 2.91
CA ASP A 101 4.31 -2.62 3.79
C ASP A 101 3.37 -3.76 4.06
N ALA A 102 2.83 -4.31 3.00
CA ALA A 102 1.93 -5.43 3.13
C ALA A 102 2.70 -6.71 3.38
N MET A 103 3.99 -6.71 3.07
CA MET A 103 4.83 -7.79 3.55
C MET A 103 4.74 -7.80 5.06
N PHE A 104 4.76 -6.62 5.61
CA PHE A 104 4.58 -6.41 7.02
C PHE A 104 3.12 -6.68 7.45
N LYS A 105 2.19 -5.90 6.89
CA LYS A 105 0.80 -5.88 7.36
C LYS A 105 -0.01 -7.09 6.89
N VAL A 106 0.25 -7.56 5.69
CA VAL A 106 -0.32 -8.81 5.26
C VAL A 106 0.54 -9.92 5.85
N GLY A 107 1.77 -9.53 6.18
CA GLY A 107 2.60 -10.29 7.07
C GLY A 107 1.98 -10.42 8.45
N VAL A 108 1.02 -9.55 8.74
CA VAL A 108 0.24 -9.56 9.97
C VAL A 108 -0.88 -10.61 10.00
N ILE A 109 -1.60 -10.75 8.89
CA ILE A 109 -2.76 -11.63 8.86
C ILE A 109 -2.40 -13.08 9.19
N MET A 110 -1.16 -13.44 8.95
CA MET A 110 -0.70 -14.80 9.19
C MET A 110 -1.05 -15.31 10.58
N GLN A 111 -0.70 -14.54 11.58
CA GLN A 111 -0.96 -14.83 12.96
C GLN A 111 -2.44 -14.94 13.20
N ASP A 112 -3.18 -14.12 12.49
CA ASP A 112 -4.63 -14.25 12.45
C ASP A 112 -5.01 -15.68 12.05
N LYS A 113 -4.29 -16.24 11.08
CA LYS A 113 -4.42 -17.65 10.73
C LYS A 113 -3.73 -18.54 11.77
N GLY A 114 -2.66 -18.01 12.34
CA GLY A 114 -1.84 -18.76 13.26
C GLY A 114 -0.43 -19.03 12.73
N ASP A 115 0.15 -18.08 11.99
CA ASP A 115 1.56 -18.19 11.62
C ASP A 115 2.38 -17.13 12.29
N THR A 116 1.90 -16.62 13.38
CA THR A 116 2.71 -15.79 14.24
C THR A 116 3.99 -16.52 14.62
N ALA A 117 3.98 -17.82 14.45
CA ALA A 117 5.20 -18.58 14.55
C ALA A 117 6.06 -18.47 13.30
N LYS A 118 5.47 -18.81 12.17
CA LYS A 118 6.22 -18.94 10.91
C LYS A 118 6.36 -17.62 10.22
N ALA A 119 5.22 -17.05 9.98
CA ALA A 119 5.10 -15.84 9.21
C ALA A 119 5.59 -14.63 9.98
N LYS A 120 5.69 -14.72 11.30
CA LYS A 120 6.34 -13.66 12.05
C LYS A 120 7.72 -13.39 11.49
N ALA A 121 8.28 -14.44 10.95
CA ALA A 121 9.56 -14.36 10.26
C ALA A 121 9.48 -13.45 9.03
N VAL A 122 8.31 -13.47 8.39
CA VAL A 122 7.99 -12.53 7.33
C VAL A 122 8.41 -11.12 7.68
N TYR A 123 8.05 -10.68 8.88
CA TYR A 123 8.50 -9.39 9.36
C TYR A 123 10.00 -9.31 9.29
N GLN A 124 10.67 -10.29 9.91
CA GLN A 124 12.11 -10.28 10.08
C GLN A 124 12.77 -10.11 8.73
N GLN A 125 12.04 -10.57 7.74
CA GLN A 125 12.43 -10.46 6.37
C GLN A 125 12.24 -9.06 5.84
N VAL A 126 11.07 -8.45 5.95
CA VAL A 126 10.93 -7.06 5.55
C VAL A 126 11.99 -6.20 6.19
N ILE A 127 12.19 -6.41 7.48
CA ILE A 127 13.21 -5.67 8.21
C ILE A 127 14.57 -5.74 7.51
N SER A 128 14.85 -6.88 6.89
CA SER A 128 16.17 -7.13 6.35
C SER A 128 16.17 -7.09 4.82
N LYS A 129 15.04 -7.40 4.23
CA LYS A 129 14.90 -7.51 2.81
C LYS A 129 14.40 -6.20 2.25
N TYR A 130 13.43 -5.66 2.97
CA TYR A 130 12.83 -4.38 2.66
C TYR A 130 13.26 -3.29 3.63
N PRO A 131 14.58 -3.13 3.89
CA PRO A 131 15.04 -2.39 5.06
C PRO A 131 14.73 -0.92 4.97
N GLY A 132 14.03 -0.44 5.98
CA GLY A 132 13.74 0.97 6.05
C GLY A 132 12.67 1.39 5.10
N THR A 133 11.86 0.44 4.69
CA THR A 133 10.73 0.71 3.85
C THR A 133 9.49 0.54 4.72
N ASP A 134 8.35 1.08 4.30
CA ASP A 134 7.14 1.14 5.15
C ASP A 134 6.93 -0.13 5.96
N GLY A 135 7.06 -1.24 5.27
CA GLY A 135 6.92 -2.54 5.90
C GLY A 135 8.00 -2.83 6.92
N ALA A 136 9.26 -2.67 6.54
CA ALA A 136 10.37 -2.99 7.45
C ALA A 136 10.32 -2.05 8.63
N LYS A 137 9.80 -0.88 8.33
CA LYS A 137 9.68 0.20 9.28
C LYS A 137 8.71 -0.18 10.38
N GLN A 138 7.51 -0.57 9.97
CA GLN A 138 6.50 -0.97 10.91
C GLN A 138 6.71 -2.40 11.41
N ALA A 139 7.37 -3.25 10.62
CA ALA A 139 7.53 -4.65 10.98
C ALA A 139 8.57 -4.81 12.07
N GLN A 140 9.48 -3.84 12.10
CA GLN A 140 10.52 -3.78 13.12
C GLN A 140 9.90 -3.80 14.53
N LYS A 141 8.75 -3.16 14.69
CA LYS A 141 8.07 -3.17 15.98
C LYS A 141 7.54 -4.54 16.30
N ARG A 142 6.95 -5.20 15.30
CA ARG A 142 6.35 -6.51 15.51
C ARG A 142 7.42 -7.51 15.91
N LEU A 143 8.62 -7.26 15.40
CA LEU A 143 9.77 -8.08 15.73
C LEU A 143 10.06 -8.05 17.22
N ASN A 144 9.86 -6.88 17.84
CA ASN A 144 10.17 -6.70 19.25
C ASN A 144 8.91 -6.78 20.12
N ALA A 145 7.77 -6.47 19.52
CA ALA A 145 6.54 -6.31 20.24
C ALA A 145 5.58 -7.43 19.91
N MET A 146 4.98 -7.31 18.74
CA MET A 146 3.91 -8.15 18.33
C MET A 146 4.39 -9.35 17.51
N MET A 1 10.21 18.77 10.82
CA MET A 1 11.50 19.30 10.33
C MET A 1 11.38 19.68 8.86
N GLY A 2 11.56 20.96 8.57
CA GLY A 2 11.48 21.44 7.21
C GLY A 2 10.31 22.37 6.98
N SER A 3 9.15 21.79 6.73
CA SER A 3 7.95 22.58 6.44
C SER A 3 7.05 22.67 7.67
N SER A 4 7.55 22.13 8.79
CA SER A 4 6.80 22.07 10.06
C SER A 4 5.66 21.06 9.98
N HIS A 5 4.81 21.19 8.99
CA HIS A 5 3.72 20.26 8.77
C HIS A 5 3.81 19.64 7.39
N HIS A 6 3.61 18.33 7.33
CA HIS A 6 3.77 17.58 6.08
C HIS A 6 2.53 17.69 5.21
N HIS A 7 2.71 18.15 3.99
CA HIS A 7 1.60 18.34 3.06
C HIS A 7 1.18 17.01 2.45
N HIS A 8 0.00 16.53 2.86
CA HIS A 8 -0.54 15.29 2.33
C HIS A 8 -1.96 15.49 1.80
N HIS A 9 -2.92 15.66 2.70
CA HIS A 9 -4.31 15.77 2.31
C HIS A 9 -4.69 17.23 2.03
N HIS A 10 -4.00 17.82 1.07
CA HIS A 10 -4.28 19.20 0.65
C HIS A 10 -4.15 19.30 -0.86
N SER A 11 -4.90 18.47 -1.58
CA SER A 11 -4.78 18.39 -3.02
C SER A 11 -5.48 19.57 -3.72
N SER A 12 -4.87 20.74 -3.61
CA SER A 12 -5.36 21.92 -4.31
C SER A 12 -4.41 22.28 -5.46
N GLY A 13 -3.65 21.29 -5.91
CA GLY A 13 -2.68 21.52 -6.95
C GLY A 13 -1.30 21.83 -6.40
N LEU A 14 -0.31 21.08 -6.87
CA LEU A 14 1.08 21.25 -6.44
C LEU A 14 1.22 21.16 -4.93
N VAL A 15 0.85 20.02 -4.37
CA VAL A 15 0.91 19.82 -2.93
C VAL A 15 2.38 19.66 -2.48
N PRO A 16 3.10 18.62 -2.97
CA PRO A 16 4.51 18.43 -2.71
C PRO A 16 5.34 19.68 -2.98
N ARG A 17 6.24 20.00 -2.07
CA ARG A 17 7.12 21.14 -2.25
C ARG A 17 8.57 20.71 -2.04
N GLY A 18 9.17 20.20 -3.09
CA GLY A 18 10.55 19.76 -3.04
C GLY A 18 11.26 19.94 -4.36
N SER A 19 11.63 18.84 -4.99
CA SER A 19 12.31 18.88 -6.27
C SER A 19 11.54 18.10 -7.33
N HIS A 20 10.79 17.09 -6.88
CA HIS A 20 10.06 16.22 -7.78
C HIS A 20 8.62 16.06 -7.34
N MET A 21 7.84 15.35 -8.15
CA MET A 21 6.46 15.00 -7.83
C MET A 21 5.53 16.20 -7.92
N SER A 22 4.78 16.25 -9.02
CA SER A 22 3.71 17.22 -9.19
C SER A 22 2.46 16.47 -9.60
N GLY A 23 1.42 16.51 -8.77
CA GLY A 23 0.31 15.61 -8.98
C GLY A 23 0.45 14.41 -8.10
N ASN A 24 0.97 14.66 -6.91
CA ASN A 24 1.34 13.65 -5.93
C ASN A 24 0.39 12.46 -5.92
N ALA A 25 0.85 11.39 -6.54
CA ALA A 25 0.06 10.19 -6.66
C ALA A 25 -0.18 9.56 -5.30
N ASN A 26 0.72 9.82 -4.36
CA ASN A 26 0.67 9.23 -3.04
C ASN A 26 -0.63 9.60 -2.41
N THR A 27 -0.92 10.88 -2.50
CA THR A 27 -2.07 11.41 -1.83
C THR A 27 -3.34 11.14 -2.62
N ASP A 28 -3.30 11.45 -3.91
CA ASP A 28 -4.45 11.23 -4.76
C ASP A 28 -4.85 9.78 -4.78
N TYR A 29 -3.86 8.89 -4.75
CA TYR A 29 -4.13 7.47 -4.78
C TYR A 29 -4.55 6.97 -3.43
N ASN A 30 -3.82 7.33 -2.40
CA ASN A 30 -4.23 7.00 -1.06
C ASN A 30 -5.64 7.51 -0.84
N ALA A 31 -6.00 8.58 -1.56
CA ALA A 31 -7.35 9.11 -1.60
C ALA A 31 -8.28 8.26 -2.48
N ALA A 32 -7.72 7.57 -3.48
CA ALA A 32 -8.50 6.78 -4.42
C ALA A 32 -8.90 5.51 -3.75
N ILE A 33 -7.88 4.86 -3.30
CA ILE A 33 -8.00 3.64 -2.60
C ILE A 33 -8.48 3.89 -1.17
N ALA A 34 -8.35 5.13 -0.68
CA ALA A 34 -9.03 5.50 0.58
C ALA A 34 -10.50 5.10 0.55
N LEU A 35 -11.03 4.97 -0.65
CA LEU A 35 -12.35 4.45 -0.85
C LEU A 35 -12.39 2.98 -0.43
N VAL A 36 -11.34 2.24 -0.76
CA VAL A 36 -11.21 0.85 -0.36
C VAL A 36 -11.14 0.74 1.15
N GLN A 37 -10.65 1.81 1.78
CA GLN A 37 -10.63 1.90 3.23
C GLN A 37 -12.03 2.17 3.75
N ASP A 38 -12.76 2.96 2.98
CA ASP A 38 -14.09 3.35 3.36
C ASP A 38 -14.97 2.13 3.33
N LYS A 39 -15.71 1.97 4.39
CA LYS A 39 -16.49 0.78 4.61
C LYS A 39 -17.64 0.70 3.62
N SER A 40 -17.88 1.80 2.91
CA SER A 40 -18.94 1.81 1.92
C SER A 40 -18.41 1.99 0.51
N ARG A 41 -17.16 2.40 0.39
CA ARG A 41 -16.62 2.73 -0.91
C ARG A 41 -15.68 1.66 -1.39
N GLN A 42 -15.88 0.44 -0.93
CA GLN A 42 -15.03 -0.69 -1.34
C GLN A 42 -15.00 -0.78 -2.86
N ASP A 43 -16.17 -0.63 -3.47
CA ASP A 43 -16.30 -0.64 -4.93
C ASP A 43 -15.83 0.66 -5.53
N ASP A 44 -16.01 1.75 -4.79
CA ASP A 44 -15.62 3.06 -5.26
C ASP A 44 -14.10 3.12 -5.38
N ALA A 45 -13.42 2.32 -4.58
CA ALA A 45 -11.99 2.17 -4.71
C ALA A 45 -11.65 1.39 -5.93
N MET A 46 -12.46 0.38 -6.19
CA MET A 46 -12.24 -0.47 -7.34
C MET A 46 -12.28 0.38 -8.58
N VAL A 47 -13.11 1.40 -8.53
CA VAL A 47 -13.26 2.31 -9.65
C VAL A 47 -12.21 3.41 -9.63
N ALA A 48 -11.97 3.95 -8.43
CA ALA A 48 -10.98 5.00 -8.23
C ALA A 48 -9.62 4.55 -8.67
N PHE A 49 -9.23 3.45 -8.07
CA PHE A 49 -7.89 2.97 -8.19
C PHE A 49 -7.63 2.43 -9.58
N GLN A 50 -8.69 1.94 -10.23
CA GLN A 50 -8.61 1.58 -11.65
C GLN A 50 -7.98 2.71 -12.44
N ASN A 51 -8.18 3.92 -11.94
CA ASN A 51 -7.59 5.07 -12.57
C ASN A 51 -6.11 5.13 -12.28
N PHE A 52 -5.76 4.53 -11.18
CA PHE A 52 -4.39 4.49 -10.74
C PHE A 52 -3.58 3.39 -11.37
N ILE A 53 -3.97 2.16 -11.09
CA ILE A 53 -3.19 1.01 -11.48
C ILE A 53 -3.31 0.70 -12.97
N LYS A 54 -4.41 1.09 -13.59
CA LYS A 54 -4.62 0.87 -15.03
C LYS A 54 -4.50 2.16 -15.84
N ASN A 55 -4.93 3.27 -15.26
CA ASN A 55 -4.96 4.58 -15.92
C ASN A 55 -3.75 5.42 -15.50
N TYR A 56 -2.62 4.73 -15.36
CA TYR A 56 -1.37 5.30 -14.78
C TYR A 56 -0.36 5.99 -15.74
N PRO A 57 -0.73 6.89 -16.68
CA PRO A 57 0.28 7.68 -17.40
C PRO A 57 0.93 8.66 -16.44
N ASP A 58 0.12 9.11 -15.51
CA ASP A 58 0.54 10.07 -14.49
C ASP A 58 0.15 9.62 -13.10
N SER A 59 0.44 8.39 -12.79
CA SER A 59 0.13 7.81 -11.50
C SER A 59 1.30 6.96 -11.05
N THR A 60 2.32 7.62 -10.51
CA THR A 60 3.52 6.96 -10.01
C THR A 60 3.17 5.73 -9.16
N TYR A 61 2.11 5.86 -8.40
CA TYR A 61 1.72 4.84 -7.48
C TYR A 61 0.78 3.84 -8.09
N LEU A 62 0.75 3.78 -9.40
CA LEU A 62 0.09 2.70 -10.11
C LEU A 62 0.29 1.33 -9.42
N PRO A 63 1.53 0.96 -8.98
CA PRO A 63 1.77 -0.36 -8.42
C PRO A 63 1.19 -0.43 -7.02
N ASN A 64 1.42 0.67 -6.35
CA ASN A 64 1.11 0.86 -4.96
C ASN A 64 -0.35 1.11 -4.76
N ALA A 65 -1.00 1.60 -5.78
CA ALA A 65 -2.39 1.86 -5.63
C ALA A 65 -3.14 0.55 -5.40
N ASN A 66 -2.61 -0.51 -6.00
CA ASN A 66 -3.11 -1.87 -5.80
C ASN A 66 -2.77 -2.35 -4.38
N TYR A 67 -1.74 -1.75 -3.79
CA TYR A 67 -1.25 -2.10 -2.46
C TYR A 67 -2.27 -1.76 -1.42
N TRP A 68 -2.80 -0.57 -1.53
CA TRP A 68 -3.82 -0.08 -0.64
C TRP A 68 -4.98 -1.05 -0.71
N LEU A 69 -5.14 -1.61 -1.90
CA LEU A 69 -6.16 -2.63 -2.12
C LEU A 69 -5.78 -3.92 -1.39
N GLY A 70 -4.48 -4.22 -1.32
CA GLY A 70 -4.05 -5.44 -0.68
C GLY A 70 -4.17 -5.40 0.83
N GLN A 71 -3.86 -4.27 1.42
CA GLN A 71 -3.85 -4.17 2.86
C GLN A 71 -5.26 -4.04 3.40
N LEU A 72 -5.96 -3.02 2.94
CA LEU A 72 -7.24 -2.69 3.51
C LEU A 72 -8.31 -3.71 3.18
N ASN A 73 -8.31 -4.26 1.97
CA ASN A 73 -9.35 -5.20 1.62
C ASN A 73 -9.20 -6.40 2.52
N TYR A 74 -7.97 -6.76 2.83
CA TYR A 74 -7.72 -7.79 3.77
C TYR A 74 -8.37 -7.42 5.08
N ASN A 75 -8.07 -6.26 5.62
CA ASN A 75 -8.68 -5.78 6.87
C ASN A 75 -10.20 -5.67 6.75
N LYS A 76 -10.69 -5.79 5.53
CA LYS A 76 -12.14 -5.80 5.28
C LYS A 76 -12.72 -7.18 5.56
N GLY A 77 -11.84 -8.12 5.88
CA GLY A 77 -12.26 -9.48 6.13
C GLY A 77 -12.01 -10.33 4.93
N LYS A 78 -11.11 -9.86 4.10
CA LYS A 78 -10.61 -10.60 2.96
C LYS A 78 -9.23 -11.03 3.30
N LYS A 79 -9.16 -11.52 4.50
CA LYS A 79 -7.97 -12.09 5.09
C LYS A 79 -7.39 -13.13 4.14
N ASP A 80 -8.24 -13.61 3.23
CA ASP A 80 -7.80 -14.40 2.09
C ASP A 80 -7.52 -13.55 0.85
N ASP A 81 -8.55 -12.84 0.37
CA ASP A 81 -8.49 -12.23 -0.97
C ASP A 81 -7.44 -11.12 -1.09
N ALA A 82 -7.49 -10.08 -0.27
CA ALA A 82 -6.44 -9.08 -0.34
C ALA A 82 -5.12 -9.60 0.19
N ALA A 83 -5.17 -10.62 1.03
CA ALA A 83 -3.95 -11.29 1.43
C ALA A 83 -3.18 -11.70 0.17
N TYR A 84 -3.93 -12.14 -0.83
CA TYR A 84 -3.38 -12.45 -2.12
C TYR A 84 -3.16 -11.16 -2.92
N TYR A 85 -4.01 -10.14 -2.71
CA TYR A 85 -3.80 -8.82 -3.33
C TYR A 85 -2.41 -8.33 -3.04
N PHE A 86 -2.05 -8.32 -1.76
CA PHE A 86 -0.70 -8.02 -1.35
C PHE A 86 0.28 -8.93 -2.08
N ALA A 87 0.02 -10.22 -2.03
CA ALA A 87 0.86 -11.20 -2.71
C ALA A 87 1.07 -10.81 -4.17
N SER A 88 0.06 -10.19 -4.75
CA SER A 88 0.16 -9.70 -6.11
C SER A 88 1.08 -8.46 -6.18
N VAL A 89 0.89 -7.48 -5.29
CA VAL A 89 1.66 -6.24 -5.39
C VAL A 89 3.08 -6.45 -4.93
N VAL A 90 3.24 -7.05 -3.76
CA VAL A 90 4.59 -7.38 -3.23
C VAL A 90 5.43 -8.09 -4.28
N LYS A 91 4.81 -9.04 -4.94
CA LYS A 91 5.44 -9.82 -5.99
C LYS A 91 5.60 -9.02 -7.27
N ASN A 92 4.48 -8.63 -7.85
CA ASN A 92 4.45 -8.01 -9.17
C ASN A 92 5.03 -6.62 -9.15
N TYR A 93 4.72 -5.86 -8.11
CA TYR A 93 5.14 -4.47 -8.05
C TYR A 93 6.21 -4.25 -7.01
N PRO A 94 7.44 -4.44 -7.45
CA PRO A 94 8.64 -4.35 -6.62
C PRO A 94 8.98 -2.91 -6.34
N LYS A 95 8.41 -2.05 -7.16
CA LYS A 95 8.73 -0.63 -7.14
C LYS A 95 7.93 0.07 -6.09
N SER A 96 6.85 -0.57 -5.68
CA SER A 96 6.00 -0.05 -4.63
C SER A 96 6.66 -0.20 -3.26
N PRO A 97 6.29 0.66 -2.30
CA PRO A 97 6.75 0.54 -0.91
C PRO A 97 5.96 -0.56 -0.21
N LYS A 98 4.99 -1.09 -0.94
CA LYS A 98 4.01 -2.00 -0.43
C LYS A 98 4.56 -3.37 -0.23
N ALA A 99 5.54 -3.71 -1.04
CA ALA A 99 6.19 -4.98 -0.93
C ALA A 99 6.69 -5.17 0.48
N ALA A 100 7.04 -4.06 1.11
CA ALA A 100 7.33 -4.02 2.54
C ALA A 100 6.07 -3.90 3.36
N ASP A 101 5.27 -2.89 3.03
CA ASP A 101 4.11 -2.46 3.81
C ASP A 101 3.18 -3.62 4.10
N ALA A 102 2.69 -4.23 3.04
CA ALA A 102 1.77 -5.34 3.16
C ALA A 102 2.52 -6.60 3.51
N MET A 103 3.82 -6.60 3.29
CA MET A 103 4.64 -7.67 3.79
C MET A 103 4.58 -7.64 5.31
N PHE A 104 4.55 -6.44 5.85
CA PHE A 104 4.35 -6.24 7.27
C PHE A 104 2.88 -6.53 7.67
N LYS A 105 1.94 -5.80 7.06
CA LYS A 105 0.53 -5.82 7.48
C LYS A 105 -0.22 -7.06 7.02
N VAL A 106 0.02 -7.52 5.82
CA VAL A 106 -0.50 -8.79 5.42
C VAL A 106 0.40 -9.86 6.03
N GLY A 107 1.61 -9.43 6.35
CA GLY A 107 2.47 -10.13 7.26
C GLY A 107 1.81 -10.32 8.60
N VAL A 108 0.81 -9.49 8.89
CA VAL A 108 0.01 -9.55 10.12
C VAL A 108 -1.07 -10.63 10.11
N ILE A 109 -1.80 -10.77 9.00
CA ILE A 109 -2.95 -11.67 8.95
C ILE A 109 -2.53 -13.11 9.25
N MET A 110 -1.29 -13.44 8.99
CA MET A 110 -0.79 -14.79 9.16
C MET A 110 -1.08 -15.40 10.51
N GLN A 111 -0.76 -14.68 11.56
CA GLN A 111 -0.92 -15.10 12.91
C GLN A 111 -2.39 -15.26 13.21
N ASP A 112 -3.20 -14.47 12.52
CA ASP A 112 -4.64 -14.69 12.54
C ASP A 112 -4.95 -16.10 12.04
N LYS A 113 -4.26 -16.53 10.98
CA LYS A 113 -4.31 -17.91 10.51
C LYS A 113 -3.56 -18.84 11.46
N GLY A 114 -2.55 -18.30 12.11
CA GLY A 114 -1.70 -19.06 13.00
C GLY A 114 -0.27 -19.19 12.52
N ASP A 115 0.23 -18.22 11.73
CA ASP A 115 1.65 -18.25 11.34
C ASP A 115 2.42 -17.21 12.07
N THR A 116 1.94 -16.82 13.21
CA THR A 116 2.72 -16.02 14.11
C THR A 116 4.06 -16.70 14.39
N ALA A 117 4.10 -17.99 14.18
CA ALA A 117 5.33 -18.71 14.27
C ALA A 117 6.16 -18.54 13.01
N LYS A 118 5.56 -18.85 11.88
CA LYS A 118 6.29 -18.92 10.61
C LYS A 118 6.37 -17.56 9.96
N ALA A 119 5.21 -16.99 9.78
CA ALA A 119 5.05 -15.76 9.06
C ALA A 119 5.53 -14.56 9.87
N LYS A 120 5.64 -14.69 11.18
CA LYS A 120 6.28 -13.63 11.95
C LYS A 120 7.66 -13.35 11.40
N ALA A 121 8.22 -14.38 10.82
CA ALA A 121 9.52 -14.28 10.14
C ALA A 121 9.41 -13.36 8.92
N VAL A 122 8.24 -13.35 8.30
CA VAL A 122 7.92 -12.38 7.25
C VAL A 122 8.35 -10.99 7.63
N TYR A 123 7.99 -10.61 8.84
CA TYR A 123 8.43 -9.33 9.39
C TYR A 123 9.94 -9.24 9.32
N GLN A 124 10.62 -10.25 9.86
CA GLN A 124 12.07 -10.24 10.04
C GLN A 124 12.72 -10.01 8.69
N GLN A 125 11.98 -10.45 7.70
CA GLN A 125 12.33 -10.32 6.32
C GLN A 125 12.19 -8.90 5.88
N VAL A 126 11.02 -8.28 6.01
CA VAL A 126 10.86 -6.90 5.60
C VAL A 126 11.95 -6.03 6.20
N ILE A 127 12.19 -6.21 7.48
CA ILE A 127 13.21 -5.45 8.18
C ILE A 127 14.56 -5.48 7.44
N SER A 128 14.88 -6.64 6.87
CA SER A 128 16.19 -6.86 6.31
C SER A 128 16.16 -6.89 4.79
N LYS A 129 15.01 -7.27 4.25
CA LYS A 129 14.83 -7.52 2.85
C LYS A 129 14.23 -6.29 2.19
N TYR A 130 13.30 -5.70 2.92
CA TYR A 130 12.67 -4.45 2.55
C TYR A 130 13.11 -3.28 3.44
N PRO A 131 14.42 -3.14 3.72
CA PRO A 131 14.89 -2.33 4.84
C PRO A 131 14.55 -0.86 4.70
N GLY A 132 14.03 -0.30 5.77
CA GLY A 132 13.74 1.09 5.81
C GLY A 132 12.64 1.50 4.86
N THR A 133 11.75 0.57 4.61
CA THR A 133 10.57 0.86 3.83
C THR A 133 9.38 0.74 4.76
N ASP A 134 8.22 1.23 4.36
CA ASP A 134 7.04 1.29 5.24
C ASP A 134 6.88 0.03 6.08
N GLY A 135 6.98 -1.08 5.41
CA GLY A 135 6.87 -2.37 6.06
C GLY A 135 8.01 -2.67 6.99
N ALA A 136 9.25 -2.50 6.53
CA ALA A 136 10.42 -2.81 7.36
C ALA A 136 10.42 -1.89 8.56
N LYS A 137 9.83 -0.74 8.36
CA LYS A 137 9.73 0.30 9.35
C LYS A 137 8.78 -0.15 10.45
N GLN A 138 7.58 -0.48 10.05
CA GLN A 138 6.54 -0.89 10.98
C GLN A 138 6.77 -2.31 11.51
N ALA A 139 7.42 -3.16 10.70
CA ALA A 139 7.58 -4.56 11.06
C ALA A 139 8.68 -4.73 12.10
N GLN A 140 9.57 -3.76 12.13
CA GLN A 140 10.66 -3.73 13.10
C GLN A 140 10.16 -3.86 14.53
N LYS A 141 8.99 -3.29 14.81
CA LYS A 141 8.41 -3.39 16.13
C LYS A 141 7.94 -4.82 16.40
N ARG A 142 7.50 -5.50 15.36
CA ARG A 142 7.05 -6.88 15.49
C ARG A 142 8.24 -7.78 15.69
N LEU A 143 9.33 -7.40 15.06
CA LEU A 143 10.57 -8.14 15.19
C LEU A 143 11.12 -8.07 16.61
N ASN A 144 10.99 -6.91 17.24
CA ASN A 144 11.60 -6.68 18.54
C ASN A 144 10.60 -6.81 19.67
N ALA A 145 9.38 -6.36 19.44
CA ALA A 145 8.41 -6.21 20.52
C ALA A 145 7.42 -7.34 20.49
N MET A 146 6.57 -7.31 19.49
CA MET A 146 5.42 -8.17 19.46
C MET A 146 5.54 -9.21 18.36
N MET A 1 13.68 19.78 -32.10
CA MET A 1 13.84 18.32 -31.89
C MET A 1 12.53 17.71 -31.40
N GLY A 2 12.03 18.18 -30.26
CA GLY A 2 10.77 17.67 -29.73
C GLY A 2 10.90 16.21 -29.30
N SER A 3 11.41 16.01 -28.10
CA SER A 3 11.65 14.68 -27.58
C SER A 3 10.48 14.18 -26.72
N SER A 4 9.28 14.62 -27.04
CA SER A 4 8.09 14.21 -26.30
C SER A 4 7.22 13.29 -27.14
N HIS A 5 7.81 12.65 -28.15
CA HIS A 5 7.08 11.71 -28.99
C HIS A 5 7.70 10.33 -28.93
N HIS A 6 7.20 9.51 -28.01
CA HIS A 6 7.69 8.16 -27.83
C HIS A 6 6.53 7.18 -27.82
N HIS A 7 6.58 6.21 -28.72
CA HIS A 7 5.49 5.25 -28.91
C HIS A 7 5.36 4.33 -27.70
N HIS A 8 6.49 3.83 -27.21
CA HIS A 8 6.48 3.03 -25.99
C HIS A 8 6.96 3.90 -24.84
N HIS A 9 6.15 3.96 -23.78
CA HIS A 9 6.34 4.91 -22.69
C HIS A 9 6.22 6.33 -23.23
N HIS A 10 4.98 6.74 -23.44
CA HIS A 10 4.67 8.03 -24.02
C HIS A 10 5.15 9.17 -23.11
N SER A 11 5.85 10.12 -23.70
CA SER A 11 6.37 11.26 -22.95
C SER A 11 5.27 12.30 -22.76
N SER A 12 4.11 12.05 -23.35
CA SER A 12 2.96 12.90 -23.19
C SER A 12 2.06 12.36 -22.07
N GLY A 13 2.57 11.39 -21.34
CA GLY A 13 1.87 10.86 -20.19
C GLY A 13 2.33 11.53 -18.92
N LEU A 14 2.08 10.90 -17.78
CA LEU A 14 2.51 11.46 -16.50
C LEU A 14 3.73 10.74 -15.94
N VAL A 15 4.90 11.14 -16.39
CA VAL A 15 6.16 10.64 -15.83
C VAL A 15 7.33 11.57 -16.19
N PRO A 16 7.25 12.85 -15.77
CA PRO A 16 8.25 13.89 -16.03
C PRO A 16 9.68 13.40 -15.91
N ARG A 17 10.03 12.99 -14.72
CA ARG A 17 11.37 12.50 -14.42
C ARG A 17 11.36 11.67 -13.14
N GLY A 18 10.81 12.25 -12.08
CA GLY A 18 10.71 11.54 -10.82
C GLY A 18 11.10 12.40 -9.64
N SER A 19 11.73 13.54 -9.92
CA SER A 19 12.18 14.46 -8.90
C SER A 19 11.02 14.95 -8.03
N HIS A 20 9.99 15.46 -8.66
CA HIS A 20 8.78 15.88 -7.96
C HIS A 20 7.58 15.13 -8.48
N MET A 21 7.45 15.09 -9.82
CA MET A 21 6.37 14.36 -10.48
C MET A 21 5.02 15.05 -10.30
N SER A 22 4.37 15.31 -11.43
CA SER A 22 3.11 16.03 -11.44
C SER A 22 1.98 15.08 -11.76
N GLY A 23 0.98 15.05 -10.90
CA GLY A 23 -0.03 14.02 -10.99
C GLY A 23 0.50 12.77 -10.38
N ASN A 24 1.45 12.97 -9.45
CA ASN A 24 2.09 11.91 -8.72
C ASN A 24 1.08 10.88 -8.26
N ALA A 25 1.18 9.72 -8.87
CA ALA A 25 0.25 8.63 -8.64
C ALA A 25 0.22 8.28 -7.17
N ASN A 26 1.30 8.56 -6.47
CA ASN A 26 1.43 8.29 -5.06
C ASN A 26 0.27 8.91 -4.36
N THR A 27 0.01 10.16 -4.69
CA THR A 27 -1.03 10.88 -4.02
C THR A 27 -2.38 10.59 -4.63
N ASP A 28 -2.46 10.62 -5.95
CA ASP A 28 -3.72 10.45 -6.64
C ASP A 28 -4.26 9.05 -6.40
N TYR A 29 -3.37 8.08 -6.33
CA TYR A 29 -3.78 6.71 -6.10
C TYR A 29 -4.08 6.49 -4.64
N ASN A 30 -3.21 6.98 -3.78
CA ASN A 30 -3.50 6.97 -2.36
C ASN A 30 -4.84 7.64 -2.15
N ALA A 31 -5.19 8.57 -3.04
CA ALA A 31 -6.50 9.20 -3.07
C ALA A 31 -7.56 8.28 -3.68
N ALA A 32 -7.16 7.35 -4.56
CA ALA A 32 -8.11 6.49 -5.23
C ALA A 32 -8.52 5.39 -4.30
N ILE A 33 -7.51 4.73 -3.82
CA ILE A 33 -7.68 3.64 -2.94
C ILE A 33 -7.99 4.14 -1.54
N ALA A 34 -7.66 5.40 -1.22
CA ALA A 34 -8.17 6.00 0.03
C ALA A 34 -9.67 5.83 0.12
N LEU A 35 -10.32 5.66 -1.02
CA LEU A 35 -11.71 5.36 -1.04
C LEU A 35 -11.94 4.00 -0.42
N VAL A 36 -11.06 3.05 -0.72
CA VAL A 36 -11.17 1.72 -0.17
C VAL A 36 -11.05 1.76 1.36
N GLN A 37 -10.22 2.68 1.85
CA GLN A 37 -10.07 2.90 3.28
C GLN A 37 -11.35 3.54 3.82
N ASP A 38 -11.94 4.39 3.01
CA ASP A 38 -13.19 5.04 3.37
C ASP A 38 -14.26 4.00 3.44
N LYS A 39 -14.83 3.89 4.61
CA LYS A 39 -15.84 2.89 4.89
C LYS A 39 -17.11 3.17 4.12
N SER A 40 -17.17 4.34 3.51
CA SER A 40 -18.31 4.70 2.69
C SER A 40 -17.92 4.78 1.23
N ARG A 41 -16.67 4.44 0.92
CA ARG A 41 -16.21 4.47 -0.45
C ARG A 41 -15.45 3.23 -0.83
N GLN A 42 -15.62 2.17 -0.05
CA GLN A 42 -14.90 0.93 -0.31
C GLN A 42 -15.18 0.45 -1.74
N ASP A 43 -16.38 0.76 -2.20
CA ASP A 43 -16.80 0.45 -3.55
C ASP A 43 -16.25 1.48 -4.53
N ASP A 44 -16.17 2.72 -4.08
CA ASP A 44 -15.70 3.80 -4.93
C ASP A 44 -14.22 3.62 -5.19
N ALA A 45 -13.56 2.91 -4.29
CA ALA A 45 -12.19 2.51 -4.51
C ALA A 45 -12.10 1.47 -5.57
N MET A 46 -13.07 0.57 -5.58
CA MET A 46 -13.05 -0.49 -6.54
C MET A 46 -13.10 0.12 -7.91
N VAL A 47 -13.79 1.24 -8.00
CA VAL A 47 -13.92 1.93 -9.26
C VAL A 47 -12.73 2.84 -9.51
N ALA A 48 -12.29 3.52 -8.45
CA ALA A 48 -11.13 4.39 -8.51
C ALA A 48 -9.92 3.64 -8.97
N PHE A 49 -9.60 2.61 -8.21
CA PHE A 49 -8.35 1.93 -8.34
C PHE A 49 -8.33 1.06 -9.58
N GLN A 50 -9.49 0.52 -9.98
CA GLN A 50 -9.62 -0.20 -11.23
C GLN A 50 -9.06 0.64 -12.35
N ASN A 51 -9.12 1.93 -12.15
CA ASN A 51 -8.58 2.87 -13.10
C ASN A 51 -7.07 2.89 -12.99
N PHE A 52 -6.60 2.64 -11.79
CA PHE A 52 -5.18 2.66 -11.49
C PHE A 52 -4.45 1.40 -11.92
N ILE A 53 -4.83 0.29 -11.33
CA ILE A 53 -4.09 -0.94 -11.50
C ILE A 53 -4.28 -1.54 -12.89
N LYS A 54 -5.41 -1.24 -13.50
CA LYS A 54 -5.67 -1.71 -14.85
C LYS A 54 -5.44 -0.63 -15.90
N ASN A 55 -6.09 0.51 -15.72
CA ASN A 55 -6.17 1.51 -16.79
C ASN A 55 -5.20 2.67 -16.59
N TYR A 56 -4.17 2.45 -15.83
CA TYR A 56 -3.14 3.46 -15.66
C TYR A 56 -1.74 2.87 -15.57
N PRO A 57 -1.25 2.28 -16.67
CA PRO A 57 0.16 1.86 -16.80
C PRO A 57 1.04 3.08 -16.82
N ASP A 58 0.41 4.13 -17.30
CA ASP A 58 1.00 5.45 -17.41
C ASP A 58 1.29 6.06 -16.03
N SER A 59 0.66 5.53 -14.98
CA SER A 59 0.83 6.08 -13.66
C SER A 59 1.69 5.14 -12.82
N THR A 60 2.62 5.70 -12.08
CA THR A 60 3.58 4.95 -11.29
C THR A 60 2.97 3.73 -10.60
N TYR A 61 1.88 3.96 -9.90
CA TYR A 61 1.40 3.07 -8.89
C TYR A 61 0.31 2.15 -9.34
N LEU A 62 0.19 1.96 -10.62
CA LEU A 62 -0.63 0.89 -11.18
C LEU A 62 -0.59 -0.38 -10.29
N PRO A 63 0.61 -0.90 -9.92
CA PRO A 63 0.70 -2.17 -9.22
C PRO A 63 0.34 -1.99 -7.75
N ASN A 64 0.95 -0.96 -7.20
CA ASN A 64 0.80 -0.57 -5.81
C ASN A 64 -0.55 -0.05 -5.51
N ALA A 65 -1.25 0.40 -6.52
CA ALA A 65 -2.54 0.91 -6.24
C ALA A 65 -3.38 -0.23 -5.69
N ASN A 66 -3.05 -1.42 -6.20
CA ASN A 66 -3.59 -2.67 -5.72
C ASN A 66 -3.05 -2.99 -4.31
N TYR A 67 -1.88 -2.43 -3.93
CA TYR A 67 -1.32 -2.65 -2.60
C TYR A 67 -2.25 -2.11 -1.55
N TRP A 68 -2.73 -0.93 -1.82
CA TRP A 68 -3.62 -0.24 -0.92
C TRP A 68 -4.85 -1.10 -0.76
N LEU A 69 -5.19 -1.80 -1.83
CA LEU A 69 -6.26 -2.77 -1.78
C LEU A 69 -5.78 -4.01 -1.03
N GLY A 70 -4.53 -4.39 -1.21
CA GLY A 70 -3.99 -5.53 -0.53
C GLY A 70 -3.98 -5.36 0.98
N GLN A 71 -3.71 -4.16 1.42
CA GLN A 71 -3.74 -3.87 2.84
C GLN A 71 -5.16 -3.69 3.32
N LEU A 72 -5.85 -2.74 2.70
CA LEU A 72 -7.14 -2.34 3.21
C LEU A 72 -8.18 -3.43 3.04
N ASN A 73 -8.16 -4.14 1.91
CA ASN A 73 -9.19 -5.13 1.66
C ASN A 73 -9.08 -6.20 2.71
N TYR A 74 -7.86 -6.56 3.07
CA TYR A 74 -7.65 -7.50 4.12
C TYR A 74 -8.34 -7.00 5.38
N ASN A 75 -8.05 -5.79 5.81
CA ASN A 75 -8.68 -5.22 7.00
C ASN A 75 -10.18 -5.08 6.82
N LYS A 76 -10.64 -5.32 5.61
CA LYS A 76 -12.08 -5.32 5.34
C LYS A 76 -12.69 -6.68 5.72
N GLY A 77 -11.81 -7.61 6.07
CA GLY A 77 -12.24 -8.97 6.38
C GLY A 77 -11.95 -9.89 5.23
N LYS A 78 -11.03 -9.45 4.39
CA LYS A 78 -10.54 -10.24 3.28
C LYS A 78 -9.19 -10.72 3.66
N LYS A 79 -9.16 -11.17 4.88
CA LYS A 79 -8.01 -11.78 5.51
C LYS A 79 -7.48 -12.90 4.61
N ASP A 80 -8.35 -13.36 3.72
CA ASP A 80 -7.97 -14.27 2.63
C ASP A 80 -7.57 -13.50 1.37
N ASP A 81 -8.51 -12.74 0.82
CA ASP A 81 -8.34 -12.18 -0.53
C ASP A 81 -7.21 -11.16 -0.63
N ALA A 82 -7.23 -10.09 0.17
CA ALA A 82 -6.13 -9.15 0.13
C ALA A 82 -4.84 -9.75 0.66
N ALA A 83 -4.96 -10.78 1.49
CA ALA A 83 -3.79 -11.52 1.92
C ALA A 83 -3.01 -11.97 0.69
N TYR A 84 -3.73 -12.41 -0.33
CA TYR A 84 -3.14 -12.75 -1.60
C TYR A 84 -2.87 -11.49 -2.43
N TYR A 85 -3.72 -10.46 -2.28
CA TYR A 85 -3.49 -9.18 -2.97
C TYR A 85 -2.09 -8.69 -2.68
N PHE A 86 -1.75 -8.71 -1.39
CA PHE A 86 -0.40 -8.41 -1.01
C PHE A 86 0.58 -9.30 -1.77
N ALA A 87 0.36 -10.60 -1.72
CA ALA A 87 1.19 -11.55 -2.46
C ALA A 87 1.36 -11.14 -3.92
N SER A 88 0.27 -10.65 -4.51
CA SER A 88 0.30 -10.21 -5.89
C SER A 88 1.16 -8.95 -6.08
N VAL A 89 0.93 -7.92 -5.26
CA VAL A 89 1.56 -6.62 -5.49
C VAL A 89 3.00 -6.59 -5.00
N VAL A 90 3.26 -7.17 -3.81
CA VAL A 90 4.66 -7.39 -3.35
C VAL A 90 5.50 -8.01 -4.45
N LYS A 91 4.92 -8.99 -5.10
CA LYS A 91 5.54 -9.68 -6.22
C LYS A 91 5.61 -8.78 -7.45
N ASN A 92 4.45 -8.23 -7.79
CA ASN A 92 4.30 -7.43 -9.00
C ASN A 92 5.20 -6.22 -8.95
N TYR A 93 5.11 -5.51 -7.85
CA TYR A 93 5.86 -4.32 -7.65
C TYR A 93 6.96 -4.52 -6.65
N PRO A 94 8.16 -4.74 -7.17
CA PRO A 94 9.35 -4.88 -6.35
C PRO A 94 9.91 -3.51 -5.97
N LYS A 95 9.32 -2.50 -6.58
CA LYS A 95 9.75 -1.11 -6.42
C LYS A 95 8.86 -0.43 -5.42
N SER A 96 7.69 -1.01 -5.23
CA SER A 96 6.70 -0.50 -4.31
C SER A 96 7.23 -0.42 -2.88
N PRO A 97 6.56 0.40 -2.05
CA PRO A 97 6.75 0.36 -0.61
C PRO A 97 5.92 -0.78 -0.03
N LYS A 98 5.05 -1.31 -0.86
CA LYS A 98 4.08 -2.29 -0.46
C LYS A 98 4.72 -3.61 -0.16
N ALA A 99 5.70 -3.94 -0.98
CA ALA A 99 6.42 -5.17 -0.80
C ALA A 99 6.94 -5.25 0.62
N ALA A 100 7.15 -4.07 1.20
CA ALA A 100 7.39 -3.95 2.63
C ALA A 100 6.09 -3.87 3.41
N ASP A 101 5.25 -2.92 2.99
CA ASP A 101 4.05 -2.50 3.73
C ASP A 101 3.12 -3.66 4.01
N ALA A 102 2.65 -4.30 2.95
CA ALA A 102 1.73 -5.40 3.09
C ALA A 102 2.48 -6.65 3.50
N MET A 103 3.77 -6.64 3.29
CA MET A 103 4.60 -7.69 3.80
C MET A 103 4.59 -7.62 5.31
N PHE A 104 4.56 -6.40 5.80
CA PHE A 104 4.41 -6.15 7.23
C PHE A 104 2.98 -6.42 7.70
N LYS A 105 2.02 -5.65 7.16
CA LYS A 105 0.66 -5.65 7.70
C LYS A 105 -0.17 -6.82 7.21
N VAL A 106 0.04 -7.31 6.00
CA VAL A 106 -0.55 -8.55 5.61
C VAL A 106 0.33 -9.66 6.21
N GLY A 107 1.55 -9.25 6.49
CA GLY A 107 2.42 -9.95 7.39
C GLY A 107 1.80 -10.10 8.75
N VAL A 108 0.83 -9.24 9.06
CA VAL A 108 0.06 -9.28 10.29
C VAL A 108 -1.06 -10.32 10.31
N ILE A 109 -1.86 -10.38 9.25
CA ILE A 109 -3.04 -11.25 9.23
C ILE A 109 -2.65 -12.71 9.44
N MET A 110 -1.44 -13.04 9.06
CA MET A 110 -0.98 -14.42 9.13
C MET A 110 -1.20 -15.06 10.49
N GLN A 111 -0.78 -14.42 11.53
CA GLN A 111 -0.90 -14.92 12.87
C GLN A 111 -2.35 -14.94 13.27
N ASP A 112 -3.11 -14.02 12.69
CA ASP A 112 -4.55 -14.02 12.84
C ASP A 112 -5.14 -15.31 12.30
N LYS A 113 -4.60 -15.80 11.17
CA LYS A 113 -4.99 -17.09 10.63
C LYS A 113 -4.12 -18.23 11.17
N GLY A 114 -2.97 -17.91 11.74
CA GLY A 114 -2.12 -18.91 12.35
C GLY A 114 -0.77 -19.11 11.65
N ASP A 115 -0.09 -18.02 11.28
CA ASP A 115 1.31 -18.13 10.84
C ASP A 115 2.20 -17.21 11.60
N THR A 116 1.83 -16.91 12.80
CA THR A 116 2.72 -16.23 13.70
C THR A 116 4.06 -16.97 13.79
N ALA A 117 4.01 -18.23 13.51
CA ALA A 117 5.22 -19.01 13.46
C ALA A 117 5.98 -18.76 12.17
N LYS A 118 5.29 -18.95 11.06
CA LYS A 118 5.92 -18.91 9.74
C LYS A 118 6.04 -17.50 9.24
N ALA A 119 4.90 -16.86 9.19
CA ALA A 119 4.79 -15.57 8.59
C ALA A 119 5.37 -14.46 9.45
N LYS A 120 5.51 -14.68 10.75
CA LYS A 120 6.20 -13.69 11.58
C LYS A 120 7.57 -13.44 11.00
N ALA A 121 8.07 -14.46 10.37
CA ALA A 121 9.33 -14.39 9.64
C ALA A 121 9.30 -13.33 8.55
N VAL A 122 8.17 -13.21 7.84
CA VAL A 122 8.01 -12.18 6.81
C VAL A 122 8.42 -10.81 7.33
N TYR A 123 8.08 -10.52 8.59
CA TYR A 123 8.52 -9.28 9.22
C TYR A 123 10.02 -9.22 9.20
N GLN A 124 10.63 -10.29 9.69
CA GLN A 124 12.06 -10.36 9.93
C GLN A 124 12.78 -10.07 8.64
N GLN A 125 12.07 -10.42 7.60
CA GLN A 125 12.49 -10.18 6.26
C GLN A 125 12.34 -8.73 5.93
N VAL A 126 11.15 -8.15 6.07
CA VAL A 126 10.97 -6.77 5.66
C VAL A 126 12.02 -5.88 6.28
N ILE A 127 12.25 -6.04 7.56
CA ILE A 127 13.23 -5.23 8.29
C ILE A 127 14.57 -5.20 7.56
N SER A 128 14.97 -6.34 7.02
CA SER A 128 16.32 -6.49 6.48
C SER A 128 16.29 -6.58 4.95
N LYS A 129 15.17 -7.03 4.41
CA LYS A 129 15.02 -7.35 3.02
C LYS A 129 14.38 -6.19 2.29
N TYR A 130 13.40 -5.63 2.97
CA TYR A 130 12.73 -4.42 2.54
C TYR A 130 13.10 -3.20 3.40
N PRO A 131 14.39 -3.02 3.76
CA PRO A 131 14.78 -2.18 4.90
C PRO A 131 14.43 -0.71 4.70
N GLY A 132 13.95 -0.11 5.77
CA GLY A 132 13.67 1.29 5.78
C GLY A 132 12.52 1.68 4.88
N THR A 133 11.65 0.73 4.62
CA THR A 133 10.46 0.99 3.85
C THR A 133 9.28 0.84 4.78
N ASP A 134 8.10 1.31 4.39
CA ASP A 134 6.92 1.34 5.27
C ASP A 134 6.81 0.08 6.10
N GLY A 135 6.91 -1.03 5.43
CA GLY A 135 6.83 -2.32 6.06
C GLY A 135 8.00 -2.58 6.98
N ALA A 136 9.22 -2.40 6.50
CA ALA A 136 10.42 -2.69 7.29
C ALA A 136 10.44 -1.82 8.52
N LYS A 137 9.81 -0.67 8.35
CA LYS A 137 9.71 0.35 9.37
C LYS A 137 8.81 -0.13 10.49
N GLN A 138 7.59 -0.46 10.14
CA GLN A 138 6.60 -0.89 11.11
C GLN A 138 6.81 -2.35 11.54
N ALA A 139 7.40 -3.16 10.67
CA ALA A 139 7.56 -4.59 10.95
C ALA A 139 8.59 -4.79 12.05
N GLN A 140 9.47 -3.81 12.17
CA GLN A 140 10.47 -3.78 13.21
C GLN A 140 9.87 -3.97 14.60
N LYS A 141 8.67 -3.44 14.81
CA LYS A 141 8.00 -3.62 16.10
C LYS A 141 7.54 -5.06 16.27
N ARG A 142 7.14 -5.69 15.19
CA ARG A 142 6.65 -7.05 15.25
C ARG A 142 7.82 -8.00 15.39
N LEU A 143 8.91 -7.60 14.79
CA LEU A 143 10.14 -8.38 14.86
C LEU A 143 10.73 -8.32 16.27
N ASN A 144 10.57 -7.18 16.93
CA ASN A 144 11.20 -6.95 18.24
C ASN A 144 10.21 -7.16 19.39
N ALA A 145 8.97 -6.72 19.20
CA ALA A 145 8.02 -6.64 20.29
C ALA A 145 7.06 -7.78 20.24
N MET A 146 6.18 -7.73 19.27
CA MET A 146 5.06 -8.63 19.22
C MET A 146 5.24 -9.71 18.17
N MET A 1 28.70 46.45 7.89
CA MET A 1 27.25 46.26 7.62
C MET A 1 26.82 44.86 8.04
N GLY A 2 25.55 44.70 8.35
CA GLY A 2 25.05 43.40 8.77
C GLY A 2 23.54 43.37 8.87
N SER A 3 22.87 43.49 7.74
CA SER A 3 21.42 43.42 7.70
C SER A 3 20.96 41.97 7.64
N SER A 4 20.51 41.47 8.78
CA SER A 4 20.07 40.08 8.88
C SER A 4 18.77 39.87 8.10
N HIS A 5 18.67 38.72 7.44
CA HIS A 5 17.50 38.39 6.65
C HIS A 5 16.82 37.14 7.20
N HIS A 6 16.43 37.19 8.46
CA HIS A 6 15.84 36.02 9.11
C HIS A 6 14.33 36.18 9.24
N HIS A 7 13.73 36.92 8.32
CA HIS A 7 12.29 37.14 8.34
C HIS A 7 11.55 35.90 7.87
N HIS A 8 10.91 35.21 8.81
CA HIS A 8 10.12 34.01 8.54
C HIS A 8 11.01 32.81 8.27
N HIS A 9 10.58 31.65 8.74
CA HIS A 9 11.26 30.41 8.45
C HIS A 9 10.77 29.87 7.12
N HIS A 10 11.53 30.15 6.06
CA HIS A 10 11.12 29.78 4.71
C HIS A 10 11.33 28.29 4.49
N SER A 11 10.22 27.57 4.35
CA SER A 11 10.27 26.13 4.13
C SER A 11 9.57 25.79 2.81
N SER A 12 9.78 24.58 2.33
CA SER A 12 9.15 24.14 1.10
C SER A 12 8.81 22.65 1.19
N GLY A 13 7.54 22.32 1.00
CA GLY A 13 7.11 20.94 1.04
C GLY A 13 7.00 20.34 -0.35
N LEU A 14 6.92 21.19 -1.35
CA LEU A 14 6.78 20.73 -2.72
C LEU A 14 7.79 21.41 -3.64
N VAL A 15 9.04 21.44 -3.19
CA VAL A 15 10.12 22.06 -3.94
C VAL A 15 10.62 21.21 -5.14
N PRO A 16 10.55 19.83 -5.12
CA PRO A 16 10.96 18.96 -6.23
C PRO A 16 10.88 19.60 -7.60
N ARG A 17 12.00 19.56 -8.31
CA ARG A 17 12.14 20.26 -9.59
C ARG A 17 11.42 19.52 -10.71
N GLY A 18 11.15 18.24 -10.50
CA GLY A 18 10.48 17.43 -11.50
C GLY A 18 9.09 17.95 -11.81
N SER A 19 8.14 17.63 -10.95
CA SER A 19 6.78 18.12 -11.10
C SER A 19 6.28 18.68 -9.77
N HIS A 20 7.22 18.93 -8.86
CA HIS A 20 6.90 19.39 -7.52
C HIS A 20 6.14 18.31 -6.76
N MET A 21 5.81 18.57 -5.50
CA MET A 21 5.05 17.62 -4.71
C MET A 21 3.71 18.23 -4.32
N SER A 22 2.93 18.55 -5.34
CA SER A 22 1.63 19.17 -5.14
C SER A 22 0.55 18.19 -5.58
N GLY A 23 -0.25 17.74 -4.62
CA GLY A 23 -1.17 16.67 -4.91
C GLY A 23 -0.50 15.34 -4.67
N ASN A 24 0.40 15.34 -3.68
CA ASN A 24 1.16 14.16 -3.27
C ASN A 24 0.31 12.91 -3.31
N ALA A 25 0.70 12.01 -4.20
CA ALA A 25 -0.03 10.79 -4.44
C ALA A 25 -0.15 9.98 -3.16
N ASN A 26 0.79 10.18 -2.26
CA ASN A 26 0.81 9.47 -0.98
C ASN A 26 -0.46 9.78 -0.28
N THR A 27 -0.74 11.06 -0.20
CA THR A 27 -1.83 11.53 0.59
C THR A 27 -3.14 11.41 -0.17
N ASP A 28 -3.10 11.78 -1.43
CA ASP A 28 -4.29 11.74 -2.25
C ASP A 28 -4.75 10.32 -2.44
N TYR A 29 -3.80 9.41 -2.58
CA TYR A 29 -4.13 8.00 -2.77
C TYR A 29 -4.52 7.36 -1.47
N ASN A 30 -3.72 7.60 -0.44
CA ASN A 30 -4.08 7.14 0.88
C ASN A 30 -5.47 7.65 1.22
N ALA A 31 -5.82 8.80 0.62
CA ALA A 31 -7.17 9.36 0.69
C ALA A 31 -8.14 8.65 -0.27
N ALA A 32 -7.63 8.08 -1.36
CA ALA A 32 -8.47 7.47 -2.38
C ALA A 32 -8.93 6.14 -1.87
N ILE A 33 -7.94 5.38 -1.50
CA ILE A 33 -8.15 4.11 -0.94
C ILE A 33 -8.60 4.25 0.52
N ALA A 34 -8.34 5.41 1.14
CA ALA A 34 -9.00 5.73 2.43
C ALA A 34 -10.50 5.56 2.32
N LEU A 35 -11.02 5.66 1.12
CA LEU A 35 -12.40 5.39 0.89
C LEU A 35 -12.66 3.91 1.12
N VAL A 36 -11.72 3.08 0.71
CA VAL A 36 -11.84 1.65 0.86
C VAL A 36 -11.87 1.29 2.34
N GLN A 37 -11.06 2.01 3.15
CA GLN A 37 -11.04 1.81 4.58
C GLN A 37 -12.35 2.30 5.16
N ASP A 38 -12.93 3.31 4.51
CA ASP A 38 -14.17 3.85 4.96
C ASP A 38 -15.25 2.82 4.78
N LYS A 39 -15.99 2.62 5.83
CA LYS A 39 -16.99 1.57 5.88
C LYS A 39 -18.16 1.94 4.99
N SER A 40 -18.16 3.18 4.53
CA SER A 40 -19.24 3.66 3.69
C SER A 40 -18.76 3.93 2.28
N ARG A 41 -17.45 4.04 2.10
CA ARG A 41 -16.91 4.42 0.82
C ARG A 41 -16.09 3.32 0.21
N GLN A 42 -16.29 2.09 0.69
CA GLN A 42 -15.48 0.97 0.21
C GLN A 42 -15.52 0.87 -1.32
N ASP A 43 -16.68 1.19 -1.87
CA ASP A 43 -16.89 1.19 -3.31
C ASP A 43 -16.30 2.44 -3.94
N ASP A 44 -16.39 3.55 -3.22
CA ASP A 44 -15.88 4.82 -3.70
C ASP A 44 -14.37 4.75 -3.82
N ALA A 45 -13.75 3.88 -3.05
CA ALA A 45 -12.34 3.62 -3.21
C ALA A 45 -12.08 2.84 -4.43
N MET A 46 -12.94 1.87 -4.68
CA MET A 46 -12.76 1.01 -5.82
C MET A 46 -12.69 1.88 -7.05
N VAL A 47 -13.46 2.95 -7.01
CA VAL A 47 -13.49 3.89 -8.12
C VAL A 47 -12.36 4.91 -7.98
N ALA A 48 -12.12 5.37 -6.75
CA ALA A 48 -11.04 6.29 -6.44
C ALA A 48 -9.73 5.75 -6.92
N PHE A 49 -9.43 4.57 -6.43
CA PHE A 49 -8.13 4.00 -6.62
C PHE A 49 -7.97 3.52 -8.04
N GLN A 50 -9.09 3.10 -8.67
CA GLN A 50 -9.09 2.77 -10.09
C GLN A 50 -8.44 3.87 -10.88
N ASN A 51 -8.52 5.07 -10.33
CA ASN A 51 -7.94 6.22 -10.96
C ASN A 51 -6.45 6.22 -10.72
N PHE A 52 -6.10 5.70 -9.57
CA PHE A 52 -4.74 5.72 -9.12
C PHE A 52 -3.89 4.66 -9.75
N ILE A 53 -4.25 3.42 -9.52
CA ILE A 53 -3.42 2.31 -9.90
C ILE A 53 -3.32 2.17 -11.42
N LYS A 54 -4.33 2.63 -12.12
CA LYS A 54 -4.34 2.58 -13.57
C LYS A 54 -4.02 3.94 -14.19
N ASN A 55 -4.70 4.98 -13.73
CA ASN A 55 -4.67 6.26 -14.43
C ASN A 55 -3.75 7.28 -13.75
N TYR A 56 -2.80 6.79 -12.98
CA TYR A 56 -1.83 7.67 -12.34
C TYR A 56 -0.40 7.11 -12.42
N PRO A 57 0.09 6.74 -13.62
CA PRO A 57 1.45 6.21 -13.80
C PRO A 57 2.46 7.30 -13.60
N ASP A 58 2.00 8.48 -13.91
CA ASP A 58 2.77 9.71 -13.77
C ASP A 58 3.20 9.95 -12.33
N SER A 59 2.47 9.40 -11.37
CA SER A 59 2.80 9.61 -9.97
C SER A 59 3.59 8.42 -9.43
N THR A 60 3.84 8.43 -8.14
CA THR A 60 4.56 7.34 -7.51
C THR A 60 3.63 6.18 -7.16
N TYR A 61 2.47 6.52 -6.62
CA TYR A 61 1.65 5.57 -5.89
C TYR A 61 0.54 4.91 -6.66
N LEU A 62 0.59 4.95 -7.96
CA LEU A 62 -0.29 4.10 -8.74
C LEU A 62 -0.26 2.65 -8.24
N PRO A 63 0.94 2.05 -7.94
CA PRO A 63 1.03 0.64 -7.60
C PRO A 63 0.54 0.40 -6.19
N ASN A 64 1.01 1.30 -5.35
CA ASN A 64 0.75 1.31 -3.93
C ASN A 64 -0.68 1.57 -3.65
N ALA A 65 -1.35 2.25 -4.55
CA ALA A 65 -2.73 2.49 -4.32
C ALA A 65 -3.49 1.18 -4.25
N ASN A 66 -3.01 0.21 -5.03
CA ASN A 66 -3.54 -1.15 -5.01
C ASN A 66 -3.17 -1.86 -3.69
N TYR A 67 -2.09 -1.42 -3.05
CA TYR A 67 -1.62 -2.02 -1.80
C TYR A 67 -2.57 -1.75 -0.67
N TRP A 68 -3.05 -0.54 -0.65
CA TRP A 68 -4.01 -0.10 0.34
C TRP A 68 -5.21 -1.03 0.20
N LEU A 69 -5.43 -1.43 -1.04
CA LEU A 69 -6.44 -2.45 -1.34
C LEU A 69 -5.95 -3.82 -0.84
N GLY A 70 -4.65 -4.10 -1.01
CA GLY A 70 -4.08 -5.32 -0.49
C GLY A 70 -4.21 -5.43 1.03
N GLN A 71 -4.09 -4.30 1.70
CA GLN A 71 -4.09 -4.26 3.14
C GLN A 71 -5.50 -4.35 3.71
N LEU A 72 -6.33 -3.39 3.33
CA LEU A 72 -7.63 -3.31 3.96
C LEU A 72 -8.52 -4.43 3.56
N ASN A 73 -8.40 -4.90 2.31
CA ASN A 73 -9.31 -5.91 1.85
C ASN A 73 -9.14 -7.10 2.76
N TYR A 74 -7.91 -7.39 3.12
CA TYR A 74 -7.65 -8.41 4.09
C TYR A 74 -8.38 -8.08 5.39
N ASN A 75 -8.16 -6.91 5.96
CA ASN A 75 -8.84 -6.52 7.21
C ASN A 75 -10.36 -6.46 7.04
N LYS A 76 -10.80 -6.67 5.82
CA LYS A 76 -12.24 -6.76 5.54
C LYS A 76 -12.74 -8.19 5.75
N GLY A 77 -11.80 -9.08 6.08
CA GLY A 77 -12.12 -10.49 6.26
C GLY A 77 -11.81 -11.26 5.01
N LYS A 78 -10.94 -10.68 4.22
CA LYS A 78 -10.42 -11.31 3.01
C LYS A 78 -9.01 -11.69 3.29
N LYS A 79 -8.89 -12.26 4.44
CA LYS A 79 -7.66 -12.80 4.97
C LYS A 79 -7.06 -13.76 3.93
N ASP A 80 -7.92 -14.22 3.03
CA ASP A 80 -7.51 -14.94 1.83
C ASP A 80 -7.24 -14.01 0.65
N ASP A 81 -8.27 -13.26 0.22
CA ASP A 81 -8.19 -12.51 -1.04
C ASP A 81 -7.15 -11.40 -1.04
N ALA A 82 -7.21 -10.44 -0.11
CA ALA A 82 -6.19 -9.40 -0.11
C ALA A 82 -4.84 -9.93 0.26
N ALA A 83 -4.81 -11.04 0.99
CA ALA A 83 -3.56 -11.72 1.24
C ALA A 83 -2.85 -11.95 -0.08
N TYR A 84 -3.63 -12.29 -1.09
CA TYR A 84 -3.15 -12.39 -2.46
C TYR A 84 -3.06 -11.01 -3.14
N TYR A 85 -3.95 -10.06 -2.76
CA TYR A 85 -3.88 -8.69 -3.29
C TYR A 85 -2.48 -8.14 -3.07
N PHE A 86 -2.02 -8.23 -1.82
CA PHE A 86 -0.66 -7.89 -1.51
C PHE A 86 0.28 -8.68 -2.40
N ALA A 87 0.10 -9.98 -2.45
CA ALA A 87 0.92 -10.85 -3.28
C ALA A 87 1.00 -10.33 -4.70
N SER A 88 -0.08 -9.71 -5.17
CA SER A 88 -0.11 -9.13 -6.49
C SER A 88 0.73 -7.85 -6.57
N VAL A 89 0.57 -6.92 -5.62
CA VAL A 89 1.26 -5.64 -5.71
C VAL A 89 2.73 -5.78 -5.33
N VAL A 90 3.00 -6.43 -4.20
CA VAL A 90 4.39 -6.74 -3.79
C VAL A 90 5.19 -7.32 -4.96
N LYS A 91 4.55 -8.23 -5.66
CA LYS A 91 5.15 -8.89 -6.82
C LYS A 91 5.22 -7.96 -8.02
N ASN A 92 4.06 -7.47 -8.44
CA ASN A 92 3.93 -6.72 -9.67
C ASN A 92 4.59 -5.36 -9.56
N TYR A 93 4.42 -4.72 -8.42
CA TYR A 93 4.87 -3.36 -8.28
C TYR A 93 6.03 -3.22 -7.33
N PRO A 94 7.21 -3.11 -7.92
CA PRO A 94 8.45 -2.84 -7.21
C PRO A 94 8.62 -1.35 -6.96
N LYS A 95 7.69 -0.61 -7.53
CA LYS A 95 7.72 0.85 -7.54
C LYS A 95 7.08 1.41 -6.30
N SER A 96 6.28 0.56 -5.69
CA SER A 96 5.60 0.90 -4.47
C SER A 96 6.44 0.52 -3.24
N PRO A 97 6.19 1.19 -2.10
CA PRO A 97 6.84 0.88 -0.84
C PRO A 97 6.16 -0.30 -0.18
N LYS A 98 5.11 -0.74 -0.83
CA LYS A 98 4.17 -1.64 -0.26
C LYS A 98 4.68 -3.05 -0.25
N ALA A 99 5.62 -3.34 -1.12
CA ALA A 99 6.19 -4.65 -1.16
C ALA A 99 6.66 -5.00 0.23
N ALA A 100 7.13 -3.98 0.94
CA ALA A 100 7.42 -4.08 2.36
C ALA A 100 6.17 -3.95 3.20
N ASP A 101 5.41 -2.88 2.96
CA ASP A 101 4.28 -2.52 3.79
C ASP A 101 3.31 -3.65 3.95
N ALA A 102 2.85 -4.20 2.83
CA ALA A 102 1.95 -5.32 2.86
C ALA A 102 2.70 -6.61 3.14
N MET A 103 4.01 -6.61 2.95
CA MET A 103 4.81 -7.71 3.47
C MET A 103 4.67 -7.72 4.97
N PHE A 104 4.66 -6.54 5.52
CA PHE A 104 4.46 -6.32 6.94
C PHE A 104 3.00 -6.60 7.34
N LYS A 105 2.08 -5.84 6.76
CA LYS A 105 0.68 -5.84 7.21
C LYS A 105 -0.09 -7.05 6.73
N VAL A 106 0.19 -7.53 5.54
CA VAL A 106 -0.34 -8.80 5.12
C VAL A 106 0.53 -9.89 5.73
N GLY A 107 1.74 -9.46 6.08
CA GLY A 107 2.58 -10.18 7.00
C GLY A 107 1.90 -10.35 8.34
N VAL A 108 0.92 -9.50 8.60
CA VAL A 108 0.11 -9.51 9.83
C VAL A 108 -0.98 -10.58 9.84
N ILE A 109 -1.65 -10.79 8.71
CA ILE A 109 -2.80 -11.68 8.66
C ILE A 109 -2.41 -13.11 9.06
N MET A 110 -1.17 -13.45 8.87
CA MET A 110 -0.69 -14.79 9.18
C MET A 110 -1.06 -15.27 10.57
N GLN A 111 -0.74 -14.48 11.55
CA GLN A 111 -0.99 -14.77 12.93
C GLN A 111 -2.49 -14.83 13.18
N ASP A 112 -3.23 -14.08 12.37
CA ASP A 112 -4.68 -14.24 12.32
C ASP A 112 -5.01 -15.70 12.01
N LYS A 113 -4.32 -16.28 11.03
CA LYS A 113 -4.39 -17.70 10.73
C LYS A 113 -3.69 -18.52 11.82
N GLY A 114 -2.66 -17.92 12.41
CA GLY A 114 -1.86 -18.58 13.41
C GLY A 114 -0.41 -18.82 12.96
N ASP A 115 0.11 -18.01 12.04
CA ASP A 115 1.52 -18.14 11.68
C ASP A 115 2.35 -17.10 12.35
N THR A 116 1.86 -16.60 13.45
CA THR A 116 2.66 -15.78 14.30
C THR A 116 3.96 -16.51 14.66
N ALA A 117 3.95 -17.81 14.50
CA ALA A 117 5.14 -18.57 14.65
C ALA A 117 6.03 -18.46 13.42
N LYS A 118 5.45 -18.81 12.27
CA LYS A 118 6.22 -18.92 11.04
C LYS A 118 6.35 -17.58 10.37
N ALA A 119 5.20 -17.02 10.11
CA ALA A 119 5.07 -15.83 9.34
C ALA A 119 5.52 -14.58 10.10
N LYS A 120 5.61 -14.66 11.41
CA LYS A 120 6.23 -13.55 12.15
C LYS A 120 7.61 -13.29 11.59
N ALA A 121 8.17 -14.34 11.05
CA ALA A 121 9.46 -14.26 10.36
C ALA A 121 9.36 -13.38 9.12
N VAL A 122 8.20 -13.40 8.49
CA VAL A 122 7.86 -12.48 7.40
C VAL A 122 8.30 -11.07 7.74
N TYR A 123 7.93 -10.62 8.93
CA TYR A 123 8.38 -9.33 9.39
C TYR A 123 9.88 -9.25 9.34
N GLN A 124 10.54 -10.23 9.98
CA GLN A 124 11.99 -10.23 10.14
C GLN A 124 12.65 -10.06 8.79
N GLN A 125 11.92 -10.56 7.82
CA GLN A 125 12.30 -10.51 6.44
C GLN A 125 12.16 -9.12 5.87
N VAL A 126 11.00 -8.48 5.96
CA VAL A 126 10.90 -7.09 5.54
C VAL A 126 11.99 -6.26 6.18
N ILE A 127 12.18 -6.47 7.46
CA ILE A 127 13.18 -5.73 8.19
C ILE A 127 14.56 -5.86 7.53
N SER A 128 14.83 -7.01 6.92
CA SER A 128 16.15 -7.30 6.41
C SER A 128 16.17 -7.29 4.87
N LYS A 129 15.03 -7.59 4.27
CA LYS A 129 14.91 -7.73 2.84
C LYS A 129 14.46 -6.42 2.24
N TYR A 130 13.53 -5.82 2.97
CA TYR A 130 13.00 -4.52 2.66
C TYR A 130 13.53 -3.44 3.62
N PRO A 131 14.85 -3.39 3.92
CA PRO A 131 15.34 -2.61 5.06
C PRO A 131 15.05 -1.13 4.93
N GLY A 132 14.35 -0.61 5.93
CA GLY A 132 14.09 0.79 5.98
C GLY A 132 13.10 1.25 4.93
N THR A 133 12.10 0.42 4.69
CA THR A 133 11.01 0.80 3.82
C THR A 133 9.72 0.78 4.62
N ASP A 134 8.64 1.24 4.01
CA ASP A 134 7.35 1.36 4.67
C ASP A 134 7.02 0.13 5.52
N GLY A 135 7.22 -1.02 4.94
CA GLY A 135 7.01 -2.27 5.66
C GLY A 135 8.04 -2.55 6.73
N ALA A 136 9.33 -2.52 6.38
CA ALA A 136 10.37 -2.92 7.31
C ALA A 136 10.37 -2.03 8.54
N LYS A 137 9.92 -0.82 8.35
CA LYS A 137 9.90 0.18 9.42
C LYS A 137 8.87 -0.20 10.45
N GLN A 138 7.65 -0.43 10.00
CA GLN A 138 6.58 -0.82 10.89
C GLN A 138 6.68 -2.30 11.29
N ALA A 139 7.30 -3.12 10.43
CA ALA A 139 7.43 -4.55 10.71
C ALA A 139 8.41 -4.77 11.83
N GLN A 140 9.35 -3.83 11.93
CA GLN A 140 10.32 -3.80 13.01
C GLN A 140 9.63 -3.84 14.38
N LYS A 141 8.47 -3.20 14.48
CA LYS A 141 7.73 -3.21 15.74
C LYS A 141 7.16 -4.59 16.03
N ARG A 142 6.76 -5.31 15.00
CA ARG A 142 6.30 -6.67 15.17
C ARG A 142 7.46 -7.56 15.52
N LEU A 143 8.55 -7.30 14.85
CA LEU A 143 9.77 -8.06 15.03
C LEU A 143 10.30 -7.90 16.46
N ASN A 144 10.24 -6.68 16.98
CA ASN A 144 10.85 -6.39 18.28
C ASN A 144 9.83 -6.34 19.40
N ALA A 145 8.58 -6.04 19.08
CA ALA A 145 7.58 -5.79 20.12
C ALA A 145 6.47 -6.82 20.09
N MET A 146 5.68 -6.74 19.06
CA MET A 146 4.44 -7.47 19.02
C MET A 146 4.41 -8.47 17.86
N MET A 1 -5.47 24.99 23.22
CA MET A 1 -5.66 25.10 21.76
C MET A 1 -4.97 23.94 21.05
N GLY A 2 -3.66 23.87 21.19
CA GLY A 2 -2.91 22.81 20.56
C GLY A 2 -1.41 23.07 20.61
N SER A 3 -0.65 22.04 20.93
CA SER A 3 0.79 22.16 21.01
C SER A 3 1.40 22.37 19.63
N SER A 4 0.81 21.73 18.63
CA SER A 4 1.26 21.88 17.26
C SER A 4 0.07 22.03 16.32
N HIS A 5 -0.07 23.23 15.77
CA HIS A 5 -1.18 23.54 14.88
C HIS A 5 -0.70 24.38 13.70
N HIS A 6 0.14 23.77 12.87
CA HIS A 6 0.70 24.45 11.71
C HIS A 6 -0.31 24.52 10.56
N HIS A 7 -0.33 25.65 9.88
CA HIS A 7 -1.20 25.84 8.73
C HIS A 7 -0.47 25.53 7.43
N HIS A 8 0.80 25.13 7.56
CA HIS A 8 1.62 24.79 6.41
C HIS A 8 2.28 23.43 6.61
N HIS A 9 1.48 22.38 6.53
CA HIS A 9 1.99 21.02 6.67
C HIS A 9 2.61 20.56 5.36
N HIS A 10 1.88 20.75 4.27
CA HIS A 10 2.35 20.37 2.94
C HIS A 10 1.62 21.21 1.90
N SER A 11 1.35 22.45 2.25
CA SER A 11 0.59 23.33 1.38
C SER A 11 1.20 24.74 1.37
N SER A 12 2.13 24.94 0.43
CA SER A 12 2.74 26.26 0.23
C SER A 12 3.14 26.42 -1.23
N GLY A 13 2.15 26.61 -2.09
CA GLY A 13 2.41 26.71 -3.51
C GLY A 13 2.22 25.38 -4.22
N LEU A 14 3.33 24.83 -4.73
CA LEU A 14 3.35 23.55 -5.44
C LEU A 14 2.11 23.34 -6.32
N VAL A 15 2.10 23.97 -7.49
CA VAL A 15 0.95 23.88 -8.39
C VAL A 15 1.38 23.67 -9.86
N PRO A 16 2.01 22.52 -10.19
CA PRO A 16 2.24 22.07 -11.56
C PRO A 16 0.97 22.07 -12.42
N ARG A 17 1.05 21.50 -13.62
CA ARG A 17 -0.10 21.42 -14.49
C ARG A 17 -1.09 20.38 -13.97
N GLY A 18 -0.61 19.16 -13.77
CA GLY A 18 -1.45 18.11 -13.25
C GLY A 18 -1.00 16.73 -13.69
N SER A 19 -1.35 15.71 -12.91
CA SER A 19 -1.04 14.32 -13.23
C SER A 19 0.47 14.12 -13.37
N HIS A 20 1.22 14.55 -12.37
CA HIS A 20 2.68 14.44 -12.41
C HIS A 20 3.28 14.39 -11.00
N MET A 21 2.87 15.34 -10.16
CA MET A 21 3.46 15.50 -8.84
C MET A 21 2.44 16.21 -7.93
N SER A 22 2.87 17.27 -7.22
CA SER A 22 2.03 18.08 -6.30
C SER A 22 0.54 17.80 -6.46
N GLY A 23 -0.05 17.39 -5.36
CA GLY A 23 -1.19 16.51 -5.43
C GLY A 23 -0.67 15.10 -5.25
N ASN A 24 0.41 15.04 -4.45
CA ASN A 24 1.15 13.82 -4.17
C ASN A 24 0.25 12.62 -4.05
N ALA A 25 0.49 11.67 -4.93
CA ALA A 25 -0.28 10.46 -5.03
C ALA A 25 -0.38 9.77 -3.68
N ASN A 26 0.61 10.02 -2.85
CA ASN A 26 0.70 9.47 -1.54
C ASN A 26 -0.56 9.79 -0.82
N THR A 27 -0.92 11.07 -0.87
CA THR A 27 -2.06 11.52 -0.13
C THR A 27 -3.34 11.23 -0.89
N ASP A 28 -3.35 11.60 -2.17
CA ASP A 28 -4.54 11.48 -2.97
C ASP A 28 -4.96 10.03 -3.09
N TYR A 29 -3.98 9.14 -3.18
CA TYR A 29 -4.27 7.73 -3.32
C TYR A 29 -4.65 7.13 -2.00
N ASN A 30 -3.83 7.37 -1.00
CA ASN A 30 -4.14 6.91 0.34
C ASN A 30 -5.52 7.42 0.70
N ALA A 31 -5.90 8.57 0.13
CA ALA A 31 -7.25 9.13 0.22
C ALA A 31 -8.24 8.42 -0.72
N ALA A 32 -7.73 7.84 -1.81
CA ALA A 32 -8.58 7.20 -2.80
C ALA A 32 -9.02 5.90 -2.24
N ILE A 33 -8.03 5.16 -1.83
CA ILE A 33 -8.23 3.91 -1.22
C ILE A 33 -8.68 4.09 0.23
N ALA A 34 -8.40 5.25 0.83
CA ALA A 34 -9.03 5.59 2.12
C ALA A 34 -10.54 5.44 2.04
N LEU A 35 -11.05 5.53 0.82
CA LEU A 35 -12.45 5.28 0.59
C LEU A 35 -12.74 3.81 0.88
N VAL A 36 -11.83 2.94 0.48
CA VAL A 36 -11.98 1.52 0.71
C VAL A 36 -11.94 1.23 2.22
N GLN A 37 -11.17 2.03 2.95
CA GLN A 37 -11.13 1.94 4.39
C GLN A 37 -12.44 2.43 4.96
N ASP A 38 -13.02 3.41 4.28
CA ASP A 38 -14.30 3.94 4.66
C ASP A 38 -15.36 2.92 4.35
N LYS A 39 -16.05 2.52 5.38
CA LYS A 39 -17.04 1.48 5.29
C LYS A 39 -18.26 1.98 4.55
N SER A 40 -18.25 3.25 4.23
CA SER A 40 -19.32 3.85 3.45
C SER A 40 -18.81 4.25 2.07
N ARG A 41 -17.53 4.00 1.81
CA ARG A 41 -16.93 4.37 0.53
C ARG A 41 -16.18 3.20 -0.06
N GLN A 42 -16.48 2.01 0.39
CA GLN A 42 -15.78 0.82 -0.07
C GLN A 42 -15.83 0.75 -1.59
N ASP A 43 -16.97 1.12 -2.14
CA ASP A 43 -17.19 1.14 -3.58
C ASP A 43 -16.54 2.36 -4.20
N ASP A 44 -16.54 3.47 -3.47
CA ASP A 44 -15.96 4.71 -3.94
C ASP A 44 -14.46 4.55 -4.09
N ALA A 45 -13.88 3.66 -3.30
CA ALA A 45 -12.48 3.32 -3.46
C ALA A 45 -12.29 2.49 -4.66
N MET A 46 -13.22 1.59 -4.90
CA MET A 46 -13.13 0.72 -6.03
C MET A 46 -13.01 1.57 -7.26
N VAL A 47 -13.73 2.68 -7.24
CA VAL A 47 -13.76 3.59 -8.36
C VAL A 47 -12.58 4.55 -8.32
N ALA A 48 -12.30 5.04 -7.11
CA ALA A 48 -11.17 5.92 -6.88
C ALA A 48 -9.89 5.30 -7.36
N PHE A 49 -9.64 4.14 -6.79
CA PHE A 49 -8.36 3.51 -6.94
C PHE A 49 -8.20 2.90 -8.32
N GLN A 50 -9.31 2.45 -8.93
CA GLN A 50 -9.30 2.00 -10.31
C GLN A 50 -8.62 3.05 -11.17
N ASN A 51 -8.72 4.28 -10.71
CA ASN A 51 -8.13 5.38 -11.42
C ASN A 51 -6.64 5.40 -11.15
N PHE A 52 -6.30 4.94 -9.96
CA PHE A 52 -4.92 4.96 -9.50
C PHE A 52 -4.08 3.85 -10.08
N ILE A 53 -4.46 2.64 -9.77
CA ILE A 53 -3.62 1.50 -10.06
C ILE A 53 -3.57 1.19 -11.54
N LYS A 54 -4.63 1.53 -12.25
CA LYS A 54 -4.69 1.26 -13.68
C LYS A 54 -4.49 2.54 -14.51
N ASN A 55 -5.24 3.58 -14.18
CA ASN A 55 -5.29 4.76 -15.03
C ASN A 55 -4.46 5.93 -14.50
N TYR A 56 -3.47 5.61 -13.69
CA TYR A 56 -2.58 6.63 -13.16
C TYR A 56 -1.15 6.11 -12.98
N PRO A 57 -0.53 5.59 -14.05
CA PRO A 57 0.87 5.11 -14.02
C PRO A 57 1.83 6.27 -13.91
N ASP A 58 1.31 7.38 -14.35
CA ASP A 58 2.01 8.67 -14.39
C ASP A 58 2.66 9.04 -13.06
N SER A 59 2.14 8.53 -11.95
CA SER A 59 2.73 8.81 -10.65
C SER A 59 3.11 7.53 -9.94
N THR A 60 4.11 7.62 -9.08
CA THR A 60 4.71 6.46 -8.42
C THR A 60 3.69 5.45 -7.89
N TYR A 61 2.66 5.94 -7.22
CA TYR A 61 1.79 5.12 -6.41
C TYR A 61 0.67 4.40 -7.15
N LEU A 62 0.76 4.28 -8.45
CA LEU A 62 -0.17 3.41 -9.17
C LEU A 62 -0.25 2.01 -8.51
N PRO A 63 0.88 1.38 -8.09
CA PRO A 63 0.88 0.01 -7.59
C PRO A 63 0.35 -0.04 -6.17
N ASN A 64 0.90 0.89 -5.41
CA ASN A 64 0.65 1.06 -4.00
C ASN A 64 -0.78 1.30 -3.75
N ALA A 65 -1.44 1.91 -4.69
CA ALA A 65 -2.82 2.17 -4.49
C ALA A 65 -3.58 0.84 -4.36
N ASN A 66 -3.10 -0.16 -5.07
CA ASN A 66 -3.65 -1.51 -4.96
C ASN A 66 -3.24 -2.15 -3.62
N TYR A 67 -2.14 -1.65 -3.04
CA TYR A 67 -1.61 -2.19 -1.77
C TYR A 67 -2.55 -1.86 -0.65
N TRP A 68 -3.07 -0.67 -0.72
CA TRP A 68 -4.02 -0.19 0.25
C TRP A 68 -5.21 -1.13 0.16
N LEU A 69 -5.48 -1.59 -1.05
CA LEU A 69 -6.50 -2.60 -1.25
C LEU A 69 -6.00 -3.94 -0.70
N GLY A 70 -4.70 -4.19 -0.84
CA GLY A 70 -4.11 -5.39 -0.28
C GLY A 70 -4.24 -5.46 1.22
N GLN A 71 -4.08 -4.32 1.86
CA GLN A 71 -4.18 -4.23 3.29
C GLN A 71 -5.65 -4.21 3.70
N LEU A 72 -6.38 -3.25 3.15
CA LEU A 72 -7.74 -3.02 3.60
C LEU A 72 -8.66 -4.17 3.24
N ASN A 73 -8.52 -4.73 2.04
CA ASN A 73 -9.45 -5.78 1.63
C ASN A 73 -9.31 -6.91 2.62
N TYR A 74 -8.07 -7.21 2.99
CA TYR A 74 -7.82 -8.21 3.99
C TYR A 74 -8.57 -7.84 5.27
N ASN A 75 -8.34 -6.66 5.81
CA ASN A 75 -9.00 -6.24 7.04
C ASN A 75 -10.52 -6.15 6.87
N LYS A 76 -10.98 -6.37 5.65
CA LYS A 76 -12.42 -6.46 5.41
C LYS A 76 -12.93 -7.88 5.67
N GLY A 77 -11.98 -8.77 5.95
CA GLY A 77 -12.31 -10.17 6.16
C GLY A 77 -11.99 -10.96 4.92
N LYS A 78 -11.10 -10.40 4.12
CA LYS A 78 -10.58 -11.06 2.95
C LYS A 78 -9.18 -11.45 3.28
N LYS A 79 -9.10 -11.99 4.45
CA LYS A 79 -7.90 -12.55 5.02
C LYS A 79 -7.30 -13.55 4.02
N ASP A 80 -8.13 -14.01 3.10
CA ASP A 80 -7.69 -14.77 1.93
C ASP A 80 -7.40 -13.87 0.72
N ASP A 81 -8.40 -13.10 0.28
CA ASP A 81 -8.34 -12.41 -1.00
C ASP A 81 -7.23 -11.34 -1.06
N ALA A 82 -7.25 -10.37 -0.15
CA ALA A 82 -6.20 -9.36 -0.16
C ALA A 82 -4.87 -9.93 0.31
N ALA A 83 -4.93 -11.01 1.07
CA ALA A 83 -3.73 -11.74 1.41
C ALA A 83 -2.92 -12.03 0.15
N TYR A 84 -3.64 -12.35 -0.92
CA TYR A 84 -3.05 -12.48 -2.24
C TYR A 84 -2.84 -11.12 -2.91
N TYR A 85 -3.70 -10.13 -2.60
CA TYR A 85 -3.53 -8.77 -3.11
C TYR A 85 -2.13 -8.28 -2.83
N PHE A 86 -1.74 -8.42 -1.57
CA PHE A 86 -0.40 -8.08 -1.17
C PHE A 86 0.60 -8.82 -2.07
N ALA A 87 0.48 -10.12 -2.12
CA ALA A 87 1.34 -10.95 -2.94
C ALA A 87 1.43 -10.41 -4.37
N SER A 88 0.34 -9.87 -4.85
CA SER A 88 0.27 -9.33 -6.20
C SER A 88 1.04 -8.01 -6.32
N VAL A 89 0.77 -7.06 -5.43
CA VAL A 89 1.32 -5.72 -5.58
C VAL A 89 2.79 -5.71 -5.16
N VAL A 90 3.06 -6.36 -4.01
CA VAL A 90 4.45 -6.55 -3.56
C VAL A 90 5.35 -7.11 -4.66
N LYS A 91 4.93 -8.20 -5.27
CA LYS A 91 5.71 -8.89 -6.27
C LYS A 91 5.72 -8.16 -7.60
N ASN A 92 4.53 -7.94 -8.13
CA ASN A 92 4.39 -7.37 -9.46
C ASN A 92 4.97 -5.97 -9.53
N TYR A 93 4.82 -5.22 -8.46
CA TYR A 93 5.23 -3.84 -8.47
C TYR A 93 6.42 -3.59 -7.58
N PRO A 94 7.58 -3.57 -8.22
CA PRO A 94 8.86 -3.33 -7.57
C PRO A 94 9.00 -1.87 -7.19
N LYS A 95 8.18 -1.09 -7.86
CA LYS A 95 8.18 0.37 -7.72
C LYS A 95 7.41 0.75 -6.48
N SER A 96 6.59 -0.17 -6.04
CA SER A 96 5.74 0.02 -4.89
C SER A 96 6.55 -0.06 -3.60
N PRO A 97 6.19 0.76 -2.59
CA PRO A 97 6.77 0.69 -1.25
C PRO A 97 6.14 -0.45 -0.47
N LYS A 98 5.09 -0.96 -1.07
CA LYS A 98 4.17 -1.85 -0.41
C LYS A 98 4.74 -3.24 -0.25
N ALA A 99 5.68 -3.58 -1.09
CA ALA A 99 6.32 -4.86 -1.02
C ALA A 99 6.80 -5.12 0.39
N ALA A 100 7.19 -4.04 1.05
CA ALA A 100 7.50 -4.05 2.46
C ALA A 100 6.25 -3.94 3.30
N ASP A 101 5.43 -2.94 2.99
CA ASP A 101 4.30 -2.55 3.81
C ASP A 101 3.32 -3.68 4.00
N ALA A 102 2.86 -4.26 2.91
CA ALA A 102 1.93 -5.37 2.99
C ALA A 102 2.66 -6.64 3.35
N MET A 103 3.96 -6.64 3.16
CA MET A 103 4.76 -7.71 3.72
C MET A 103 4.65 -7.63 5.23
N PHE A 104 4.63 -6.42 5.73
CA PHE A 104 4.44 -6.17 7.14
C PHE A 104 2.98 -6.44 7.57
N LYS A 105 2.03 -5.72 6.95
CA LYS A 105 0.63 -5.74 7.38
C LYS A 105 -0.12 -6.99 6.92
N VAL A 106 0.15 -7.45 5.72
CA VAL A 106 -0.37 -8.72 5.31
C VAL A 106 0.52 -9.80 5.94
N GLY A 107 1.73 -9.36 6.28
CA GLY A 107 2.57 -10.07 7.20
C GLY A 107 1.90 -10.23 8.54
N VAL A 108 0.90 -9.40 8.80
CA VAL A 108 0.07 -9.45 10.00
C VAL A 108 -1.02 -10.52 9.95
N ILE A 109 -1.74 -10.63 8.82
CA ILE A 109 -2.88 -11.53 8.73
C ILE A 109 -2.48 -12.98 9.04
N MET A 110 -1.24 -13.31 8.83
CA MET A 110 -0.75 -14.66 9.06
C MET A 110 -1.13 -15.22 10.42
N GLN A 111 -0.83 -14.46 11.46
CA GLN A 111 -1.10 -14.82 12.81
C GLN A 111 -2.60 -14.86 13.03
N ASP A 112 -3.30 -14.04 12.26
CA ASP A 112 -4.75 -14.15 12.20
C ASP A 112 -5.15 -15.56 11.79
N LYS A 113 -4.40 -16.13 10.83
CA LYS A 113 -4.53 -17.55 10.49
C LYS A 113 -3.85 -18.43 11.53
N GLY A 114 -2.79 -17.90 12.13
CA GLY A 114 -1.99 -18.66 13.07
C GLY A 114 -0.56 -18.91 12.58
N ASP A 115 0.01 -18.00 11.78
CA ASP A 115 1.42 -18.14 11.39
C ASP A 115 2.26 -17.12 12.09
N THR A 116 1.80 -16.66 13.21
CA THR A 116 2.62 -15.87 14.09
C THR A 116 3.92 -16.62 14.40
N ALA A 117 3.89 -17.90 14.20
CA ALA A 117 5.10 -18.68 14.27
C ALA A 117 5.95 -18.54 13.01
N LYS A 118 5.35 -18.83 11.88
CA LYS A 118 6.08 -18.93 10.61
C LYS A 118 6.24 -17.57 9.97
N ALA A 119 5.10 -16.96 9.78
CA ALA A 119 5.00 -15.73 9.06
C ALA A 119 5.52 -14.55 9.86
N LYS A 120 5.61 -14.69 11.18
CA LYS A 120 6.28 -13.67 11.96
C LYS A 120 7.68 -13.42 11.42
N ALA A 121 8.20 -14.46 10.83
CA ALA A 121 9.51 -14.42 10.15
C ALA A 121 9.45 -13.45 8.97
N VAL A 122 8.29 -13.40 8.33
CA VAL A 122 8.00 -12.41 7.29
C VAL A 122 8.46 -11.03 7.70
N TYR A 123 8.05 -10.61 8.89
CA TYR A 123 8.49 -9.32 9.42
C TYR A 123 9.98 -9.22 9.36
N GLN A 124 10.64 -10.21 9.95
CA GLN A 124 12.08 -10.22 10.12
C GLN A 124 12.75 -9.99 8.79
N GLN A 125 12.06 -10.49 7.79
CA GLN A 125 12.48 -10.38 6.42
C GLN A 125 12.28 -9.00 5.88
N VAL A 126 11.13 -8.39 6.07
CA VAL A 126 10.96 -7.03 5.62
C VAL A 126 12.03 -6.15 6.20
N ILE A 127 12.23 -6.26 7.50
CA ILE A 127 13.24 -5.47 8.18
C ILE A 127 14.59 -5.59 7.48
N SER A 128 14.85 -6.76 6.91
CA SER A 128 16.20 -7.09 6.47
C SER A 128 16.30 -7.14 4.94
N LYS A 129 15.19 -7.50 4.29
CA LYS A 129 15.16 -7.72 2.88
C LYS A 129 14.53 -6.52 2.20
N TYR A 130 13.53 -5.98 2.88
CA TYR A 130 12.82 -4.80 2.47
C TYR A 130 13.21 -3.57 3.29
N PRO A 131 14.52 -3.35 3.57
CA PRO A 131 14.94 -2.53 4.69
C PRO A 131 14.62 -1.07 4.50
N GLY A 132 14.17 -0.46 5.59
CA GLY A 132 13.94 0.96 5.60
C GLY A 132 12.82 1.39 4.70
N THR A 133 11.92 0.48 4.41
CA THR A 133 10.75 0.80 3.65
C THR A 133 9.56 0.68 4.58
N ASP A 134 8.39 1.19 4.20
CA ASP A 134 7.22 1.26 5.09
C ASP A 134 7.05 -0.01 5.94
N GLY A 135 7.18 -1.13 5.26
CA GLY A 135 7.08 -2.41 5.90
C GLY A 135 8.22 -2.69 6.85
N ALA A 136 9.46 -2.59 6.38
CA ALA A 136 10.63 -2.90 7.20
C ALA A 136 10.64 -1.97 8.39
N LYS A 137 10.06 -0.81 8.18
CA LYS A 137 9.97 0.24 9.16
C LYS A 137 9.04 -0.17 10.28
N GLN A 138 7.79 -0.45 9.92
CA GLN A 138 6.79 -0.83 10.91
C GLN A 138 6.91 -2.28 11.36
N ALA A 139 7.47 -3.14 10.50
CA ALA A 139 7.55 -4.57 10.82
C ALA A 139 8.52 -4.78 11.96
N GLN A 140 9.44 -3.86 12.08
CA GLN A 140 10.38 -3.81 13.19
C GLN A 140 9.65 -3.85 14.53
N LYS A 141 8.50 -3.20 14.59
CA LYS A 141 7.73 -3.18 15.82
C LYS A 141 7.10 -4.53 16.08
N ARG A 142 6.53 -5.16 15.06
CA ARG A 142 5.92 -6.47 15.23
C ARG A 142 6.97 -7.50 15.55
N LEU A 143 8.13 -7.23 15.03
CA LEU A 143 9.29 -8.08 15.26
C LEU A 143 9.65 -8.08 16.75
N ASN A 144 9.73 -6.89 17.35
CA ASN A 144 10.26 -6.75 18.70
C ASN A 144 9.16 -6.59 19.75
N ALA A 145 7.98 -6.15 19.34
CA ALA A 145 6.90 -5.87 20.27
C ALA A 145 6.09 -7.11 20.49
N MET A 146 5.48 -7.55 19.42
CA MET A 146 4.59 -8.67 19.47
C MET A 146 5.20 -9.89 18.79
N MET A 1 1.77 8.27 -37.02
CA MET A 1 3.17 8.26 -36.50
C MET A 1 3.18 7.90 -35.01
N GLY A 2 2.32 8.56 -34.24
CA GLY A 2 2.25 8.29 -32.82
C GLY A 2 1.55 9.40 -32.07
N SER A 3 0.38 9.79 -32.55
CA SER A 3 -0.40 10.83 -31.91
C SER A 3 -1.12 10.28 -30.68
N SER A 4 -1.83 9.17 -30.88
CA SER A 4 -2.61 8.52 -29.83
C SER A 4 -3.42 9.53 -29.01
N HIS A 5 -4.46 10.09 -29.62
CA HIS A 5 -5.30 11.06 -28.94
C HIS A 5 -6.17 10.38 -27.90
N HIS A 6 -5.92 10.67 -26.64
CA HIS A 6 -6.61 10.02 -25.54
C HIS A 6 -7.92 10.74 -25.22
N HIS A 7 -8.99 9.97 -25.11
CA HIS A 7 -10.30 10.51 -24.79
C HIS A 7 -10.33 10.95 -23.33
N HIS A 8 -9.90 10.06 -22.45
CA HIS A 8 -9.79 10.39 -21.04
C HIS A 8 -8.36 10.82 -20.72
N HIS A 9 -7.99 11.99 -21.25
CA HIS A 9 -6.67 12.55 -21.02
C HIS A 9 -6.63 13.24 -19.66
N HIS A 10 -7.81 13.60 -19.16
CA HIS A 10 -7.94 14.23 -17.86
C HIS A 10 -7.82 13.18 -16.75
N SER A 11 -6.59 12.86 -16.38
CA SER A 11 -6.35 11.92 -15.31
C SER A 11 -6.20 12.68 -13.99
N SER A 12 -6.04 11.96 -12.89
CA SER A 12 -5.87 12.58 -11.59
C SER A 12 -4.47 13.16 -11.46
N GLY A 13 -4.29 14.35 -11.98
CA GLY A 13 -3.01 15.01 -11.94
C GLY A 13 -3.09 16.42 -12.47
N LEU A 14 -2.38 17.33 -11.84
CA LEU A 14 -2.41 18.74 -12.25
C LEU A 14 -1.28 19.02 -13.22
N VAL A 15 -0.04 19.02 -12.71
CA VAL A 15 1.14 19.25 -13.53
C VAL A 15 2.29 18.34 -13.11
N PRO A 16 2.17 17.02 -13.39
CA PRO A 16 3.23 16.04 -13.21
C PRO A 16 4.63 16.59 -13.48
N ARG A 17 5.48 16.54 -12.47
CA ARG A 17 6.84 17.06 -12.58
C ARG A 17 7.76 16.30 -11.62
N GLY A 18 9.04 16.29 -11.92
CA GLY A 18 9.97 15.48 -11.15
C GLY A 18 10.05 15.87 -9.69
N SER A 19 10.40 17.13 -9.44
CA SER A 19 10.66 17.62 -8.10
C SER A 19 9.45 17.40 -7.17
N HIS A 20 8.38 18.13 -7.43
CA HIS A 20 7.19 18.03 -6.61
C HIS A 20 5.95 17.89 -7.48
N MET A 21 5.56 16.65 -7.72
CA MET A 21 4.39 16.37 -8.56
C MET A 21 3.14 16.98 -7.96
N SER A 22 2.32 17.56 -8.80
CA SER A 22 1.08 18.19 -8.38
C SER A 22 -0.07 17.30 -8.81
N GLY A 23 -0.77 16.77 -7.81
CA GLY A 23 -1.75 15.74 -8.08
C GLY A 23 -1.09 14.38 -7.99
N ASN A 24 0.04 14.36 -7.28
CA ASN A 24 0.85 13.17 -7.05
C ASN A 24 -0.03 11.98 -6.74
N ALA A 25 0.15 10.94 -7.54
CA ALA A 25 -0.62 9.74 -7.41
C ALA A 25 -0.45 9.15 -6.02
N ASN A 26 0.67 9.46 -5.40
CA ASN A 26 1.00 8.94 -4.08
C ASN A 26 -0.04 9.43 -3.12
N THR A 27 -0.29 10.72 -3.21
CA THR A 27 -1.12 11.36 -2.23
C THR A 27 -2.59 11.17 -2.55
N ASP A 28 -2.96 11.39 -3.80
CA ASP A 28 -4.34 11.26 -4.20
C ASP A 28 -4.79 9.82 -4.03
N TYR A 29 -3.89 8.89 -4.28
CA TYR A 29 -4.23 7.49 -4.14
C TYR A 29 -4.22 7.09 -2.69
N ASN A 30 -3.21 7.50 -1.96
CA ASN A 30 -3.19 7.31 -0.53
C ASN A 30 -4.49 7.86 0.03
N ALA A 31 -4.96 8.94 -0.57
CA ALA A 31 -6.24 9.54 -0.25
C ALA A 31 -7.41 8.74 -0.82
N ALA A 32 -7.16 7.99 -1.90
CA ALA A 32 -8.22 7.28 -2.60
C ALA A 32 -8.55 6.04 -1.85
N ILE A 33 -7.51 5.31 -1.62
CA ILE A 33 -7.61 4.10 -0.91
C ILE A 33 -7.70 4.37 0.61
N ALA A 34 -7.22 5.52 1.07
CA ALA A 34 -7.53 5.96 2.45
C ALA A 34 -9.03 5.93 2.68
N LEU A 35 -9.79 6.00 1.61
CA LEU A 35 -11.21 5.87 1.71
C LEU A 35 -11.54 4.45 2.13
N VAL A 36 -10.81 3.49 1.58
CA VAL A 36 -11.02 2.09 1.91
C VAL A 36 -10.68 1.83 3.38
N GLN A 37 -9.69 2.54 3.92
CA GLN A 37 -9.37 2.45 5.33
C GLN A 37 -10.46 3.13 6.13
N ASP A 38 -11.02 4.18 5.55
CA ASP A 38 -12.09 4.91 6.20
C ASP A 38 -13.27 3.99 6.30
N LYS A 39 -13.73 3.82 7.51
CA LYS A 39 -14.74 2.84 7.81
C LYS A 39 -16.05 3.24 7.15
N SER A 40 -16.11 4.49 6.72
CA SER A 40 -17.32 5.01 6.11
C SER A 40 -17.12 5.34 4.64
N ARG A 41 -15.92 5.11 4.14
CA ARG A 41 -15.62 5.39 2.74
C ARG A 41 -15.17 4.15 2.03
N GLN A 42 -15.48 2.99 2.60
CA GLN A 42 -15.06 1.73 2.02
C GLN A 42 -15.48 1.64 0.55
N ASP A 43 -16.66 2.15 0.28
CA ASP A 43 -17.20 2.16 -1.07
C ASP A 43 -16.58 3.28 -1.88
N ASP A 44 -16.29 4.39 -1.22
CA ASP A 44 -15.72 5.54 -1.89
C ASP A 44 -14.31 5.21 -2.35
N ALA A 45 -13.69 4.28 -1.67
CA ALA A 45 -12.40 3.77 -2.12
C ALA A 45 -12.55 2.92 -3.33
N MET A 46 -13.61 2.14 -3.36
CA MET A 46 -13.82 1.25 -4.46
C MET A 46 -13.97 2.08 -5.71
N VAL A 47 -14.54 3.27 -5.53
CA VAL A 47 -14.76 4.17 -6.63
C VAL A 47 -13.51 5.00 -6.90
N ALA A 48 -12.88 5.45 -5.81
CA ALA A 48 -11.65 6.21 -5.87
C ALA A 48 -10.56 5.45 -6.58
N PHE A 49 -10.28 4.30 -6.01
CA PHE A 49 -9.12 3.54 -6.38
C PHE A 49 -9.32 2.91 -7.74
N GLN A 50 -10.57 2.61 -8.10
CA GLN A 50 -10.90 2.18 -9.46
C GLN A 50 -10.30 3.14 -10.46
N ASN A 51 -10.16 4.38 -10.04
CA ASN A 51 -9.56 5.39 -10.90
C ASN A 51 -8.07 5.19 -10.95
N PHE A 52 -7.57 4.57 -9.92
CA PHE A 52 -6.18 4.31 -9.80
C PHE A 52 -5.71 3.06 -10.50
N ILE A 53 -6.20 1.94 -10.03
CA ILE A 53 -5.74 0.66 -10.51
C ILE A 53 -6.32 0.28 -11.87
N LYS A 54 -7.52 0.78 -12.18
CA LYS A 54 -8.17 0.46 -13.45
C LYS A 54 -8.10 1.63 -14.44
N ASN A 55 -8.22 2.84 -13.92
CA ASN A 55 -8.02 4.07 -14.70
C ASN A 55 -6.52 4.41 -14.70
N TYR A 56 -5.72 3.37 -14.73
CA TYR A 56 -4.27 3.43 -14.53
C TYR A 56 -3.36 3.84 -15.73
N PRO A 57 -3.79 4.51 -16.83
CA PRO A 57 -2.83 4.95 -17.85
C PRO A 57 -1.94 6.04 -17.31
N ASP A 58 -2.53 6.83 -16.45
CA ASP A 58 -1.86 7.96 -15.83
C ASP A 58 -2.11 8.03 -14.33
N SER A 59 -1.92 6.91 -13.69
CA SER A 59 -2.05 6.79 -12.26
C SER A 59 -0.88 5.98 -11.79
N THR A 60 0.25 6.66 -11.60
CA THR A 60 1.53 6.04 -11.27
C THR A 60 1.40 4.90 -10.28
N TYR A 61 0.56 5.11 -9.29
CA TYR A 61 0.45 4.18 -8.20
C TYR A 61 -0.65 3.17 -8.41
N LEU A 62 -1.09 3.03 -9.64
CA LEU A 62 -2.01 1.97 -10.04
C LEU A 62 -1.75 0.63 -9.30
N PRO A 63 -0.49 0.15 -9.18
CA PRO A 63 -0.25 -1.16 -8.59
C PRO A 63 -0.46 -1.06 -7.10
N ASN A 64 0.16 -0.03 -6.57
CA ASN A 64 0.15 0.28 -5.16
C ASN A 64 -1.19 0.71 -4.70
N ALA A 65 -1.98 1.28 -5.58
CA ALA A 65 -3.28 1.68 -5.17
C ALA A 65 -4.02 0.44 -4.71
N ASN A 66 -3.70 -0.66 -5.36
CA ASN A 66 -4.16 -1.99 -4.95
C ASN A 66 -3.47 -2.43 -3.65
N TYR A 67 -2.26 -1.94 -3.35
CA TYR A 67 -1.55 -2.34 -2.13
C TYR A 67 -2.32 -1.94 -0.93
N TRP A 68 -2.81 -0.71 -0.99
CA TRP A 68 -3.58 -0.15 0.09
C TRP A 68 -4.81 -1.02 0.29
N LEU A 69 -5.30 -1.55 -0.82
CA LEU A 69 -6.39 -2.51 -0.77
C LEU A 69 -5.86 -3.86 -0.30
N GLY A 70 -4.58 -4.13 -0.51
CA GLY A 70 -3.97 -5.34 0.01
C GLY A 70 -4.13 -5.49 1.51
N GLN A 71 -4.03 -4.39 2.24
CA GLN A 71 -4.23 -4.44 3.68
C GLN A 71 -5.70 -4.46 4.01
N LEU A 72 -6.38 -3.42 3.54
CA LEU A 72 -7.74 -3.16 3.98
C LEU A 72 -8.70 -4.21 3.47
N ASN A 73 -8.47 -4.74 2.27
CA ASN A 73 -9.37 -5.76 1.76
C ASN A 73 -9.30 -6.93 2.71
N TYR A 74 -8.09 -7.25 3.13
CA TYR A 74 -7.89 -8.28 4.11
C TYR A 74 -8.67 -7.95 5.36
N ASN A 75 -8.46 -6.78 5.94
CA ASN A 75 -9.18 -6.39 7.16
C ASN A 75 -10.68 -6.31 6.94
N LYS A 76 -11.10 -6.51 5.69
CA LYS A 76 -12.54 -6.59 5.40
C LYS A 76 -13.02 -8.04 5.52
N GLY A 77 -12.11 -8.92 5.91
CA GLY A 77 -12.41 -10.34 6.06
C GLY A 77 -12.05 -11.10 4.82
N LYS A 78 -11.14 -10.50 4.07
CA LYS A 78 -10.57 -11.11 2.88
C LYS A 78 -9.17 -11.49 3.21
N LYS A 79 -9.09 -12.07 4.36
CA LYS A 79 -7.89 -12.64 4.92
C LYS A 79 -7.29 -13.62 3.91
N ASP A 80 -8.12 -14.03 2.97
CA ASP A 80 -7.69 -14.79 1.80
C ASP A 80 -7.30 -13.87 0.65
N ASP A 81 -8.27 -13.10 0.17
CA ASP A 81 -8.11 -12.34 -1.07
C ASP A 81 -7.04 -11.26 -1.00
N ALA A 82 -7.11 -10.32 -0.07
CA ALA A 82 -6.07 -9.30 0.01
C ALA A 82 -4.73 -9.87 0.42
N ALA A 83 -4.75 -11.01 1.09
CA ALA A 83 -3.53 -11.73 1.40
C ALA A 83 -2.75 -11.97 0.11
N TYR A 84 -3.49 -12.30 -0.95
CA TYR A 84 -2.92 -12.42 -2.30
C TYR A 84 -2.76 -11.04 -2.94
N TYR A 85 -3.60 -10.07 -2.55
CA TYR A 85 -3.46 -8.69 -3.05
C TYR A 85 -2.05 -8.21 -2.85
N PHE A 86 -1.56 -8.41 -1.64
CA PHE A 86 -0.18 -8.14 -1.35
C PHE A 86 0.71 -8.91 -2.34
N ALA A 87 0.49 -10.20 -2.45
CA ALA A 87 1.27 -11.04 -3.36
C ALA A 87 1.29 -10.47 -4.77
N SER A 88 0.17 -9.91 -5.19
CA SER A 88 0.06 -9.33 -6.51
C SER A 88 0.84 -8.01 -6.62
N VAL A 89 0.63 -7.09 -5.67
CA VAL A 89 1.20 -5.74 -5.80
C VAL A 89 2.69 -5.73 -5.45
N VAL A 90 3.08 -6.45 -4.39
CA VAL A 90 4.52 -6.70 -4.11
C VAL A 90 5.26 -7.12 -5.39
N LYS A 91 4.63 -8.02 -6.11
CA LYS A 91 5.14 -8.48 -7.40
C LYS A 91 5.06 -7.39 -8.46
N ASN A 92 3.86 -6.86 -8.61
CA ASN A 92 3.54 -5.90 -9.65
C ASN A 92 4.44 -4.69 -9.54
N TYR A 93 4.46 -4.11 -8.36
CA TYR A 93 5.30 -3.01 -8.05
C TYR A 93 6.55 -3.47 -7.35
N PRO A 94 7.62 -3.59 -8.12
CA PRO A 94 8.91 -4.06 -7.64
C PRO A 94 9.65 -2.95 -6.93
N LYS A 95 9.08 -1.77 -7.03
CA LYS A 95 9.71 -0.55 -6.55
C LYS A 95 8.79 0.19 -5.59
N SER A 96 7.64 -0.40 -5.31
CA SER A 96 6.68 0.16 -4.37
C SER A 96 7.20 0.11 -2.94
N PRO A 97 6.57 0.89 -2.05
CA PRO A 97 6.75 0.75 -0.62
C PRO A 97 5.97 -0.47 -0.12
N LYS A 98 5.05 -0.93 -0.96
CA LYS A 98 4.08 -1.93 -0.60
C LYS A 98 4.71 -3.29 -0.42
N ALA A 99 5.67 -3.58 -1.25
CA ALA A 99 6.34 -4.86 -1.18
C ALA A 99 6.83 -5.09 0.23
N ALA A 100 7.19 -4.02 0.89
CA ALA A 100 7.50 -4.04 2.32
C ALA A 100 6.24 -3.95 3.15
N ASP A 101 5.44 -2.94 2.85
CA ASP A 101 4.26 -2.58 3.63
C ASP A 101 3.33 -3.77 3.81
N ALA A 102 2.89 -4.35 2.71
CA ALA A 102 1.98 -5.46 2.77
C ALA A 102 2.71 -6.73 3.14
N MET A 103 4.01 -6.74 2.93
CA MET A 103 4.82 -7.79 3.49
C MET A 103 4.70 -7.76 5.00
N PHE A 104 4.70 -6.56 5.53
CA PHE A 104 4.51 -6.31 6.94
C PHE A 104 3.05 -6.55 7.35
N LYS A 105 2.13 -5.79 6.76
CA LYS A 105 0.74 -5.74 7.19
C LYS A 105 -0.06 -6.95 6.73
N VAL A 106 0.23 -7.47 5.56
CA VAL A 106 -0.33 -8.74 5.17
C VAL A 106 0.50 -9.82 5.84
N GLY A 107 1.71 -9.40 6.19
CA GLY A 107 2.52 -10.10 7.16
C GLY A 107 1.82 -10.20 8.49
N VAL A 108 0.84 -9.35 8.69
CA VAL A 108 0.01 -9.33 9.90
C VAL A 108 -1.09 -10.39 9.93
N ILE A 109 -1.81 -10.58 8.82
CA ILE A 109 -2.97 -11.48 8.81
C ILE A 109 -2.58 -12.90 9.20
N MET A 110 -1.34 -13.25 8.97
CA MET A 110 -0.84 -14.59 9.23
C MET A 110 -1.17 -15.10 10.62
N GLN A 111 -0.81 -14.36 11.63
CA GLN A 111 -1.01 -14.76 12.98
C GLN A 111 -2.49 -14.72 13.29
N ASP A 112 -3.19 -13.84 12.58
CA ASP A 112 -4.63 -13.81 12.65
C ASP A 112 -5.20 -15.16 12.19
N LYS A 113 -4.60 -15.75 11.15
CA LYS A 113 -4.96 -17.08 10.71
C LYS A 113 -4.14 -18.19 11.42
N GLY A 114 -3.03 -17.80 12.04
CA GLY A 114 -2.21 -18.75 12.78
C GLY A 114 -0.82 -19.00 12.18
N ASP A 115 -0.11 -17.94 11.78
CA ASP A 115 1.33 -18.09 11.42
C ASP A 115 2.18 -17.09 12.13
N THR A 116 1.76 -16.70 13.29
CA THR A 116 2.60 -15.91 14.16
C THR A 116 3.93 -16.62 14.37
N ALA A 117 3.93 -17.91 14.19
CA ALA A 117 5.14 -18.68 14.28
C ALA A 117 5.99 -18.51 13.02
N LYS A 118 5.37 -18.79 11.89
CA LYS A 118 6.08 -18.83 10.63
C LYS A 118 6.19 -17.46 10.03
N ALA A 119 5.04 -16.86 9.86
CA ALA A 119 4.93 -15.63 9.16
C ALA A 119 5.42 -14.44 9.96
N LYS A 120 5.50 -14.55 11.28
CA LYS A 120 6.13 -13.46 12.05
C LYS A 120 7.52 -13.22 11.52
N ALA A 121 8.06 -14.28 10.99
CA ALA A 121 9.35 -14.23 10.32
C ALA A 121 9.34 -13.29 9.12
N VAL A 122 8.23 -13.26 8.37
CA VAL A 122 8.10 -12.33 7.25
C VAL A 122 8.42 -10.91 7.67
N TYR A 123 8.01 -10.54 8.88
CA TYR A 123 8.40 -9.25 9.42
C TYR A 123 9.91 -9.14 9.41
N GLN A 124 10.55 -10.11 10.05
CA GLN A 124 11.99 -10.13 10.25
C GLN A 124 12.68 -9.97 8.91
N GLN A 125 11.99 -10.46 7.92
CA GLN A 125 12.42 -10.41 6.56
C GLN A 125 12.26 -9.03 5.97
N VAL A 126 11.08 -8.44 6.06
CA VAL A 126 10.91 -7.08 5.58
C VAL A 126 11.96 -6.17 6.16
N ILE A 127 12.16 -6.27 7.47
CA ILE A 127 13.15 -5.47 8.15
C ILE A 127 14.51 -5.54 7.44
N SER A 128 14.81 -6.69 6.85
CA SER A 128 16.13 -6.93 6.31
C SER A 128 16.12 -6.97 4.78
N LYS A 129 15.03 -7.47 4.22
CA LYS A 129 14.93 -7.71 2.81
C LYS A 129 14.32 -6.49 2.15
N TYR A 130 13.38 -5.92 2.87
CA TYR A 130 12.70 -4.72 2.47
C TYR A 130 13.10 -3.50 3.29
N PRO A 131 14.40 -3.32 3.58
CA PRO A 131 14.85 -2.51 4.70
C PRO A 131 14.54 -1.03 4.53
N GLY A 132 14.09 -0.44 5.62
CA GLY A 132 13.84 0.97 5.65
C GLY A 132 12.70 1.40 4.76
N THR A 133 11.81 0.47 4.48
CA THR A 133 10.63 0.80 3.73
C THR A 133 9.45 0.62 4.67
N ASP A 134 8.26 1.12 4.32
CA ASP A 134 7.10 1.13 5.23
C ASP A 134 6.96 -0.15 6.02
N GLY A 135 7.11 -1.25 5.32
CA GLY A 135 7.02 -2.56 5.93
C GLY A 135 8.17 -2.82 6.89
N ALA A 136 9.40 -2.66 6.42
CA ALA A 136 10.58 -2.95 7.24
C ALA A 136 10.59 -2.02 8.43
N LYS A 137 9.98 -0.87 8.22
CA LYS A 137 9.87 0.19 9.19
C LYS A 137 8.91 -0.20 10.29
N GLN A 138 7.69 -0.49 9.90
CA GLN A 138 6.64 -0.80 10.84
C GLN A 138 6.75 -2.24 11.37
N ALA A 139 7.36 -3.13 10.58
CA ALA A 139 7.44 -4.54 10.98
C ALA A 139 8.46 -4.73 12.08
N GLN A 140 9.38 -3.79 12.17
CA GLN A 140 10.41 -3.79 13.20
C GLN A 140 9.81 -3.94 14.60
N LYS A 141 8.75 -3.20 14.88
CA LYS A 141 8.08 -3.31 16.16
C LYS A 141 7.43 -4.67 16.34
N ARG A 142 6.98 -5.28 15.25
CA ARG A 142 6.41 -6.61 15.32
C ARG A 142 7.49 -7.60 15.65
N LEU A 143 8.62 -7.40 15.01
CA LEU A 143 9.79 -8.25 15.21
C LEU A 143 10.32 -8.15 16.64
N ASN A 144 10.24 -6.96 17.21
CA ASN A 144 10.83 -6.70 18.52
C ASN A 144 9.80 -6.75 19.63
N ALA A 145 8.55 -6.53 19.29
CA ALA A 145 7.50 -6.39 20.29
C ALA A 145 6.31 -7.27 19.99
N MET A 146 5.52 -6.82 19.03
CA MET A 146 4.21 -7.35 18.84
C MET A 146 4.14 -8.33 17.67
N MET A 1 -21.26 24.62 -9.60
CA MET A 1 -21.16 25.84 -10.42
C MET A 1 -20.04 26.74 -9.93
N GLY A 2 -19.53 27.59 -10.82
CA GLY A 2 -18.48 28.51 -10.46
C GLY A 2 -17.51 28.71 -11.59
N SER A 3 -16.38 29.34 -11.29
CA SER A 3 -15.35 29.54 -12.29
C SER A 3 -14.30 28.44 -12.17
N SER A 4 -14.31 27.50 -13.11
CA SER A 4 -13.34 26.43 -13.13
C SER A 4 -11.92 26.98 -13.29
N HIS A 5 -11.09 26.78 -12.28
CA HIS A 5 -9.74 27.34 -12.27
C HIS A 5 -8.81 26.52 -13.16
N HIS A 6 -9.04 26.61 -14.46
CA HIS A 6 -8.23 25.89 -15.43
C HIS A 6 -7.28 26.85 -16.14
N HIS A 7 -6.02 26.80 -15.73
CA HIS A 7 -5.00 27.67 -16.28
C HIS A 7 -3.73 26.89 -16.53
N HIS A 8 -2.85 27.44 -17.35
CA HIS A 8 -1.59 26.79 -17.67
C HIS A 8 -0.67 26.82 -16.47
N HIS A 9 -0.55 25.67 -15.81
CA HIS A 9 0.08 25.54 -14.49
C HIS A 9 1.43 26.24 -14.42
N HIS A 10 2.43 25.70 -15.10
CA HIS A 10 3.80 26.25 -15.06
C HIS A 10 4.33 26.32 -13.64
N SER A 11 3.83 25.44 -12.77
CA SER A 11 4.18 25.44 -11.37
C SER A 11 3.82 24.10 -10.75
N SER A 12 4.69 23.57 -9.90
CA SER A 12 4.42 22.33 -9.20
C SER A 12 3.37 22.56 -8.10
N GLY A 13 3.22 23.81 -7.69
CA GLY A 13 2.22 24.15 -6.70
C GLY A 13 2.69 23.91 -5.29
N LEU A 14 3.21 22.72 -5.05
CA LEU A 14 3.72 22.34 -3.74
C LEU A 14 5.02 21.55 -3.86
N VAL A 15 5.75 21.48 -2.75
CA VAL A 15 7.02 20.75 -2.69
C VAL A 15 7.15 20.12 -1.30
N PRO A 16 6.33 19.08 -1.03
CA PRO A 16 6.21 18.40 0.26
C PRO A 16 7.47 18.43 1.13
N ARG A 17 8.42 17.61 0.77
CA ARG A 17 9.70 17.53 1.47
C ARG A 17 10.85 17.51 0.45
N GLY A 18 10.64 18.19 -0.66
CA GLY A 18 11.60 18.16 -1.74
C GLY A 18 11.03 17.48 -2.96
N SER A 19 11.89 17.14 -3.91
CA SER A 19 11.49 16.47 -5.14
C SER A 19 10.52 17.34 -5.94
N HIS A 20 9.89 16.76 -6.94
CA HIS A 20 8.92 17.49 -7.76
C HIS A 20 7.57 16.81 -7.70
N MET A 21 7.27 16.26 -6.53
CA MET A 21 6.02 15.53 -6.32
C MET A 21 4.84 16.49 -6.32
N SER A 22 4.31 16.70 -7.51
CA SER A 22 3.14 17.54 -7.72
C SER A 22 2.03 16.68 -8.27
N GLY A 23 0.82 16.85 -7.74
CA GLY A 23 -0.20 15.86 -8.01
C GLY A 23 0.00 14.68 -7.11
N ASN A 24 0.43 15.00 -5.89
CA ASN A 24 0.84 14.05 -4.86
C ASN A 24 0.01 12.78 -4.90
N ALA A 25 0.62 11.76 -5.48
CA ALA A 25 -0.03 10.49 -5.66
C ALA A 25 -0.40 9.87 -4.32
N ASN A 26 0.39 10.20 -3.31
CA ASN A 26 0.24 9.71 -1.99
C ASN A 26 -1.12 10.03 -1.49
N THR A 27 -1.49 11.28 -1.66
CA THR A 27 -2.70 11.75 -1.09
C THR A 27 -3.89 11.36 -1.95
N ASP A 28 -3.80 11.62 -3.25
CA ASP A 28 -4.89 11.32 -4.14
C ASP A 28 -5.14 9.83 -4.20
N TYR A 29 -4.09 9.04 -4.11
CA TYR A 29 -4.27 7.60 -4.16
C TYR A 29 -4.77 7.08 -2.86
N ASN A 30 -4.12 7.46 -1.79
CA ASN A 30 -4.57 7.08 -0.47
C ASN A 30 -6.02 7.51 -0.32
N ALA A 31 -6.40 8.58 -1.04
CA ALA A 31 -7.78 9.03 -1.14
C ALA A 31 -8.59 8.16 -2.11
N ALA A 32 -7.93 7.52 -3.09
CA ALA A 32 -8.60 6.72 -4.09
C ALA A 32 -8.98 5.42 -3.46
N ILE A 33 -7.98 4.82 -2.90
CA ILE A 33 -8.12 3.60 -2.23
C ILE A 33 -8.72 3.84 -0.84
N ALA A 34 -8.63 5.06 -0.30
CA ALA A 34 -9.44 5.43 0.89
C ALA A 34 -10.90 5.10 0.66
N LEU A 35 -11.29 5.04 -0.59
CA LEU A 35 -12.60 4.59 -0.93
C LEU A 35 -12.74 3.14 -0.53
N VAL A 36 -11.71 2.34 -0.79
CA VAL A 36 -11.73 0.93 -0.48
C VAL A 36 -11.85 0.71 1.03
N GLN A 37 -11.24 1.60 1.81
CA GLN A 37 -11.34 1.52 3.25
C GLN A 37 -12.72 1.93 3.68
N ASP A 38 -13.34 2.80 2.89
CA ASP A 38 -14.67 3.25 3.18
C ASP A 38 -15.65 2.18 2.83
N LYS A 39 -16.44 1.82 3.82
CA LYS A 39 -17.34 0.71 3.71
C LYS A 39 -18.49 1.06 2.80
N SER A 40 -18.48 2.29 2.32
CA SER A 40 -19.46 2.72 1.37
C SER A 40 -18.81 2.98 0.02
N ARG A 41 -17.49 3.22 0.05
CA ARG A 41 -16.77 3.53 -1.17
C ARG A 41 -15.91 2.36 -1.63
N GLN A 42 -16.19 1.19 -1.10
CA GLN A 42 -15.38 0.00 -1.37
C GLN A 42 -15.25 -0.22 -2.88
N ASP A 43 -16.35 -0.03 -3.57
CA ASP A 43 -16.41 -0.16 -5.02
C ASP A 43 -15.81 1.06 -5.69
N ASP A 44 -16.00 2.22 -5.06
CA ASP A 44 -15.49 3.45 -5.60
C ASP A 44 -13.97 3.42 -5.63
N ALA A 45 -13.38 2.63 -4.75
CA ALA A 45 -11.95 2.43 -4.79
C ALA A 45 -11.56 1.56 -5.93
N MET A 46 -12.36 0.54 -6.17
CA MET A 46 -12.05 -0.40 -7.21
C MET A 46 -12.02 0.35 -8.51
N VAL A 47 -12.83 1.40 -8.58
CA VAL A 47 -12.87 2.24 -9.76
C VAL A 47 -11.79 3.32 -9.70
N ALA A 48 -11.65 3.93 -8.51
CA ALA A 48 -10.65 4.97 -8.27
C ALA A 48 -9.27 4.49 -8.59
N PHE A 49 -8.93 3.41 -7.93
CA PHE A 49 -7.56 2.94 -7.92
C PHE A 49 -7.20 2.33 -9.25
N GLN A 50 -8.19 1.72 -9.92
CA GLN A 50 -8.01 1.22 -11.27
C GLN A 50 -7.41 2.30 -12.13
N ASN A 51 -7.71 3.52 -11.76
CA ASN A 51 -7.16 4.66 -12.44
C ASN A 51 -5.73 4.85 -12.03
N PHE A 52 -5.44 4.49 -10.80
CA PHE A 52 -4.13 4.70 -10.22
C PHE A 52 -3.11 3.70 -10.68
N ILE A 53 -3.37 2.46 -10.37
CA ILE A 53 -2.38 1.42 -10.55
C ILE A 53 -2.11 1.14 -12.02
N LYS A 54 -3.11 1.36 -12.86
CA LYS A 54 -2.95 1.12 -14.28
C LYS A 54 -2.84 2.41 -15.09
N ASN A 55 -3.71 3.38 -14.80
CA ASN A 55 -3.81 4.57 -15.64
C ASN A 55 -3.14 5.79 -15.02
N TYR A 56 -2.20 5.55 -14.13
CA TYR A 56 -1.43 6.64 -13.53
C TYR A 56 0.01 6.22 -13.25
N PRO A 57 0.77 5.82 -14.28
CA PRO A 57 2.19 5.49 -14.14
C PRO A 57 2.97 6.72 -13.77
N ASP A 58 2.44 7.81 -14.27
CA ASP A 58 2.97 9.15 -14.01
C ASP A 58 2.91 9.50 -12.51
N SER A 59 2.06 8.81 -11.77
CA SER A 59 1.94 9.05 -10.36
C SER A 59 2.68 7.97 -9.60
N THR A 60 3.60 8.42 -8.75
CA THR A 60 4.51 7.57 -7.98
C THR A 60 3.85 6.31 -7.45
N TYR A 61 2.62 6.45 -7.02
CA TYR A 61 1.95 5.41 -6.28
C TYR A 61 1.06 4.53 -7.12
N LEU A 62 1.24 4.54 -8.43
CA LEU A 62 0.61 3.54 -9.27
C LEU A 62 0.77 2.12 -8.68
N PRO A 63 1.97 1.72 -8.16
CA PRO A 63 2.21 0.36 -7.72
C PRO A 63 1.54 0.11 -6.38
N ASN A 64 1.69 1.11 -5.56
CA ASN A 64 1.26 1.16 -4.17
C ASN A 64 -0.22 1.32 -4.07
N ALA A 65 -0.83 1.94 -5.05
CA ALA A 65 -2.24 2.17 -4.95
C ALA A 65 -2.97 0.85 -4.85
N ASN A 66 -2.40 -0.15 -5.50
CA ASN A 66 -2.92 -1.51 -5.46
C ASN A 66 -2.73 -2.10 -4.05
N TYR A 67 -1.75 -1.57 -3.32
CA TYR A 67 -1.36 -2.12 -2.02
C TYR A 67 -2.34 -1.77 -0.96
N TRP A 68 -2.83 -0.55 -1.05
CA TRP A 68 -3.87 -0.08 -0.18
C TRP A 68 -5.01 -1.08 -0.33
N LEU A 69 -5.09 -1.66 -1.52
CA LEU A 69 -6.08 -2.70 -1.78
C LEU A 69 -5.65 -4.00 -1.09
N GLY A 70 -4.34 -4.31 -1.11
CA GLY A 70 -3.85 -5.50 -0.45
C GLY A 70 -4.00 -5.44 1.06
N GLN A 71 -3.75 -4.27 1.61
CA GLN A 71 -3.78 -4.06 3.03
C GLN A 71 -5.22 -3.98 3.52
N LEU A 72 -5.99 -3.08 2.90
CA LEU A 72 -7.36 -2.82 3.36
C LEU A 72 -8.21 -4.06 3.19
N ASN A 73 -8.22 -4.63 1.99
CA ASN A 73 -9.15 -5.68 1.70
C ASN A 73 -8.95 -6.83 2.68
N TYR A 74 -7.71 -7.04 3.11
CA TYR A 74 -7.47 -8.05 4.09
C TYR A 74 -8.20 -7.68 5.36
N ASN A 75 -7.92 -6.51 5.92
CA ASN A 75 -8.50 -6.10 7.19
C ASN A 75 -9.96 -5.74 7.02
N LYS A 76 -10.44 -5.94 5.82
CA LYS A 76 -11.86 -5.84 5.52
C LYS A 76 -12.50 -7.19 5.85
N GLY A 77 -11.64 -8.19 5.96
CA GLY A 77 -12.06 -9.55 6.28
C GLY A 77 -11.94 -10.46 5.10
N LYS A 78 -11.09 -10.05 4.19
CA LYS A 78 -10.65 -10.91 3.13
C LYS A 78 -9.24 -11.30 3.43
N LYS A 79 -9.10 -11.75 4.63
CA LYS A 79 -7.87 -12.29 5.13
C LYS A 79 -7.34 -13.38 4.20
N ASP A 80 -8.23 -13.89 3.34
CA ASP A 80 -7.82 -14.70 2.19
C ASP A 80 -7.53 -13.84 0.96
N ASP A 81 -8.55 -13.11 0.50
CA ASP A 81 -8.51 -12.42 -0.79
C ASP A 81 -7.39 -11.38 -0.88
N ALA A 82 -7.36 -10.39 0.00
CA ALA A 82 -6.32 -9.38 -0.07
C ALA A 82 -4.98 -9.93 0.35
N ALA A 83 -4.97 -10.99 1.13
CA ALA A 83 -3.74 -11.68 1.42
C ALA A 83 -3.03 -12.00 0.10
N TYR A 84 -3.81 -12.36 -0.90
CA TYR A 84 -3.33 -12.53 -2.25
C TYR A 84 -3.19 -11.18 -2.97
N TYR A 85 -4.03 -10.19 -2.62
CA TYR A 85 -3.90 -8.85 -3.19
C TYR A 85 -2.50 -8.33 -2.99
N PHE A 86 -2.04 -8.36 -1.75
CA PHE A 86 -0.65 -8.02 -1.46
C PHE A 86 0.27 -8.85 -2.32
N ALA A 87 0.03 -10.15 -2.35
CA ALA A 87 0.82 -11.06 -3.18
C ALA A 87 0.90 -10.56 -4.61
N SER A 88 -0.20 -9.99 -5.09
CA SER A 88 -0.24 -9.41 -6.42
C SER A 88 0.55 -8.09 -6.51
N VAL A 89 0.39 -7.20 -5.52
CA VAL A 89 1.02 -5.88 -5.58
C VAL A 89 2.52 -6.00 -5.33
N VAL A 90 2.89 -6.72 -4.27
CA VAL A 90 4.30 -7.03 -3.98
C VAL A 90 4.98 -7.64 -5.21
N LYS A 91 4.27 -8.56 -5.83
CA LYS A 91 4.74 -9.26 -7.03
C LYS A 91 4.85 -8.32 -8.23
N ASN A 92 3.71 -7.79 -8.66
CA ASN A 92 3.64 -6.99 -9.86
C ASN A 92 4.37 -5.68 -9.70
N TYR A 93 4.33 -5.15 -8.50
CA TYR A 93 4.89 -3.86 -8.23
C TYR A 93 6.12 -3.94 -7.37
N PRO A 94 7.25 -4.00 -8.05
CA PRO A 94 8.57 -4.13 -7.44
C PRO A 94 9.03 -2.78 -6.90
N LYS A 95 8.44 -1.73 -7.46
CA LYS A 95 8.83 -0.36 -7.15
C LYS A 95 8.02 0.14 -5.97
N SER A 96 6.93 -0.56 -5.74
CA SER A 96 6.01 -0.23 -4.67
C SER A 96 6.72 -0.24 -3.32
N PRO A 97 6.38 0.70 -2.42
CA PRO A 97 6.88 0.70 -1.04
C PRO A 97 6.13 -0.35 -0.25
N LYS A 98 5.18 -0.95 -0.92
CA LYS A 98 4.21 -1.82 -0.34
C LYS A 98 4.75 -3.21 -0.17
N ALA A 99 5.67 -3.58 -1.02
CA ALA A 99 6.24 -4.89 -0.96
C ALA A 99 6.78 -5.13 0.42
N ALA A 100 7.15 -4.04 1.06
CA ALA A 100 7.47 -4.02 2.49
C ALA A 100 6.20 -3.93 3.33
N ASP A 101 5.38 -2.94 3.03
CA ASP A 101 4.25 -2.56 3.86
C ASP A 101 3.29 -3.72 4.05
N ALA A 102 2.82 -4.28 2.96
CA ALA A 102 1.92 -5.41 3.03
C ALA A 102 2.68 -6.68 3.34
N MET A 103 3.98 -6.66 3.14
CA MET A 103 4.80 -7.73 3.68
C MET A 103 4.65 -7.70 5.18
N PHE A 104 4.65 -6.50 5.71
CA PHE A 104 4.44 -6.27 7.11
C PHE A 104 2.98 -6.53 7.53
N LYS A 105 2.04 -5.81 6.89
CA LYS A 105 0.63 -5.83 7.28
C LYS A 105 -0.09 -7.08 6.85
N VAL A 106 0.18 -7.57 5.65
CA VAL A 106 -0.35 -8.84 5.25
C VAL A 106 0.54 -9.90 5.88
N GLY A 107 1.74 -9.46 6.24
CA GLY A 107 2.58 -10.17 7.18
C GLY A 107 1.91 -10.31 8.53
N VAL A 108 0.94 -9.45 8.77
CA VAL A 108 0.13 -9.46 10.00
C VAL A 108 -0.98 -10.51 10.00
N ILE A 109 -1.69 -10.65 8.88
CA ILE A 109 -2.86 -11.52 8.82
C ILE A 109 -2.50 -12.97 9.13
N MET A 110 -1.26 -13.34 8.89
CA MET A 110 -0.80 -14.71 9.08
C MET A 110 -1.15 -15.28 10.45
N GLN A 111 -0.80 -14.55 11.48
CA GLN A 111 -1.06 -14.91 12.85
C GLN A 111 -2.53 -15.07 13.08
N ASP A 112 -3.28 -14.21 12.43
CA ASP A 112 -4.72 -14.34 12.39
C ASP A 112 -5.11 -15.75 11.91
N LYS A 113 -4.39 -16.26 10.91
CA LYS A 113 -4.53 -17.65 10.49
C LYS A 113 -3.84 -18.60 11.47
N GLY A 114 -2.76 -18.09 12.06
CA GLY A 114 -1.93 -18.89 12.93
C GLY A 114 -0.54 -19.13 12.36
N ASP A 115 0.06 -18.12 11.72
CA ASP A 115 1.48 -18.20 11.36
C ASP A 115 2.28 -17.16 12.08
N THR A 116 1.81 -16.71 13.20
CA THR A 116 2.63 -15.92 14.07
C THR A 116 3.90 -16.68 14.45
N ALA A 117 3.89 -17.96 14.19
CA ALA A 117 5.09 -18.75 14.28
C ALA A 117 5.96 -18.58 13.04
N LYS A 118 5.39 -18.86 11.88
CA LYS A 118 6.15 -18.92 10.63
C LYS A 118 6.29 -17.56 10.02
N ALA A 119 5.15 -16.97 9.80
CA ALA A 119 5.03 -15.73 9.10
C ALA A 119 5.51 -14.56 9.94
N LYS A 120 5.61 -14.73 11.24
CA LYS A 120 6.26 -13.71 12.05
C LYS A 120 7.65 -13.44 11.51
N ALA A 121 8.20 -14.47 10.91
CA ALA A 121 9.49 -14.38 10.23
C ALA A 121 9.42 -13.39 9.06
N VAL A 122 8.27 -13.39 8.39
CA VAL A 122 7.95 -12.42 7.34
C VAL A 122 8.38 -11.03 7.73
N TYR A 123 7.99 -10.62 8.92
CA TYR A 123 8.43 -9.33 9.44
C TYR A 123 9.93 -9.23 9.38
N GLN A 124 10.59 -10.21 9.99
CA GLN A 124 12.05 -10.19 10.15
C GLN A 124 12.70 -10.03 8.79
N GLN A 125 11.98 -10.53 7.81
CA GLN A 125 12.36 -10.40 6.44
C GLN A 125 12.25 -8.97 5.98
N VAL A 126 11.07 -8.34 6.06
CA VAL A 126 10.95 -6.96 5.63
C VAL A 126 12.00 -6.09 6.26
N ILE A 127 12.19 -6.23 7.56
CA ILE A 127 13.16 -5.45 8.30
C ILE A 127 14.54 -5.48 7.61
N SER A 128 14.88 -6.62 7.04
CA SER A 128 16.21 -6.82 6.49
C SER A 128 16.18 -6.88 4.95
N LYS A 129 15.05 -7.31 4.41
CA LYS A 129 14.89 -7.58 2.99
C LYS A 129 14.36 -6.33 2.31
N TYR A 130 13.42 -5.71 2.99
CA TYR A 130 12.82 -4.46 2.60
C TYR A 130 13.26 -3.29 3.47
N PRO A 131 14.57 -3.19 3.84
CA PRO A 131 14.99 -2.38 4.98
C PRO A 131 14.69 -0.91 4.80
N GLY A 132 14.05 -0.35 5.80
CA GLY A 132 13.79 1.06 5.82
C GLY A 132 12.69 1.48 4.91
N THR A 133 11.82 0.56 4.58
CA THR A 133 10.65 0.87 3.79
C THR A 133 9.45 0.72 4.70
N ASP A 134 8.28 1.19 4.29
CA ASP A 134 7.09 1.24 5.16
C ASP A 134 6.93 -0.03 5.98
N GLY A 135 7.09 -1.15 5.32
CA GLY A 135 6.98 -2.44 5.96
C GLY A 135 8.10 -2.72 6.91
N ALA A 136 9.35 -2.56 6.46
CA ALA A 136 10.50 -2.86 7.31
C ALA A 136 10.49 -1.94 8.50
N LYS A 137 9.91 -0.78 8.27
CA LYS A 137 9.81 0.27 9.25
C LYS A 137 8.83 -0.12 10.34
N GLN A 138 7.62 -0.44 9.92
CA GLN A 138 6.57 -0.80 10.86
C GLN A 138 6.72 -2.23 11.37
N ALA A 139 7.34 -3.11 10.58
CA ALA A 139 7.49 -4.51 10.97
C ALA A 139 8.55 -4.64 12.04
N GLN A 140 9.46 -3.68 12.06
CA GLN A 140 10.51 -3.60 13.07
C GLN A 140 9.97 -3.70 14.49
N LYS A 141 8.80 -3.12 14.73
CA LYS A 141 8.17 -3.25 16.04
C LYS A 141 7.72 -4.68 16.27
N ARG A 142 7.18 -5.30 15.24
CA ARG A 142 6.67 -6.65 15.34
C ARG A 142 7.80 -7.62 15.56
N LEU A 143 8.92 -7.29 14.95
CA LEU A 143 10.14 -8.09 15.08
C LEU A 143 10.59 -8.16 16.54
N ASN A 144 10.47 -7.05 17.25
CA ASN A 144 10.96 -6.97 18.63
C ASN A 144 9.82 -7.13 19.63
N ALA A 145 8.60 -6.81 19.21
CA ALA A 145 7.49 -6.70 20.13
C ALA A 145 6.37 -7.65 19.77
N MET A 146 5.68 -7.28 18.73
CA MET A 146 4.42 -7.87 18.37
C MET A 146 4.59 -9.06 17.45
N MET A 1 22.86 18.92 -9.11
CA MET A 1 23.15 19.22 -10.52
C MET A 1 21.86 19.52 -11.27
N GLY A 2 21.92 20.51 -12.15
CA GLY A 2 20.76 20.88 -12.93
C GLY A 2 20.53 19.91 -14.08
N SER A 3 19.60 19.00 -13.90
CA SER A 3 19.31 17.99 -14.91
C SER A 3 17.83 17.65 -14.90
N SER A 4 17.01 18.68 -14.73
CA SER A 4 15.56 18.52 -14.69
C SER A 4 15.00 18.27 -16.07
N HIS A 5 14.74 17.01 -16.39
CA HIS A 5 14.14 16.64 -17.67
C HIS A 5 12.65 16.92 -17.63
N HIS A 6 12.10 17.01 -16.42
CA HIS A 6 10.70 17.32 -16.22
C HIS A 6 10.50 18.82 -16.37
N HIS A 7 9.77 19.22 -17.41
CA HIS A 7 9.55 20.63 -17.71
C HIS A 7 8.79 21.33 -16.59
N HIS A 8 7.90 20.59 -15.93
CA HIS A 8 7.19 21.09 -14.75
C HIS A 8 6.50 22.42 -15.03
N HIS A 9 5.55 22.40 -15.95
CA HIS A 9 4.78 23.60 -16.29
C HIS A 9 3.44 23.58 -15.58
N HIS A 10 2.90 22.38 -15.39
CA HIS A 10 1.64 22.22 -14.67
C HIS A 10 1.89 22.30 -13.16
N SER A 11 2.16 23.49 -12.68
CA SER A 11 2.41 23.69 -11.26
C SER A 11 1.67 24.93 -10.76
N SER A 12 0.36 24.81 -10.63
CA SER A 12 -0.46 25.91 -10.17
C SER A 12 -0.62 25.86 -8.65
N GLY A 13 0.50 25.83 -7.95
CA GLY A 13 0.47 25.81 -6.50
C GLY A 13 0.23 24.42 -5.94
N LEU A 14 -0.89 23.83 -6.33
CA LEU A 14 -1.29 22.50 -5.87
C LEU A 14 -1.60 22.50 -4.37
N VAL A 15 -2.02 21.35 -3.86
CA VAL A 15 -2.29 21.22 -2.43
C VAL A 15 -1.00 21.15 -1.62
N PRO A 16 -0.09 20.19 -1.94
CA PRO A 16 1.21 20.03 -1.31
C PRO A 16 1.86 21.35 -0.90
N ARG A 17 1.96 21.58 0.39
CA ARG A 17 2.53 22.82 0.90
C ARG A 17 4.05 22.71 1.02
N GLY A 18 4.54 21.50 1.26
CA GLY A 18 5.96 21.30 1.50
C GLY A 18 6.76 21.26 0.21
N SER A 19 6.15 20.80 -0.85
CA SER A 19 6.82 20.70 -2.14
C SER A 19 5.87 21.11 -3.27
N HIS A 20 6.43 21.65 -4.34
CA HIS A 20 5.63 22.03 -5.50
C HIS A 20 5.38 20.81 -6.38
N MET A 21 4.84 19.78 -5.75
CA MET A 21 4.57 18.52 -6.41
C MET A 21 3.21 18.59 -7.11
N SER A 22 3.13 18.00 -8.28
CA SER A 22 1.93 18.09 -9.09
C SER A 22 1.50 16.70 -9.50
N GLY A 23 0.34 16.28 -9.01
CA GLY A 23 -0.11 14.93 -9.26
C GLY A 23 0.53 13.99 -8.29
N ASN A 24 0.79 14.51 -7.08
CA ASN A 24 1.31 13.70 -6.01
C ASN A 24 0.43 12.50 -5.77
N ALA A 25 0.87 11.38 -6.30
CA ALA A 25 0.08 10.17 -6.32
C ALA A 25 -0.25 9.72 -4.92
N ASN A 26 0.57 10.10 -3.97
CA ASN A 26 0.40 9.74 -2.58
C ASN A 26 -0.98 10.13 -2.17
N THR A 27 -1.36 11.34 -2.56
CA THR A 27 -2.63 11.83 -2.14
C THR A 27 -3.76 11.31 -3.01
N ASP A 28 -3.62 11.48 -4.32
CA ASP A 28 -4.72 11.17 -5.20
C ASP A 28 -4.93 9.67 -5.28
N TYR A 29 -3.85 8.89 -5.12
CA TYR A 29 -3.99 7.44 -5.16
C TYR A 29 -4.55 6.93 -3.87
N ASN A 30 -3.97 7.35 -2.77
CA ASN A 30 -4.50 6.99 -1.47
C ASN A 30 -5.95 7.39 -1.43
N ALA A 31 -6.30 8.42 -2.21
CA ALA A 31 -7.67 8.84 -2.41
C ALA A 31 -8.42 7.94 -3.41
N ALA A 32 -7.70 7.30 -4.33
CA ALA A 32 -8.31 6.45 -5.35
C ALA A 32 -8.75 5.19 -4.68
N ILE A 33 -7.78 4.61 -4.06
CA ILE A 33 -7.95 3.42 -3.33
C ILE A 33 -8.63 3.72 -1.99
N ALA A 34 -8.58 4.97 -1.53
CA ALA A 34 -9.44 5.37 -0.39
C ALA A 34 -10.88 4.97 -0.63
N LEU A 35 -11.24 4.81 -1.88
CA LEU A 35 -12.53 4.28 -2.23
C LEU A 35 -12.64 2.85 -1.73
N VAL A 36 -11.54 2.10 -1.87
CA VAL A 36 -11.51 0.72 -1.42
C VAL A 36 -11.77 0.64 0.08
N GLN A 37 -11.31 1.64 0.82
CA GLN A 37 -11.54 1.71 2.25
C GLN A 37 -12.98 2.10 2.51
N ASP A 38 -13.52 2.94 1.63
CA ASP A 38 -14.91 3.36 1.73
C ASP A 38 -15.77 2.14 1.63
N LYS A 39 -16.63 2.00 2.60
CA LYS A 39 -17.44 0.81 2.74
C LYS A 39 -18.38 0.68 1.55
N SER A 40 -18.55 1.78 0.85
CA SER A 40 -19.47 1.79 -0.27
C SER A 40 -18.76 2.07 -1.58
N ARG A 41 -17.44 2.13 -1.56
CA ARG A 41 -16.69 2.40 -2.78
C ARG A 41 -15.64 1.33 -3.03
N GLN A 42 -15.86 0.15 -2.49
CA GLN A 42 -14.89 -0.93 -2.64
C GLN A 42 -14.64 -1.18 -4.12
N ASP A 43 -15.71 -1.14 -4.89
CA ASP A 43 -15.65 -1.32 -6.34
C ASP A 43 -15.17 -0.05 -7.01
N ASP A 44 -15.47 1.09 -6.40
CA ASP A 44 -15.10 2.38 -6.97
C ASP A 44 -13.59 2.53 -6.89
N ALA A 45 -12.98 1.86 -5.92
CA ALA A 45 -11.54 1.80 -5.85
C ALA A 45 -11.00 0.92 -6.92
N MET A 46 -11.72 -0.16 -7.18
CA MET A 46 -11.27 -1.09 -8.17
C MET A 46 -11.21 -0.39 -9.50
N VAL A 47 -12.10 0.58 -9.66
CA VAL A 47 -12.14 1.36 -10.88
C VAL A 47 -11.15 2.53 -10.83
N ALA A 48 -11.10 3.19 -9.66
CA ALA A 48 -10.17 4.28 -9.42
C ALA A 48 -8.76 3.84 -9.67
N PHE A 49 -8.40 2.80 -8.95
CA PHE A 49 -7.04 2.37 -8.86
C PHE A 49 -6.62 1.71 -10.16
N GLN A 50 -7.58 1.10 -10.87
CA GLN A 50 -7.34 0.57 -12.21
C GLN A 50 -6.65 1.62 -13.05
N ASN A 51 -6.91 2.87 -12.72
CA ASN A 51 -6.29 3.96 -13.41
C ASN A 51 -4.85 4.10 -12.95
N PHE A 52 -4.64 3.76 -11.71
CA PHE A 52 -3.36 3.94 -11.07
C PHE A 52 -2.36 2.88 -11.43
N ILE A 53 -2.67 1.67 -11.05
CA ILE A 53 -1.73 0.58 -11.15
C ILE A 53 -1.48 0.18 -12.60
N LYS A 54 -2.46 0.47 -13.45
CA LYS A 54 -2.30 0.21 -14.87
C LYS A 54 -1.90 1.46 -15.65
N ASN A 55 -2.65 2.55 -15.48
CA ASN A 55 -2.52 3.68 -16.40
C ASN A 55 -1.76 4.88 -15.82
N TYR A 56 -1.18 4.70 -14.67
CA TYR A 56 -0.37 5.78 -14.07
C TYR A 56 1.04 5.30 -13.72
N PRO A 57 1.82 4.88 -14.72
CA PRO A 57 3.22 4.49 -14.52
C PRO A 57 4.08 5.68 -14.21
N ASP A 58 3.60 6.78 -14.72
CA ASP A 58 4.24 8.09 -14.57
C ASP A 58 4.53 8.41 -13.12
N SER A 59 3.58 8.14 -12.24
CA SER A 59 3.71 8.55 -10.86
C SER A 59 4.30 7.45 -9.98
N THR A 60 4.88 7.84 -8.86
CA THR A 60 5.53 6.90 -7.95
C THR A 60 4.63 5.71 -7.60
N TYR A 61 3.36 5.99 -7.30
CA TYR A 61 2.48 5.02 -6.68
C TYR A 61 1.72 4.16 -7.66
N LEU A 62 2.19 4.13 -8.89
CA LEU A 62 1.83 3.08 -9.83
C LEU A 62 1.65 1.73 -9.13
N PRO A 63 2.67 1.26 -8.35
CA PRO A 63 2.70 -0.07 -7.79
C PRO A 63 1.81 -0.18 -6.55
N ASN A 64 2.05 0.76 -5.68
CA ASN A 64 1.48 0.86 -4.35
C ASN A 64 0.01 1.07 -4.40
N ALA A 65 -0.48 1.59 -5.49
CA ALA A 65 -1.89 1.84 -5.53
C ALA A 65 -2.66 0.53 -5.39
N ASN A 66 -2.06 -0.53 -5.90
CA ASN A 66 -2.61 -1.88 -5.77
C ASN A 66 -2.50 -2.36 -4.31
N TYR A 67 -1.57 -1.76 -3.56
CA TYR A 67 -1.26 -2.20 -2.20
C TYR A 67 -2.32 -1.77 -1.23
N TRP A 68 -2.81 -0.57 -1.46
CA TRP A 68 -3.91 -0.05 -0.70
C TRP A 68 -5.04 -1.07 -0.83
N LEU A 69 -5.04 -1.75 -1.97
CA LEU A 69 -5.97 -2.86 -2.18
C LEU A 69 -5.54 -4.05 -1.34
N GLY A 70 -4.24 -4.36 -1.33
CA GLY A 70 -3.74 -5.49 -0.55
C GLY A 70 -4.00 -5.34 0.93
N GLN A 71 -3.80 -4.15 1.45
CA GLN A 71 -3.94 -3.90 2.87
C GLN A 71 -5.40 -3.80 3.26
N LEU A 72 -6.11 -2.91 2.57
CA LEU A 72 -7.49 -2.61 2.96
C LEU A 72 -8.40 -3.80 2.73
N ASN A 73 -8.23 -4.48 1.60
CA ASN A 73 -9.13 -5.55 1.24
C ASN A 73 -9.07 -6.61 2.32
N TYR A 74 -7.87 -6.85 2.82
CA TYR A 74 -7.68 -7.77 3.91
C TYR A 74 -8.36 -7.25 5.14
N ASN A 75 -8.07 -6.03 5.57
CA ASN A 75 -8.65 -5.47 6.78
C ASN A 75 -10.16 -5.29 6.64
N LYS A 76 -10.67 -5.63 5.47
CA LYS A 76 -12.12 -5.70 5.27
C LYS A 76 -12.66 -7.01 5.83
N GLY A 77 -11.76 -7.94 6.07
CA GLY A 77 -12.13 -9.28 6.49
C GLY A 77 -11.89 -10.25 5.37
N LYS A 78 -11.03 -9.84 4.47
CA LYS A 78 -10.58 -10.68 3.38
C LYS A 78 -9.16 -11.04 3.66
N LYS A 79 -9.03 -11.47 4.86
CA LYS A 79 -7.85 -12.05 5.42
C LYS A 79 -7.41 -13.20 4.51
N ASP A 80 -8.35 -13.64 3.68
CA ASP A 80 -8.08 -14.55 2.58
C ASP A 80 -7.72 -13.81 1.30
N ASP A 81 -8.66 -13.00 0.77
CA ASP A 81 -8.51 -12.44 -0.56
C ASP A 81 -7.36 -11.42 -0.69
N ALA A 82 -7.35 -10.36 0.10
CA ALA A 82 -6.24 -9.42 0.03
C ALA A 82 -4.92 -10.00 0.48
N ALA A 83 -4.98 -11.04 1.29
CA ALA A 83 -3.77 -11.75 1.65
C ALA A 83 -3.02 -12.12 0.37
N TYR A 84 -3.78 -12.49 -0.65
CA TYR A 84 -3.25 -12.69 -1.98
C TYR A 84 -3.07 -11.35 -2.72
N TYR A 85 -3.95 -10.36 -2.45
CA TYR A 85 -3.81 -9.03 -3.06
C TYR A 85 -2.41 -8.50 -2.86
N PHE A 86 -1.98 -8.43 -1.59
CA PHE A 86 -0.63 -8.06 -1.29
C PHE A 86 0.34 -8.95 -2.05
N ALA A 87 0.10 -10.24 -2.00
CA ALA A 87 0.93 -11.21 -2.71
C ALA A 87 1.07 -10.83 -4.18
N SER A 88 0.02 -10.25 -4.75
CA SER A 88 0.05 -9.74 -6.11
C SER A 88 0.88 -8.46 -6.22
N VAL A 89 0.70 -7.51 -5.30
CA VAL A 89 1.34 -6.21 -5.40
C VAL A 89 2.82 -6.34 -5.11
N VAL A 90 3.13 -6.95 -3.96
CA VAL A 90 4.53 -7.27 -3.59
C VAL A 90 5.25 -7.98 -4.74
N LYS A 91 4.57 -8.96 -5.29
CA LYS A 91 5.08 -9.73 -6.42
C LYS A 91 5.33 -8.87 -7.64
N ASN A 92 4.26 -8.28 -8.16
CA ASN A 92 4.33 -7.54 -9.40
C ASN A 92 5.13 -6.28 -9.23
N TYR A 93 5.03 -5.69 -8.07
CA TYR A 93 5.64 -4.41 -7.80
C TYR A 93 6.80 -4.49 -6.87
N PRO A 94 7.99 -4.54 -7.48
CA PRO A 94 9.26 -4.59 -6.79
C PRO A 94 9.71 -3.20 -6.36
N LYS A 95 9.02 -2.23 -6.91
CA LYS A 95 9.35 -0.82 -6.79
C LYS A 95 8.40 -0.13 -5.85
N SER A 96 7.49 -0.91 -5.32
CA SER A 96 6.51 -0.42 -4.37
C SER A 96 7.14 -0.25 -2.99
N PRO A 97 6.59 0.65 -2.16
CA PRO A 97 6.93 0.70 -0.74
C PRO A 97 6.12 -0.37 -0.02
N LYS A 98 5.24 -0.97 -0.78
CA LYS A 98 4.24 -1.86 -0.27
C LYS A 98 4.78 -3.25 -0.07
N ALA A 99 5.68 -3.64 -0.93
CA ALA A 99 6.29 -4.94 -0.84
C ALA A 99 6.78 -5.14 0.57
N ALA A 100 7.13 -4.03 1.21
CA ALA A 100 7.39 -3.99 2.62
C ALA A 100 6.11 -3.87 3.44
N ASP A 101 5.32 -2.84 3.12
CA ASP A 101 4.17 -2.43 3.93
C ASP A 101 3.21 -3.57 4.16
N ALA A 102 2.73 -4.16 3.07
CA ALA A 102 1.81 -5.27 3.17
C ALA A 102 2.55 -6.53 3.51
N MET A 103 3.86 -6.54 3.33
CA MET A 103 4.66 -7.63 3.87
C MET A 103 4.57 -7.60 5.37
N PHE A 104 4.55 -6.40 5.89
CA PHE A 104 4.37 -6.18 7.31
C PHE A 104 2.91 -6.43 7.72
N LYS A 105 1.98 -5.70 7.11
CA LYS A 105 0.58 -5.68 7.54
C LYS A 105 -0.19 -6.90 7.09
N VAL A 106 0.06 -7.38 5.89
CA VAL A 106 -0.49 -8.65 5.49
C VAL A 106 0.40 -9.72 6.11
N GLY A 107 1.62 -9.29 6.43
CA GLY A 107 2.49 -10.00 7.33
C GLY A 107 1.86 -10.18 8.68
N VAL A 108 0.89 -9.34 8.98
CA VAL A 108 0.09 -9.39 10.21
C VAL A 108 -1.00 -10.46 10.19
N ILE A 109 -1.76 -10.53 9.09
CA ILE A 109 -2.93 -11.39 9.05
C ILE A 109 -2.56 -12.85 9.27
N MET A 110 -1.34 -13.20 8.94
CA MET A 110 -0.88 -14.58 9.04
C MET A 110 -1.17 -15.23 10.38
N GLN A 111 -0.83 -14.55 11.44
CA GLN A 111 -0.99 -15.03 12.78
C GLN A 111 -2.46 -15.12 13.11
N ASP A 112 -3.24 -14.27 12.47
CA ASP A 112 -4.69 -14.41 12.52
C ASP A 112 -5.07 -15.83 12.07
N LYS A 113 -4.41 -16.30 11.00
CA LYS A 113 -4.55 -17.66 10.54
C LYS A 113 -3.76 -18.62 11.44
N GLY A 114 -2.68 -18.11 11.99
CA GLY A 114 -1.80 -18.89 12.83
C GLY A 114 -0.42 -19.10 12.23
N ASP A 115 0.11 -18.11 11.50
CA ASP A 115 1.52 -18.18 11.07
C ASP A 115 2.36 -17.21 11.83
N THR A 116 1.92 -16.85 12.99
CA THR A 116 2.74 -16.09 13.89
C THR A 116 4.09 -16.78 14.08
N ALA A 117 4.11 -18.06 13.83
CA ALA A 117 5.34 -18.81 13.84
C ALA A 117 6.14 -18.60 12.56
N LYS A 118 5.49 -18.87 11.44
CA LYS A 118 6.15 -18.89 10.13
C LYS A 118 6.23 -17.50 9.56
N ALA A 119 5.07 -16.90 9.45
CA ALA A 119 4.93 -15.63 8.79
C ALA A 119 5.45 -14.48 9.62
N LYS A 120 5.57 -14.64 10.94
CA LYS A 120 6.23 -13.61 11.73
C LYS A 120 7.59 -13.34 11.17
N ALA A 121 8.14 -14.37 10.58
CA ALA A 121 9.41 -14.29 9.86
C ALA A 121 9.34 -13.26 8.74
N VAL A 122 8.21 -13.21 8.01
CA VAL A 122 8.03 -12.20 6.96
C VAL A 122 8.38 -10.83 7.47
N TYR A 123 8.00 -10.52 8.71
CA TYR A 123 8.39 -9.26 9.32
C TYR A 123 9.88 -9.12 9.29
N GLN A 124 10.55 -10.11 9.87
CA GLN A 124 11.99 -10.10 10.05
C GLN A 124 12.65 -9.88 8.70
N GLN A 125 11.97 -10.41 7.72
CA GLN A 125 12.39 -10.34 6.35
C GLN A 125 12.17 -8.96 5.78
N VAL A 126 11.02 -8.34 6.00
CA VAL A 126 10.88 -6.96 5.58
C VAL A 126 11.98 -6.12 6.16
N ILE A 127 12.22 -6.28 7.44
CA ILE A 127 13.25 -5.52 8.13
C ILE A 127 14.59 -5.63 7.42
N SER A 128 14.87 -6.80 6.84
CA SER A 128 16.19 -7.07 6.32
C SER A 128 16.20 -7.09 4.79
N LYS A 129 15.05 -7.39 4.20
CA LYS A 129 14.93 -7.57 2.78
C LYS A 129 14.34 -6.34 2.13
N TYR A 130 13.35 -5.80 2.82
CA TYR A 130 12.68 -4.57 2.44
C TYR A 130 13.06 -3.39 3.32
N PRO A 131 14.36 -3.20 3.64
CA PRO A 131 14.76 -2.39 4.80
C PRO A 131 14.45 -0.92 4.63
N GLY A 132 14.00 -0.34 5.73
CA GLY A 132 13.76 1.07 5.78
C GLY A 132 12.60 1.51 4.92
N THR A 133 11.70 0.57 4.65
CA THR A 133 10.52 0.88 3.89
C THR A 133 9.34 0.73 4.84
N ASP A 134 8.16 1.20 4.45
CA ASP A 134 6.98 1.23 5.35
C ASP A 134 6.86 -0.04 6.18
N GLY A 135 7.02 -1.15 5.50
CA GLY A 135 6.93 -2.46 6.13
C GLY A 135 8.11 -2.77 7.01
N ALA A 136 9.32 -2.56 6.51
CA ALA A 136 10.53 -2.88 7.28
C ALA A 136 10.57 -2.00 8.51
N LYS A 137 9.92 -0.86 8.36
CA LYS A 137 9.81 0.15 9.38
C LYS A 137 8.83 -0.29 10.45
N GLN A 138 7.61 -0.56 10.04
CA GLN A 138 6.56 -0.96 10.96
C GLN A 138 6.75 -2.39 11.47
N ALA A 139 7.42 -3.24 10.70
CA ALA A 139 7.55 -4.64 11.07
C ALA A 139 8.61 -4.79 12.15
N GLN A 140 9.53 -3.83 12.19
CA GLN A 140 10.54 -3.75 13.24
C GLN A 140 9.91 -3.77 14.63
N LYS A 141 8.77 -3.10 14.76
CA LYS A 141 8.06 -3.10 16.02
C LYS A 141 7.58 -4.50 16.36
N ARG A 142 7.12 -5.24 15.37
CA ARG A 142 6.62 -6.58 15.58
C ARG A 142 7.74 -7.50 16.00
N LEU A 143 8.92 -7.16 15.55
CA LEU A 143 10.13 -7.86 15.95
C LEU A 143 10.44 -7.61 17.43
N ASN A 144 10.23 -6.39 17.88
CA ASN A 144 10.66 -5.97 19.21
C ASN A 144 9.51 -5.99 20.22
N ALA A 145 8.28 -5.94 19.71
CA ALA A 145 7.12 -5.78 20.54
C ALA A 145 6.34 -7.07 20.63
N MET A 146 5.74 -7.43 19.52
CA MET A 146 4.81 -8.52 19.48
C MET A 146 5.36 -9.70 18.66
N MET A 1 11.16 8.27 -26.26
CA MET A 1 9.82 7.99 -26.81
C MET A 1 9.59 6.48 -26.86
N GLY A 2 8.43 6.05 -26.39
CA GLY A 2 8.13 4.63 -26.33
C GLY A 2 7.79 4.18 -24.93
N SER A 3 7.50 5.15 -24.07
CA SER A 3 7.12 4.89 -22.69
C SER A 3 5.85 4.05 -22.64
N SER A 4 5.96 2.85 -22.06
CA SER A 4 4.82 1.96 -21.93
C SER A 4 3.67 2.63 -21.19
N HIS A 5 2.47 2.41 -21.71
CA HIS A 5 1.25 2.96 -21.13
C HIS A 5 1.19 4.48 -21.34
N HIS A 6 1.49 4.89 -22.57
CA HIS A 6 1.44 6.30 -22.98
C HIS A 6 2.59 7.11 -22.38
N HIS A 7 2.62 7.22 -21.07
CA HIS A 7 3.65 7.98 -20.38
C HIS A 7 4.17 7.21 -19.18
N HIS A 8 5.41 7.48 -18.82
CA HIS A 8 6.04 6.83 -17.68
C HIS A 8 6.08 7.75 -16.48
N HIS A 9 6.33 7.18 -15.33
CA HIS A 9 6.39 7.92 -14.08
C HIS A 9 7.78 7.78 -13.46
N HIS A 10 8.22 8.79 -12.73
CA HIS A 10 9.54 8.77 -12.14
C HIS A 10 9.61 9.71 -10.94
N SER A 11 10.58 9.46 -10.07
CA SER A 11 10.79 10.26 -8.86
C SER A 11 9.60 10.10 -7.91
N SER A 12 8.69 11.08 -7.92
CA SER A 12 7.52 11.08 -7.03
C SER A 12 7.94 11.03 -5.56
N GLY A 13 6.96 10.87 -4.67
CA GLY A 13 7.27 10.74 -3.25
C GLY A 13 7.11 12.05 -2.50
N LEU A 14 6.62 13.06 -3.20
CA LEU A 14 6.36 14.37 -2.63
C LEU A 14 7.60 14.99 -2.01
N VAL A 15 8.52 15.44 -2.86
CA VAL A 15 9.67 16.20 -2.40
C VAL A 15 9.79 17.51 -3.19
N PRO A 16 8.73 18.36 -3.18
CA PRO A 16 8.68 19.64 -3.86
C PRO A 16 10.02 20.37 -3.99
N ARG A 17 10.58 20.32 -5.18
CA ARG A 17 11.79 21.05 -5.50
C ARG A 17 11.54 21.91 -6.73
N GLY A 18 10.31 22.40 -6.82
CA GLY A 18 9.88 23.14 -7.99
C GLY A 18 8.53 22.65 -8.48
N SER A 19 8.17 23.03 -9.70
CA SER A 19 6.91 22.58 -10.27
C SER A 19 7.04 21.15 -10.79
N HIS A 20 6.74 20.17 -9.93
CA HIS A 20 6.83 18.77 -10.32
C HIS A 20 5.90 17.90 -9.46
N MET A 21 5.91 18.13 -8.16
CA MET A 21 5.11 17.32 -7.24
C MET A 21 3.89 18.07 -6.75
N SER A 22 2.85 18.07 -7.55
CA SER A 22 1.58 18.66 -7.18
C SER A 22 0.48 17.64 -7.40
N GLY A 23 -0.13 17.18 -6.33
CA GLY A 23 -1.11 16.13 -6.44
C GLY A 23 -0.47 14.77 -6.29
N ASN A 24 0.58 14.71 -5.47
CA ASN A 24 1.36 13.49 -5.21
C ASN A 24 0.48 12.27 -5.18
N ALA A 25 0.85 11.33 -6.04
CA ALA A 25 0.13 10.08 -6.21
C ALA A 25 -0.09 9.40 -4.87
N ASN A 26 0.77 9.69 -3.90
CA ASN A 26 0.69 9.08 -2.60
C ASN A 26 -0.61 9.49 -1.97
N THR A 27 -0.84 10.79 -2.03
CA THR A 27 -1.97 11.34 -1.34
C THR A 27 -3.24 11.18 -2.15
N ASP A 28 -3.15 11.38 -3.44
CA ASP A 28 -4.28 11.24 -4.31
C ASP A 28 -4.76 9.80 -4.33
N TYR A 29 -3.81 8.88 -4.29
CA TYR A 29 -4.15 7.46 -4.29
C TYR A 29 -4.62 7.03 -2.93
N ASN A 30 -3.87 7.39 -1.91
CA ASN A 30 -4.30 7.14 -0.55
C ASN A 30 -5.70 7.71 -0.37
N ALA A 31 -6.00 8.76 -1.14
CA ALA A 31 -7.34 9.34 -1.23
C ALA A 31 -8.28 8.49 -2.10
N ALA A 32 -7.72 7.74 -3.05
CA ALA A 32 -8.52 6.95 -3.97
C ALA A 32 -8.99 5.72 -3.25
N ILE A 33 -8.00 5.05 -2.74
CA ILE A 33 -8.18 3.88 -1.99
C ILE A 33 -8.68 4.23 -0.58
N ALA A 34 -8.48 5.46 -0.13
CA ALA A 34 -9.19 5.93 1.09
C ALA A 34 -10.68 5.64 1.00
N LEU A 35 -11.17 5.52 -0.22
CA LEU A 35 -12.53 5.11 -0.42
C LEU A 35 -12.69 3.68 0.03
N VAL A 36 -11.68 2.85 -0.22
CA VAL A 36 -11.71 1.46 0.18
C VAL A 36 -11.78 1.36 1.69
N GLN A 37 -11.11 2.26 2.39
CA GLN A 37 -11.17 2.28 3.85
C GLN A 37 -12.53 2.75 4.29
N ASP A 38 -13.14 3.58 3.46
CA ASP A 38 -14.46 4.08 3.74
C ASP A 38 -15.45 2.96 3.57
N LYS A 39 -16.17 2.70 4.63
CA LYS A 39 -17.07 1.59 4.68
C LYS A 39 -18.29 1.87 3.83
N SER A 40 -18.33 3.08 3.30
CA SER A 40 -19.41 3.47 2.42
C SER A 40 -18.91 3.66 1.00
N ARG A 41 -17.60 3.53 0.81
CA ARG A 41 -17.00 3.77 -0.49
C ARG A 41 -16.09 2.64 -0.90
N GLN A 42 -16.24 1.48 -0.28
CA GLN A 42 -15.36 0.35 -0.57
C GLN A 42 -15.35 0.06 -2.08
N ASP A 43 -16.50 0.27 -2.70
CA ASP A 43 -16.66 0.07 -4.13
C ASP A 43 -16.09 1.25 -4.89
N ASP A 44 -16.24 2.43 -4.33
CA ASP A 44 -15.75 3.65 -4.95
C ASP A 44 -14.24 3.62 -5.00
N ALA A 45 -13.63 2.88 -4.10
CA ALA A 45 -12.19 2.68 -4.17
C ALA A 45 -11.84 1.81 -5.31
N MET A 46 -12.66 0.81 -5.55
CA MET A 46 -12.38 -0.10 -6.63
C MET A 46 -12.40 0.67 -7.92
N VAL A 47 -13.23 1.69 -7.97
CA VAL A 47 -13.35 2.52 -9.15
C VAL A 47 -12.28 3.61 -9.17
N ALA A 48 -12.04 4.19 -8.00
CA ALA A 48 -11.01 5.20 -7.81
C ALA A 48 -9.67 4.65 -8.21
N PHE A 49 -9.33 3.57 -7.53
CA PHE A 49 -8.00 3.04 -7.59
C PHE A 49 -7.75 2.39 -8.94
N GLN A 50 -8.82 1.89 -9.57
CA GLN A 50 -8.74 1.42 -10.96
C GLN A 50 -8.03 2.46 -11.81
N ASN A 51 -8.16 3.71 -11.39
CA ASN A 51 -7.53 4.80 -12.09
C ASN A 51 -6.05 4.85 -11.73
N PHE A 52 -5.75 4.34 -10.58
CA PHE A 52 -4.41 4.33 -10.09
C PHE A 52 -3.58 3.19 -10.61
N ILE A 53 -4.01 2.00 -10.30
CA ILE A 53 -3.21 0.83 -10.57
C ILE A 53 -3.22 0.44 -12.05
N LYS A 54 -4.29 0.78 -12.75
CA LYS A 54 -4.38 0.50 -14.19
C LYS A 54 -4.22 1.75 -15.06
N ASN A 55 -4.67 2.89 -14.54
CA ASN A 55 -4.64 4.16 -15.27
C ASN A 55 -3.44 5.01 -14.81
N TYR A 56 -2.34 4.33 -14.52
CA TYR A 56 -1.16 4.91 -13.85
C TYR A 56 -0.05 5.57 -14.73
N PRO A 57 -0.29 6.28 -15.85
CA PRO A 57 0.82 6.91 -16.58
C PRO A 57 1.47 7.97 -15.71
N ASP A 58 0.62 8.55 -14.90
CA ASP A 58 1.01 9.62 -13.98
C ASP A 58 1.02 9.17 -12.51
N SER A 59 0.95 7.86 -12.27
CA SER A 59 0.85 7.35 -10.93
C SER A 59 1.94 6.31 -10.67
N THR A 60 3.06 6.77 -10.13
CA THR A 60 4.10 5.88 -9.66
C THR A 60 3.52 4.84 -8.72
N TYR A 61 2.54 5.28 -7.96
CA TYR A 61 1.93 4.48 -6.93
C TYR A 61 0.86 3.54 -7.45
N LEU A 62 0.88 3.27 -8.75
CA LEU A 62 0.06 2.20 -9.30
C LEU A 62 0.10 0.92 -8.45
N PRO A 63 1.27 0.49 -7.93
CA PRO A 63 1.38 -0.76 -7.19
C PRO A 63 0.75 -0.57 -5.85
N ASN A 64 1.08 0.58 -5.32
CA ASN A 64 0.76 0.95 -3.97
C ASN A 64 -0.70 1.18 -3.86
N ALA A 65 -1.29 1.66 -4.91
CA ALA A 65 -2.69 1.88 -4.84
C ALA A 65 -3.43 0.55 -4.72
N ASN A 66 -2.86 -0.47 -5.34
CA ASN A 66 -3.37 -1.83 -5.22
C ASN A 66 -3.07 -2.38 -3.82
N TYR A 67 -2.01 -1.85 -3.20
CA TYR A 67 -1.57 -2.26 -1.87
C TYR A 67 -2.53 -1.82 -0.80
N TRP A 68 -3.02 -0.63 -0.96
CA TRP A 68 -3.99 -0.07 -0.04
C TRP A 68 -5.19 -1.01 -0.09
N LEU A 69 -5.40 -1.54 -1.28
CA LEU A 69 -6.39 -2.60 -1.45
C LEU A 69 -5.86 -3.89 -0.83
N GLY A 70 -4.55 -4.16 -0.97
CA GLY A 70 -3.97 -5.35 -0.39
C GLY A 70 -4.13 -5.42 1.12
N GLN A 71 -3.98 -4.29 1.78
CA GLN A 71 -4.07 -4.24 3.21
C GLN A 71 -5.52 -4.23 3.67
N LEU A 72 -6.26 -3.23 3.20
CA LEU A 72 -7.58 -3.03 3.73
C LEU A 72 -8.55 -4.11 3.28
N ASN A 73 -8.39 -4.65 2.07
CA ASN A 73 -9.33 -5.66 1.62
C ASN A 73 -9.24 -6.81 2.58
N TYR A 74 -8.01 -7.17 2.96
CA TYR A 74 -7.81 -8.17 3.95
C TYR A 74 -8.53 -7.78 5.22
N ASN A 75 -8.28 -6.59 5.74
CA ASN A 75 -8.90 -6.12 6.98
C ASN A 75 -10.42 -6.00 6.82
N LYS A 76 -10.90 -6.25 5.63
CA LYS A 76 -12.34 -6.33 5.40
C LYS A 76 -12.86 -7.75 5.67
N GLY A 77 -11.94 -8.65 5.99
CA GLY A 77 -12.28 -10.03 6.22
C GLY A 77 -11.98 -10.84 4.99
N LYS A 78 -11.08 -10.28 4.19
CA LYS A 78 -10.57 -10.94 3.01
C LYS A 78 -9.17 -11.34 3.31
N LYS A 79 -9.06 -11.88 4.48
CA LYS A 79 -7.86 -12.45 5.02
C LYS A 79 -7.31 -13.48 4.03
N ASP A 80 -8.20 -13.90 3.13
CA ASP A 80 -7.84 -14.72 1.98
C ASP A 80 -7.46 -13.87 0.79
N ASP A 81 -8.43 -13.10 0.33
CA ASP A 81 -8.34 -12.40 -0.95
C ASP A 81 -7.23 -11.34 -0.99
N ALA A 82 -7.26 -10.35 -0.10
CA ALA A 82 -6.19 -9.36 -0.12
C ALA A 82 -4.87 -9.94 0.35
N ALA A 83 -4.91 -11.03 1.09
CA ALA A 83 -3.69 -11.74 1.42
C ALA A 83 -2.93 -12.03 0.13
N TYR A 84 -3.69 -12.36 -0.91
CA TYR A 84 -3.16 -12.52 -2.25
C TYR A 84 -2.94 -11.15 -2.92
N TYR A 85 -3.77 -10.16 -2.58
CA TYR A 85 -3.59 -8.80 -3.12
C TYR A 85 -2.18 -8.32 -2.87
N PHE A 86 -1.79 -8.36 -1.60
CA PHE A 86 -0.43 -8.05 -1.25
C PHE A 86 0.52 -8.89 -2.06
N ALA A 87 0.28 -10.19 -2.11
CA ALA A 87 1.10 -11.10 -2.89
C ALA A 87 1.26 -10.61 -4.32
N SER A 88 0.17 -10.08 -4.87
CA SER A 88 0.19 -9.54 -6.23
C SER A 88 1.07 -8.29 -6.33
N VAL A 89 0.90 -7.32 -5.43
CA VAL A 89 1.61 -6.05 -5.55
C VAL A 89 3.07 -6.21 -5.15
N VAL A 90 3.30 -6.77 -3.96
CA VAL A 90 4.67 -7.07 -3.49
C VAL A 90 5.50 -7.79 -4.57
N LYS A 91 4.88 -8.78 -5.18
CA LYS A 91 5.53 -9.58 -6.21
C LYS A 91 5.64 -8.85 -7.53
N ASN A 92 4.49 -8.46 -8.07
CA ASN A 92 4.43 -7.91 -9.42
C ASN A 92 5.14 -6.58 -9.50
N TYR A 93 4.94 -5.75 -8.49
CA TYR A 93 5.46 -4.41 -8.53
C TYR A 93 6.70 -4.25 -7.69
N PRO A 94 7.81 -4.08 -8.39
CA PRO A 94 9.12 -3.97 -7.79
C PRO A 94 9.39 -2.54 -7.36
N LYS A 95 8.54 -1.67 -7.87
CA LYS A 95 8.66 -0.24 -7.65
C LYS A 95 7.75 0.22 -6.52
N SER A 96 7.10 -0.74 -5.90
CA SER A 96 6.17 -0.46 -4.82
C SER A 96 6.91 -0.33 -3.49
N PRO A 97 6.47 0.61 -2.62
CA PRO A 97 6.96 0.68 -1.25
C PRO A 97 6.25 -0.36 -0.40
N LYS A 98 5.15 -0.81 -0.95
CA LYS A 98 4.21 -1.66 -0.26
C LYS A 98 4.72 -3.06 -0.14
N ALA A 99 5.65 -3.40 -1.00
CA ALA A 99 6.24 -4.71 -0.97
C ALA A 99 6.71 -5.00 0.43
N ALA A 100 7.13 -3.94 1.10
CA ALA A 100 7.41 -3.96 2.53
C ALA A 100 6.13 -3.84 3.35
N ASP A 101 5.35 -2.80 3.04
CA ASP A 101 4.20 -2.41 3.85
C ASP A 101 3.22 -3.56 4.04
N ALA A 102 2.78 -4.14 2.94
CA ALA A 102 1.86 -5.25 3.00
C ALA A 102 2.59 -6.52 3.35
N MET A 103 3.90 -6.54 3.15
CA MET A 103 4.69 -7.60 3.71
C MET A 103 4.57 -7.56 5.20
N PHE A 104 4.55 -6.35 5.71
CA PHE A 104 4.40 -6.12 7.13
C PHE A 104 2.96 -6.41 7.58
N LYS A 105 1.98 -5.66 7.04
CA LYS A 105 0.59 -5.73 7.53
C LYS A 105 -0.17 -6.94 7.03
N VAL A 106 0.09 -7.37 5.80
CA VAL A 106 -0.46 -8.63 5.36
C VAL A 106 0.41 -9.74 5.93
N GLY A 107 1.62 -9.32 6.26
CA GLY A 107 2.49 -10.07 7.14
C GLY A 107 1.87 -10.26 8.50
N VAL A 108 0.91 -9.41 8.82
CA VAL A 108 0.15 -9.47 10.06
C VAL A 108 -0.96 -10.52 10.09
N ILE A 109 -1.72 -10.64 8.99
CA ILE A 109 -2.90 -11.52 8.98
C ILE A 109 -2.50 -12.96 9.31
N MET A 110 -1.27 -13.31 9.03
CA MET A 110 -0.78 -14.66 9.25
C MET A 110 -1.08 -15.21 10.63
N GLN A 111 -0.70 -14.50 11.64
CA GLN A 111 -0.90 -14.91 13.00
C GLN A 111 -2.39 -14.93 13.30
N ASP A 112 -3.13 -14.09 12.61
CA ASP A 112 -4.58 -14.12 12.67
C ASP A 112 -5.09 -15.48 12.18
N LYS A 113 -4.47 -16.01 11.12
CA LYS A 113 -4.79 -17.34 10.63
C LYS A 113 -3.94 -18.43 11.32
N GLY A 114 -2.84 -18.02 11.95
CA GLY A 114 -2.02 -18.94 12.71
C GLY A 114 -0.62 -19.18 12.11
N ASP A 115 0.05 -18.12 11.64
CA ASP A 115 1.47 -18.24 11.28
C ASP A 115 2.33 -17.26 12.02
N THR A 116 1.89 -16.88 13.18
CA THR A 116 2.73 -16.11 14.08
C THR A 116 4.06 -16.82 14.30
N ALA A 117 4.07 -18.10 14.06
CA ALA A 117 5.30 -18.85 14.10
C ALA A 117 6.12 -18.64 12.83
N LYS A 118 5.48 -18.90 11.70
CA LYS A 118 6.19 -18.92 10.41
C LYS A 118 6.28 -17.55 9.84
N ALA A 119 5.13 -16.96 9.69
CA ALA A 119 4.98 -15.71 9.03
C ALA A 119 5.48 -14.54 9.85
N LYS A 120 5.62 -14.72 11.16
CA LYS A 120 6.28 -13.70 11.96
C LYS A 120 7.65 -13.40 11.37
N ALA A 121 8.19 -14.43 10.76
CA ALA A 121 9.47 -14.32 10.06
C ALA A 121 9.35 -13.35 8.89
N VAL A 122 8.17 -13.34 8.27
CA VAL A 122 7.82 -12.36 7.24
C VAL A 122 8.26 -10.97 7.63
N TYR A 123 7.90 -10.56 8.84
CA TYR A 123 8.33 -9.28 9.35
C TYR A 123 9.83 -9.16 9.27
N GLN A 124 10.51 -10.14 9.88
CA GLN A 124 11.97 -10.13 10.02
C GLN A 124 12.59 -9.96 8.66
N GLN A 125 11.88 -10.48 7.71
CA GLN A 125 12.26 -10.43 6.32
C GLN A 125 12.09 -9.04 5.75
N VAL A 126 10.95 -8.39 5.95
CA VAL A 126 10.84 -7.01 5.53
C VAL A 126 11.95 -6.20 6.13
N ILE A 127 12.16 -6.37 7.41
CA ILE A 127 13.19 -5.66 8.13
C ILE A 127 14.55 -5.80 7.45
N SER A 128 14.80 -6.95 6.84
CA SER A 128 16.11 -7.27 6.33
C SER A 128 16.15 -7.24 4.80
N LYS A 129 15.02 -7.54 4.19
CA LYS A 129 14.92 -7.69 2.76
C LYS A 129 14.39 -6.42 2.14
N TYR A 130 13.40 -5.87 2.82
CA TYR A 130 12.79 -4.61 2.45
C TYR A 130 13.21 -3.45 3.36
N PRO A 131 14.53 -3.30 3.65
CA PRO A 131 14.98 -2.53 4.81
C PRO A 131 14.68 -1.05 4.70
N GLY A 132 14.19 -0.50 5.80
CA GLY A 132 13.96 0.92 5.88
C GLY A 132 12.85 1.38 4.96
N THR A 133 12.00 0.47 4.56
CA THR A 133 10.86 0.80 3.76
C THR A 133 9.64 0.69 4.64
N ASP A 134 8.50 1.23 4.23
CA ASP A 134 7.32 1.35 5.09
C ASP A 134 7.08 0.09 5.94
N GLY A 135 7.19 -1.04 5.29
CA GLY A 135 7.02 -2.33 5.96
C GLY A 135 8.15 -2.68 6.89
N ALA A 136 9.40 -2.56 6.42
CA ALA A 136 10.55 -2.93 7.25
C ALA A 136 10.60 -2.01 8.45
N LYS A 137 10.05 -0.84 8.22
CA LYS A 137 9.97 0.22 9.19
C LYS A 137 8.99 -0.16 10.29
N GLN A 138 7.77 -0.42 9.89
CA GLN A 138 6.72 -0.74 10.84
C GLN A 138 6.82 -2.19 11.34
N ALA A 139 7.41 -3.09 10.54
CA ALA A 139 7.46 -4.50 10.92
C ALA A 139 8.47 -4.71 12.05
N GLN A 140 9.43 -3.82 12.11
CA GLN A 140 10.41 -3.77 13.19
C GLN A 140 9.71 -3.71 14.55
N LYS A 141 8.59 -3.01 14.61
CA LYS A 141 7.84 -2.95 15.85
C LYS A 141 7.28 -4.31 16.21
N ARG A 142 6.73 -5.01 15.23
CA ARG A 142 6.11 -6.31 15.46
C ARG A 142 7.14 -7.31 15.89
N LEU A 143 8.34 -7.11 15.41
CA LEU A 143 9.47 -7.92 15.83
C LEU A 143 9.66 -7.84 17.35
N ASN A 144 9.52 -6.64 17.89
CA ASN A 144 9.81 -6.40 19.31
C ASN A 144 8.52 -6.29 20.13
N ALA A 145 7.39 -6.14 19.46
CA ALA A 145 6.13 -5.88 20.13
C ALA A 145 5.37 -7.16 20.34
N MET A 146 5.01 -7.77 19.24
CA MET A 146 4.22 -8.95 19.28
C MET A 146 5.09 -10.21 19.30
N MET A 1 -26.20 31.47 -23.46
CA MET A 1 -27.21 31.18 -22.41
C MET A 1 -27.15 29.72 -22.00
N GLY A 2 -27.67 29.42 -20.82
CA GLY A 2 -27.62 28.07 -20.32
C GLY A 2 -26.52 27.91 -19.29
N SER A 3 -25.27 27.92 -19.76
CA SER A 3 -24.11 27.80 -18.90
C SER A 3 -24.18 26.51 -18.09
N SER A 4 -24.61 25.44 -18.74
CA SER A 4 -24.77 24.15 -18.09
C SER A 4 -23.48 23.34 -18.19
N HIS A 5 -22.44 23.83 -17.54
CA HIS A 5 -21.14 23.17 -17.54
C HIS A 5 -21.19 21.83 -16.81
N HIS A 6 -20.77 20.78 -17.50
CA HIS A 6 -20.76 19.44 -16.92
C HIS A 6 -19.41 19.17 -16.25
N HIS A 7 -19.01 20.10 -15.39
CA HIS A 7 -17.72 20.04 -14.73
C HIS A 7 -17.83 20.74 -13.38
N HIS A 8 -17.38 20.05 -12.33
CA HIS A 8 -17.39 20.59 -10.97
C HIS A 8 -16.63 21.92 -10.93
N HIS A 9 -17.28 22.96 -10.39
CA HIS A 9 -16.70 24.31 -10.38
C HIS A 9 -15.57 24.45 -9.38
N HIS A 10 -14.68 23.48 -9.37
CA HIS A 10 -13.52 23.43 -8.49
C HIS A 10 -12.76 22.15 -8.79
N SER A 11 -12.01 22.15 -9.88
CA SER A 11 -11.28 20.96 -10.32
C SER A 11 -10.41 20.40 -9.20
N SER A 12 -10.72 19.18 -8.80
CA SER A 12 -10.03 18.53 -7.69
C SER A 12 -8.71 17.94 -8.16
N GLY A 13 -8.65 17.59 -9.43
CA GLY A 13 -7.42 17.09 -10.01
C GLY A 13 -6.46 18.23 -10.28
N LEU A 14 -5.24 18.13 -9.75
CA LEU A 14 -4.28 19.21 -9.86
C LEU A 14 -3.18 18.86 -10.86
N VAL A 15 -2.22 19.77 -11.00
CA VAL A 15 -1.15 19.66 -11.98
C VAL A 15 0.15 20.19 -11.36
N PRO A 16 0.87 19.30 -10.67
CA PRO A 16 2.06 19.59 -9.87
C PRO A 16 2.83 20.82 -10.30
N ARG A 17 2.66 21.92 -9.55
CA ARG A 17 3.35 23.16 -9.86
C ARG A 17 3.63 23.96 -8.58
N GLY A 18 3.65 23.27 -7.46
CA GLY A 18 3.91 23.93 -6.20
C GLY A 18 5.36 23.80 -5.78
N SER A 19 5.67 24.24 -4.58
CA SER A 19 7.03 24.16 -4.07
C SER A 19 7.33 22.76 -3.55
N HIS A 20 6.29 21.95 -3.39
CA HIS A 20 6.44 20.58 -2.95
C HIS A 20 5.84 19.63 -3.98
N MET A 21 4.52 19.67 -4.07
CA MET A 21 3.77 18.79 -4.96
C MET A 21 2.29 19.19 -4.90
N SER A 22 1.59 19.05 -6.02
CA SER A 22 0.19 19.46 -6.11
C SER A 22 -0.66 18.32 -6.66
N GLY A 23 -1.61 17.83 -5.87
CA GLY A 23 -2.39 16.68 -6.31
C GLY A 23 -1.71 15.40 -5.95
N ASN A 24 -0.98 15.47 -4.82
CA ASN A 24 -0.24 14.35 -4.26
C ASN A 24 -1.01 13.05 -4.40
N ALA A 25 -0.42 12.12 -5.13
CA ALA A 25 -1.02 10.83 -5.36
C ALA A 25 -1.24 10.11 -4.04
N ASN A 26 -0.44 10.46 -3.04
CA ASN A 26 -0.53 9.87 -1.73
C ASN A 26 -1.92 10.06 -1.23
N THR A 27 -2.39 11.28 -1.36
CA THR A 27 -3.68 11.61 -0.83
C THR A 27 -4.79 11.20 -1.79
N ASP A 28 -4.64 11.57 -3.06
CA ASP A 28 -5.66 11.30 -4.04
C ASP A 28 -5.86 9.79 -4.19
N TYR A 29 -4.77 9.04 -4.08
CA TYR A 29 -4.87 7.59 -4.21
C TYR A 29 -5.38 6.97 -2.94
N ASN A 30 -4.79 7.35 -1.83
CA ASN A 30 -5.29 6.90 -0.54
C ASN A 30 -6.77 7.22 -0.46
N ALA A 31 -7.17 8.30 -1.16
CA ALA A 31 -8.56 8.67 -1.32
C ALA A 31 -9.28 7.81 -2.37
N ALA A 32 -8.54 7.27 -3.33
CA ALA A 32 -9.13 6.48 -4.41
C ALA A 32 -9.49 5.16 -3.85
N ILE A 33 -8.48 4.56 -3.29
CA ILE A 33 -8.60 3.32 -2.65
C ILE A 33 -9.27 3.47 -1.28
N ALA A 34 -9.26 4.67 -0.72
CA ALA A 34 -10.12 4.94 0.46
C ALA A 34 -11.55 4.51 0.17
N LEU A 35 -11.90 4.47 -1.09
CA LEU A 35 -13.17 3.94 -1.49
C LEU A 35 -13.22 2.46 -1.14
N VAL A 36 -12.11 1.77 -1.34
CA VAL A 36 -12.02 0.35 -1.01
C VAL A 36 -12.23 0.18 0.49
N GLN A 37 -11.75 1.15 1.26
CA GLN A 37 -11.93 1.18 2.70
C GLN A 37 -13.39 1.43 3.02
N ASP A 38 -14.01 2.24 2.19
CA ASP A 38 -15.42 2.55 2.35
C ASP A 38 -16.23 1.33 2.01
N LYS A 39 -17.03 0.94 2.95
CA LYS A 39 -17.82 -0.26 2.84
C LYS A 39 -18.93 -0.09 1.83
N SER A 40 -19.05 1.13 1.34
CA SER A 40 -20.05 1.42 0.33
C SER A 40 -19.38 1.75 -0.99
N ARG A 41 -18.06 1.78 -0.97
CA ARG A 41 -17.31 2.16 -2.16
C ARG A 41 -16.25 1.14 -2.50
N GLN A 42 -16.39 -0.05 -1.96
CA GLN A 42 -15.40 -1.11 -2.21
C GLN A 42 -15.21 -1.29 -3.72
N ASP A 43 -16.31 -1.22 -4.44
CA ASP A 43 -16.32 -1.34 -5.90
C ASP A 43 -15.88 -0.03 -6.53
N ASP A 44 -16.13 1.08 -5.84
CA ASP A 44 -15.76 2.40 -6.35
C ASP A 44 -14.25 2.57 -6.25
N ALA A 45 -13.64 1.83 -5.35
CA ALA A 45 -12.19 1.79 -5.32
C ALA A 45 -11.67 1.01 -6.48
N MET A 46 -12.38 -0.06 -6.79
CA MET A 46 -11.96 -0.93 -7.86
C MET A 46 -11.92 -0.11 -9.14
N VAL A 47 -12.78 0.87 -9.21
CA VAL A 47 -12.82 1.77 -10.35
C VAL A 47 -11.82 2.92 -10.18
N ALA A 48 -11.80 3.48 -8.95
CA ALA A 48 -10.91 4.58 -8.60
C ALA A 48 -9.48 4.23 -8.87
N PHE A 49 -9.07 3.15 -8.25
CA PHE A 49 -7.69 2.77 -8.20
C PHE A 49 -7.24 2.26 -9.55
N GLN A 50 -8.17 1.63 -10.29
CA GLN A 50 -7.91 1.23 -11.66
C GLN A 50 -7.38 2.40 -12.45
N ASN A 51 -7.77 3.58 -12.01
CA ASN A 51 -7.23 4.78 -12.60
C ASN A 51 -5.80 4.94 -12.19
N PHE A 52 -5.52 4.57 -10.97
CA PHE A 52 -4.24 4.79 -10.35
C PHE A 52 -3.17 3.84 -10.81
N ILE A 53 -3.39 2.58 -10.54
CA ILE A 53 -2.37 1.58 -10.77
C ILE A 53 -2.14 1.33 -12.25
N LYS A 54 -3.16 1.60 -13.05
CA LYS A 54 -3.03 1.45 -14.50
C LYS A 54 -2.81 2.80 -15.19
N ASN A 55 -3.67 3.77 -14.92
CA ASN A 55 -3.70 5.01 -15.73
C ASN A 55 -3.06 6.21 -15.00
N TYR A 56 -2.19 5.94 -14.07
CA TYR A 56 -1.47 7.01 -13.36
C TYR A 56 0.04 6.76 -13.33
N PRO A 57 0.69 6.59 -14.49
CA PRO A 57 2.14 6.35 -14.56
C PRO A 57 2.89 7.57 -14.07
N ASP A 58 2.26 8.70 -14.29
CA ASP A 58 2.77 10.00 -13.89
C ASP A 58 2.88 10.12 -12.37
N SER A 59 2.08 9.36 -11.64
CA SER A 59 2.07 9.46 -10.20
C SER A 59 3.07 8.48 -9.59
N THR A 60 3.58 8.86 -8.42
CA THR A 60 4.46 8.01 -7.65
C THR A 60 3.76 6.72 -7.23
N TYR A 61 2.49 6.86 -6.91
CA TYR A 61 1.74 5.78 -6.28
C TYR A 61 0.98 4.92 -7.26
N LEU A 62 1.37 5.03 -8.51
CA LEU A 62 1.03 4.05 -9.53
C LEU A 62 1.03 2.62 -8.94
N PRO A 63 2.13 2.20 -8.27
CA PRO A 63 2.31 0.82 -7.83
C PRO A 63 1.52 0.53 -6.56
N ASN A 64 1.69 1.48 -5.66
CA ASN A 64 1.22 1.43 -4.30
C ASN A 64 -0.25 1.49 -4.20
N ALA A 65 -0.88 2.16 -5.14
CA ALA A 65 -2.30 2.35 -5.04
C ALA A 65 -3.02 1.02 -4.91
N ASN A 66 -2.46 0.00 -5.55
CA ASN A 66 -3.02 -1.33 -5.51
C ASN A 66 -2.88 -1.94 -4.11
N TYR A 67 -1.91 -1.43 -3.35
CA TYR A 67 -1.55 -2.01 -2.05
C TYR A 67 -2.60 -1.72 -1.03
N TRP A 68 -3.19 -0.57 -1.18
CA TRP A 68 -4.30 -0.17 -0.35
C TRP A 68 -5.35 -1.29 -0.45
N LEU A 69 -5.43 -1.94 -1.61
CA LEU A 69 -6.30 -3.11 -1.75
C LEU A 69 -5.68 -4.32 -1.10
N GLY A 70 -4.35 -4.44 -1.16
CA GLY A 70 -3.68 -5.53 -0.48
C GLY A 70 -3.99 -5.54 1.01
N GLN A 71 -3.89 -4.38 1.63
CA GLN A 71 -4.15 -4.24 3.04
C GLN A 71 -5.64 -4.24 3.36
N LEU A 72 -6.38 -3.31 2.73
CA LEU A 72 -7.76 -3.07 3.14
C LEU A 72 -8.62 -4.30 2.95
N ASN A 73 -8.48 -4.94 1.79
CA ASN A 73 -9.39 -6.02 1.46
C ASN A 73 -9.28 -7.10 2.52
N TYR A 74 -8.06 -7.34 2.99
CA TYR A 74 -7.85 -8.31 4.03
C TYR A 74 -8.67 -7.95 5.25
N ASN A 75 -8.54 -6.75 5.77
CA ASN A 75 -9.29 -6.32 6.97
C ASN A 75 -10.80 -6.34 6.72
N LYS A 76 -11.20 -6.67 5.51
CA LYS A 76 -12.60 -6.83 5.17
C LYS A 76 -13.05 -8.25 5.52
N GLY A 77 -12.10 -9.06 5.97
CA GLY A 77 -12.34 -10.47 6.22
C GLY A 77 -11.96 -11.28 5.03
N LYS A 78 -11.08 -10.70 4.23
CA LYS A 78 -10.51 -11.34 3.07
C LYS A 78 -9.10 -11.68 3.39
N LYS A 79 -8.99 -12.20 4.57
CA LYS A 79 -7.78 -12.72 5.14
C LYS A 79 -7.20 -13.74 4.18
N ASP A 80 -8.05 -14.21 3.28
CA ASP A 80 -7.63 -15.02 2.14
C ASP A 80 -7.29 -14.16 0.92
N ASP A 81 -8.28 -13.43 0.42
CA ASP A 81 -8.16 -12.74 -0.87
C ASP A 81 -7.10 -11.64 -0.88
N ALA A 82 -7.17 -10.65 0.01
CA ALA A 82 -6.15 -9.60 -0.01
C ALA A 82 -4.81 -10.12 0.43
N ALA A 83 -4.81 -11.20 1.21
CA ALA A 83 -3.57 -11.85 1.56
C ALA A 83 -2.77 -12.12 0.29
N TYR A 84 -3.48 -12.52 -0.76
CA TYR A 84 -2.91 -12.65 -2.08
C TYR A 84 -2.85 -11.29 -2.81
N TYR A 85 -3.78 -10.36 -2.51
CA TYR A 85 -3.74 -9.01 -3.13
C TYR A 85 -2.39 -8.37 -2.95
N PHE A 86 -1.94 -8.33 -1.69
CA PHE A 86 -0.60 -7.85 -1.41
C PHE A 86 0.42 -8.60 -2.23
N ALA A 87 0.36 -9.92 -2.21
CA ALA A 87 1.23 -10.74 -3.04
C ALA A 87 1.19 -10.25 -4.48
N SER A 88 0.00 -9.87 -4.93
CA SER A 88 -0.20 -9.34 -6.26
C SER A 88 0.46 -7.96 -6.44
N VAL A 89 0.34 -7.07 -5.45
CA VAL A 89 0.94 -5.75 -5.58
C VAL A 89 2.44 -5.84 -5.42
N VAL A 90 2.90 -6.58 -4.41
CA VAL A 90 4.33 -6.92 -4.31
C VAL A 90 4.84 -7.44 -5.67
N LYS A 91 4.05 -8.30 -6.28
CA LYS A 91 4.38 -8.91 -7.57
C LYS A 91 4.35 -7.88 -8.70
N ASN A 92 3.18 -7.33 -8.97
CA ASN A 92 2.99 -6.40 -10.06
C ASN A 92 3.79 -5.15 -9.85
N TYR A 93 3.71 -4.65 -8.64
CA TYR A 93 4.32 -3.39 -8.31
C TYR A 93 5.45 -3.57 -7.33
N PRO A 94 6.62 -3.84 -7.91
CA PRO A 94 7.82 -4.19 -7.19
C PRO A 94 8.43 -2.98 -6.52
N LYS A 95 8.17 -1.85 -7.15
CA LYS A 95 8.82 -0.60 -6.75
C LYS A 95 7.91 0.25 -5.87
N SER A 96 6.77 -0.33 -5.52
CA SER A 96 5.91 0.24 -4.49
C SER A 96 6.68 0.40 -3.18
N PRO A 97 6.18 1.27 -2.27
CA PRO A 97 6.65 1.30 -0.90
C PRO A 97 6.02 0.15 -0.13
N LYS A 98 5.15 -0.55 -0.84
CA LYS A 98 4.19 -1.44 -0.26
C LYS A 98 4.71 -2.85 -0.17
N ALA A 99 5.62 -3.21 -1.05
CA ALA A 99 6.14 -4.55 -1.05
C ALA A 99 6.67 -4.87 0.34
N ALA A 100 7.11 -3.82 1.02
CA ALA A 100 7.42 -3.89 2.44
C ALA A 100 6.17 -3.76 3.29
N ASP A 101 5.38 -2.72 3.01
CA ASP A 101 4.27 -2.31 3.86
C ASP A 101 3.29 -3.44 4.07
N ALA A 102 2.83 -4.01 2.98
CA ALA A 102 1.90 -5.11 3.04
C ALA A 102 2.63 -6.40 3.36
N MET A 103 3.91 -6.47 3.08
CA MET A 103 4.73 -7.54 3.58
C MET A 103 4.64 -7.54 5.10
N PHE A 104 4.66 -6.35 5.65
CA PHE A 104 4.49 -6.14 7.07
C PHE A 104 3.03 -6.40 7.51
N LYS A 105 2.11 -5.61 6.96
CA LYS A 105 0.71 -5.60 7.42
C LYS A 105 -0.10 -6.79 6.93
N VAL A 106 0.15 -7.25 5.72
CA VAL A 106 -0.44 -8.50 5.30
C VAL A 106 0.43 -9.61 5.88
N GLY A 107 1.65 -9.22 6.20
CA GLY A 107 2.50 -9.98 7.08
C GLY A 107 1.87 -10.15 8.44
N VAL A 108 0.90 -9.30 8.73
CA VAL A 108 0.14 -9.32 9.98
C VAL A 108 -0.98 -10.38 10.03
N ILE A 109 -1.73 -10.53 8.93
CA ILE A 109 -2.90 -11.42 8.92
C ILE A 109 -2.50 -12.86 9.29
N MET A 110 -1.28 -13.21 9.03
CA MET A 110 -0.80 -14.57 9.26
C MET A 110 -1.13 -15.09 10.64
N GLN A 111 -0.76 -14.36 11.65
CA GLN A 111 -0.99 -14.75 13.00
C GLN A 111 -2.48 -14.73 13.29
N ASP A 112 -3.20 -13.86 12.58
CA ASP A 112 -4.65 -13.87 12.62
C ASP A 112 -5.17 -15.25 12.22
N LYS A 113 -4.56 -15.85 11.20
CA LYS A 113 -4.89 -17.20 10.80
C LYS A 113 -4.06 -18.25 11.54
N GLY A 114 -2.92 -17.82 12.10
CA GLY A 114 -2.09 -18.71 12.89
C GLY A 114 -0.72 -18.99 12.28
N ASP A 115 -0.03 -17.96 11.79
CA ASP A 115 1.40 -18.09 11.43
C ASP A 115 2.25 -17.11 12.17
N THR A 116 1.81 -16.70 13.32
CA THR A 116 2.66 -15.92 14.20
C THR A 116 3.97 -16.65 14.44
N ALA A 117 3.96 -17.93 14.23
CA ALA A 117 5.16 -18.71 14.29
C ALA A 117 5.99 -18.56 13.01
N LYS A 118 5.36 -18.87 11.89
CA LYS A 118 6.05 -18.94 10.61
C LYS A 118 6.18 -17.59 9.96
N ALA A 119 5.03 -16.98 9.79
CA ALA A 119 4.91 -15.75 9.09
C ALA A 119 5.42 -14.57 9.88
N LYS A 120 5.55 -14.70 11.20
CA LYS A 120 6.21 -13.65 11.96
C LYS A 120 7.59 -13.40 11.37
N ALA A 121 8.12 -14.44 10.79
CA ALA A 121 9.39 -14.36 10.07
C ALA A 121 9.29 -13.42 8.88
N VAL A 122 8.12 -13.41 8.26
CA VAL A 122 7.77 -12.42 7.23
C VAL A 122 8.21 -11.04 7.62
N TYR A 123 7.83 -10.64 8.82
CA TYR A 123 8.28 -9.38 9.38
C TYR A 123 9.78 -9.30 9.31
N GLN A 124 10.43 -10.29 9.89
CA GLN A 124 11.89 -10.31 10.07
C GLN A 124 12.55 -10.16 8.72
N GLN A 125 11.81 -10.61 7.74
CA GLN A 125 12.19 -10.53 6.37
C GLN A 125 12.12 -9.11 5.87
N VAL A 126 10.97 -8.45 5.96
CA VAL A 126 10.90 -7.06 5.54
C VAL A 126 12.00 -6.25 6.18
N ILE A 127 12.21 -6.44 7.46
CA ILE A 127 13.25 -5.73 8.19
C ILE A 127 14.61 -5.84 7.50
N SER A 128 14.87 -6.99 6.89
CA SER A 128 16.17 -7.25 6.32
C SER A 128 16.13 -7.27 4.79
N LYS A 129 14.96 -7.57 4.24
CA LYS A 129 14.78 -7.77 2.82
C LYS A 129 14.32 -6.46 2.20
N TYR A 130 13.42 -5.82 2.93
CA TYR A 130 12.91 -4.52 2.59
C TYR A 130 13.43 -3.42 3.53
N PRO A 131 14.75 -3.38 3.86
CA PRO A 131 15.23 -2.60 4.99
C PRO A 131 14.97 -1.10 4.85
N GLY A 132 14.26 -0.56 5.82
CA GLY A 132 14.07 0.86 5.89
C GLY A 132 12.98 1.38 4.99
N THR A 133 12.04 0.52 4.64
CA THR A 133 10.88 0.93 3.90
C THR A 133 9.66 0.72 4.77
N ASP A 134 8.50 1.20 4.33
CA ASP A 134 7.29 1.27 5.18
C ASP A 134 7.09 0.02 6.02
N GLY A 135 7.28 -1.10 5.38
CA GLY A 135 7.10 -2.39 6.02
C GLY A 135 8.22 -2.74 6.96
N ALA A 136 9.47 -2.61 6.52
CA ALA A 136 10.60 -2.97 7.37
C ALA A 136 10.62 -2.04 8.56
N LYS A 137 10.07 -0.87 8.32
CA LYS A 137 9.95 0.18 9.29
C LYS A 137 8.99 -0.23 10.38
N GLN A 138 7.78 -0.54 9.98
CA GLN A 138 6.74 -0.91 10.92
C GLN A 138 6.88 -2.34 11.41
N ALA A 139 7.50 -3.20 10.61
CA ALA A 139 7.58 -4.62 10.96
C ALA A 139 8.63 -4.82 12.03
N GLN A 140 9.58 -3.90 12.07
CA GLN A 140 10.61 -3.88 13.10
C GLN A 140 10.00 -3.91 14.49
N LYS A 141 8.87 -3.23 14.65
CA LYS A 141 8.19 -3.22 15.94
C LYS A 141 7.66 -4.60 16.26
N ARG A 142 7.06 -5.24 15.28
CA ARG A 142 6.47 -6.57 15.49
C ARG A 142 7.56 -7.56 15.80
N LEU A 143 8.70 -7.31 15.21
CA LEU A 143 9.87 -8.15 15.41
C LEU A 143 10.37 -8.04 16.86
N ASN A 144 10.24 -6.86 17.44
CA ASN A 144 10.78 -6.60 18.78
C ASN A 144 9.67 -6.60 19.85
N ALA A 145 8.46 -6.29 19.44
CA ALA A 145 7.37 -6.07 20.38
C ALA A 145 6.50 -7.29 20.44
N MET A 146 5.74 -7.48 19.39
CA MET A 146 4.74 -8.50 19.38
C MET A 146 5.21 -9.72 18.59
N MET A 1 22.09 14.85 7.91
CA MET A 1 22.96 14.11 6.96
C MET A 1 22.16 13.04 6.24
N GLY A 2 22.63 12.63 5.07
CA GLY A 2 21.96 11.59 4.32
C GLY A 2 20.83 12.13 3.47
N SER A 3 19.99 11.23 2.96
CA SER A 3 18.87 11.64 2.12
C SER A 3 17.55 11.14 2.70
N SER A 4 17.37 9.82 2.69
CA SER A 4 16.13 9.21 3.16
C SER A 4 16.15 9.01 4.66
N HIS A 5 17.05 8.16 5.13
CA HIS A 5 17.18 7.91 6.56
C HIS A 5 18.08 8.97 7.19
N HIS A 6 18.28 8.86 8.51
CA HIS A 6 18.93 9.90 9.29
C HIS A 6 18.06 11.15 9.30
N HIS A 7 16.77 10.93 9.12
CA HIS A 7 15.80 12.01 9.07
C HIS A 7 14.51 11.56 9.73
N HIS A 8 14.23 12.14 10.89
CA HIS A 8 13.03 11.82 11.63
C HIS A 8 11.81 12.38 10.94
N HIS A 9 10.65 11.77 11.20
CA HIS A 9 9.37 12.13 10.57
C HIS A 9 9.34 11.65 9.11
N HIS A 10 10.37 12.03 8.34
CA HIS A 10 10.48 11.62 6.93
C HIS A 10 9.21 12.01 6.17
N SER A 11 8.95 13.30 6.10
CA SER A 11 7.78 13.81 5.42
C SER A 11 8.01 13.81 3.91
N SER A 12 7.18 13.07 3.20
CA SER A 12 7.27 12.97 1.75
C SER A 12 6.99 14.33 1.11
N GLY A 13 7.90 14.79 0.28
CA GLY A 13 7.76 16.10 -0.31
C GLY A 13 7.58 16.07 -1.82
N LEU A 14 7.82 17.21 -2.44
CA LEU A 14 7.64 17.38 -3.87
C LEU A 14 8.93 17.00 -4.60
N VAL A 15 9.61 15.97 -4.11
CA VAL A 15 10.92 15.59 -4.62
C VAL A 15 10.82 14.62 -5.82
N PRO A 16 10.18 13.43 -5.65
CA PRO A 16 10.08 12.36 -6.64
C PRO A 16 10.09 12.85 -8.10
N ARG A 17 11.27 12.83 -8.71
CA ARG A 17 11.43 13.31 -10.07
C ARG A 17 11.07 12.23 -11.08
N GLY A 18 11.17 10.97 -10.66
CA GLY A 18 10.88 9.87 -11.54
C GLY A 18 9.40 9.51 -11.57
N SER A 19 8.57 10.54 -11.63
CA SER A 19 7.13 10.36 -11.66
C SER A 19 6.46 11.66 -12.08
N HIS A 20 5.13 11.67 -12.16
CA HIS A 20 4.39 12.87 -12.51
C HIS A 20 4.53 13.90 -11.39
N MET A 21 4.73 13.40 -10.17
CA MET A 21 4.92 14.24 -9.00
C MET A 21 3.66 15.10 -8.76
N SER A 22 3.84 16.42 -8.48
CA SER A 22 2.73 17.37 -8.25
C SER A 22 1.39 16.81 -8.68
N GLY A 23 0.53 16.59 -7.70
CA GLY A 23 -0.51 15.61 -7.84
C GLY A 23 -0.04 14.32 -7.21
N ASN A 24 0.75 14.50 -6.13
CA ASN A 24 1.43 13.44 -5.41
C ASN A 24 0.62 12.18 -5.38
N ALA A 25 1.14 11.18 -6.07
CA ALA A 25 0.49 9.90 -6.23
C ALA A 25 0.15 9.31 -4.87
N ASN A 26 0.93 9.65 -3.87
CA ASN A 26 0.79 9.14 -2.55
C ASN A 26 -0.56 9.53 -2.05
N THR A 27 -0.83 10.82 -2.17
CA THR A 27 -2.01 11.36 -1.58
C THR A 27 -3.22 11.09 -2.45
N ASP A 28 -3.07 11.30 -3.75
CA ASP A 28 -4.15 11.10 -4.68
C ASP A 28 -4.56 9.65 -4.69
N TYR A 29 -3.60 8.76 -4.59
CA TYR A 29 -3.90 7.33 -4.61
C TYR A 29 -4.42 6.89 -3.27
N ASN A 30 -3.74 7.27 -2.22
CA ASN A 30 -4.23 6.99 -0.88
C ASN A 30 -5.63 7.53 -0.76
N ALA A 31 -5.93 8.58 -1.54
CA ALA A 31 -7.28 9.13 -1.67
C ALA A 31 -8.16 8.27 -2.60
N ALA A 32 -7.54 7.53 -3.54
CA ALA A 32 -8.30 6.75 -4.50
C ALA A 32 -8.78 5.52 -3.81
N ILE A 33 -7.81 4.86 -3.23
CA ILE A 33 -8.03 3.68 -2.48
C ILE A 33 -8.59 4.04 -1.10
N ALA A 34 -8.45 5.29 -0.67
CA ALA A 34 -9.19 5.76 0.53
C ALA A 34 -10.66 5.43 0.39
N LEU A 35 -11.11 5.27 -0.84
CA LEU A 35 -12.44 4.83 -1.10
C LEU A 35 -12.58 3.37 -0.68
N VAL A 36 -11.56 2.56 -0.95
CA VAL A 36 -11.56 1.18 -0.54
C VAL A 36 -11.53 1.10 0.99
N GLN A 37 -10.90 2.11 1.59
CA GLN A 37 -10.82 2.23 3.03
C GLN A 37 -12.18 2.63 3.56
N ASP A 38 -12.84 3.46 2.77
CA ASP A 38 -14.18 3.88 3.07
C ASP A 38 -15.06 2.67 3.03
N LYS A 39 -15.84 2.54 4.07
CA LYS A 39 -16.64 1.36 4.26
C LYS A 39 -17.74 1.31 3.21
N SER A 40 -17.98 2.45 2.59
CA SER A 40 -19.06 2.54 1.62
C SER A 40 -18.55 2.86 0.21
N ARG A 41 -17.25 2.94 0.03
CA ARG A 41 -16.71 3.25 -1.28
C ARG A 41 -15.80 2.15 -1.77
N GLN A 42 -16.01 0.94 -1.26
CA GLN A 42 -15.16 -0.19 -1.63
C GLN A 42 -15.09 -0.35 -3.16
N ASP A 43 -16.21 -0.14 -3.80
CA ASP A 43 -16.31 -0.23 -5.25
C ASP A 43 -15.76 1.02 -5.90
N ASP A 44 -15.99 2.16 -5.26
CA ASP A 44 -15.56 3.43 -5.82
C ASP A 44 -14.04 3.49 -5.81
N ALA A 45 -13.43 2.72 -4.92
CA ALA A 45 -12.00 2.53 -4.93
C ALA A 45 -11.59 1.67 -6.07
N MET A 46 -12.34 0.63 -6.28
CA MET A 46 -12.02 -0.33 -7.29
C MET A 46 -11.98 0.36 -8.63
N VAL A 47 -12.78 1.41 -8.74
CA VAL A 47 -12.81 2.24 -9.93
C VAL A 47 -11.75 3.35 -9.85
N ALA A 48 -11.60 3.92 -8.65
CA ALA A 48 -10.62 4.96 -8.38
C ALA A 48 -9.22 4.49 -8.67
N PHE A 49 -8.84 3.48 -7.92
CA PHE A 49 -7.51 2.97 -7.95
C PHE A 49 -7.25 2.29 -9.26
N GLN A 50 -8.33 1.77 -9.86
CA GLN A 50 -8.28 1.18 -11.19
C GLN A 50 -7.59 2.14 -12.13
N ASN A 51 -7.72 3.41 -11.82
CA ASN A 51 -7.08 4.45 -12.59
C ASN A 51 -5.59 4.46 -12.29
N PHE A 52 -5.28 4.13 -11.05
CA PHE A 52 -3.93 4.21 -10.54
C PHE A 52 -3.06 3.07 -11.00
N ILE A 53 -3.46 1.88 -10.61
CA ILE A 53 -2.64 0.71 -10.82
C ILE A 53 -2.54 0.34 -12.29
N LYS A 54 -3.53 0.70 -13.06
CA LYS A 54 -3.53 0.44 -14.48
C LYS A 54 -3.16 1.68 -15.31
N ASN A 55 -3.93 2.74 -15.14
CA ASN A 55 -3.85 3.89 -16.06
C ASN A 55 -3.08 5.07 -15.50
N TYR A 56 -2.20 4.81 -14.55
CA TYR A 56 -1.31 5.83 -14.02
C TYR A 56 0.12 5.31 -13.92
N PRO A 57 0.74 4.95 -15.05
CA PRO A 57 2.14 4.48 -15.09
C PRO A 57 3.08 5.59 -14.70
N ASP A 58 2.63 6.77 -15.00
CA ASP A 58 3.34 7.99 -14.69
C ASP A 58 3.41 8.25 -13.17
N SER A 59 2.63 7.53 -12.39
CA SER A 59 2.64 7.68 -10.96
C SER A 59 3.44 6.55 -10.34
N THR A 60 4.40 6.93 -9.51
CA THR A 60 5.20 5.99 -8.73
C THR A 60 4.32 4.96 -8.04
N TYR A 61 3.16 5.42 -7.61
CA TYR A 61 2.28 4.60 -6.80
C TYR A 61 1.24 3.84 -7.57
N LEU A 62 1.42 3.73 -8.86
CA LEU A 62 0.68 2.76 -9.66
C LEU A 62 0.56 1.43 -8.91
N PRO A 63 1.68 0.85 -8.39
CA PRO A 63 1.69 -0.48 -7.80
C PRO A 63 1.06 -0.44 -6.43
N ASN A 64 1.51 0.55 -5.71
CA ASN A 64 1.17 0.80 -4.33
C ASN A 64 -0.29 1.04 -4.19
N ALA A 65 -0.90 1.54 -5.23
CA ALA A 65 -2.31 1.77 -5.16
C ALA A 65 -3.04 0.45 -5.03
N ASN A 66 -2.47 -0.57 -5.63
CA ASN A 66 -2.96 -1.93 -5.53
C ASN A 66 -2.71 -2.47 -4.10
N TYR A 67 -1.73 -1.87 -3.42
CA TYR A 67 -1.34 -2.28 -2.08
C TYR A 67 -2.38 -1.90 -1.09
N TRP A 68 -2.88 -0.70 -1.24
CA TRP A 68 -3.93 -0.20 -0.40
C TRP A 68 -5.11 -1.15 -0.57
N LEU A 69 -5.18 -1.71 -1.78
CA LEU A 69 -6.17 -2.74 -2.05
C LEU A 69 -5.79 -4.03 -1.30
N GLY A 70 -4.49 -4.36 -1.30
CA GLY A 70 -4.00 -5.50 -0.54
C GLY A 70 -4.20 -5.33 0.96
N GLN A 71 -3.97 -4.12 1.42
CA GLN A 71 -3.96 -3.79 2.82
C GLN A 71 -5.36 -3.71 3.36
N LEU A 72 -6.18 -2.88 2.71
CA LEU A 72 -7.53 -2.63 3.19
C LEU A 72 -8.36 -3.89 3.07
N ASN A 73 -8.35 -4.50 1.89
CA ASN A 73 -9.27 -5.59 1.65
C ASN A 73 -9.04 -6.67 2.66
N TYR A 74 -7.80 -6.90 3.06
CA TYR A 74 -7.54 -7.85 4.09
C TYR A 74 -8.24 -7.43 5.37
N ASN A 75 -7.96 -6.26 5.90
CA ASN A 75 -8.55 -5.82 7.16
C ASN A 75 -10.06 -5.60 6.99
N LYS A 76 -10.52 -5.78 5.78
CA LYS A 76 -11.92 -5.71 5.46
C LYS A 76 -12.56 -7.08 5.75
N GLY A 77 -11.70 -8.06 6.03
CA GLY A 77 -12.13 -9.42 6.35
C GLY A 77 -11.88 -10.36 5.21
N LYS A 78 -10.97 -9.94 4.35
CA LYS A 78 -10.52 -10.75 3.24
C LYS A 78 -9.13 -11.19 3.55
N LYS A 79 -9.05 -11.61 4.76
CA LYS A 79 -7.89 -12.22 5.35
C LYS A 79 -7.36 -13.32 4.43
N ASP A 80 -8.25 -13.81 3.57
CA ASP A 80 -7.87 -14.68 2.47
C ASP A 80 -7.55 -13.90 1.20
N ASP A 81 -8.54 -13.16 0.68
CA ASP A 81 -8.44 -12.57 -0.64
C ASP A 81 -7.37 -11.48 -0.76
N ALA A 82 -7.41 -10.43 0.06
CA ALA A 82 -6.37 -9.42 -0.01
C ALA A 82 -5.03 -9.94 0.47
N ALA A 83 -5.05 -10.99 1.28
CA ALA A 83 -3.81 -11.65 1.63
C ALA A 83 -3.05 -12.00 0.35
N TYR A 84 -3.79 -12.44 -0.66
CA TYR A 84 -3.25 -12.67 -1.97
C TYR A 84 -3.09 -11.36 -2.74
N TYR A 85 -3.96 -10.37 -2.47
CA TYR A 85 -3.84 -9.04 -3.08
C TYR A 85 -2.43 -8.50 -2.85
N PHE A 86 -2.03 -8.47 -1.58
CA PHE A 86 -0.69 -8.11 -1.25
C PHE A 86 0.30 -8.98 -2.00
N ALA A 87 0.07 -10.28 -1.97
CA ALA A 87 0.94 -11.21 -2.69
C ALA A 87 1.12 -10.77 -4.13
N SER A 88 0.06 -10.28 -4.75
CA SER A 88 0.13 -9.78 -6.11
C SER A 88 0.98 -8.52 -6.22
N VAL A 89 0.77 -7.54 -5.33
CA VAL A 89 1.43 -6.24 -5.46
C VAL A 89 2.90 -6.37 -5.07
N VAL A 90 3.14 -6.92 -3.88
CA VAL A 90 4.52 -7.23 -3.43
C VAL A 90 5.32 -7.98 -4.51
N LYS A 91 4.70 -9.01 -5.05
CA LYS A 91 5.30 -9.86 -6.08
C LYS A 91 5.58 -9.07 -7.35
N ASN A 92 4.52 -8.55 -7.94
CA ASN A 92 4.61 -7.89 -9.23
C ASN A 92 5.42 -6.63 -9.14
N TYR A 93 5.25 -5.90 -8.06
CA TYR A 93 5.85 -4.60 -7.95
C TYR A 93 6.98 -4.53 -6.95
N PRO A 94 8.19 -4.59 -7.50
CA PRO A 94 9.43 -4.51 -6.74
C PRO A 94 9.78 -3.07 -6.42
N LYS A 95 9.04 -2.19 -7.05
CA LYS A 95 9.33 -0.77 -7.09
C LYS A 95 8.38 0.00 -6.20
N SER A 96 7.44 -0.73 -5.62
CA SER A 96 6.50 -0.16 -4.68
C SER A 96 7.12 -0.13 -3.28
N PRO A 97 6.61 0.74 -2.39
CA PRO A 97 6.99 0.72 -0.98
C PRO A 97 6.20 -0.35 -0.26
N LYS A 98 5.23 -0.90 -0.98
CA LYS A 98 4.24 -1.75 -0.43
C LYS A 98 4.77 -3.12 -0.20
N ALA A 99 5.70 -3.52 -1.04
CA ALA A 99 6.28 -4.83 -0.95
C ALA A 99 6.78 -5.05 0.46
N ALA A 100 7.14 -3.96 1.11
CA ALA A 100 7.43 -3.97 2.54
C ALA A 100 6.16 -3.85 3.37
N ASP A 101 5.36 -2.83 3.06
CA ASP A 101 4.22 -2.43 3.87
C ASP A 101 3.25 -3.58 4.07
N ALA A 102 2.79 -4.15 2.97
CA ALA A 102 1.85 -5.26 3.04
C ALA A 102 2.58 -6.53 3.40
N MET A 103 3.88 -6.56 3.21
CA MET A 103 4.68 -7.64 3.75
C MET A 103 4.59 -7.61 5.25
N PHE A 104 4.57 -6.40 5.76
CA PHE A 104 4.40 -6.16 7.17
C PHE A 104 2.96 -6.45 7.62
N LYS A 105 2.01 -5.71 7.07
CA LYS A 105 0.63 -5.71 7.56
C LYS A 105 -0.16 -6.91 7.08
N VAL A 106 0.07 -7.34 5.85
CA VAL A 106 -0.51 -8.58 5.43
C VAL A 106 0.35 -9.69 5.99
N GLY A 107 1.58 -9.29 6.30
CA GLY A 107 2.43 -10.04 7.19
C GLY A 107 1.80 -10.25 8.55
N VAL A 108 0.83 -9.40 8.87
CA VAL A 108 0.06 -9.45 10.11
C VAL A 108 -1.05 -10.49 10.13
N ILE A 109 -1.80 -10.60 9.05
CA ILE A 109 -2.99 -11.47 9.03
C ILE A 109 -2.64 -12.92 9.34
N MET A 110 -1.42 -13.29 9.04
CA MET A 110 -0.97 -14.67 9.20
C MET A 110 -1.27 -15.27 10.56
N GLN A 111 -0.84 -14.58 11.60
CA GLN A 111 -0.99 -15.03 12.94
C GLN A 111 -2.45 -15.04 13.32
N ASP A 112 -3.21 -14.17 12.69
CA ASP A 112 -4.66 -14.24 12.79
C ASP A 112 -5.14 -15.63 12.37
N LYS A 113 -4.53 -16.19 11.32
CA LYS A 113 -4.76 -17.57 10.94
C LYS A 113 -3.97 -18.53 11.83
N GLY A 114 -2.82 -18.07 12.28
CA GLY A 114 -1.90 -18.88 13.04
C GLY A 114 -0.60 -19.16 12.31
N ASP A 115 0.01 -18.12 11.70
CA ASP A 115 1.41 -18.24 11.23
C ASP A 115 2.29 -17.25 11.92
N THR A 116 1.94 -16.88 13.11
CA THR A 116 2.83 -16.11 13.94
C THR A 116 4.18 -16.81 14.08
N ALA A 117 4.17 -18.09 13.85
CA ALA A 117 5.40 -18.84 13.83
C ALA A 117 6.15 -18.63 12.53
N LYS A 118 5.45 -18.87 11.43
CA LYS A 118 6.09 -18.88 10.12
C LYS A 118 6.16 -17.49 9.56
N ALA A 119 5.02 -16.89 9.49
CA ALA A 119 4.83 -15.64 8.84
C ALA A 119 5.38 -14.47 9.66
N LYS A 120 5.52 -14.63 10.97
CA LYS A 120 6.19 -13.59 11.75
C LYS A 120 7.56 -13.32 11.15
N ALA A 121 8.08 -14.36 10.58
CA ALA A 121 9.35 -14.28 9.86
C ALA A 121 9.28 -13.29 8.70
N VAL A 122 8.13 -13.23 8.00
CA VAL A 122 7.96 -12.25 6.92
C VAL A 122 8.35 -10.86 7.40
N TYR A 123 8.02 -10.52 8.64
CA TYR A 123 8.46 -9.26 9.21
C TYR A 123 9.98 -9.21 9.19
N GLN A 124 10.60 -10.24 9.75
CA GLN A 124 12.05 -10.28 9.95
C GLN A 124 12.72 -10.00 8.62
N GLN A 125 12.02 -10.42 7.60
CA GLN A 125 12.44 -10.27 6.24
C GLN A 125 12.24 -8.87 5.75
N VAL A 126 11.09 -8.26 5.97
CA VAL A 126 10.95 -6.86 5.59
C VAL A 126 12.01 -6.03 6.24
N ILE A 127 12.20 -6.23 7.52
CA ILE A 127 13.21 -5.49 8.27
C ILE A 127 14.57 -5.57 7.58
N SER A 128 14.84 -6.69 6.92
CA SER A 128 16.17 -7.00 6.47
C SER A 128 16.28 -6.94 4.94
N LYS A 129 15.20 -7.32 4.28
CA LYS A 129 15.18 -7.48 2.86
C LYS A 129 14.60 -6.24 2.24
N TYR A 130 13.63 -5.70 2.96
CA TYR A 130 12.98 -4.47 2.63
C TYR A 130 13.41 -3.31 3.54
N PRO A 131 14.72 -3.18 3.89
CA PRO A 131 15.13 -2.39 5.06
C PRO A 131 14.82 -0.91 4.92
N GLY A 132 14.19 -0.39 5.95
CA GLY A 132 13.89 1.01 5.99
C GLY A 132 12.85 1.43 4.99
N THR A 133 11.93 0.52 4.71
CA THR A 133 10.80 0.83 3.88
C THR A 133 9.58 0.76 4.78
N ASP A 134 8.43 1.28 4.34
CA ASP A 134 7.22 1.37 5.17
C ASP A 134 7.01 0.11 6.00
N GLY A 135 7.13 -1.01 5.34
CA GLY A 135 6.98 -2.30 5.98
C GLY A 135 8.10 -2.64 6.93
N ALA A 136 9.36 -2.48 6.50
CA ALA A 136 10.49 -2.85 7.35
C ALA A 136 10.51 -1.96 8.57
N LYS A 137 9.96 -0.78 8.36
CA LYS A 137 9.85 0.24 9.38
C LYS A 137 8.85 -0.17 10.43
N GLN A 138 7.65 -0.45 9.98
CA GLN A 138 6.57 -0.84 10.88
C GLN A 138 6.71 -2.27 11.36
N ALA A 139 7.35 -3.13 10.57
CA ALA A 139 7.46 -4.54 10.91
C ALA A 139 8.47 -4.74 12.03
N GLN A 140 9.39 -3.79 12.12
CA GLN A 140 10.39 -3.79 13.18
C GLN A 140 9.75 -3.88 14.56
N LYS A 141 8.59 -3.25 14.72
CA LYS A 141 7.88 -3.31 15.99
C LYS A 141 7.33 -4.71 16.22
N ARG A 142 6.93 -5.38 15.16
CA ARG A 142 6.38 -6.72 15.29
C ARG A 142 7.49 -7.70 15.56
N LEU A 143 8.62 -7.43 14.94
CA LEU A 143 9.80 -8.24 15.13
C LEU A 143 10.36 -8.09 16.55
N ASN A 144 10.16 -6.92 17.13
CA ASN A 144 10.72 -6.60 18.43
C ASN A 144 9.68 -6.74 19.54
N ALA A 145 8.44 -6.41 19.24
CA ALA A 145 7.42 -6.28 20.25
C ALA A 145 6.41 -7.40 20.14
N MET A 146 5.58 -7.31 19.13
CA MET A 146 4.43 -8.14 19.01
C MET A 146 4.59 -9.20 17.93
N MET A 1 -19.87 27.95 1.04
CA MET A 1 -20.84 28.85 0.36
C MET A 1 -20.17 30.16 -0.05
N GLY A 2 -20.12 30.40 -1.34
CA GLY A 2 -19.56 31.63 -1.85
C GLY A 2 -18.08 31.52 -2.14
N SER A 3 -17.27 31.95 -1.19
CA SER A 3 -15.83 31.97 -1.37
C SER A 3 -15.18 30.66 -0.93
N SER A 4 -14.95 29.78 -1.89
CA SER A 4 -14.34 28.49 -1.61
C SER A 4 -12.84 28.53 -1.91
N HIS A 5 -12.06 27.94 -1.02
CA HIS A 5 -10.62 27.82 -1.22
C HIS A 5 -10.18 26.37 -1.08
N HIS A 6 -10.40 25.59 -2.13
CA HIS A 6 -10.04 24.18 -2.11
C HIS A 6 -8.62 24.00 -2.63
N HIS A 7 -7.70 23.75 -1.72
CA HIS A 7 -6.30 23.59 -2.08
C HIS A 7 -6.02 22.17 -2.56
N HIS A 8 -5.07 22.04 -3.48
CA HIS A 8 -4.70 20.75 -4.01
C HIS A 8 -3.25 20.77 -4.47
N HIS A 9 -2.48 21.74 -3.96
CA HIS A 9 -1.11 22.02 -4.38
C HIS A 9 -1.10 22.63 -5.78
N HIS A 10 -0.52 23.82 -5.87
CA HIS A 10 -0.43 24.51 -7.15
C HIS A 10 0.52 23.77 -8.08
N SER A 11 0.05 23.46 -9.28
CA SER A 11 0.82 22.68 -10.26
C SER A 11 2.18 23.31 -10.52
N SER A 12 3.20 22.77 -9.87
CA SER A 12 4.56 23.27 -10.01
C SER A 12 5.55 22.12 -10.20
N GLY A 13 5.03 20.94 -10.51
CA GLY A 13 5.88 19.78 -10.66
C GLY A 13 5.76 18.84 -9.49
N LEU A 14 6.51 17.74 -9.52
CA LEU A 14 6.48 16.78 -8.43
C LEU A 14 7.82 16.76 -7.71
N VAL A 15 7.84 16.29 -6.47
CA VAL A 15 9.11 16.12 -5.74
C VAL A 15 10.05 15.16 -6.48
N PRO A 16 9.56 13.98 -6.93
CA PRO A 16 10.29 13.07 -7.80
C PRO A 16 11.07 13.77 -8.92
N ARG A 17 10.59 14.94 -9.33
CA ARG A 17 11.24 15.75 -10.36
C ARG A 17 11.48 17.17 -9.87
N GLY A 18 11.80 17.31 -8.59
CA GLY A 18 12.05 18.63 -8.04
C GLY A 18 11.58 18.75 -6.61
N SER A 19 10.63 19.65 -6.37
CA SER A 19 10.07 19.86 -5.03
C SER A 19 8.69 20.50 -5.14
N HIS A 20 8.01 20.62 -4.00
CA HIS A 20 6.65 21.16 -3.95
C HIS A 20 5.73 20.35 -4.88
N MET A 21 5.44 19.13 -4.46
CA MET A 21 4.72 18.20 -5.30
C MET A 21 3.30 18.67 -5.58
N SER A 22 2.88 18.51 -6.82
CA SER A 22 1.55 18.91 -7.25
C SER A 22 0.91 17.72 -7.96
N GLY A 23 -0.12 17.17 -7.33
CA GLY A 23 -0.63 15.88 -7.77
C GLY A 23 0.00 14.79 -6.94
N ASN A 24 0.39 15.17 -5.73
CA ASN A 24 0.92 14.27 -4.70
C ASN A 24 0.16 12.96 -4.71
N ALA A 25 0.81 11.96 -5.27
CA ALA A 25 0.22 10.67 -5.48
C ALA A 25 -0.15 10.02 -4.16
N ASN A 26 0.60 10.34 -3.12
CA ASN A 26 0.38 9.78 -1.81
C ASN A 26 -1.02 10.08 -1.41
N THR A 27 -1.32 11.35 -1.49
CA THR A 27 -2.53 11.84 -0.94
C THR A 27 -3.69 11.57 -1.88
N ASP A 28 -3.47 11.82 -3.16
CA ASP A 28 -4.50 11.61 -4.15
C ASP A 28 -4.85 10.14 -4.26
N TYR A 29 -3.85 9.29 -4.13
CA TYR A 29 -4.07 7.86 -4.23
C TYR A 29 -4.64 7.32 -2.96
N ASN A 30 -4.05 7.70 -1.85
CA ASN A 30 -4.60 7.36 -0.55
C ASN A 30 -6.04 7.83 -0.51
N ALA A 31 -6.35 8.88 -1.27
CA ALA A 31 -7.71 9.35 -1.49
C ALA A 31 -8.47 8.51 -2.54
N ALA A 32 -7.75 7.88 -3.47
CA ALA A 32 -8.37 7.14 -4.56
C ALA A 32 -8.84 5.84 -4.03
N ILE A 33 -7.89 5.16 -3.44
CA ILE A 33 -8.11 3.92 -2.84
C ILE A 33 -8.81 4.09 -1.49
N ALA A 34 -8.72 5.29 -0.90
CA ALA A 34 -9.59 5.63 0.25
C ALA A 34 -11.04 5.36 -0.09
N LEU A 35 -11.35 5.37 -1.37
CA LEU A 35 -12.67 5.01 -1.82
C LEU A 35 -12.89 3.55 -1.52
N VAL A 36 -11.86 2.73 -1.72
CA VAL A 36 -11.95 1.31 -1.50
C VAL A 36 -12.15 1.02 -0.02
N GLN A 37 -11.56 1.87 0.85
CA GLN A 37 -11.80 1.78 2.27
C GLN A 37 -13.22 2.22 2.58
N ASP A 38 -13.69 3.15 1.77
CA ASP A 38 -15.01 3.69 1.95
C ASP A 38 -16.02 2.63 1.60
N LYS A 39 -16.88 2.36 2.54
CA LYS A 39 -17.82 1.28 2.43
C LYS A 39 -18.87 1.60 1.39
N SER A 40 -18.91 2.87 0.98
CA SER A 40 -19.84 3.28 -0.06
C SER A 40 -19.12 3.68 -1.33
N ARG A 41 -17.81 3.52 -1.35
CA ARG A 41 -17.03 3.88 -2.53
C ARG A 41 -16.09 2.76 -2.90
N GLN A 42 -16.36 1.56 -2.40
CA GLN A 42 -15.45 0.43 -2.60
C GLN A 42 -15.16 0.24 -4.09
N ASP A 43 -16.21 0.39 -4.87
CA ASP A 43 -16.14 0.28 -6.32
C ASP A 43 -15.57 1.55 -6.93
N ASP A 44 -15.78 2.68 -6.26
CA ASP A 44 -15.29 3.96 -6.75
C ASP A 44 -13.78 4.00 -6.66
N ALA A 45 -13.21 3.22 -5.74
CA ALA A 45 -11.77 3.06 -5.70
C ALA A 45 -11.34 2.19 -6.83
N MET A 46 -12.14 1.19 -7.12
CA MET A 46 -11.82 0.26 -8.16
C MET A 46 -11.70 1.03 -9.45
N VAL A 47 -12.46 2.10 -9.55
CA VAL A 47 -12.39 2.98 -10.70
C VAL A 47 -11.29 4.03 -10.53
N ALA A 48 -11.21 4.59 -9.31
CA ALA A 48 -10.19 5.57 -8.95
C ALA A 48 -8.81 5.05 -9.21
N PHE A 49 -8.53 3.95 -8.53
CA PHE A 49 -7.19 3.44 -8.44
C PHE A 49 -6.75 2.83 -9.74
N GLN A 50 -7.71 2.28 -10.49
CA GLN A 50 -7.44 1.80 -11.85
C GLN A 50 -6.73 2.87 -12.63
N ASN A 51 -6.97 4.11 -12.25
CA ASN A 51 -6.30 5.22 -12.87
C ASN A 51 -4.88 5.31 -12.36
N PHE A 52 -4.72 4.91 -11.13
CA PHE A 52 -3.44 5.00 -10.44
C PHE A 52 -2.47 3.93 -10.84
N ILE A 53 -2.84 2.70 -10.57
CA ILE A 53 -1.93 1.58 -10.70
C ILE A 53 -1.62 1.24 -12.15
N LYS A 54 -2.54 1.58 -13.03
CA LYS A 54 -2.32 1.34 -14.44
C LYS A 54 -2.00 2.62 -15.22
N ASN A 55 -2.81 3.65 -15.02
CA ASN A 55 -2.73 4.85 -15.87
C ASN A 55 -2.00 6.01 -15.22
N TYR A 56 -1.17 5.70 -14.25
CA TYR A 56 -0.38 6.74 -13.57
C TYR A 56 1.03 6.27 -13.23
N PRO A 57 1.80 5.82 -14.24
CA PRO A 57 3.19 5.39 -14.04
C PRO A 57 4.05 6.56 -13.67
N ASP A 58 3.61 7.68 -14.17
CA ASP A 58 4.24 8.97 -13.93
C ASP A 58 4.25 9.35 -12.45
N SER A 59 3.40 8.73 -11.64
CA SER A 59 3.31 9.08 -10.25
C SER A 59 4.04 8.05 -9.40
N THR A 60 4.55 8.49 -8.26
CA THR A 60 5.25 7.61 -7.34
C THR A 60 4.43 6.37 -6.99
N TYR A 61 3.16 6.58 -6.71
CA TYR A 61 2.33 5.56 -6.11
C TYR A 61 1.53 4.75 -7.10
N LEU A 62 1.92 4.82 -8.35
CA LEU A 62 1.50 3.85 -9.35
C LEU A 62 1.41 2.42 -8.74
N PRO A 63 2.48 1.94 -8.08
CA PRO A 63 2.58 0.56 -7.64
C PRO A 63 1.73 0.32 -6.40
N ASN A 64 1.93 1.25 -5.49
CA ASN A 64 1.37 1.22 -4.15
C ASN A 64 -0.08 1.53 -4.14
N ALA A 65 -0.58 2.14 -5.18
CA ALA A 65 -1.98 2.42 -5.15
C ALA A 65 -2.78 1.11 -5.09
N ASN A 66 -2.21 0.09 -5.71
CA ASN A 66 -2.75 -1.27 -5.66
C ASN A 66 -2.60 -1.84 -4.24
N TYR A 67 -1.64 -1.30 -3.51
CA TYR A 67 -1.29 -1.77 -2.16
C TYR A 67 -2.40 -1.48 -1.20
N TRP A 68 -2.96 -0.30 -1.34
CA TRP A 68 -4.11 0.11 -0.56
C TRP A 68 -5.22 -0.87 -0.84
N LEU A 69 -5.25 -1.38 -2.07
CA LEU A 69 -6.27 -2.35 -2.46
C LEU A 69 -6.06 -3.65 -1.68
N GLY A 70 -4.79 -4.03 -1.53
CA GLY A 70 -4.46 -5.16 -0.71
C GLY A 70 -4.86 -4.97 0.74
N GLN A 71 -4.42 -3.87 1.31
CA GLN A 71 -4.60 -3.59 2.73
C GLN A 71 -6.06 -3.51 3.12
N LEU A 72 -6.82 -2.70 2.40
CA LEU A 72 -8.21 -2.50 2.74
C LEU A 72 -8.97 -3.81 2.82
N ASN A 73 -8.82 -4.61 1.77
CA ASN A 73 -9.68 -5.74 1.60
C ASN A 73 -9.44 -6.77 2.69
N TYR A 74 -8.20 -7.00 3.10
CA TYR A 74 -7.94 -7.97 4.13
C TYR A 74 -8.72 -7.62 5.39
N ASN A 75 -8.56 -6.42 5.90
CA ASN A 75 -9.25 -5.98 7.13
C ASN A 75 -10.77 -6.00 6.95
N LYS A 76 -11.21 -6.26 5.74
CA LYS A 76 -12.63 -6.40 5.46
C LYS A 76 -13.10 -7.82 5.77
N GLY A 77 -12.16 -8.67 6.13
CA GLY A 77 -12.44 -10.08 6.36
C GLY A 77 -12.15 -10.87 5.12
N LYS A 78 -11.29 -10.30 4.30
CA LYS A 78 -10.82 -10.94 3.10
C LYS A 78 -9.40 -11.33 3.32
N LYS A 79 -9.26 -11.89 4.48
CA LYS A 79 -8.03 -12.46 4.98
C LYS A 79 -7.52 -13.47 3.95
N ASP A 80 -8.42 -13.92 3.09
CA ASP A 80 -8.08 -14.71 1.93
C ASP A 80 -7.82 -13.84 0.70
N ASP A 81 -8.87 -13.14 0.26
CA ASP A 81 -8.86 -12.41 -1.01
C ASP A 81 -7.79 -11.32 -1.07
N ALA A 82 -7.78 -10.39 -0.12
CA ALA A 82 -6.77 -9.35 -0.13
C ALA A 82 -5.40 -9.86 0.22
N ALA A 83 -5.33 -10.93 0.99
CA ALA A 83 -4.04 -11.56 1.27
C ALA A 83 -3.33 -11.81 -0.05
N TYR A 84 -4.12 -12.17 -1.04
CA TYR A 84 -3.65 -12.30 -2.40
C TYR A 84 -3.53 -10.91 -3.08
N TYR A 85 -4.47 -9.99 -2.82
CA TYR A 85 -4.38 -8.61 -3.36
C TYR A 85 -3.02 -8.01 -3.04
N PHE A 86 -2.65 -8.06 -1.76
CA PHE A 86 -1.31 -7.67 -1.37
C PHE A 86 -0.30 -8.47 -2.15
N ALA A 87 -0.41 -9.79 -2.10
CA ALA A 87 0.53 -10.65 -2.80
C ALA A 87 0.70 -10.21 -4.24
N SER A 88 -0.36 -9.66 -4.81
CA SER A 88 -0.32 -9.12 -6.15
C SER A 88 0.52 -7.85 -6.23
N VAL A 89 0.39 -6.95 -5.25
CA VAL A 89 1.19 -5.74 -5.26
C VAL A 89 2.63 -6.05 -4.88
N VAL A 90 2.77 -6.82 -3.80
CA VAL A 90 4.11 -7.36 -3.43
C VAL A 90 4.80 -7.97 -4.67
N LYS A 91 4.05 -8.75 -5.43
CA LYS A 91 4.56 -9.41 -6.62
C LYS A 91 4.78 -8.43 -7.77
N ASN A 92 3.70 -7.82 -8.21
CA ASN A 92 3.72 -7.01 -9.41
C ASN A 92 4.50 -5.73 -9.20
N TYR A 93 4.39 -5.15 -8.03
CA TYR A 93 5.00 -3.87 -7.79
C TYR A 93 6.15 -3.94 -6.81
N PRO A 94 7.34 -4.03 -7.39
CA PRO A 94 8.60 -4.06 -6.66
C PRO A 94 9.04 -2.65 -6.29
N LYS A 95 8.36 -1.70 -6.91
CA LYS A 95 8.66 -0.29 -6.78
C LYS A 95 7.93 0.27 -5.60
N SER A 96 6.91 -0.47 -5.21
CA SER A 96 6.05 -0.08 -4.10
C SER A 96 6.81 -0.20 -2.78
N PRO A 97 6.37 0.55 -1.77
CA PRO A 97 6.79 0.34 -0.40
C PRO A 97 6.02 -0.83 0.19
N LYS A 98 5.09 -1.32 -0.61
CA LYS A 98 4.09 -2.27 -0.19
C LYS A 98 4.59 -3.69 -0.18
N ALA A 99 5.53 -4.00 -1.03
CA ALA A 99 6.15 -5.30 -0.96
C ALA A 99 6.68 -5.50 0.45
N ALA A 100 7.13 -4.42 1.06
CA ALA A 100 7.50 -4.40 2.47
C ALA A 100 6.27 -4.30 3.33
N ASP A 101 5.43 -3.30 3.04
CA ASP A 101 4.27 -3.00 3.85
C ASP A 101 3.38 -4.20 4.02
N ALA A 102 3.09 -4.86 2.92
CA ALA A 102 2.28 -6.06 2.93
C ALA A 102 3.06 -7.25 3.41
N MET A 103 4.34 -7.26 3.17
CA MET A 103 5.15 -8.24 3.84
C MET A 103 4.90 -8.12 5.33
N PHE A 104 4.85 -6.89 5.78
CA PHE A 104 4.55 -6.58 7.16
C PHE A 104 3.06 -6.84 7.51
N LYS A 105 2.14 -6.24 6.74
CA LYS A 105 0.68 -6.28 7.02
C LYS A 105 0.03 -7.60 6.65
N VAL A 106 0.48 -8.24 5.58
CA VAL A 106 0.09 -9.60 5.35
C VAL A 106 0.79 -10.44 6.38
N GLY A 107 1.94 -9.91 6.81
CA GLY A 107 2.58 -10.36 8.03
C GLY A 107 1.64 -10.25 9.23
N VAL A 108 0.69 -9.38 9.15
CA VAL A 108 -0.31 -9.28 10.17
C VAL A 108 -1.36 -10.39 10.04
N ILE A 109 -1.95 -10.55 8.84
CA ILE A 109 -2.96 -11.59 8.65
C ILE A 109 -2.34 -12.99 8.77
N MET A 110 -1.06 -13.11 8.47
CA MET A 110 -0.37 -14.39 8.58
C MET A 110 -0.62 -15.01 9.97
N GLN A 111 -0.53 -14.20 11.01
CA GLN A 111 -0.76 -14.59 12.37
C GLN A 111 -2.24 -14.70 12.64
N ASP A 112 -3.02 -13.91 11.91
CA ASP A 112 -4.46 -14.05 11.91
C ASP A 112 -4.85 -15.47 11.50
N LYS A 113 -4.21 -15.97 10.45
CA LYS A 113 -4.41 -17.33 10.01
C LYS A 113 -3.56 -18.29 10.83
N GLY A 114 -2.56 -17.74 11.52
CA GLY A 114 -1.82 -18.52 12.51
C GLY A 114 -0.37 -18.75 12.14
N ASP A 115 0.33 -17.73 11.65
CA ASP A 115 1.78 -17.85 11.42
C ASP A 115 2.55 -16.78 12.12
N THR A 116 2.06 -16.34 13.25
CA THR A 116 2.85 -15.48 14.09
C THR A 116 4.13 -16.20 14.50
N ALA A 117 4.11 -17.50 14.41
CA ALA A 117 5.31 -18.27 14.63
C ALA A 117 6.22 -18.24 13.40
N LYS A 118 5.67 -18.65 12.27
CA LYS A 118 6.47 -18.86 11.07
C LYS A 118 6.64 -17.59 10.30
N ALA A 119 5.51 -17.00 9.99
CA ALA A 119 5.46 -15.85 9.15
C ALA A 119 6.01 -14.65 9.86
N LYS A 120 6.09 -14.69 11.17
CA LYS A 120 6.75 -13.62 11.89
C LYS A 120 8.16 -13.42 11.37
N ALA A 121 8.69 -14.49 10.85
CA ALA A 121 9.99 -14.45 10.18
C ALA A 121 9.92 -13.50 8.97
N VAL A 122 8.78 -13.52 8.30
CA VAL A 122 8.46 -12.54 7.26
C VAL A 122 8.84 -11.14 7.68
N TYR A 123 8.44 -10.76 8.89
CA TYR A 123 8.81 -9.47 9.43
C TYR A 123 10.30 -9.33 9.41
N GLN A 124 10.98 -10.34 9.96
CA GLN A 124 12.42 -10.30 10.20
C GLN A 124 13.11 -10.04 8.89
N GLN A 125 12.43 -10.48 7.86
CA GLN A 125 12.86 -10.32 6.51
C GLN A 125 12.68 -8.89 6.08
N VAL A 126 11.48 -8.35 6.16
CA VAL A 126 11.27 -6.98 5.72
C VAL A 126 12.29 -6.05 6.35
N ILE A 127 12.48 -6.18 7.64
CA ILE A 127 13.42 -5.34 8.36
C ILE A 127 14.79 -5.31 7.67
N SER A 128 15.23 -6.45 7.15
CA SER A 128 16.58 -6.59 6.65
C SER A 128 16.59 -6.70 5.12
N LYS A 129 15.49 -7.18 4.57
CA LYS A 129 15.38 -7.52 3.16
C LYS A 129 14.74 -6.38 2.41
N TYR A 130 13.73 -5.82 3.06
CA TYR A 130 13.04 -4.64 2.61
C TYR A 130 13.39 -3.41 3.45
N PRO A 131 14.70 -3.18 3.76
CA PRO A 131 15.08 -2.33 4.88
C PRO A 131 14.69 -0.87 4.70
N GLY A 132 14.13 -0.33 5.76
CA GLY A 132 13.80 1.07 5.78
C GLY A 132 12.64 1.40 4.89
N THR A 133 11.79 0.43 4.64
CA THR A 133 10.60 0.65 3.87
C THR A 133 9.43 0.54 4.81
N ASP A 134 8.25 0.99 4.40
CA ASP A 134 7.07 0.97 5.28
C ASP A 134 6.96 -0.32 6.05
N GLY A 135 7.06 -1.42 5.32
CA GLY A 135 7.02 -2.72 5.94
C GLY A 135 8.17 -2.95 6.90
N ALA A 136 9.39 -2.67 6.47
CA ALA A 136 10.57 -2.92 7.30
C ALA A 136 10.54 -2.04 8.53
N LYS A 137 9.89 -0.90 8.37
CA LYS A 137 9.77 0.09 9.41
C LYS A 137 8.79 -0.37 10.45
N GLN A 138 7.57 -0.67 10.00
CA GLN A 138 6.52 -1.12 10.90
C GLN A 138 6.73 -2.55 11.38
N ALA A 139 7.41 -3.38 10.59
CA ALA A 139 7.60 -4.77 10.97
C ALA A 139 8.59 -4.87 12.09
N GLN A 140 9.48 -3.88 12.15
CA GLN A 140 10.43 -3.75 13.24
C GLN A 140 9.74 -3.78 14.59
N LYS A 141 8.61 -3.08 14.70
CA LYS A 141 7.91 -3.06 15.97
C LYS A 141 7.28 -4.41 16.25
N ARG A 142 6.65 -5.01 15.26
CA ARG A 142 5.95 -6.27 15.47
C ARG A 142 6.96 -7.36 15.74
N LEU A 143 8.11 -7.18 15.15
CA LEU A 143 9.22 -8.09 15.34
C LEU A 143 9.53 -8.24 16.84
N ASN A 144 9.57 -7.11 17.55
CA ASN A 144 9.94 -7.09 18.95
C ASN A 144 8.74 -6.99 19.88
N ALA A 145 7.63 -6.48 19.37
CA ALA A 145 6.47 -6.17 20.18
C ALA A 145 5.51 -7.33 20.14
N MET A 146 4.97 -7.51 18.97
CA MET A 146 3.93 -8.46 18.74
C MET A 146 4.49 -9.87 18.53
N MET A 1 18.98 39.95 -2.91
CA MET A 1 17.87 39.81 -3.87
C MET A 1 18.02 40.83 -4.99
N GLY A 2 17.92 40.37 -6.23
CA GLY A 2 18.09 41.25 -7.37
C GLY A 2 18.90 40.59 -8.47
N SER A 3 19.67 39.58 -8.09
CA SER A 3 20.45 38.81 -9.04
C SER A 3 20.48 37.35 -8.59
N SER A 4 21.12 36.50 -9.39
CA SER A 4 21.27 35.08 -9.08
C SER A 4 19.95 34.32 -9.24
N HIS A 5 18.96 34.67 -8.44
CA HIS A 5 17.69 33.98 -8.43
C HIS A 5 16.63 34.79 -7.69
N HIS A 6 15.41 34.76 -8.20
CA HIS A 6 14.29 35.34 -7.48
C HIS A 6 13.51 34.23 -6.79
N HIS A 7 13.07 33.26 -7.57
CA HIS A 7 12.48 32.03 -7.03
C HIS A 7 12.83 30.84 -7.90
N HIS A 8 12.08 30.66 -8.99
CA HIS A 8 12.27 29.52 -9.89
C HIS A 8 12.22 28.19 -9.14
N HIS A 9 11.10 27.92 -8.50
CA HIS A 9 10.92 26.67 -7.76
C HIS A 9 9.70 25.90 -8.24
N HIS A 10 9.39 26.03 -9.53
CA HIS A 10 8.30 25.24 -10.11
C HIS A 10 8.62 24.91 -11.56
N SER A 11 9.89 24.65 -11.83
CA SER A 11 10.33 24.22 -13.14
C SER A 11 9.81 22.81 -13.43
N SER A 12 10.19 21.88 -12.58
CA SER A 12 9.70 20.52 -12.67
C SER A 12 8.46 20.35 -11.78
N GLY A 13 7.31 20.17 -12.41
CA GLY A 13 6.08 20.03 -11.66
C GLY A 13 5.78 18.57 -11.36
N LEU A 14 5.40 17.84 -12.40
CA LEU A 14 5.11 16.43 -12.26
C LEU A 14 6.41 15.66 -12.01
N VAL A 15 6.28 14.39 -11.62
CA VAL A 15 7.43 13.55 -11.31
C VAL A 15 8.15 14.06 -10.06
N PRO A 16 7.72 13.58 -8.86
CA PRO A 16 8.26 13.95 -7.56
C PRO A 16 9.74 14.31 -7.57
N ARG A 17 10.02 15.58 -7.33
CA ARG A 17 11.38 16.07 -7.31
C ARG A 17 12.01 15.86 -5.93
N GLY A 18 11.18 15.94 -4.90
CA GLY A 18 11.67 15.83 -3.54
C GLY A 18 11.40 17.10 -2.76
N SER A 19 11.67 18.23 -3.40
CA SER A 19 11.39 19.53 -2.80
C SER A 19 9.88 19.76 -2.73
N HIS A 20 9.21 19.57 -3.85
CA HIS A 20 7.77 19.74 -3.94
C HIS A 20 7.18 18.69 -4.87
N MET A 21 5.87 18.58 -4.88
CA MET A 21 5.19 17.63 -5.77
C MET A 21 3.99 18.26 -6.44
N SER A 22 3.74 17.82 -7.66
CA SER A 22 2.56 18.21 -8.40
C SER A 22 1.92 16.95 -8.95
N GLY A 23 0.65 16.75 -8.67
CA GLY A 23 -0.01 15.53 -9.07
C GLY A 23 0.28 14.44 -8.09
N ASN A 24 0.43 14.87 -6.84
CA ASN A 24 0.60 14.00 -5.70
C ASN A 24 -0.25 12.74 -5.82
N ALA A 25 0.41 11.66 -6.20
CA ALA A 25 -0.25 10.40 -6.38
C ALA A 25 -0.74 9.88 -5.04
N ASN A 26 -0.03 10.25 -3.99
CA ASN A 26 -0.29 9.85 -2.66
C ASN A 26 -1.68 10.25 -2.29
N THR A 27 -2.00 11.49 -2.60
CA THR A 27 -3.21 12.05 -2.11
C THR A 27 -4.41 11.58 -2.92
N ASP A 28 -4.30 11.63 -4.24
CA ASP A 28 -5.37 11.19 -5.09
C ASP A 28 -5.61 9.71 -4.91
N TYR A 29 -4.54 8.95 -4.75
CA TYR A 29 -4.66 7.51 -4.66
C TYR A 29 -5.11 7.08 -3.29
N ASN A 30 -4.47 7.58 -2.26
CA ASN A 30 -4.93 7.35 -0.90
C ASN A 30 -6.39 7.76 -0.81
N ALA A 31 -6.78 8.71 -1.65
CA ALA A 31 -8.18 9.09 -1.81
C ALA A 31 -8.96 8.10 -2.70
N ALA A 32 -8.28 7.39 -3.61
CA ALA A 32 -8.94 6.51 -4.55
C ALA A 32 -9.27 5.23 -3.87
N ILE A 33 -8.22 4.67 -3.35
CA ILE A 33 -8.28 3.44 -2.65
C ILE A 33 -8.82 3.66 -1.24
N ALA A 34 -8.83 4.91 -0.77
CA ALA A 34 -9.59 5.23 0.47
C ALA A 34 -11.00 4.68 0.39
N LEU A 35 -11.47 4.49 -0.82
CA LEU A 35 -12.72 3.83 -1.06
C LEU A 35 -12.62 2.36 -0.65
N VAL A 36 -11.50 1.73 -0.97
CA VAL A 36 -11.25 0.35 -0.55
C VAL A 36 -11.07 0.28 0.95
N GLN A 37 -10.61 1.39 1.53
CA GLN A 37 -10.50 1.53 2.96
C GLN A 37 -11.89 1.68 3.55
N ASP A 38 -12.73 2.36 2.80
CA ASP A 38 -14.10 2.57 3.19
C ASP A 38 -14.81 1.25 3.14
N LYS A 39 -15.48 0.96 4.22
CA LYS A 39 -16.10 -0.33 4.41
C LYS A 39 -17.21 -0.51 3.41
N SER A 40 -17.68 0.60 2.85
CA SER A 40 -18.81 0.56 1.94
C SER A 40 -18.44 0.99 0.53
N ARG A 41 -17.17 1.24 0.29
CA ARG A 41 -16.74 1.67 -1.03
C ARG A 41 -15.71 0.73 -1.61
N GLN A 42 -15.75 -0.52 -1.17
CA GLN A 42 -14.80 -1.52 -1.67
C GLN A 42 -14.84 -1.57 -3.20
N ASP A 43 -16.04 -1.49 -3.74
CA ASP A 43 -16.26 -1.52 -5.18
C ASP A 43 -15.93 -0.17 -5.80
N ASP A 44 -16.15 0.89 -5.03
CA ASP A 44 -15.84 2.23 -5.49
C ASP A 44 -14.33 2.40 -5.58
N ALA A 45 -13.60 1.63 -4.80
CA ALA A 45 -12.16 1.60 -4.93
C ALA A 45 -11.76 0.89 -6.18
N MET A 46 -12.48 -0.17 -6.48
CA MET A 46 -12.19 -0.97 -7.64
C MET A 46 -12.28 -0.09 -8.87
N VAL A 47 -13.17 0.88 -8.79
CA VAL A 47 -13.40 1.80 -9.88
C VAL A 47 -12.43 2.98 -9.83
N ALA A 48 -12.13 3.42 -8.61
CA ALA A 48 -11.20 4.50 -8.38
C ALA A 48 -9.80 4.12 -8.81
N PHE A 49 -9.32 3.07 -8.18
CA PHE A 49 -7.93 2.70 -8.25
C PHE A 49 -7.61 2.11 -9.59
N GLN A 50 -8.60 1.48 -10.21
CA GLN A 50 -8.42 0.86 -11.52
C GLN A 50 -7.80 1.85 -12.46
N ASN A 51 -8.11 3.09 -12.14
CA ASN A 51 -7.59 4.22 -12.87
C ASN A 51 -6.13 4.42 -12.54
N PHE A 52 -5.80 4.17 -11.30
CA PHE A 52 -4.48 4.47 -10.76
C PHE A 52 -3.44 3.49 -11.22
N ILE A 53 -3.64 2.25 -10.86
CA ILE A 53 -2.64 1.23 -11.08
C ILE A 53 -2.40 0.98 -12.57
N LYS A 54 -3.42 1.23 -13.38
CA LYS A 54 -3.32 1.03 -14.80
C LYS A 54 -3.03 2.32 -15.55
N ASN A 55 -3.89 3.32 -15.38
CA ASN A 55 -3.86 4.51 -16.24
C ASN A 55 -3.26 5.73 -15.54
N TYR A 56 -2.46 5.50 -14.54
CA TYR A 56 -1.77 6.59 -13.86
C TYR A 56 -0.27 6.36 -13.77
N PRO A 57 0.43 6.29 -14.92
CA PRO A 57 1.90 6.19 -14.95
C PRO A 57 2.52 7.49 -14.49
N ASP A 58 1.79 8.53 -14.78
CA ASP A 58 2.16 9.90 -14.40
C ASP A 58 1.98 10.14 -12.90
N SER A 59 1.69 9.09 -12.16
CA SER A 59 1.54 9.18 -10.73
C SER A 59 2.26 8.01 -10.08
N THR A 60 3.31 8.34 -9.32
CA THR A 60 4.21 7.37 -8.70
C THR A 60 3.50 6.14 -8.12
N TYR A 61 2.33 6.35 -7.56
CA TYR A 61 1.64 5.32 -6.83
C TYR A 61 0.76 4.44 -7.69
N LEU A 62 0.96 4.45 -8.97
CA LEU A 62 0.34 3.44 -9.83
C LEU A 62 0.52 2.02 -9.27
N PRO A 63 1.72 1.63 -8.72
CA PRO A 63 1.94 0.28 -8.24
C PRO A 63 1.25 0.07 -6.90
N ASN A 64 1.50 1.07 -6.07
CA ASN A 64 1.07 1.12 -4.69
C ASN A 64 -0.39 1.35 -4.58
N ALA A 65 -1.01 1.86 -5.61
CA ALA A 65 -2.42 2.06 -5.51
C ALA A 65 -3.10 0.71 -5.34
N ASN A 66 -2.50 -0.31 -5.95
CA ASN A 66 -2.93 -1.70 -5.81
C ASN A 66 -2.69 -2.20 -4.38
N TYR A 67 -1.74 -1.56 -3.72
CA TYR A 67 -1.28 -1.95 -2.39
C TYR A 67 -2.32 -1.66 -1.34
N TRP A 68 -2.88 -0.48 -1.46
CA TRP A 68 -3.85 0.02 -0.52
C TRP A 68 -4.99 -1.00 -0.42
N LEU A 69 -5.29 -1.65 -1.55
CA LEU A 69 -6.34 -2.67 -1.52
C LEU A 69 -5.81 -3.98 -0.99
N GLY A 70 -4.51 -4.24 -1.11
CA GLY A 70 -3.97 -5.44 -0.53
C GLY A 70 -4.04 -5.44 0.98
N GLN A 71 -3.83 -4.27 1.56
CA GLN A 71 -3.82 -4.13 3.00
C GLN A 71 -5.22 -4.10 3.57
N LEU A 72 -5.98 -3.11 3.13
CA LEU A 72 -7.29 -2.88 3.73
C LEU A 72 -8.29 -3.94 3.37
N ASN A 73 -8.19 -4.54 2.19
CA ASN A 73 -9.17 -5.54 1.82
C ASN A 73 -9.01 -6.71 2.74
N TYR A 74 -7.77 -7.01 3.13
CA TYR A 74 -7.56 -8.02 4.12
C TYR A 74 -8.30 -7.61 5.38
N ASN A 75 -8.03 -6.43 5.92
CA ASN A 75 -8.72 -5.97 7.13
C ASN A 75 -10.21 -5.77 6.89
N LYS A 76 -10.64 -6.01 5.66
CA LYS A 76 -12.06 -6.03 5.34
C LYS A 76 -12.65 -7.40 5.68
N GLY A 77 -11.78 -8.32 6.03
CA GLY A 77 -12.17 -9.69 6.34
C GLY A 77 -11.93 -10.58 5.15
N LYS A 78 -11.06 -10.10 4.29
CA LYS A 78 -10.61 -10.86 3.14
C LYS A 78 -9.21 -11.28 3.41
N LYS A 79 -9.10 -11.79 4.59
CA LYS A 79 -7.92 -12.40 5.13
C LYS A 79 -7.40 -13.45 4.14
N ASP A 80 -8.29 -13.87 3.25
CA ASP A 80 -7.93 -14.65 2.08
C ASP A 80 -7.61 -13.77 0.88
N ASP A 81 -8.61 -13.02 0.43
CA ASP A 81 -8.55 -12.32 -0.85
C ASP A 81 -7.43 -11.28 -0.94
N ALA A 82 -7.41 -10.30 -0.04
CA ALA A 82 -6.34 -9.30 -0.09
C ALA A 82 -5.01 -9.87 0.35
N ALA A 83 -5.02 -10.94 1.13
CA ALA A 83 -3.79 -11.62 1.46
C ALA A 83 -3.04 -11.93 0.16
N TYR A 84 -3.79 -12.30 -0.86
CA TYR A 84 -3.25 -12.48 -2.19
C TYR A 84 -3.10 -11.13 -2.92
N TYR A 85 -3.98 -10.16 -2.62
CA TYR A 85 -3.85 -8.81 -3.20
C TYR A 85 -2.46 -8.27 -2.96
N PHE A 86 -2.04 -8.31 -1.72
CA PHE A 86 -0.68 -7.97 -1.38
C PHE A 86 0.29 -8.79 -2.19
N ALA A 87 0.06 -10.10 -2.24
CA ALA A 87 0.90 -10.99 -3.02
C ALA A 87 1.04 -10.48 -4.44
N SER A 88 -0.02 -9.90 -4.96
CA SER A 88 0.00 -9.32 -6.28
C SER A 88 0.90 -8.08 -6.34
N VAL A 89 0.76 -7.15 -5.39
CA VAL A 89 1.50 -5.90 -5.44
C VAL A 89 2.96 -6.11 -5.06
N VAL A 90 3.17 -6.77 -3.92
CA VAL A 90 4.54 -7.13 -3.48
C VAL A 90 5.33 -7.78 -4.61
N LYS A 91 4.69 -8.68 -5.31
CA LYS A 91 5.27 -9.38 -6.45
C LYS A 91 5.43 -8.45 -7.65
N ASN A 92 4.31 -7.97 -8.15
CA ASN A 92 4.29 -7.21 -9.40
C ASN A 92 5.01 -5.90 -9.29
N TYR A 93 4.82 -5.20 -8.18
CA TYR A 93 5.31 -3.86 -8.06
C TYR A 93 6.50 -3.75 -7.15
N PRO A 94 7.68 -3.66 -7.80
CA PRO A 94 8.97 -3.55 -7.13
C PRO A 94 9.16 -2.16 -6.59
N LYS A 95 8.56 -1.23 -7.31
CA LYS A 95 8.73 0.20 -7.02
C LYS A 95 7.69 0.65 -6.00
N SER A 96 6.80 -0.26 -5.68
CA SER A 96 5.83 -0.06 -4.63
C SER A 96 6.51 -0.17 -3.27
N PRO A 97 6.20 0.73 -2.32
CA PRO A 97 6.68 0.63 -0.94
C PRO A 97 5.95 -0.49 -0.22
N LYS A 98 4.91 -0.95 -0.89
CA LYS A 98 3.99 -1.92 -0.36
C LYS A 98 4.57 -3.29 -0.24
N ALA A 99 5.50 -3.60 -1.12
CA ALA A 99 6.16 -4.87 -1.07
C ALA A 99 6.65 -5.12 0.34
N ALA A 100 7.06 -4.04 0.99
CA ALA A 100 7.38 -4.06 2.41
C ALA A 100 6.14 -3.93 3.25
N ASP A 101 5.34 -2.90 2.96
CA ASP A 101 4.21 -2.49 3.77
C ASP A 101 3.28 -3.65 4.03
N ALA A 102 2.78 -4.25 2.96
CA ALA A 102 1.88 -5.37 3.07
C ALA A 102 2.64 -6.64 3.37
N MET A 103 3.95 -6.64 3.14
CA MET A 103 4.75 -7.71 3.66
C MET A 103 4.64 -7.71 5.16
N PHE A 104 4.64 -6.51 5.70
CA PHE A 104 4.46 -6.29 7.11
C PHE A 104 3.00 -6.55 7.53
N LYS A 105 2.08 -5.81 6.93
CA LYS A 105 0.67 -5.77 7.36
C LYS A 105 -0.11 -6.99 6.92
N VAL A 106 0.15 -7.49 5.73
CA VAL A 106 -0.40 -8.76 5.35
C VAL A 106 0.47 -9.84 5.98
N GLY A 107 1.70 -9.42 6.29
CA GLY A 107 2.55 -10.13 7.20
C GLY A 107 1.90 -10.28 8.55
N VAL A 108 0.93 -9.44 8.81
CA VAL A 108 0.13 -9.46 10.04
C VAL A 108 -0.97 -10.53 10.06
N ILE A 109 -1.70 -10.68 8.95
CA ILE A 109 -2.86 -11.59 8.92
C ILE A 109 -2.43 -13.02 9.24
N MET A 110 -1.19 -13.35 8.97
CA MET A 110 -0.69 -14.70 9.18
C MET A 110 -1.00 -15.25 10.55
N GLN A 111 -0.66 -14.53 11.58
CA GLN A 111 -0.89 -14.96 12.92
C GLN A 111 -2.38 -15.00 13.19
N ASP A 112 -3.11 -14.13 12.50
CA ASP A 112 -4.56 -14.18 12.54
C ASP A 112 -5.06 -15.54 12.05
N LYS A 113 -4.42 -16.07 11.00
CA LYS A 113 -4.73 -17.41 10.53
C LYS A 113 -3.90 -18.49 11.23
N GLY A 114 -2.78 -18.08 11.83
CA GLY A 114 -1.94 -19.01 12.57
C GLY A 114 -0.55 -19.21 11.96
N ASP A 115 0.15 -18.12 11.61
CA ASP A 115 1.58 -18.22 11.26
C ASP A 115 2.40 -17.22 12.02
N THR A 116 1.94 -16.84 13.18
CA THR A 116 2.75 -16.06 14.08
C THR A 116 4.08 -16.77 14.34
N ALA A 117 4.09 -18.06 14.11
CA ALA A 117 5.32 -18.80 14.19
C ALA A 117 6.17 -18.58 12.95
N LYS A 118 5.58 -18.85 11.80
CA LYS A 118 6.33 -18.87 10.54
C LYS A 118 6.43 -17.49 9.95
N ALA A 119 5.27 -16.92 9.76
CA ALA A 119 5.12 -15.67 9.08
C ALA A 119 5.59 -14.50 9.92
N LYS A 120 5.70 -14.68 11.22
CA LYS A 120 6.34 -13.66 12.03
C LYS A 120 7.73 -13.37 11.49
N ALA A 121 8.28 -14.38 10.87
CA ALA A 121 9.57 -14.25 10.19
C ALA A 121 9.46 -13.34 8.98
N VAL A 122 8.30 -13.36 8.34
CA VAL A 122 7.95 -12.40 7.30
C VAL A 122 8.36 -11.00 7.68
N TYR A 123 8.01 -10.59 8.90
CA TYR A 123 8.45 -9.30 9.41
C TYR A 123 9.96 -9.24 9.35
N GLN A 124 10.62 -10.22 9.96
CA GLN A 124 12.06 -10.22 10.14
C GLN A 124 12.73 -10.06 8.79
N GLN A 125 12.00 -10.51 7.81
CA GLN A 125 12.38 -10.41 6.43
C GLN A 125 12.19 -9.00 5.92
N VAL A 126 11.02 -8.40 6.04
CA VAL A 126 10.85 -7.04 5.58
C VAL A 126 11.92 -6.15 6.18
N ILE A 127 12.15 -6.31 7.46
CA ILE A 127 13.17 -5.53 8.15
C ILE A 127 14.51 -5.61 7.42
N SER A 128 14.78 -6.75 6.80
CA SER A 128 16.10 -7.03 6.28
C SER A 128 16.12 -7.05 4.76
N LYS A 129 15.00 -7.47 4.19
CA LYS A 129 14.84 -7.71 2.79
C LYS A 129 14.28 -6.47 2.16
N TYR A 130 13.38 -5.86 2.90
CA TYR A 130 12.77 -4.61 2.58
C TYR A 130 13.25 -3.45 3.47
N PRO A 131 14.57 -3.31 3.73
CA PRO A 131 15.06 -2.50 4.84
C PRO A 131 14.70 -1.04 4.70
N GLY A 132 14.17 -0.49 5.78
CA GLY A 132 13.88 0.92 5.83
C GLY A 132 12.76 1.34 4.91
N THR A 133 11.87 0.41 4.63
CA THR A 133 10.71 0.71 3.84
C THR A 133 9.49 0.58 4.75
N ASP A 134 8.34 1.10 4.35
CA ASP A 134 7.15 1.16 5.22
C ASP A 134 6.96 -0.11 6.03
N GLY A 135 7.07 -1.22 5.34
CA GLY A 135 6.94 -2.51 5.98
C GLY A 135 8.05 -2.82 6.93
N ALA A 136 9.30 -2.65 6.51
CA ALA A 136 10.45 -2.97 7.36
C ALA A 136 10.44 -2.05 8.56
N LYS A 137 9.88 -0.89 8.32
CA LYS A 137 9.76 0.16 9.30
C LYS A 137 8.80 -0.25 10.39
N GLN A 138 7.58 -0.54 9.99
CA GLN A 138 6.54 -0.93 10.92
C GLN A 138 6.72 -2.36 11.43
N ALA A 139 7.38 -3.23 10.64
CA ALA A 139 7.50 -4.62 11.01
C ALA A 139 8.54 -4.78 12.12
N GLN A 140 9.48 -3.84 12.16
CA GLN A 140 10.43 -3.72 13.25
C GLN A 140 9.74 -3.65 14.59
N LYS A 141 8.62 -2.93 14.63
CA LYS A 141 7.84 -2.82 15.86
C LYS A 141 7.34 -4.19 16.27
N ARG A 142 6.86 -4.97 15.31
CA ARG A 142 6.31 -6.28 15.58
C ARG A 142 7.36 -7.21 16.10
N LEU A 143 8.57 -6.95 15.67
CA LEU A 143 9.72 -7.70 16.13
C LEU A 143 9.97 -7.46 17.63
N ASN A 144 9.67 -6.26 18.09
CA ASN A 144 9.89 -5.89 19.49
C ASN A 144 8.59 -5.96 20.30
N ALA A 145 7.47 -5.68 19.65
CA ALA A 145 6.21 -5.52 20.32
C ALA A 145 5.52 -6.84 20.47
N MET A 146 5.19 -7.41 19.35
CA MET A 146 4.42 -8.61 19.32
C MET A 146 5.18 -9.74 18.63
N MET A 1 5.95 20.84 -24.29
CA MET A 1 4.96 19.78 -24.04
C MET A 1 3.57 20.38 -23.91
N GLY A 2 2.71 20.04 -24.86
CA GLY A 2 1.37 20.59 -24.87
C GLY A 2 0.42 19.83 -23.97
N SER A 3 -0.77 19.55 -24.47
CA SER A 3 -1.79 18.90 -23.67
C SER A 3 -1.56 17.38 -23.66
N SER A 4 -0.62 16.95 -22.84
CA SER A 4 -0.32 15.54 -22.69
C SER A 4 0.20 15.29 -21.27
N HIS A 5 -0.34 14.26 -20.62
CA HIS A 5 0.06 13.95 -19.26
C HIS A 5 0.41 12.47 -19.16
N HIS A 6 1.62 12.13 -19.59
CA HIS A 6 2.08 10.75 -19.60
C HIS A 6 3.34 10.61 -18.77
N HIS A 7 3.66 9.37 -18.39
CA HIS A 7 4.80 9.09 -17.53
C HIS A 7 6.13 9.40 -18.24
N HIS A 8 7.15 9.68 -17.45
CA HIS A 8 8.47 9.99 -17.98
C HIS A 8 9.54 9.19 -17.24
N HIS A 9 10.81 9.50 -17.49
CA HIS A 9 11.90 8.84 -16.76
C HIS A 9 11.81 9.17 -15.27
N HIS A 10 11.26 10.34 -14.98
CA HIS A 10 10.94 10.72 -13.62
C HIS A 10 9.42 10.87 -13.52
N SER A 11 8.85 10.52 -12.37
CA SER A 11 7.41 10.63 -12.17
C SER A 11 6.96 12.07 -12.39
N SER A 12 6.34 12.30 -13.54
CA SER A 12 5.93 13.63 -13.94
C SER A 12 4.75 13.57 -14.90
N GLY A 13 3.54 13.66 -14.35
CA GLY A 13 2.35 13.61 -15.17
C GLY A 13 1.78 14.99 -15.41
N LEU A 14 1.38 15.66 -14.33
CA LEU A 14 0.80 16.99 -14.44
C LEU A 14 1.83 18.07 -14.13
N VAL A 15 3.10 17.78 -14.45
CA VAL A 15 4.20 18.73 -14.29
C VAL A 15 4.45 19.10 -12.82
N PRO A 16 5.20 18.24 -12.10
CA PRO A 16 5.69 18.50 -10.75
C PRO A 16 5.97 19.98 -10.45
N ARG A 17 5.08 20.60 -9.70
CA ARG A 17 5.27 21.96 -9.25
C ARG A 17 4.87 22.07 -7.78
N GLY A 18 5.82 21.79 -6.90
CA GLY A 18 5.55 21.83 -5.47
C GLY A 18 6.60 21.06 -4.69
N SER A 19 6.15 20.34 -3.67
CA SER A 19 7.05 19.59 -2.82
C SER A 19 7.67 18.42 -3.59
N HIS A 20 6.82 17.58 -4.16
CA HIS A 20 7.28 16.41 -4.89
C HIS A 20 6.83 16.44 -6.35
N MET A 21 5.53 16.39 -6.55
CA MET A 21 4.98 16.22 -7.89
C MET A 21 3.54 16.74 -7.97
N SER A 22 3.12 17.08 -9.17
CA SER A 22 1.77 17.51 -9.42
C SER A 22 1.05 16.42 -10.19
N GLY A 23 -0.05 15.93 -9.65
CA GLY A 23 -0.66 14.74 -10.17
C GLY A 23 -0.01 13.54 -9.54
N ASN A 24 0.71 13.83 -8.45
CA ASN A 24 1.44 12.85 -7.67
C ASN A 24 0.59 11.66 -7.35
N ALA A 25 0.95 10.56 -7.98
CA ALA A 25 0.21 9.32 -7.87
C ALA A 25 0.08 8.88 -6.43
N ASN A 26 1.08 9.23 -5.63
CA ASN A 26 1.14 8.81 -4.25
C ASN A 26 -0.04 9.38 -3.52
N THR A 27 -0.21 10.68 -3.73
CA THR A 27 -1.18 11.40 -2.98
C THR A 27 -2.58 11.21 -3.55
N ASP A 28 -2.68 11.24 -4.87
CA ASP A 28 -3.94 11.08 -5.53
C ASP A 28 -4.46 9.66 -5.31
N TYR A 29 -3.54 8.71 -5.30
CA TYR A 29 -3.94 7.31 -5.12
C TYR A 29 -4.20 7.02 -3.66
N ASN A 30 -3.31 7.45 -2.79
CA ASN A 30 -3.58 7.37 -1.37
C ASN A 30 -4.89 8.05 -1.07
N ALA A 31 -5.27 9.01 -1.92
CA ALA A 31 -6.58 9.63 -1.87
C ALA A 31 -7.65 8.73 -2.50
N ALA A 32 -7.26 7.85 -3.42
CA ALA A 32 -8.21 7.02 -4.14
C ALA A 32 -8.60 5.86 -3.27
N ILE A 33 -7.57 5.17 -2.86
CA ILE A 33 -7.69 4.02 -2.06
C ILE A 33 -7.97 4.40 -0.61
N ALA A 34 -7.65 5.62 -0.20
CA ALA A 34 -8.12 6.10 1.13
C ALA A 34 -9.61 5.88 1.26
N LEU A 35 -10.30 5.81 0.14
CA LEU A 35 -11.69 5.46 0.13
C LEU A 35 -11.86 4.04 0.65
N VAL A 36 -10.96 3.15 0.24
CA VAL A 36 -10.99 1.78 0.70
C VAL A 36 -10.76 1.72 2.20
N GLN A 37 -9.97 2.67 2.70
CA GLN A 37 -9.72 2.79 4.13
C GLN A 37 -10.98 3.32 4.80
N ASP A 38 -11.67 4.22 4.10
CA ASP A 38 -12.90 4.79 4.60
C ASP A 38 -13.90 3.68 4.74
N LYS A 39 -14.51 3.64 5.88
CA LYS A 39 -15.39 2.56 6.25
C LYS A 39 -16.63 2.59 5.39
N SER A 40 -16.87 3.71 4.73
CA SER A 40 -18.07 3.85 3.91
C SER A 40 -17.73 3.99 2.44
N ARG A 41 -16.45 4.04 2.11
CA ARG A 41 -16.06 4.26 0.74
C ARG A 41 -15.34 3.06 0.17
N GLN A 42 -15.58 1.89 0.74
CA GLN A 42 -14.92 0.67 0.27
C GLN A 42 -15.18 0.50 -1.23
N ASP A 43 -16.40 0.80 -1.64
CA ASP A 43 -16.80 0.69 -3.03
C ASP A 43 -16.26 1.86 -3.84
N ASP A 44 -16.24 3.03 -3.21
CA ASP A 44 -15.74 4.22 -3.87
C ASP A 44 -14.25 4.07 -4.14
N ALA A 45 -13.59 3.26 -3.32
CA ALA A 45 -12.20 2.93 -3.57
C ALA A 45 -12.07 2.02 -4.74
N MET A 46 -12.97 1.05 -4.83
CA MET A 46 -12.89 0.12 -5.91
C MET A 46 -13.08 0.86 -7.21
N VAL A 47 -13.83 1.94 -7.15
CA VAL A 47 -14.07 2.75 -8.34
C VAL A 47 -12.92 3.73 -8.55
N ALA A 48 -12.45 4.31 -7.45
CA ALA A 48 -11.32 5.22 -7.48
C ALA A 48 -10.10 4.55 -8.03
N PHE A 49 -9.73 3.48 -7.36
CA PHE A 49 -8.46 2.84 -7.57
C PHE A 49 -8.46 2.09 -8.90
N GLN A 50 -9.62 1.60 -9.32
CA GLN A 50 -9.77 0.99 -10.64
C GLN A 50 -9.20 1.89 -11.69
N ASN A 51 -9.22 3.18 -11.39
CA ASN A 51 -8.64 4.15 -12.28
C ASN A 51 -7.14 4.02 -12.23
N PHE A 52 -6.66 3.74 -11.05
CA PHE A 52 -5.24 3.72 -10.77
C PHE A 52 -4.53 2.49 -11.29
N ILE A 53 -4.94 1.36 -10.77
CA ILE A 53 -4.24 0.12 -11.04
C ILE A 53 -4.47 -0.36 -12.47
N LYS A 54 -5.58 0.04 -13.05
CA LYS A 54 -5.89 -0.35 -14.42
C LYS A 54 -5.67 0.78 -15.42
N ASN A 55 -6.32 1.91 -15.20
CA ASN A 55 -6.39 2.94 -16.24
C ASN A 55 -5.46 4.12 -15.98
N TYR A 56 -4.43 3.88 -15.20
CA TYR A 56 -3.42 4.91 -14.95
C TYR A 56 -2.03 4.32 -14.84
N PRO A 57 -1.51 3.75 -15.94
CA PRO A 57 -0.13 3.27 -16.02
C PRO A 57 0.83 4.43 -15.94
N ASP A 58 0.33 5.53 -16.43
CA ASP A 58 1.05 6.80 -16.41
C ASP A 58 1.11 7.39 -15.01
N SER A 59 0.57 6.69 -14.03
CA SER A 59 0.66 7.09 -12.65
C SER A 59 1.45 6.04 -11.91
N THR A 60 2.57 6.46 -11.33
CA THR A 60 3.54 5.57 -10.72
C THR A 60 2.91 4.42 -9.92
N TYR A 61 1.86 4.74 -9.18
CA TYR A 61 1.33 3.85 -8.21
C TYR A 61 0.19 3.00 -8.71
N LEU A 62 0.08 2.89 -10.01
CA LEU A 62 -0.77 1.86 -10.61
C LEU A 62 -0.74 0.55 -9.78
N PRO A 63 0.46 -0.01 -9.47
CA PRO A 63 0.54 -1.32 -8.83
C PRO A 63 0.22 -1.22 -7.35
N ASN A 64 0.85 -0.22 -6.75
CA ASN A 64 0.73 0.10 -5.35
C ASN A 64 -0.61 0.66 -5.02
N ALA A 65 -1.33 1.12 -6.00
CA ALA A 65 -2.63 1.58 -5.69
C ALA A 65 -3.44 0.39 -5.20
N ASN A 66 -3.11 -0.76 -5.78
CA ASN A 66 -3.62 -2.05 -5.37
C ASN A 66 -3.07 -2.41 -3.99
N TYR A 67 -1.90 -1.86 -3.65
CA TYR A 67 -1.26 -2.13 -2.35
C TYR A 67 -2.19 -1.77 -1.22
N TRP A 68 -2.74 -0.57 -1.33
CA TRP A 68 -3.63 -0.03 -0.33
C TRP A 68 -4.83 -0.97 -0.23
N LEU A 69 -5.18 -1.53 -1.36
CA LEU A 69 -6.26 -2.49 -1.41
C LEU A 69 -5.84 -3.81 -0.76
N GLY A 70 -4.56 -4.17 -0.90
CA GLY A 70 -4.10 -5.43 -0.35
C GLY A 70 -4.11 -5.46 1.16
N GLN A 71 -3.73 -4.37 1.78
CA GLN A 71 -3.72 -4.29 3.23
C GLN A 71 -5.10 -4.07 3.80
N LEU A 72 -5.80 -3.06 3.29
CA LEU A 72 -7.07 -2.67 3.86
C LEU A 72 -8.12 -3.76 3.68
N ASN A 73 -8.19 -4.35 2.48
CA ASN A 73 -9.27 -5.27 2.20
C ASN A 73 -9.14 -6.48 3.10
N TYR A 74 -7.90 -6.88 3.39
CA TYR A 74 -7.67 -7.96 4.31
C TYR A 74 -8.33 -7.66 5.64
N ASN A 75 -8.02 -6.52 6.22
CA ASN A 75 -8.51 -6.15 7.56
C ASN A 75 -10.03 -5.93 7.55
N LYS A 76 -10.64 -6.20 6.43
CA LYS A 76 -12.08 -6.18 6.31
C LYS A 76 -12.64 -7.57 6.57
N GLY A 77 -11.72 -8.52 6.65
CA GLY A 77 -12.09 -9.91 6.85
C GLY A 77 -11.88 -10.68 5.57
N LYS A 78 -11.04 -10.12 4.73
CA LYS A 78 -10.62 -10.77 3.51
C LYS A 78 -9.22 -11.20 3.70
N LYS A 79 -9.07 -11.82 4.81
CA LYS A 79 -7.86 -12.47 5.23
C LYS A 79 -7.46 -13.47 4.14
N ASP A 80 -8.44 -13.78 3.30
CA ASP A 80 -8.23 -14.50 2.04
C ASP A 80 -7.93 -13.56 0.88
N ASP A 81 -8.91 -12.71 0.54
CA ASP A 81 -8.89 -11.96 -0.71
C ASP A 81 -7.71 -10.99 -0.82
N ALA A 82 -7.57 -10.05 0.11
CA ALA A 82 -6.45 -9.13 0.07
C ALA A 82 -5.13 -9.79 0.40
N ALA A 83 -5.17 -10.91 1.11
CA ALA A 83 -3.96 -11.68 1.34
C ALA A 83 -3.25 -11.95 0.01
N TYR A 84 -4.05 -12.28 -1.00
CA TYR A 84 -3.54 -12.49 -2.33
C TYR A 84 -3.30 -11.14 -3.04
N TYR A 85 -4.07 -10.12 -2.68
CA TYR A 85 -3.86 -8.76 -3.20
C TYR A 85 -2.43 -8.36 -2.98
N PHE A 86 -2.01 -8.41 -1.73
CA PHE A 86 -0.64 -8.13 -1.39
C PHE A 86 0.29 -8.99 -2.22
N ALA A 87 0.01 -10.29 -2.25
CA ALA A 87 0.78 -11.23 -3.03
C ALA A 87 0.95 -10.75 -4.46
N SER A 88 -0.08 -10.09 -4.97
CA SER A 88 -0.02 -9.50 -6.29
C SER A 88 0.89 -8.27 -6.31
N VAL A 89 0.73 -7.33 -5.36
CA VAL A 89 1.45 -6.07 -5.47
C VAL A 89 2.92 -6.25 -5.09
N VAL A 90 3.15 -6.94 -3.97
CA VAL A 90 4.54 -7.33 -3.60
C VAL A 90 5.28 -7.93 -4.78
N LYS A 91 4.56 -8.76 -5.52
CA LYS A 91 5.07 -9.39 -6.74
C LYS A 91 5.21 -8.39 -7.87
N ASN A 92 4.10 -7.75 -8.21
CA ASN A 92 4.02 -6.84 -9.36
C ASN A 92 4.98 -5.68 -9.22
N TYR A 93 4.91 -5.00 -8.09
CA TYR A 93 5.69 -3.84 -7.85
C TYR A 93 6.90 -4.13 -7.02
N PRO A 94 8.05 -4.18 -7.68
CA PRO A 94 9.34 -4.39 -7.05
C PRO A 94 9.83 -3.10 -6.42
N LYS A 95 9.30 -2.00 -6.91
CA LYS A 95 9.76 -0.67 -6.49
C LYS A 95 8.89 -0.15 -5.37
N SER A 96 7.73 -0.77 -5.25
CA SER A 96 6.75 -0.42 -4.22
C SER A 96 7.34 -0.43 -2.81
N PRO A 97 6.73 0.35 -1.91
CA PRO A 97 6.93 0.20 -0.49
C PRO A 97 6.06 -0.93 0.02
N LYS A 98 5.08 -1.30 -0.81
CA LYS A 98 4.05 -2.24 -0.44
C LYS A 98 4.58 -3.64 -0.33
N ALA A 99 5.54 -3.95 -1.15
CA ALA A 99 6.21 -5.22 -1.04
C ALA A 99 6.69 -5.39 0.39
N ALA A 100 7.11 -4.29 0.99
CA ALA A 100 7.46 -4.25 2.41
C ALA A 100 6.22 -4.10 3.28
N ASP A 101 5.43 -3.09 2.95
CA ASP A 101 4.30 -2.66 3.76
C ASP A 101 3.34 -3.81 4.00
N ALA A 102 2.90 -4.44 2.92
CA ALA A 102 2.00 -5.56 3.02
C ALA A 102 2.75 -6.81 3.40
N MET A 103 4.05 -6.82 3.21
CA MET A 103 4.86 -7.88 3.80
C MET A 103 4.73 -7.79 5.30
N PHE A 104 4.68 -6.57 5.78
CA PHE A 104 4.45 -6.27 7.16
C PHE A 104 2.98 -6.53 7.57
N LYS A 105 2.04 -5.84 6.92
CA LYS A 105 0.61 -5.87 7.29
C LYS A 105 -0.08 -7.14 6.86
N VAL A 106 0.21 -7.64 5.68
CA VAL A 106 -0.29 -8.93 5.30
C VAL A 106 0.61 -9.97 5.97
N GLY A 107 1.80 -9.50 6.32
CA GLY A 107 2.64 -10.18 7.27
C GLY A 107 1.95 -10.33 8.60
N VAL A 108 0.93 -9.51 8.83
CA VAL A 108 0.05 -9.58 10.00
C VAL A 108 -1.02 -10.66 9.91
N ILE A 109 -1.71 -10.76 8.77
CA ILE A 109 -2.85 -11.67 8.64
C ILE A 109 -2.45 -13.12 8.87
N MET A 110 -1.21 -13.44 8.64
CA MET A 110 -0.72 -14.80 8.81
C MET A 110 -1.08 -15.40 10.16
N GLN A 111 -0.82 -14.65 11.20
CA GLN A 111 -1.08 -15.04 12.55
C GLN A 111 -2.57 -15.10 12.80
N ASP A 112 -3.30 -14.27 12.05
CA ASP A 112 -4.74 -14.40 12.00
C ASP A 112 -5.10 -15.83 11.60
N LYS A 113 -4.39 -16.37 10.60
CA LYS A 113 -4.53 -17.76 10.22
C LYS A 113 -3.81 -18.67 11.21
N GLY A 114 -2.73 -18.16 11.78
CA GLY A 114 -1.88 -18.92 12.66
C GLY A 114 -0.50 -19.18 12.10
N ASP A 115 0.12 -18.18 11.45
CA ASP A 115 1.55 -18.30 11.11
C ASP A 115 2.35 -17.27 11.84
N THR A 116 1.86 -16.84 12.96
CA THR A 116 2.63 -16.02 13.86
C THR A 116 3.99 -16.65 14.15
N ALA A 117 4.07 -17.94 13.98
CA ALA A 117 5.33 -18.61 14.11
C ALA A 117 6.17 -18.43 12.86
N LYS A 118 5.58 -18.77 11.73
CA LYS A 118 6.32 -18.85 10.47
C LYS A 118 6.40 -17.50 9.82
N ALA A 119 5.25 -16.92 9.63
CA ALA A 119 5.12 -15.70 8.91
C ALA A 119 5.57 -14.50 9.72
N LYS A 120 5.62 -14.61 11.05
CA LYS A 120 6.19 -13.52 11.84
C LYS A 120 7.60 -13.25 11.36
N ALA A 121 8.18 -14.29 10.86
CA ALA A 121 9.50 -14.22 10.21
C ALA A 121 9.48 -13.25 9.01
N VAL A 122 8.38 -13.23 8.26
CA VAL A 122 8.24 -12.28 7.14
C VAL A 122 8.59 -10.87 7.58
N TYR A 123 8.19 -10.52 8.79
CA TYR A 123 8.57 -9.22 9.34
C TYR A 123 10.08 -9.10 9.36
N GLN A 124 10.72 -10.10 9.95
CA GLN A 124 12.17 -10.11 10.16
C GLN A 124 12.85 -9.93 8.83
N GLN A 125 12.14 -10.39 7.83
CA GLN A 125 12.53 -10.27 6.46
C GLN A 125 12.36 -8.85 5.99
N VAL A 126 11.19 -8.25 6.15
CA VAL A 126 11.03 -6.89 5.71
C VAL A 126 12.07 -5.99 6.31
N ILE A 127 12.25 -6.08 7.61
CA ILE A 127 13.21 -5.26 8.31
C ILE A 127 14.59 -5.29 7.64
N SER A 128 14.91 -6.44 7.05
CA SER A 128 16.26 -6.70 6.60
C SER A 128 16.34 -6.77 5.07
N LYS A 129 15.27 -7.24 4.46
CA LYS A 129 15.24 -7.54 3.06
C LYS A 129 14.57 -6.39 2.33
N TYR A 130 13.61 -5.83 3.02
CA TYR A 130 12.92 -4.64 2.61
C TYR A 130 13.34 -3.42 3.44
N PRO A 131 14.64 -3.24 3.75
CA PRO A 131 15.05 -2.38 4.86
C PRO A 131 14.70 -0.92 4.64
N GLY A 132 14.20 -0.31 5.69
CA GLY A 132 13.89 1.10 5.65
C GLY A 132 12.78 1.43 4.69
N THR A 133 11.90 0.48 4.50
CA THR A 133 10.72 0.70 3.71
C THR A 133 9.54 0.63 4.64
N ASP A 134 8.38 1.11 4.22
CA ASP A 134 7.19 1.18 5.08
C ASP A 134 7.02 -0.09 5.88
N GLY A 135 7.07 -1.20 5.19
CA GLY A 135 6.99 -2.49 5.85
C GLY A 135 8.10 -2.72 6.83
N ALA A 136 9.34 -2.52 6.41
CA ALA A 136 10.50 -2.84 7.25
C ALA A 136 10.53 -1.96 8.48
N LYS A 137 9.99 -0.78 8.34
CA LYS A 137 9.97 0.21 9.39
C LYS A 137 8.93 -0.16 10.43
N GLN A 138 7.72 -0.38 9.94
CA GLN A 138 6.61 -0.70 10.82
C GLN A 138 6.67 -2.15 11.31
N ALA A 139 7.30 -3.04 10.54
CA ALA A 139 7.40 -4.45 10.93
C ALA A 139 8.35 -4.60 12.10
N GLN A 140 9.27 -3.66 12.19
CA GLN A 140 10.21 -3.57 13.30
C GLN A 140 9.49 -3.60 14.63
N LYS A 141 8.35 -2.92 14.72
CA LYS A 141 7.57 -2.91 15.95
C LYS A 141 7.03 -4.28 16.25
N ARG A 142 6.52 -4.96 15.23
CA ARG A 142 5.93 -6.28 15.43
C ARG A 142 7.01 -7.26 15.83
N LEU A 143 8.18 -7.00 15.33
CA LEU A 143 9.34 -7.83 15.64
C LEU A 143 9.66 -7.79 17.13
N ASN A 144 9.61 -6.58 17.71
CA ASN A 144 10.04 -6.39 19.09
C ASN A 144 8.86 -6.29 20.05
N ALA A 145 7.68 -6.03 19.52
CA ALA A 145 6.52 -5.79 20.34
C ALA A 145 5.56 -6.95 20.24
N MET A 146 4.91 -7.03 19.11
CA MET A 146 3.81 -7.91 18.93
C MET A 146 4.03 -8.88 17.76
N MET A 1 11.00 11.19 -8.17
CA MET A 1 9.60 11.39 -7.72
C MET A 1 9.19 10.27 -6.77
N GLY A 2 8.45 10.61 -5.73
CA GLY A 2 8.00 9.62 -4.78
C GLY A 2 8.96 9.51 -3.61
N SER A 3 9.38 8.29 -3.31
CA SER A 3 10.37 8.05 -2.27
C SER A 3 11.14 6.76 -2.57
N SER A 4 12.30 6.93 -3.21
CA SER A 4 13.14 5.80 -3.58
C SER A 4 14.21 5.58 -2.52
N HIS A 5 14.53 6.63 -1.78
CA HIS A 5 15.53 6.56 -0.73
C HIS A 5 14.87 6.23 0.60
N HIS A 6 15.69 5.93 1.60
CA HIS A 6 15.20 5.63 2.95
C HIS A 6 14.82 6.93 3.65
N HIS A 7 13.80 7.58 3.10
CA HIS A 7 13.28 8.82 3.65
C HIS A 7 11.94 9.11 2.97
N HIS A 8 10.91 8.41 3.42
CA HIS A 8 9.57 8.57 2.89
C HIS A 8 9.09 10.00 3.07
N HIS A 9 8.91 10.72 1.96
CA HIS A 9 8.62 12.15 2.03
C HIS A 9 7.50 12.53 1.05
N HIS A 10 6.98 13.74 1.24
CA HIS A 10 5.88 14.31 0.44
C HIS A 10 4.55 13.62 0.76
N SER A 11 4.59 12.66 1.66
CA SER A 11 3.44 11.85 1.98
C SER A 11 2.61 12.49 3.10
N SER A 12 3.30 12.97 4.12
CA SER A 12 2.64 13.53 5.28
C SER A 12 2.93 15.01 5.40
N GLY A 13 1.87 15.81 5.53
CA GLY A 13 2.04 17.25 5.69
C GLY A 13 1.58 18.02 4.47
N LEU A 14 1.67 17.38 3.31
CA LEU A 14 1.28 17.99 2.03
C LEU A 14 2.29 19.09 1.63
N VAL A 15 2.53 19.20 0.31
CA VAL A 15 3.45 20.18 -0.27
C VAL A 15 4.77 20.31 0.52
N PRO A 16 5.73 19.41 0.24
CA PRO A 16 7.10 19.44 0.77
C PRO A 16 7.77 20.83 0.78
N ARG A 17 9.02 20.85 1.23
CA ARG A 17 9.79 22.07 1.40
C ARG A 17 9.80 22.92 0.13
N GLY A 18 10.24 22.33 -0.97
CA GLY A 18 10.34 23.07 -2.21
C GLY A 18 9.49 22.47 -3.31
N SER A 19 9.43 21.15 -3.34
CA SER A 19 8.68 20.44 -4.38
C SER A 19 7.19 20.75 -4.24
N HIS A 20 6.58 21.24 -5.32
CA HIS A 20 5.16 21.55 -5.33
C HIS A 20 4.35 20.28 -5.51
N MET A 21 4.20 19.54 -4.43
CA MET A 21 3.42 18.31 -4.44
C MET A 21 2.00 18.63 -3.97
N SER A 22 1.12 18.85 -4.93
CA SER A 22 -0.26 19.21 -4.66
C SER A 22 -1.17 18.19 -5.31
N GLY A 23 -2.24 17.84 -4.63
CA GLY A 23 -3.01 16.70 -5.06
C GLY A 23 -2.30 15.44 -4.61
N ASN A 24 -1.62 15.58 -3.48
CA ASN A 24 -0.80 14.52 -2.90
C ASN A 24 -1.49 13.19 -2.96
N ALA A 25 -0.96 12.33 -3.80
CA ALA A 25 -1.54 11.04 -4.04
C ALA A 25 -1.65 10.25 -2.76
N ASN A 26 -0.74 10.49 -1.83
CA ASN A 26 -0.70 9.76 -0.58
C ASN A 26 -2.02 9.92 0.09
N THR A 27 -2.41 11.16 0.18
CA THR A 27 -3.54 11.50 0.98
C THR A 27 -4.83 11.24 0.22
N ASP A 28 -4.85 11.63 -1.04
CA ASP A 28 -6.02 11.48 -1.86
C ASP A 28 -6.29 10.02 -2.13
N TYR A 29 -5.22 9.25 -2.30
CA TYR A 29 -5.38 7.83 -2.60
C TYR A 29 -5.70 7.07 -1.36
N ASN A 30 -4.95 7.31 -0.29
CA ASN A 30 -5.26 6.70 0.98
C ASN A 30 -6.70 7.02 1.32
N ALA A 31 -7.17 8.17 0.81
CA ALA A 31 -8.58 8.56 0.89
C ALA A 31 -9.46 7.82 -0.14
N ALA A 32 -8.86 7.38 -1.25
CA ALA A 32 -9.61 6.72 -2.32
C ALA A 32 -9.89 5.32 -1.88
N ILE A 33 -8.82 4.68 -1.52
CA ILE A 33 -8.87 3.36 -1.03
C ILE A 33 -9.38 3.38 0.41
N ALA A 34 -9.27 4.51 1.11
CA ALA A 34 -9.98 4.67 2.40
C ALA A 34 -11.45 4.33 2.23
N LEU A 35 -11.94 4.44 1.01
CA LEU A 35 -13.28 4.04 0.73
C LEU A 35 -13.38 2.54 0.91
N VAL A 36 -12.36 1.81 0.47
CA VAL A 36 -12.35 0.38 0.56
C VAL A 36 -12.42 -0.04 2.03
N GLN A 37 -11.77 0.73 2.91
CA GLN A 37 -11.81 0.47 4.33
C GLN A 37 -13.19 0.81 4.87
N ASP A 38 -13.80 1.83 4.29
CA ASP A 38 -15.12 2.24 4.69
C ASP A 38 -16.05 1.09 4.46
N LYS A 39 -16.80 0.79 5.49
CA LYS A 39 -17.63 -0.38 5.52
C LYS A 39 -18.74 -0.25 4.51
N SER A 40 -18.96 0.98 4.08
CA SER A 40 -20.01 1.25 3.12
C SER A 40 -19.47 1.75 1.79
N ARG A 41 -18.16 1.82 1.68
CA ARG A 41 -17.56 2.30 0.44
C ARG A 41 -16.55 1.31 -0.10
N GLN A 42 -16.66 0.05 0.32
CA GLN A 42 -15.71 -0.97 -0.14
C GLN A 42 -15.65 -0.96 -1.67
N ASP A 43 -16.82 -0.74 -2.24
CA ASP A 43 -17.02 -0.67 -3.68
C ASP A 43 -16.63 0.69 -4.23
N ASP A 44 -16.78 1.72 -3.41
CA ASP A 44 -16.51 3.08 -3.83
C ASP A 44 -15.01 3.26 -3.96
N ALA A 45 -14.27 2.44 -3.24
CA ALA A 45 -12.83 2.40 -3.44
C ALA A 45 -12.52 1.73 -4.74
N MET A 46 -13.25 0.67 -5.05
CA MET A 46 -12.98 -0.07 -6.24
C MET A 46 -13.10 0.87 -7.42
N VAL A 47 -13.97 1.85 -7.28
CA VAL A 47 -14.15 2.85 -8.30
C VAL A 47 -13.15 4.00 -8.14
N ALA A 48 -12.91 4.38 -6.88
CA ALA A 48 -11.94 5.42 -6.54
C ALA A 48 -10.57 5.08 -7.03
N PHE A 49 -10.10 3.95 -6.54
CA PHE A 49 -8.72 3.58 -6.68
C PHE A 49 -8.43 3.19 -8.11
N GLN A 50 -9.44 2.65 -8.80
CA GLN A 50 -9.34 2.37 -10.22
C GLN A 50 -8.84 3.59 -10.97
N ASN A 51 -9.12 4.75 -10.40
CA ASN A 51 -8.67 5.98 -10.98
C ASN A 51 -7.20 6.15 -10.68
N PHE A 52 -6.83 5.62 -9.55
CA PHE A 52 -5.48 5.75 -9.04
C PHE A 52 -4.49 4.82 -9.68
N ILE A 53 -4.73 3.54 -9.49
CA ILE A 53 -3.76 2.54 -9.88
C ILE A 53 -3.60 2.49 -11.40
N LYS A 54 -4.64 2.86 -12.11
CA LYS A 54 -4.61 2.91 -13.55
C LYS A 54 -4.32 4.33 -14.06
N ASN A 55 -5.11 5.29 -13.62
CA ASN A 55 -5.12 6.61 -14.26
C ASN A 55 -4.38 7.67 -13.47
N TYR A 56 -3.45 7.26 -12.64
CA TYR A 56 -2.63 8.22 -11.90
C TYR A 56 -1.13 7.94 -12.04
N PRO A 57 -0.61 7.87 -13.28
CA PRO A 57 0.82 7.61 -13.53
C PRO A 57 1.68 8.78 -13.14
N ASP A 58 1.09 9.93 -13.31
CA ASP A 58 1.73 11.21 -13.00
C ASP A 58 2.06 11.33 -11.52
N SER A 59 1.37 10.56 -10.68
CA SER A 59 1.58 10.63 -9.25
C SER A 59 2.47 9.49 -8.77
N THR A 60 2.66 9.42 -7.47
CA THR A 60 3.49 8.38 -6.88
C THR A 60 2.72 7.08 -6.67
N TYR A 61 1.50 7.20 -6.18
CA TYR A 61 0.79 6.10 -5.56
C TYR A 61 -0.18 5.37 -6.43
N LEU A 62 -0.09 5.53 -7.73
CA LEU A 62 -0.79 4.63 -8.62
C LEU A 62 -0.56 3.16 -8.22
N PRO A 63 0.69 2.74 -7.88
CA PRO A 63 0.96 1.33 -7.60
C PRO A 63 0.43 0.96 -6.22
N ASN A 64 0.74 1.86 -5.33
CA ASN A 64 0.44 1.78 -3.92
C ASN A 64 -1.02 1.91 -3.66
N ALA A 65 -1.74 2.50 -4.58
CA ALA A 65 -3.13 2.62 -4.36
C ALA A 65 -3.77 1.23 -4.32
N ASN A 66 -3.19 0.33 -5.09
CA ASN A 66 -3.57 -1.08 -5.12
C ASN A 66 -3.18 -1.75 -3.79
N TYR A 67 -2.18 -1.17 -3.13
CA TYR A 67 -1.61 -1.70 -1.90
C TYR A 67 -2.59 -1.66 -0.76
N TRP A 68 -3.25 -0.52 -0.65
CA TRP A 68 -4.27 -0.30 0.35
C TRP A 68 -5.31 -1.39 0.18
N LEU A 69 -5.48 -1.76 -1.09
CA LEU A 69 -6.44 -2.80 -1.44
C LEU A 69 -5.94 -4.17 -0.93
N GLY A 70 -4.64 -4.40 -1.05
CA GLY A 70 -4.06 -5.64 -0.58
C GLY A 70 -4.10 -5.79 0.92
N GLN A 71 -3.94 -4.69 1.62
CA GLN A 71 -3.84 -4.70 3.06
C GLN A 71 -5.20 -4.90 3.68
N LEU A 72 -6.14 -4.03 3.31
CA LEU A 72 -7.44 -4.05 3.96
C LEU A 72 -8.16 -5.35 3.73
N ASN A 73 -8.32 -5.69 2.45
CA ASN A 73 -9.19 -6.78 2.08
C ASN A 73 -8.70 -8.05 2.75
N TYR A 74 -7.40 -8.15 2.94
CA TYR A 74 -6.85 -9.33 3.55
C TYR A 74 -7.31 -9.43 4.99
N ASN A 75 -7.02 -8.43 5.79
CA ASN A 75 -7.43 -8.43 7.19
C ASN A 75 -8.93 -8.20 7.32
N LYS A 76 -9.57 -8.06 6.18
CA LYS A 76 -11.01 -7.99 6.14
C LYS A 76 -11.57 -9.41 6.23
N GLY A 77 -10.71 -10.39 5.96
CA GLY A 77 -11.09 -11.78 6.01
C GLY A 77 -11.02 -12.43 4.66
N LYS A 78 -10.26 -11.79 3.81
CA LYS A 78 -9.94 -12.36 2.52
C LYS A 78 -8.53 -12.78 2.58
N LYS A 79 -8.32 -13.60 3.56
CA LYS A 79 -7.08 -14.22 3.87
C LYS A 79 -6.60 -15.01 2.66
N ASP A 80 -7.56 -15.25 1.79
CA ASP A 80 -7.30 -15.68 0.43
C ASP A 80 -7.15 -14.52 -0.56
N ASP A 81 -8.20 -13.70 -0.71
CA ASP A 81 -8.29 -12.79 -1.85
C ASP A 81 -7.24 -11.67 -1.83
N ALA A 82 -7.21 -10.85 -0.79
CA ALA A 82 -6.22 -9.79 -0.71
C ALA A 82 -4.83 -10.34 -0.44
N ALA A 83 -4.76 -11.56 0.10
CA ALA A 83 -3.49 -12.24 0.18
C ALA A 83 -2.81 -12.21 -1.19
N TYR A 84 -3.62 -12.38 -2.23
CA TYR A 84 -3.17 -12.25 -3.59
C TYR A 84 -3.08 -10.77 -4.00
N TYR A 85 -3.97 -9.93 -3.46
CA TYR A 85 -3.93 -8.48 -3.72
C TYR A 85 -2.56 -7.92 -3.42
N PHE A 86 -2.14 -8.04 -2.16
CA PHE A 86 -0.81 -7.61 -1.78
C PHE A 86 0.22 -8.35 -2.59
N ALA A 87 0.01 -9.64 -2.77
CA ALA A 87 0.88 -10.45 -3.61
C ALA A 87 1.07 -9.81 -4.97
N SER A 88 0.02 -9.16 -5.46
CA SER A 88 0.07 -8.46 -6.72
C SER A 88 0.93 -7.20 -6.61
N VAL A 89 0.72 -6.38 -5.58
CA VAL A 89 1.43 -5.11 -5.50
C VAL A 89 2.87 -5.34 -5.09
N VAL A 90 3.08 -6.14 -4.04
CA VAL A 90 4.44 -6.51 -3.61
C VAL A 90 5.28 -7.00 -4.80
N LYS A 91 4.65 -7.82 -5.61
CA LYS A 91 5.27 -8.37 -6.80
C LYS A 91 5.40 -7.33 -7.90
N ASN A 92 4.28 -6.78 -8.33
CA ASN A 92 4.23 -5.92 -9.49
C ASN A 92 4.81 -4.55 -9.24
N TYR A 93 4.50 -3.96 -8.09
CA TYR A 93 4.87 -2.59 -7.83
C TYR A 93 5.94 -2.48 -6.77
N PRO A 94 7.19 -2.53 -7.23
CA PRO A 94 8.39 -2.47 -6.39
C PRO A 94 8.65 -1.05 -5.93
N LYS A 95 8.10 -0.14 -6.72
CA LYS A 95 8.34 1.29 -6.56
C LYS A 95 7.44 1.88 -5.50
N SER A 96 6.43 1.13 -5.14
CA SER A 96 5.59 1.49 -4.00
C SER A 96 6.23 0.95 -2.72
N PRO A 97 5.86 1.50 -1.55
CA PRO A 97 6.40 1.08 -0.27
C PRO A 97 5.72 -0.21 0.20
N LYS A 98 4.77 -0.63 -0.61
CA LYS A 98 3.83 -1.67 -0.24
C LYS A 98 4.41 -3.05 -0.29
N ALA A 99 5.40 -3.24 -1.12
CA ALA A 99 6.05 -4.51 -1.16
C ALA A 99 6.54 -4.84 0.24
N ALA A 100 7.00 -3.82 0.92
CA ALA A 100 7.38 -3.92 2.32
C ALA A 100 6.16 -3.84 3.20
N ASP A 101 5.38 -2.78 3.00
CA ASP A 101 4.26 -2.46 3.85
C ASP A 101 3.34 -3.65 4.01
N ALA A 102 2.89 -4.22 2.91
CA ALA A 102 2.00 -5.37 2.98
C ALA A 102 2.76 -6.63 3.25
N MET A 103 4.05 -6.62 3.03
CA MET A 103 4.87 -7.69 3.57
C MET A 103 4.73 -7.66 5.07
N PHE A 104 4.77 -6.48 5.62
CA PHE A 104 4.55 -6.24 7.03
C PHE A 104 3.07 -6.43 7.42
N LYS A 105 2.17 -5.76 6.69
CA LYS A 105 0.73 -5.72 7.02
C LYS A 105 0.05 -7.05 6.75
N VAL A 106 0.26 -7.62 5.58
CA VAL A 106 -0.22 -8.95 5.29
C VAL A 106 0.63 -9.92 6.08
N GLY A 107 1.80 -9.44 6.42
CA GLY A 107 2.64 -10.06 7.40
C GLY A 107 2.02 -10.03 8.77
N VAL A 108 1.10 -9.11 9.00
CA VAL A 108 0.48 -8.86 10.31
C VAL A 108 -0.64 -9.82 10.72
N ILE A 109 -1.64 -9.98 9.87
CA ILE A 109 -2.85 -10.69 10.26
C ILE A 109 -2.60 -12.20 10.36
N MET A 110 -1.52 -12.67 9.77
CA MET A 110 -1.17 -14.08 9.89
C MET A 110 -1.28 -14.57 11.33
N GLN A 111 -0.75 -13.80 12.24
CA GLN A 111 -0.77 -14.06 13.63
C GLN A 111 -2.17 -13.91 14.16
N ASP A 112 -2.93 -13.04 13.52
CA ASP A 112 -4.36 -12.97 13.79
C ASP A 112 -4.98 -14.33 13.51
N LYS A 113 -4.52 -14.99 12.43
CA LYS A 113 -4.88 -16.37 12.15
C LYS A 113 -4.12 -17.34 13.05
N GLY A 114 -2.90 -16.96 13.42
CA GLY A 114 -2.04 -17.81 14.21
C GLY A 114 -0.78 -18.26 13.48
N ASP A 115 -0.26 -17.45 12.54
CA ASP A 115 1.07 -17.73 11.97
C ASP A 115 2.08 -16.81 12.55
N THR A 116 1.77 -16.29 13.70
CA THR A 116 2.74 -15.57 14.46
C THR A 116 4.00 -16.42 14.66
N ALA A 117 3.84 -17.71 14.49
CA ALA A 117 4.97 -18.58 14.49
C ALA A 117 5.72 -18.51 13.16
N LYS A 118 4.99 -18.74 12.09
CA LYS A 118 5.60 -18.89 10.76
C LYS A 118 5.79 -17.55 10.11
N ALA A 119 4.68 -16.86 10.01
CA ALA A 119 4.61 -15.63 9.29
C ALA A 119 5.28 -14.48 10.03
N LYS A 120 5.48 -14.60 11.33
CA LYS A 120 6.28 -13.60 12.04
C LYS A 120 7.63 -13.48 11.39
N ALA A 121 8.05 -14.58 10.83
CA ALA A 121 9.31 -14.64 10.07
C ALA A 121 9.25 -13.70 8.88
N VAL A 122 8.07 -13.59 8.29
CA VAL A 122 7.78 -12.58 7.26
C VAL A 122 8.31 -11.23 7.66
N TYR A 123 7.95 -10.80 8.87
CA TYR A 123 8.45 -9.54 9.39
C TYR A 123 9.95 -9.49 9.27
N GLN A 124 10.60 -10.52 9.80
CA GLN A 124 12.06 -10.57 9.90
C GLN A 124 12.66 -10.29 8.54
N GLN A 125 11.91 -10.72 7.56
CA GLN A 125 12.26 -10.57 6.17
C GLN A 125 12.06 -9.15 5.71
N VAL A 126 10.90 -8.56 5.90
CA VAL A 126 10.74 -7.17 5.53
C VAL A 126 11.83 -6.32 6.13
N ILE A 127 12.11 -6.52 7.39
CA ILE A 127 13.15 -5.78 8.08
C ILE A 127 14.47 -5.83 7.32
N SER A 128 14.72 -6.96 6.66
CA SER A 128 16.03 -7.23 6.13
C SER A 128 16.02 -7.20 4.59
N LYS A 129 14.89 -7.56 4.02
CA LYS A 129 14.72 -7.73 2.61
C LYS A 129 14.12 -6.47 2.04
N TYR A 130 13.23 -5.92 2.83
CA TYR A 130 12.59 -4.66 2.57
C TYR A 130 13.09 -3.53 3.47
N PRO A 131 14.42 -3.43 3.73
CA PRO A 131 14.94 -2.67 4.86
C PRO A 131 14.60 -1.20 4.78
N GLY A 132 14.20 -0.67 5.92
CA GLY A 132 13.92 0.74 6.05
C GLY A 132 12.83 1.22 5.12
N THR A 133 11.96 0.33 4.72
CA THR A 133 10.84 0.70 3.91
C THR A 133 9.59 0.61 4.79
N ASP A 134 8.48 1.19 4.34
CA ASP A 134 7.26 1.30 5.16
C ASP A 134 6.99 0.03 5.94
N GLY A 135 7.09 -1.08 5.25
CA GLY A 135 6.92 -2.38 5.89
C GLY A 135 8.00 -2.70 6.89
N ALA A 136 9.26 -2.65 6.47
CA ALA A 136 10.37 -3.06 7.34
C ALA A 136 10.44 -2.18 8.58
N LYS A 137 9.99 -0.94 8.42
CA LYS A 137 10.03 0.04 9.49
C LYS A 137 9.07 -0.34 10.58
N GLN A 138 7.84 -0.58 10.18
CA GLN A 138 6.80 -0.99 11.12
C GLN A 138 6.95 -2.44 11.52
N ALA A 139 7.55 -3.26 10.66
CA ALA A 139 7.70 -4.69 10.94
C ALA A 139 8.78 -4.89 11.99
N GLN A 140 9.70 -3.94 12.04
CA GLN A 140 10.78 -3.93 13.03
C GLN A 140 10.23 -4.02 14.45
N LYS A 141 9.09 -3.40 14.69
CA LYS A 141 8.47 -3.45 16.00
C LYS A 141 7.91 -4.84 16.26
N ARG A 142 7.42 -5.49 15.22
CA ARG A 142 6.92 -6.84 15.35
C ARG A 142 8.06 -7.79 15.60
N LEU A 143 9.13 -7.55 14.89
CA LEU A 143 10.33 -8.37 14.99
C LEU A 143 10.84 -8.45 16.43
N ASN A 144 10.87 -7.31 17.11
CA ASN A 144 11.43 -7.25 18.45
C ASN A 144 10.34 -7.27 19.53
N ALA A 145 9.24 -6.59 19.28
CA ALA A 145 8.24 -6.35 20.31
C ALA A 145 7.09 -7.31 20.18
N MET A 146 6.34 -7.09 19.13
CA MET A 146 5.06 -7.72 18.95
C MET A 146 5.15 -8.93 18.03
N MET A 1 -10.58 29.52 -13.91
CA MET A 1 -11.51 30.46 -13.22
C MET A 1 -10.80 31.16 -12.08
N GLY A 2 -11.04 32.45 -11.93
CA GLY A 2 -10.46 33.20 -10.85
C GLY A 2 -9.20 33.93 -11.25
N SER A 3 -8.08 33.23 -11.23
CA SER A 3 -6.77 33.81 -11.55
C SER A 3 -6.41 34.90 -10.54
N SER A 4 -6.90 34.74 -9.32
CA SER A 4 -6.62 35.66 -8.24
C SER A 4 -5.48 35.12 -7.37
N HIS A 5 -5.63 33.88 -6.92
CA HIS A 5 -4.62 33.22 -6.10
C HIS A 5 -4.91 31.73 -6.03
N HIS A 6 -3.87 30.92 -5.83
CA HIS A 6 -3.99 29.45 -5.86
C HIS A 6 -4.26 28.95 -7.27
N HIS A 7 -4.54 27.67 -7.41
CA HIS A 7 -4.74 27.09 -8.73
C HIS A 7 -6.18 26.63 -8.93
N HIS A 8 -6.58 25.58 -8.21
CA HIS A 8 -7.93 25.00 -8.35
C HIS A 8 -8.14 24.36 -9.71
N HIS A 9 -8.52 23.08 -9.70
CA HIS A 9 -8.81 22.36 -10.94
C HIS A 9 -9.93 21.34 -10.72
N HIS A 10 -10.93 21.40 -11.58
CA HIS A 10 -12.02 20.43 -11.54
C HIS A 10 -11.73 19.28 -12.51
N SER A 11 -10.74 19.50 -13.36
CA SER A 11 -10.31 18.50 -14.31
C SER A 11 -9.20 17.64 -13.71
N SER A 12 -8.87 16.54 -14.38
CA SER A 12 -7.81 15.66 -13.93
C SER A 12 -6.44 16.20 -14.32
N GLY A 13 -6.27 17.51 -14.19
CA GLY A 13 -5.01 18.14 -14.51
C GLY A 13 -4.15 18.30 -13.28
N LEU A 14 -3.21 17.38 -13.10
CA LEU A 14 -2.31 17.42 -11.96
C LEU A 14 -1.06 18.21 -12.33
N VAL A 15 -0.29 17.65 -13.27
CA VAL A 15 0.92 18.29 -13.79
C VAL A 15 1.93 18.59 -12.66
N PRO A 16 2.57 17.53 -12.12
CA PRO A 16 3.63 17.65 -11.12
C PRO A 16 4.56 18.83 -11.36
N ARG A 17 4.61 19.76 -10.41
CA ARG A 17 5.46 20.93 -10.54
C ARG A 17 6.69 20.85 -9.63
N GLY A 18 7.78 20.37 -10.20
CA GLY A 18 9.07 20.38 -9.52
C GLY A 18 9.04 19.81 -8.12
N SER A 19 9.55 20.58 -7.17
CA SER A 19 9.64 20.14 -5.78
C SER A 19 8.29 20.24 -5.09
N HIS A 20 7.47 21.19 -5.55
CA HIS A 20 6.14 21.38 -4.99
C HIS A 20 5.32 20.11 -5.17
N MET A 21 5.37 19.56 -6.37
CA MET A 21 4.58 18.38 -6.73
C MET A 21 3.09 18.70 -6.73
N SER A 22 2.43 18.30 -7.81
CA SER A 22 1.04 18.63 -8.01
C SER A 22 0.27 17.37 -8.32
N GLY A 23 -0.64 17.00 -7.43
CA GLY A 23 -1.32 15.74 -7.59
C GLY A 23 -0.56 14.64 -6.87
N ASN A 24 0.10 15.03 -5.77
CA ASN A 24 0.87 14.12 -4.92
C ASN A 24 0.13 12.81 -4.75
N ALA A 25 0.65 11.79 -5.42
CA ALA A 25 0.01 10.51 -5.48
C ALA A 25 -0.06 9.87 -4.10
N ASN A 26 0.92 10.19 -3.28
CA ASN A 26 1.02 9.63 -1.94
C ASN A 26 -0.25 9.92 -1.22
N THR A 27 -0.64 11.18 -1.29
CA THR A 27 -1.80 11.60 -0.59
C THR A 27 -3.07 11.28 -1.35
N ASP A 28 -3.10 11.64 -2.64
CA ASP A 28 -4.30 11.47 -3.41
C ASP A 28 -4.65 10.00 -3.56
N TYR A 29 -3.63 9.15 -3.64
CA TYR A 29 -3.89 7.74 -3.78
C TYR A 29 -4.29 7.13 -2.48
N ASN A 30 -3.52 7.40 -1.44
CA ASN A 30 -3.87 6.95 -0.12
C ASN A 30 -5.27 7.44 0.20
N ALA A 31 -5.64 8.58 -0.41
CA ALA A 31 -7.00 9.12 -0.37
C ALA A 31 -7.95 8.37 -1.32
N ALA A 32 -7.41 7.78 -2.39
CA ALA A 32 -8.24 7.07 -3.36
C ALA A 32 -8.65 5.78 -2.76
N ILE A 33 -7.64 5.08 -2.32
CA ILE A 33 -7.81 3.87 -1.66
C ILE A 33 -8.27 4.10 -0.21
N ALA A 34 -8.04 5.29 0.34
CA ALA A 34 -8.68 5.65 1.62
C ALA A 34 -10.18 5.39 1.55
N LEU A 35 -10.70 5.40 0.34
CA LEU A 35 -12.06 5.04 0.12
C LEU A 35 -12.25 3.57 0.46
N VAL A 36 -11.30 2.74 0.07
CA VAL A 36 -11.34 1.33 0.39
C VAL A 36 -11.33 1.14 1.90
N GLN A 37 -10.65 2.06 2.57
CA GLN A 37 -10.54 2.05 4.01
C GLN A 37 -11.85 2.50 4.60
N ASP A 38 -12.47 3.45 3.92
CA ASP A 38 -13.73 3.98 4.33
C ASP A 38 -14.78 2.91 4.18
N LYS A 39 -15.43 2.65 5.28
CA LYS A 39 -16.40 1.57 5.35
C LYS A 39 -17.55 1.82 4.40
N SER A 40 -17.66 3.06 3.94
CA SER A 40 -18.76 3.42 3.07
C SER A 40 -18.27 3.78 1.67
N ARG A 41 -16.99 3.58 1.42
CA ARG A 41 -16.43 3.92 0.13
C ARG A 41 -15.63 2.78 -0.44
N GLN A 42 -15.87 1.58 0.06
CA GLN A 42 -15.09 0.42 -0.39
C GLN A 42 -15.13 0.29 -1.92
N ASP A 43 -16.31 0.50 -2.46
CA ASP A 43 -16.55 0.44 -3.91
C ASP A 43 -16.04 1.71 -4.57
N ASP A 44 -16.07 2.82 -3.84
CA ASP A 44 -15.59 4.08 -4.36
C ASP A 44 -14.08 4.05 -4.47
N ALA A 45 -13.45 3.18 -3.68
CA ALA A 45 -12.04 2.89 -3.83
C ALA A 45 -11.79 2.11 -5.06
N MET A 46 -12.66 1.15 -5.27
CA MET A 46 -12.54 0.26 -6.40
C MET A 46 -12.55 1.10 -7.65
N VAL A 47 -13.27 2.19 -7.59
CA VAL A 47 -13.35 3.09 -8.72
C VAL A 47 -12.21 4.10 -8.72
N ALA A 48 -11.91 4.64 -7.52
CA ALA A 48 -10.84 5.59 -7.34
C ALA A 48 -9.53 5.03 -7.82
N PHE A 49 -9.19 3.91 -7.24
CA PHE A 49 -7.89 3.35 -7.35
C PHE A 49 -7.67 2.78 -8.74
N GLN A 50 -8.75 2.30 -9.37
CA GLN A 50 -8.70 1.82 -10.75
C GLN A 50 -8.00 2.85 -11.61
N ASN A 51 -8.12 4.08 -11.18
CA ASN A 51 -7.51 5.18 -11.88
C ASN A 51 -6.03 5.21 -11.61
N PHE A 52 -5.70 4.81 -10.40
CA PHE A 52 -4.35 4.91 -9.90
C PHE A 52 -3.44 3.84 -10.41
N ILE A 53 -3.77 2.63 -10.08
CA ILE A 53 -2.88 1.52 -10.34
C ILE A 53 -2.67 1.27 -11.82
N LYS A 54 -3.64 1.66 -12.62
CA LYS A 54 -3.54 1.46 -14.06
C LYS A 54 -3.25 2.77 -14.78
N ASN A 55 -3.96 3.84 -14.44
CA ASN A 55 -3.89 5.07 -15.23
C ASN A 55 -3.05 6.17 -14.57
N TYR A 56 -2.15 5.78 -13.69
CA TYR A 56 -1.25 6.75 -13.05
C TYR A 56 0.22 6.32 -13.10
N PRO A 57 0.74 5.94 -14.29
CA PRO A 57 2.14 5.50 -14.43
C PRO A 57 3.09 6.67 -14.25
N ASP A 58 2.55 7.81 -14.62
CA ASP A 58 3.23 9.08 -14.52
C ASP A 58 3.59 9.44 -13.08
N SER A 59 2.84 8.89 -12.12
CA SER A 59 3.10 9.18 -10.73
C SER A 59 3.92 8.07 -10.10
N THR A 60 4.13 8.16 -8.81
CA THR A 60 4.89 7.15 -8.08
C THR A 60 4.02 5.97 -7.68
N TYR A 61 2.82 6.28 -7.21
CA TYR A 61 2.01 5.35 -6.46
C TYR A 61 0.96 4.58 -7.23
N LEU A 62 1.08 4.55 -8.53
CA LEU A 62 0.29 3.61 -9.32
C LEU A 62 0.39 2.18 -8.75
N PRO A 63 1.59 1.70 -8.32
CA PRO A 63 1.77 0.32 -7.92
C PRO A 63 1.17 0.09 -6.54
N ASN A 64 1.51 1.04 -5.70
CA ASN A 64 1.14 1.07 -4.30
C ASN A 64 -0.31 1.28 -4.11
N ALA A 65 -0.95 1.93 -5.06
CA ALA A 65 -2.34 2.18 -4.89
C ALA A 65 -3.11 0.86 -4.77
N ASN A 66 -2.59 -0.15 -5.45
CA ASN A 66 -3.13 -1.50 -5.36
C ASN A 66 -2.84 -2.11 -3.98
N TYR A 67 -1.80 -1.60 -3.32
CA TYR A 67 -1.32 -2.18 -2.06
C TYR A 67 -2.25 -1.83 -0.94
N TRP A 68 -2.72 -0.60 -0.97
CA TRP A 68 -3.70 -0.15 -0.02
C TRP A 68 -4.89 -1.09 -0.14
N LEU A 69 -5.06 -1.63 -1.35
CA LEU A 69 -6.06 -2.66 -1.56
C LEU A 69 -5.59 -3.98 -0.95
N GLY A 70 -4.28 -4.25 -1.05
CA GLY A 70 -3.74 -5.46 -0.43
C GLY A 70 -3.87 -5.44 1.08
N GLN A 71 -3.60 -4.29 1.67
CA GLN A 71 -3.66 -4.13 3.10
C GLN A 71 -5.08 -4.02 3.59
N LEU A 72 -5.82 -3.06 3.05
CA LEU A 72 -7.14 -2.74 3.60
C LEU A 72 -8.12 -3.86 3.37
N ASN A 73 -8.11 -4.45 2.17
CA ASN A 73 -9.12 -5.43 1.83
C ASN A 73 -9.04 -6.54 2.85
N TYR A 74 -7.82 -6.94 3.19
CA TYR A 74 -7.61 -7.94 4.20
C TYR A 74 -8.28 -7.51 5.49
N ASN A 75 -7.97 -6.32 5.98
CA ASN A 75 -8.50 -5.83 7.26
C ASN A 75 -10.02 -5.62 7.21
N LYS A 76 -10.62 -5.98 6.10
CA LYS A 76 -12.07 -6.00 5.97
C LYS A 76 -12.61 -7.37 6.36
N GLY A 77 -11.68 -8.30 6.54
CA GLY A 77 -12.03 -9.70 6.76
C GLY A 77 -11.82 -10.50 5.50
N LYS A 78 -10.95 -9.97 4.65
CA LYS A 78 -10.52 -10.64 3.43
C LYS A 78 -9.11 -11.10 3.65
N LYS A 79 -8.97 -11.65 4.80
CA LYS A 79 -7.75 -12.27 5.28
C LYS A 79 -7.31 -13.31 4.27
N ASP A 80 -8.26 -13.70 3.43
CA ASP A 80 -7.98 -14.53 2.27
C ASP A 80 -7.66 -13.70 1.03
N ASP A 81 -8.65 -12.91 0.60
CA ASP A 81 -8.58 -12.22 -0.69
C ASP A 81 -7.42 -11.21 -0.77
N ALA A 82 -7.34 -10.23 0.13
CA ALA A 82 -6.25 -9.27 0.06
C ALA A 82 -4.92 -9.88 0.43
N ALA A 83 -4.96 -10.95 1.20
CA ALA A 83 -3.75 -11.69 1.48
C ALA A 83 -3.04 -12.00 0.16
N TYR A 84 -3.83 -12.35 -0.84
CA TYR A 84 -3.35 -12.53 -2.19
C TYR A 84 -3.20 -11.18 -2.91
N TYR A 85 -4.03 -10.18 -2.56
CA TYR A 85 -3.90 -8.84 -3.14
C TYR A 85 -2.48 -8.34 -2.98
N PHE A 86 -2.00 -8.37 -1.74
CA PHE A 86 -0.62 -8.04 -1.47
C PHE A 86 0.29 -8.91 -2.34
N ALA A 87 0.05 -10.20 -2.34
CA ALA A 87 0.81 -11.11 -3.17
C ALA A 87 0.85 -10.64 -4.62
N SER A 88 -0.25 -10.07 -5.06
CA SER A 88 -0.36 -9.51 -6.40
C SER A 88 0.43 -8.19 -6.54
N VAL A 89 0.31 -7.27 -5.57
CA VAL A 89 0.94 -5.96 -5.69
C VAL A 89 2.45 -6.08 -5.49
N VAL A 90 2.86 -6.77 -4.43
CA VAL A 90 4.29 -7.10 -4.20
C VAL A 90 4.91 -7.72 -5.45
N LYS A 91 4.15 -8.60 -6.07
CA LYS A 91 4.54 -9.30 -7.29
C LYS A 91 4.55 -8.39 -8.50
N ASN A 92 3.38 -7.84 -8.81
CA ASN A 92 3.20 -7.03 -10.00
C ASN A 92 4.03 -5.78 -9.93
N TYR A 93 4.11 -5.22 -8.75
CA TYR A 93 4.72 -3.94 -8.56
C TYR A 93 6.02 -4.00 -7.81
N PRO A 94 7.11 -3.94 -8.58
CA PRO A 94 8.47 -3.94 -8.08
C PRO A 94 8.84 -2.57 -7.56
N LYS A 95 8.10 -1.59 -8.06
CA LYS A 95 8.37 -0.18 -7.78
C LYS A 95 7.68 0.24 -6.51
N SER A 96 6.69 -0.56 -6.13
CA SER A 96 5.90 -0.28 -4.94
C SER A 96 6.77 -0.30 -3.68
N PRO A 97 6.47 0.59 -2.71
CA PRO A 97 7.06 0.53 -1.38
C PRO A 97 6.35 -0.53 -0.56
N LYS A 98 5.30 -1.05 -1.17
CA LYS A 98 4.33 -1.86 -0.51
C LYS A 98 4.83 -3.25 -0.26
N ALA A 99 5.73 -3.70 -1.12
CA ALA A 99 6.26 -5.03 -1.01
C ALA A 99 6.77 -5.26 0.39
N ALA A 100 7.17 -4.18 1.03
CA ALA A 100 7.47 -4.17 2.46
C ALA A 100 6.20 -4.04 3.30
N ASP A 101 5.41 -3.01 2.98
CA ASP A 101 4.29 -2.61 3.82
C ASP A 101 3.30 -3.73 4.03
N ALA A 102 2.83 -4.29 2.93
CA ALA A 102 1.89 -5.39 3.00
C ALA A 102 2.61 -6.67 3.35
N MET A 103 3.92 -6.68 3.19
CA MET A 103 4.71 -7.75 3.76
C MET A 103 4.61 -7.70 5.27
N PHE A 104 4.55 -6.49 5.78
CA PHE A 104 4.31 -6.27 7.19
C PHE A 104 2.83 -6.53 7.55
N LYS A 105 1.93 -5.85 6.84
CA LYS A 105 0.49 -5.83 7.18
C LYS A 105 -0.20 -7.13 6.82
N VAL A 106 0.06 -7.61 5.63
CA VAL A 106 -0.42 -8.91 5.24
C VAL A 106 0.50 -9.94 5.87
N GLY A 107 1.68 -9.46 6.21
CA GLY A 107 2.56 -10.14 7.12
C GLY A 107 1.93 -10.28 8.49
N VAL A 108 0.94 -9.44 8.76
CA VAL A 108 0.17 -9.46 9.99
C VAL A 108 -0.92 -10.54 10.03
N ILE A 109 -1.68 -10.68 8.94
CA ILE A 109 -2.84 -11.58 8.94
C ILE A 109 -2.44 -13.01 9.26
N MET A 110 -1.21 -13.35 8.98
CA MET A 110 -0.71 -14.70 9.20
C MET A 110 -0.99 -15.22 10.59
N GLN A 111 -0.60 -14.49 11.59
CA GLN A 111 -0.79 -14.87 12.96
C GLN A 111 -2.27 -14.92 13.28
N ASP A 112 -3.02 -14.09 12.59
CA ASP A 112 -4.47 -14.13 12.67
C ASP A 112 -4.97 -15.51 12.24
N LYS A 113 -4.38 -16.05 11.17
CA LYS A 113 -4.68 -17.41 10.74
C LYS A 113 -3.81 -18.46 11.45
N GLY A 114 -2.71 -18.02 12.06
CA GLY A 114 -1.87 -18.89 12.85
C GLY A 114 -0.47 -19.13 12.27
N ASP A 115 0.18 -18.09 11.72
CA ASP A 115 1.58 -18.21 11.32
C ASP A 115 2.45 -17.21 12.02
N THR A 116 2.05 -16.80 13.19
CA THR A 116 2.90 -16.01 14.03
C THR A 116 4.24 -16.71 14.23
N ALA A 117 4.25 -18.00 14.01
CA ALA A 117 5.48 -18.73 14.02
C ALA A 117 6.25 -18.55 12.73
N LYS A 118 5.60 -18.86 11.62
CA LYS A 118 6.26 -18.93 10.32
C LYS A 118 6.33 -17.57 9.68
N ALA A 119 5.18 -16.99 9.55
CA ALA A 119 5.02 -15.76 8.83
C ALA A 119 5.56 -14.58 9.62
N LYS A 120 5.70 -14.71 10.93
CA LYS A 120 6.34 -13.66 11.70
C LYS A 120 7.71 -13.39 11.12
N ALA A 121 8.26 -14.43 10.56
CA ALA A 121 9.51 -14.34 9.84
C ALA A 121 9.44 -13.31 8.72
N VAL A 122 8.31 -13.27 8.00
CA VAL A 122 8.11 -12.26 6.96
C VAL A 122 8.42 -10.87 7.49
N TYR A 123 7.98 -10.58 8.72
CA TYR A 123 8.35 -9.33 9.35
C TYR A 123 9.84 -9.20 9.39
N GLN A 124 10.47 -10.21 10.00
CA GLN A 124 11.90 -10.20 10.27
C GLN A 124 12.64 -9.97 8.98
N GLN A 125 12.00 -10.44 7.94
CA GLN A 125 12.48 -10.32 6.59
C GLN A 125 12.27 -8.92 6.07
N VAL A 126 11.09 -8.34 6.18
CA VAL A 126 10.93 -6.97 5.75
C VAL A 126 11.97 -6.10 6.39
N ILE A 127 12.15 -6.26 7.69
CA ILE A 127 13.14 -5.50 8.42
C ILE A 127 14.51 -5.58 7.75
N SER A 128 14.80 -6.72 7.13
CA SER A 128 16.14 -7.02 6.68
C SER A 128 16.24 -7.01 5.14
N LYS A 129 15.16 -7.42 4.50
CA LYS A 129 15.13 -7.61 3.07
C LYS A 129 14.54 -6.38 2.42
N TYR A 130 13.59 -5.81 3.14
CA TYR A 130 12.95 -4.58 2.77
C TYR A 130 13.36 -3.40 3.66
N PRO A 131 14.67 -3.27 4.02
CA PRO A 131 15.08 -2.45 5.16
C PRO A 131 14.76 -0.98 4.98
N GLY A 132 14.12 -0.42 5.98
CA GLY A 132 13.83 0.98 5.98
C GLY A 132 12.76 1.37 4.99
N THR A 133 11.92 0.42 4.65
CA THR A 133 10.79 0.69 3.80
C THR A 133 9.55 0.61 4.68
N ASP A 134 8.41 1.10 4.19
CA ASP A 134 7.19 1.18 5.01
C ASP A 134 6.97 -0.07 5.86
N GLY A 135 7.12 -1.20 5.21
CA GLY A 135 6.98 -2.48 5.88
C GLY A 135 8.06 -2.75 6.88
N ALA A 136 9.33 -2.59 6.50
CA ALA A 136 10.43 -2.89 7.40
C ALA A 136 10.38 -1.93 8.58
N LYS A 137 9.82 -0.79 8.29
CA LYS A 137 9.65 0.27 9.25
C LYS A 137 8.62 -0.13 10.28
N GLN A 138 7.44 -0.46 9.79
CA GLN A 138 6.33 -0.87 10.62
C GLN A 138 6.55 -2.26 11.22
N ALA A 139 7.25 -3.14 10.49
CA ALA A 139 7.37 -4.53 10.92
C ALA A 139 8.34 -4.65 12.06
N GLN A 140 9.25 -3.68 12.14
CA GLN A 140 10.18 -3.58 13.24
C GLN A 140 9.46 -3.57 14.58
N LYS A 141 8.26 -2.98 14.62
CA LYS A 141 7.47 -2.98 15.84
C LYS A 141 7.03 -4.38 16.19
N ARG A 142 6.57 -5.15 15.20
CA ARG A 142 6.12 -6.52 15.42
C ARG A 142 7.26 -7.38 15.85
N LEU A 143 8.42 -7.00 15.38
CA LEU A 143 9.66 -7.68 15.73
C LEU A 143 9.97 -7.50 17.22
N ASN A 144 9.63 -6.33 17.76
CA ASN A 144 9.93 -5.99 19.16
C ASN A 144 8.71 -6.16 20.07
N ALA A 145 7.53 -5.97 19.50
CA ALA A 145 6.30 -5.90 20.27
C ALA A 145 5.75 -7.28 20.48
N MET A 146 5.42 -7.91 19.39
CA MET A 146 4.84 -9.21 19.44
C MET A 146 5.84 -10.28 18.99
N MET A 1 -4.95 40.91 3.88
CA MET A 1 -5.82 41.61 2.90
C MET A 1 -6.65 40.60 2.11
N GLY A 2 -5.98 39.75 1.35
CA GLY A 2 -6.67 38.76 0.56
C GLY A 2 -5.92 37.44 0.53
N SER A 3 -4.68 37.48 0.06
CA SER A 3 -3.85 36.29 -0.05
C SER A 3 -4.52 35.24 -0.95
N SER A 4 -4.32 35.39 -2.25
CA SER A 4 -4.92 34.51 -3.24
C SER A 4 -4.52 33.06 -3.01
N HIS A 5 -5.45 32.29 -2.47
CA HIS A 5 -5.19 30.89 -2.12
C HIS A 5 -6.09 29.96 -2.91
N HIS A 6 -5.49 28.93 -3.48
CA HIS A 6 -6.22 27.98 -4.30
C HIS A 6 -5.79 26.55 -3.96
N HIS A 7 -6.76 25.76 -3.52
CA HIS A 7 -6.58 24.35 -3.17
C HIS A 7 -5.76 24.20 -1.88
N HIS A 8 -4.53 24.70 -1.87
CA HIS A 8 -3.72 24.66 -0.65
C HIS A 8 -2.70 25.81 -0.60
N HIS A 9 -2.39 26.41 -1.74
CA HIS A 9 -1.48 27.56 -1.77
C HIS A 9 -1.94 28.60 -2.79
N HIS A 10 -1.71 28.31 -4.07
CA HIS A 10 -2.07 29.24 -5.13
C HIS A 10 -2.18 28.50 -6.46
N SER A 11 -1.13 27.77 -6.80
CA SER A 11 -1.12 26.96 -8.02
C SER A 11 -0.50 25.60 -7.72
N SER A 12 0.78 25.61 -7.39
CA SER A 12 1.54 24.40 -7.05
C SER A 12 1.68 23.47 -8.24
N GLY A 13 2.92 23.26 -8.68
CA GLY A 13 3.17 22.33 -9.77
C GLY A 13 2.85 20.91 -9.37
N LEU A 14 2.32 20.13 -10.30
CA LEU A 14 1.95 18.75 -10.02
C LEU A 14 3.21 17.95 -9.68
N VAL A 15 3.94 17.54 -10.72
CA VAL A 15 5.24 16.89 -10.61
C VAL A 15 5.33 15.92 -9.41
N PRO A 16 4.64 14.76 -9.51
CA PRO A 16 4.70 13.67 -8.55
C PRO A 16 6.05 13.50 -7.86
N ARG A 17 7.10 13.58 -8.65
CA ARG A 17 8.46 13.37 -8.17
C ARG A 17 9.03 14.62 -7.50
N GLY A 18 8.33 15.13 -6.50
CA GLY A 18 8.78 16.31 -5.82
C GLY A 18 8.16 16.46 -4.45
N SER A 19 8.83 17.20 -3.59
CA SER A 19 8.33 17.48 -2.25
C SER A 19 7.27 18.57 -2.32
N HIS A 20 6.19 18.39 -1.56
CA HIS A 20 5.08 19.33 -1.53
C HIS A 20 4.49 19.47 -2.93
N MET A 21 4.09 18.34 -3.48
CA MET A 21 3.55 18.29 -4.84
C MET A 21 2.08 18.67 -4.86
N SER A 22 1.50 18.61 -6.05
CA SER A 22 0.09 18.92 -6.24
C SER A 22 -0.54 17.77 -7.01
N GLY A 23 -1.77 17.40 -6.64
CA GLY A 23 -2.36 16.20 -7.20
C GLY A 23 -1.78 15.00 -6.52
N ASN A 24 -1.45 15.21 -5.24
CA ASN A 24 -0.82 14.20 -4.40
C ASN A 24 -1.50 12.86 -4.56
N ALA A 25 -0.81 11.94 -5.20
CA ALA A 25 -1.32 10.61 -5.43
C ALA A 25 -1.61 9.92 -4.11
N ASN A 26 -0.85 10.30 -3.10
CA ASN A 26 -0.92 9.75 -1.79
C ASN A 26 -2.33 9.88 -1.30
N THR A 27 -2.82 11.10 -1.39
CA THR A 27 -4.08 11.41 -0.81
C THR A 27 -5.21 10.99 -1.72
N ASP A 28 -5.08 11.29 -3.00
CA ASP A 28 -6.10 10.94 -3.97
C ASP A 28 -6.25 9.43 -4.04
N TYR A 29 -5.15 8.72 -3.96
CA TYR A 29 -5.20 7.27 -4.04
C TYR A 29 -5.65 6.68 -2.75
N ASN A 30 -5.05 7.11 -1.66
CA ASN A 30 -5.50 6.68 -0.35
C ASN A 30 -6.99 6.98 -0.23
N ALA A 31 -7.45 7.99 -1.00
CA ALA A 31 -8.87 8.30 -1.15
C ALA A 31 -9.59 7.34 -2.13
N ALA A 32 -8.85 6.76 -3.08
CA ALA A 32 -9.46 5.85 -4.05
C ALA A 32 -9.70 4.55 -3.39
N ILE A 33 -8.61 4.06 -2.87
CA ILE A 33 -8.57 2.84 -2.16
C ILE A 33 -9.15 3.04 -0.76
N ALA A 34 -9.28 4.29 -0.30
CA ALA A 34 -10.09 4.57 0.90
C ALA A 34 -11.45 3.90 0.80
N LEU A 35 -11.88 3.63 -0.41
CA LEU A 35 -13.05 2.84 -0.64
C LEU A 35 -12.81 1.42 -0.17
N VAL A 36 -11.62 0.89 -0.42
CA VAL A 36 -11.26 -0.45 0.01
C VAL A 36 -11.21 -0.54 1.53
N GLN A 37 -10.94 0.61 2.17
CA GLN A 37 -10.95 0.68 3.61
C GLN A 37 -12.37 0.79 4.09
N ASP A 38 -13.19 1.48 3.31
CA ASP A 38 -14.59 1.63 3.61
C ASP A 38 -15.22 0.27 3.55
N LYS A 39 -15.78 -0.10 4.68
CA LYS A 39 -16.36 -1.41 4.86
C LYS A 39 -17.44 -1.67 3.82
N SER A 40 -17.94 -0.60 3.22
CA SER A 40 -19.01 -0.72 2.25
C SER A 40 -18.59 -0.28 0.85
N ARG A 41 -17.30 -0.07 0.65
CA ARG A 41 -16.83 0.36 -0.65
C ARG A 41 -15.71 -0.52 -1.16
N GLN A 42 -15.61 -1.73 -0.62
CA GLN A 42 -14.54 -2.63 -1.01
C GLN A 42 -14.50 -2.83 -2.53
N ASP A 43 -15.67 -2.90 -3.14
CA ASP A 43 -15.79 -3.07 -4.57
C ASP A 43 -15.55 -1.74 -5.28
N ASP A 44 -15.92 -0.66 -4.60
CA ASP A 44 -15.76 0.67 -5.15
C ASP A 44 -14.29 1.04 -5.19
N ALA A 45 -13.51 0.41 -4.34
CA ALA A 45 -12.07 0.58 -4.41
C ALA A 45 -11.53 -0.12 -5.60
N MET A 46 -12.10 -1.27 -5.89
CA MET A 46 -11.65 -2.05 -7.01
C MET A 46 -11.83 -1.24 -8.28
N VAL A 47 -12.85 -0.39 -8.26
CA VAL A 47 -13.13 0.46 -9.40
C VAL A 47 -12.31 1.75 -9.35
N ALA A 48 -12.21 2.33 -8.16
CA ALA A 48 -11.44 3.55 -7.94
C ALA A 48 -10.00 3.37 -8.34
N PHE A 49 -9.42 2.36 -7.74
CA PHE A 49 -7.99 2.18 -7.78
C PHE A 49 -7.55 1.72 -9.16
N GLN A 50 -8.45 1.04 -9.89
CA GLN A 50 -8.20 0.68 -11.28
C GLN A 50 -7.71 1.89 -12.04
N ASN A 51 -8.14 3.03 -11.57
CA ASN A 51 -7.73 4.29 -12.17
C ASN A 51 -6.30 4.59 -11.80
N PHE A 52 -5.93 4.17 -10.62
CA PHE A 52 -4.61 4.42 -10.09
C PHE A 52 -3.54 3.50 -10.63
N ILE A 53 -3.70 2.22 -10.34
CA ILE A 53 -2.65 1.26 -10.60
C ILE A 53 -2.47 1.00 -12.09
N LYS A 54 -3.50 1.22 -12.86
CA LYS A 54 -3.41 1.08 -14.31
C LYS A 54 -3.26 2.43 -14.99
N ASN A 55 -4.10 3.39 -14.60
CA ASN A 55 -4.22 4.63 -15.36
C ASN A 55 -3.53 5.82 -14.70
N TYR A 56 -2.55 5.54 -13.87
CA TYR A 56 -1.77 6.62 -13.24
C TYR A 56 -0.30 6.25 -13.06
N PRO A 57 0.41 5.92 -14.16
CA PRO A 57 1.85 5.63 -14.12
C PRO A 57 2.64 6.87 -13.77
N ASP A 58 2.04 7.96 -14.17
CA ASP A 58 2.57 9.31 -13.95
C ASP A 58 2.91 9.56 -12.48
N SER A 59 2.02 9.16 -11.59
CA SER A 59 2.15 9.53 -10.20
C SER A 59 2.78 8.43 -9.38
N THR A 60 3.43 8.81 -8.27
CA THR A 60 4.20 7.89 -7.44
C THR A 60 3.45 6.59 -7.13
N TYR A 61 2.19 6.74 -6.74
CA TYR A 61 1.44 5.66 -6.13
C TYR A 61 0.68 4.79 -7.11
N LEU A 62 1.04 4.89 -8.36
CA LEU A 62 0.66 3.87 -9.35
C LEU A 62 0.68 2.46 -8.73
N PRO A 63 1.81 2.05 -8.10
CA PRO A 63 2.03 0.68 -7.67
C PRO A 63 1.28 0.39 -6.38
N ASN A 64 1.47 1.32 -5.47
CA ASN A 64 1.01 1.27 -4.10
C ASN A 64 -0.47 1.36 -4.03
N ALA A 65 -1.10 1.95 -5.01
CA ALA A 65 -2.52 2.09 -4.92
C ALA A 65 -3.18 0.71 -4.81
N ASN A 66 -2.56 -0.27 -5.46
CA ASN A 66 -3.01 -1.65 -5.39
C ASN A 66 -2.74 -2.22 -3.97
N TYR A 67 -1.78 -1.63 -3.26
CA TYR A 67 -1.35 -2.12 -1.97
C TYR A 67 -2.34 -1.81 -0.90
N TRP A 68 -2.89 -0.62 -1.00
CA TRP A 68 -3.94 -0.19 -0.11
C TRP A 68 -5.06 -1.21 -0.27
N LEU A 69 -5.17 -1.70 -1.49
CA LEU A 69 -6.14 -2.73 -1.81
C LEU A 69 -5.72 -4.02 -1.12
N GLY A 70 -4.41 -4.26 -1.09
CA GLY A 70 -3.87 -5.43 -0.43
C GLY A 70 -4.12 -5.46 1.08
N GLN A 71 -3.98 -4.33 1.74
CA GLN A 71 -4.03 -4.31 3.19
C GLN A 71 -5.46 -4.34 3.73
N LEU A 72 -6.23 -3.33 3.38
CA LEU A 72 -7.53 -3.17 4.01
C LEU A 72 -8.53 -4.21 3.56
N ASN A 73 -8.41 -4.72 2.33
CA ASN A 73 -9.36 -5.73 1.90
C ASN A 73 -9.20 -6.92 2.80
N TYR A 74 -7.96 -7.21 3.19
CA TYR A 74 -7.72 -8.22 4.17
C TYR A 74 -8.43 -7.85 5.46
N ASN A 75 -8.14 -6.69 6.01
CA ASN A 75 -8.75 -6.26 7.27
C ASN A 75 -10.26 -6.11 7.14
N LYS A 76 -10.75 -6.22 5.92
CA LYS A 76 -12.17 -6.20 5.65
C LYS A 76 -12.73 -7.62 5.86
N GLY A 77 -11.82 -8.56 6.07
CA GLY A 77 -12.17 -9.94 6.35
C GLY A 77 -11.93 -10.80 5.15
N LYS A 78 -11.03 -10.33 4.32
CA LYS A 78 -10.55 -11.08 3.19
C LYS A 78 -9.14 -11.45 3.48
N LYS A 79 -9.03 -11.99 4.64
CA LYS A 79 -7.84 -12.58 5.17
C LYS A 79 -7.33 -13.61 4.16
N ASP A 80 -8.22 -14.02 3.26
CA ASP A 80 -7.88 -14.76 2.06
C ASP A 80 -7.57 -13.83 0.87
N ASP A 81 -8.58 -13.06 0.43
CA ASP A 81 -8.50 -12.36 -0.85
C ASP A 81 -7.38 -11.32 -0.90
N ALA A 82 -7.36 -10.35 0.01
CA ALA A 82 -6.29 -9.35 -0.03
C ALA A 82 -4.96 -9.91 0.40
N ALA A 83 -4.98 -11.00 1.16
CA ALA A 83 -3.74 -11.68 1.49
C ALA A 83 -2.98 -11.96 0.19
N TYR A 84 -3.73 -12.35 -0.83
CA TYR A 84 -3.20 -12.53 -2.16
C TYR A 84 -3.03 -11.18 -2.87
N TYR A 85 -3.91 -10.20 -2.57
CA TYR A 85 -3.78 -8.86 -3.14
C TYR A 85 -2.39 -8.32 -2.91
N PHE A 86 -1.97 -8.35 -1.65
CA PHE A 86 -0.60 -7.99 -1.34
C PHE A 86 0.36 -8.81 -2.16
N ALA A 87 0.18 -10.13 -2.15
CA ALA A 87 1.02 -11.03 -2.93
C ALA A 87 1.10 -10.59 -4.38
N SER A 88 0.01 -10.02 -4.87
CA SER A 88 -0.04 -9.48 -6.20
C SER A 88 0.75 -8.17 -6.31
N VAL A 89 0.57 -7.22 -5.39
CA VAL A 89 1.19 -5.90 -5.55
C VAL A 89 2.69 -5.95 -5.24
N VAL A 90 3.02 -6.58 -4.10
CA VAL A 90 4.44 -6.82 -3.74
C VAL A 90 5.20 -7.39 -4.94
N LYS A 91 4.55 -8.30 -5.61
CA LYS A 91 5.07 -8.94 -6.80
C LYS A 91 5.01 -8.02 -8.01
N ASN A 92 3.80 -7.58 -8.33
CA ASN A 92 3.54 -6.82 -9.55
C ASN A 92 4.30 -5.53 -9.53
N TYR A 93 4.32 -4.90 -8.38
CA TYR A 93 4.93 -3.61 -8.24
C TYR A 93 6.17 -3.63 -7.39
N PRO A 94 7.29 -3.68 -8.07
CA PRO A 94 8.61 -3.63 -7.47
C PRO A 94 9.01 -2.19 -7.16
N LYS A 95 8.18 -1.29 -7.67
CA LYS A 95 8.40 0.15 -7.57
C LYS A 95 7.73 0.65 -6.31
N SER A 96 6.82 -0.16 -5.82
CA SER A 96 5.99 0.19 -4.69
C SER A 96 6.81 0.27 -3.39
N PRO A 97 6.35 1.08 -2.42
CA PRO A 97 6.85 1.02 -1.06
C PRO A 97 6.16 -0.13 -0.32
N LYS A 98 5.22 -0.72 -1.04
CA LYS A 98 4.27 -1.63 -0.46
C LYS A 98 4.83 -3.01 -0.29
N ALA A 99 5.74 -3.38 -1.18
CA ALA A 99 6.32 -4.69 -1.14
C ALA A 99 6.82 -4.98 0.26
N ALA A 100 7.22 -3.93 0.94
CA ALA A 100 7.53 -3.97 2.36
C ALA A 100 6.27 -3.87 3.21
N ASP A 101 5.48 -2.83 2.95
CA ASP A 101 4.37 -2.44 3.80
C ASP A 101 3.36 -3.57 3.98
N ALA A 102 2.87 -4.10 2.86
CA ALA A 102 1.94 -5.21 2.93
C ALA A 102 2.66 -6.50 3.22
N MET A 103 3.95 -6.52 3.00
CA MET A 103 4.75 -7.62 3.51
C MET A 103 4.66 -7.62 5.02
N PHE A 104 4.66 -6.42 5.55
CA PHE A 104 4.49 -6.21 6.97
C PHE A 104 3.04 -6.48 7.41
N LYS A 105 2.10 -5.72 6.86
CA LYS A 105 0.72 -5.71 7.36
C LYS A 105 -0.08 -6.92 6.89
N VAL A 106 0.18 -7.38 5.67
CA VAL A 106 -0.38 -8.64 5.25
C VAL A 106 0.50 -9.74 5.83
N GLY A 107 1.72 -9.33 6.14
CA GLY A 107 2.60 -10.08 7.01
C GLY A 107 1.98 -10.27 8.37
N VAL A 108 1.01 -9.42 8.67
CA VAL A 108 0.25 -9.44 9.93
C VAL A 108 -0.85 -10.49 9.97
N ILE A 109 -1.62 -10.64 8.88
CA ILE A 109 -2.80 -11.52 8.89
C ILE A 109 -2.42 -12.94 9.26
N MET A 110 -1.18 -13.29 9.03
CA MET A 110 -0.71 -14.64 9.31
C MET A 110 -1.02 -15.13 10.71
N GLN A 111 -0.69 -14.39 11.75
CA GLN A 111 -0.96 -14.83 13.10
C GLN A 111 -2.46 -14.93 13.28
N ASP A 112 -3.17 -14.07 12.56
CA ASP A 112 -4.61 -14.07 12.57
C ASP A 112 -5.15 -15.41 12.05
N LYS A 113 -4.49 -15.96 11.04
CA LYS A 113 -4.81 -17.30 10.55
C LYS A 113 -3.99 -18.38 11.28
N GLY A 114 -2.90 -17.97 11.90
CA GLY A 114 -2.07 -18.88 12.69
C GLY A 114 -0.68 -19.11 12.12
N ASP A 115 0.05 -18.04 11.76
CA ASP A 115 1.48 -18.17 11.43
C ASP A 115 2.33 -17.17 12.15
N THR A 116 1.89 -16.72 13.29
CA THR A 116 2.75 -15.96 14.17
C THR A 116 4.07 -16.70 14.41
N ALA A 117 4.05 -17.99 14.21
CA ALA A 117 5.25 -18.76 14.29
C ALA A 117 6.10 -18.60 13.03
N LYS A 118 5.49 -18.87 11.89
CA LYS A 118 6.22 -18.94 10.63
C LYS A 118 6.34 -17.58 10.00
N ALA A 119 5.20 -16.99 9.82
CA ALA A 119 5.06 -15.78 9.09
C ALA A 119 5.56 -14.58 9.87
N LYS A 120 5.69 -14.71 11.18
CA LYS A 120 6.33 -13.65 11.95
C LYS A 120 7.70 -13.37 11.38
N ALA A 121 8.25 -14.41 10.80
CA ALA A 121 9.53 -14.34 10.10
C ALA A 121 9.42 -13.39 8.91
N VAL A 122 8.25 -13.39 8.27
CA VAL A 122 7.91 -12.43 7.22
C VAL A 122 8.32 -11.02 7.60
N TYR A 123 7.93 -10.61 8.81
CA TYR A 123 8.34 -9.32 9.31
C TYR A 123 9.84 -9.18 9.25
N GLN A 124 10.52 -10.15 9.86
CA GLN A 124 11.97 -10.11 10.04
C GLN A 124 12.62 -9.93 8.67
N GLN A 125 11.94 -10.47 7.72
CA GLN A 125 12.34 -10.42 6.34
C GLN A 125 12.15 -9.05 5.75
N VAL A 126 11.01 -8.41 5.93
CA VAL A 126 10.90 -7.03 5.51
C VAL A 126 11.96 -6.20 6.14
N ILE A 127 12.15 -6.37 7.43
CA ILE A 127 13.15 -5.62 8.17
C ILE A 127 14.53 -5.77 7.52
N SER A 128 14.79 -6.93 6.93
CA SER A 128 16.12 -7.24 6.47
C SER A 128 16.21 -7.21 4.93
N LYS A 129 15.08 -7.48 4.28
CA LYS A 129 15.04 -7.60 2.84
C LYS A 129 14.51 -6.32 2.22
N TYR A 130 13.49 -5.80 2.87
CA TYR A 130 12.86 -4.55 2.50
C TYR A 130 13.26 -3.40 3.43
N PRO A 131 14.56 -3.25 3.79
CA PRO A 131 14.96 -2.48 4.95
C PRO A 131 14.69 -1.00 4.81
N GLY A 132 14.21 -0.42 5.88
CA GLY A 132 13.97 0.99 5.93
C GLY A 132 12.86 1.43 5.00
N THR A 133 12.03 0.49 4.60
CA THR A 133 10.89 0.80 3.80
C THR A 133 9.67 0.64 4.70
N ASP A 134 8.52 1.16 4.30
CA ASP A 134 7.33 1.20 5.17
C ASP A 134 7.15 -0.09 5.97
N GLY A 135 7.26 -1.19 5.28
CA GLY A 135 7.09 -2.48 5.90
C GLY A 135 8.22 -2.82 6.86
N ALA A 136 9.46 -2.64 6.43
CA ALA A 136 10.61 -2.96 7.28
C ALA A 136 10.57 -2.06 8.50
N LYS A 137 9.97 -0.92 8.28
CA LYS A 137 9.82 0.11 9.27
C LYS A 137 8.78 -0.28 10.31
N GLN A 138 7.57 -0.53 9.84
CA GLN A 138 6.47 -0.90 10.72
C GLN A 138 6.63 -2.32 11.27
N ALA A 139 7.29 -3.20 10.52
CA ALA A 139 7.37 -4.61 10.92
C ALA A 139 8.35 -4.80 12.06
N GLN A 140 9.31 -3.89 12.15
CA GLN A 140 10.26 -3.85 13.25
C GLN A 140 9.54 -3.83 14.60
N LYS A 141 8.42 -3.13 14.67
CA LYS A 141 7.64 -3.09 15.89
C LYS A 141 7.09 -4.48 16.20
N ARG A 142 6.58 -5.15 15.19
CA ARG A 142 5.97 -6.46 15.35
C ARG A 142 7.01 -7.46 15.80
N LEU A 143 8.22 -7.22 15.36
CA LEU A 143 9.35 -8.03 15.79
C LEU A 143 9.52 -7.98 17.31
N ASN A 144 9.33 -6.82 17.89
CA ASN A 144 9.56 -6.62 19.32
C ASN A 144 8.26 -6.61 20.13
N ALA A 145 7.15 -6.34 19.47
CA ALA A 145 5.89 -6.12 20.14
C ALA A 145 5.00 -7.34 20.03
N MET A 146 4.57 -7.61 18.83
CA MET A 146 3.58 -8.62 18.61
C MET A 146 4.07 -9.71 17.65
N MET A 1 -25.77 14.78 -3.72
CA MET A 1 -24.43 15.22 -4.15
C MET A 1 -23.59 15.58 -2.95
N GLY A 2 -22.28 15.35 -3.04
CA GLY A 2 -21.40 15.59 -1.92
C GLY A 2 -21.70 14.67 -0.77
N SER A 3 -21.52 13.37 -1.00
CA SER A 3 -21.85 12.35 -0.01
C SER A 3 -21.13 12.59 1.31
N SER A 4 -19.88 12.98 1.23
CA SER A 4 -19.09 13.24 2.43
C SER A 4 -18.86 14.74 2.60
N HIS A 5 -19.29 15.51 1.59
CA HIS A 5 -19.06 16.95 1.54
C HIS A 5 -17.57 17.28 1.51
N HIS A 6 -16.79 16.29 1.06
CA HIS A 6 -15.34 16.36 1.10
C HIS A 6 -14.87 16.75 2.49
N HIS A 7 -14.95 15.81 3.42
CA HIS A 7 -14.57 16.06 4.80
C HIS A 7 -13.07 16.24 4.88
N HIS A 8 -12.63 17.48 4.78
CA HIS A 8 -11.21 17.81 4.77
C HIS A 8 -10.61 17.70 6.18
N HIS A 9 -10.22 16.48 6.52
CA HIS A 9 -9.61 16.20 7.82
C HIS A 9 -8.13 16.55 7.79
N HIS A 10 -7.51 16.40 6.63
CA HIS A 10 -6.11 16.75 6.49
C HIS A 10 -5.97 17.98 5.59
N SER A 11 -5.19 18.94 6.04
CA SER A 11 -4.96 20.15 5.26
C SER A 11 -3.57 20.13 4.66
N SER A 12 -2.68 19.37 5.28
CA SER A 12 -1.32 19.20 4.79
C SER A 12 -1.24 17.98 3.89
N GLY A 13 -1.75 18.12 2.68
CA GLY A 13 -1.72 17.03 1.72
C GLY A 13 -0.73 17.29 0.61
N LEU A 14 0.22 18.18 0.88
CA LEU A 14 1.23 18.53 -0.10
C LEU A 14 2.62 18.26 0.47
N VAL A 15 2.67 17.35 1.44
CA VAL A 15 3.91 17.03 2.14
C VAL A 15 4.10 15.52 2.28
N PRO A 16 4.26 14.81 1.14
CA PRO A 16 4.34 13.36 1.03
C PRO A 16 4.93 12.68 2.25
N ARG A 17 6.19 12.96 2.50
CA ARG A 17 6.89 12.46 3.67
C ARG A 17 7.63 13.59 4.37
N GLY A 18 8.55 14.22 3.65
CA GLY A 18 9.31 15.32 4.20
C GLY A 18 9.90 16.21 3.12
N SER A 19 9.15 16.37 2.03
CA SER A 19 9.59 17.19 0.92
C SER A 19 8.37 17.67 0.13
N HIS A 20 8.57 18.68 -0.70
CA HIS A 20 7.48 19.25 -1.48
C HIS A 20 7.37 18.56 -2.83
N MET A 21 6.17 18.11 -3.16
CA MET A 21 5.89 17.49 -4.44
C MET A 21 4.57 18.03 -4.99
N SER A 22 4.41 18.02 -6.30
CA SER A 22 3.20 18.52 -6.92
C SER A 22 2.45 17.37 -7.58
N GLY A 23 1.26 17.07 -7.06
CA GLY A 23 0.53 15.91 -7.52
C GLY A 23 1.05 14.67 -6.85
N ASN A 24 1.55 14.88 -5.63
CA ASN A 24 2.04 13.81 -4.79
C ASN A 24 1.09 12.63 -4.78
N ALA A 25 1.51 11.59 -5.48
CA ALA A 25 0.70 10.41 -5.69
C ALA A 25 0.33 9.76 -4.38
N ASN A 26 1.16 9.97 -3.37
CA ASN A 26 0.98 9.43 -2.09
C ASN A 26 -0.35 9.85 -1.58
N THR A 27 -0.61 11.13 -1.70
CA THR A 27 -1.78 11.67 -1.10
C THR A 27 -2.99 11.40 -1.97
N ASP A 28 -2.84 11.64 -3.27
CA ASP A 28 -3.94 11.51 -4.19
C ASP A 28 -4.36 10.06 -4.29
N TYR A 29 -3.38 9.16 -4.23
CA TYR A 29 -3.69 7.75 -4.35
C TYR A 29 -4.21 7.20 -3.05
N ASN A 30 -3.52 7.48 -1.97
CA ASN A 30 -4.00 7.08 -0.67
C ASN A 30 -5.40 7.62 -0.49
N ALA A 31 -5.68 8.75 -1.16
CA ALA A 31 -7.03 9.33 -1.24
C ALA A 31 -7.91 8.59 -2.26
N ALA A 32 -7.29 7.94 -3.26
CA ALA A 32 -8.04 7.24 -4.29
C ALA A 32 -8.56 5.98 -3.72
N ILE A 33 -7.63 5.25 -3.18
CA ILE A 33 -7.90 4.03 -2.55
C ILE A 33 -8.48 4.27 -1.14
N ALA A 34 -8.26 5.45 -0.57
CA ALA A 34 -9.01 5.85 0.65
C ALA A 34 -10.51 5.66 0.43
N LEU A 35 -10.91 5.66 -0.82
CA LEU A 35 -12.27 5.38 -1.16
C LEU A 35 -12.56 3.91 -0.89
N VAL A 36 -11.59 3.06 -1.19
CA VAL A 36 -11.73 1.64 -0.96
C VAL A 36 -11.84 1.33 0.53
N GLN A 37 -11.15 2.13 1.37
CA GLN A 37 -11.28 1.99 2.81
C GLN A 37 -12.65 2.50 3.23
N ASP A 38 -13.14 3.48 2.47
CA ASP A 38 -14.44 4.04 2.72
C ASP A 38 -15.48 3.01 2.39
N LYS A 39 -16.27 2.69 3.38
CA LYS A 39 -17.24 1.64 3.28
C LYS A 39 -18.37 2.06 2.37
N SER A 40 -18.35 3.32 2.00
CA SER A 40 -19.36 3.85 1.11
C SER A 40 -18.75 4.23 -0.23
N ARG A 41 -17.43 4.08 -0.37
CA ARG A 41 -16.77 4.45 -1.61
C ARG A 41 -15.95 3.30 -2.15
N GLN A 42 -16.29 2.08 -1.74
CA GLN A 42 -15.56 0.90 -2.17
C GLN A 42 -15.46 0.86 -3.71
N ASP A 43 -16.56 1.21 -4.37
CA ASP A 43 -16.61 1.24 -5.82
C ASP A 43 -15.94 2.49 -6.36
N ASP A 44 -15.97 3.56 -5.58
CA ASP A 44 -15.39 4.82 -6.02
C ASP A 44 -13.87 4.70 -5.98
N ALA A 45 -13.36 3.80 -5.15
CA ALA A 45 -11.96 3.45 -5.19
C ALA A 45 -11.66 2.65 -6.41
N MET A 46 -12.60 1.79 -6.76
CA MET A 46 -12.42 0.95 -7.91
C MET A 46 -12.21 1.84 -9.12
N VAL A 47 -12.90 2.96 -9.10
CA VAL A 47 -12.80 3.91 -10.20
C VAL A 47 -11.61 4.82 -10.02
N ALA A 48 -11.40 5.26 -8.78
CA ALA A 48 -10.28 6.12 -8.42
C ALA A 48 -8.97 5.49 -8.77
N PHE A 49 -8.76 4.33 -8.16
CA PHE A 49 -7.46 3.71 -8.16
C PHE A 49 -7.15 3.13 -9.51
N GLN A 50 -8.19 2.72 -10.24
CA GLN A 50 -8.03 2.31 -11.63
C GLN A 50 -7.26 3.36 -12.40
N ASN A 51 -7.38 4.59 -11.95
CA ASN A 51 -6.68 5.70 -12.56
C ASN A 51 -5.21 5.63 -12.17
N PHE A 52 -4.98 5.02 -11.05
CA PHE A 52 -3.65 4.88 -10.51
C PHE A 52 -2.89 3.71 -11.08
N ILE A 53 -3.42 2.52 -10.82
CA ILE A 53 -2.74 1.29 -11.15
C ILE A 53 -2.82 0.93 -12.64
N LYS A 54 -3.88 1.36 -13.31
CA LYS A 54 -4.03 1.04 -14.74
C LYS A 54 -3.63 2.24 -15.60
N ASN A 55 -4.03 3.41 -15.16
CA ASN A 55 -3.63 4.67 -15.78
C ASN A 55 -2.28 5.10 -15.21
N TYR A 56 -1.44 4.11 -14.96
CA TYR A 56 -0.13 4.21 -14.30
C TYR A 56 1.13 4.61 -15.14
N PRO A 57 1.13 5.64 -16.02
CA PRO A 57 2.39 6.14 -16.56
C PRO A 57 3.10 7.13 -15.65
N ASP A 58 2.30 7.92 -14.98
CA ASP A 58 2.79 9.13 -14.30
C ASP A 58 3.17 8.93 -12.82
N SER A 59 2.24 8.46 -12.02
CA SER A 59 2.32 8.65 -10.59
C SER A 59 3.14 7.57 -9.91
N THR A 60 4.05 8.03 -9.06
CA THR A 60 4.93 7.17 -8.25
C THR A 60 4.20 5.97 -7.66
N TYR A 61 2.99 6.21 -7.20
CA TYR A 61 2.26 5.22 -6.45
C TYR A 61 1.30 4.42 -7.29
N LEU A 62 1.50 4.49 -8.57
CA LEU A 62 0.81 3.62 -9.49
C LEU A 62 0.86 2.14 -9.02
N PRO A 63 2.01 1.63 -8.49
CA PRO A 63 2.13 0.22 -8.14
C PRO A 63 1.40 -0.03 -6.83
N ASN A 64 1.67 0.86 -5.92
CA ASN A 64 1.19 0.82 -4.55
C ASN A 64 -0.25 1.16 -4.44
N ALA A 65 -0.80 1.77 -5.45
CA ALA A 65 -2.19 2.10 -5.36
C ALA A 65 -3.02 0.82 -5.27
N ASN A 66 -2.53 -0.23 -5.93
CA ASN A 66 -3.13 -1.57 -5.83
C ASN A 66 -2.90 -2.13 -4.42
N TYR A 67 -1.87 -1.63 -3.76
CA TYR A 67 -1.44 -2.12 -2.46
C TYR A 67 -2.42 -1.75 -1.38
N TRP A 68 -2.90 -0.52 -1.46
CA TRP A 68 -3.88 -0.02 -0.54
C TRP A 68 -5.07 -0.96 -0.63
N LEU A 69 -5.28 -1.45 -1.84
CA LEU A 69 -6.32 -2.44 -2.08
C LEU A 69 -5.92 -3.74 -1.39
N GLY A 70 -4.63 -4.06 -1.50
CA GLY A 70 -4.05 -5.19 -0.80
C GLY A 70 -4.23 -5.14 0.71
N GLN A 71 -4.02 -4.00 1.31
CA GLN A 71 -4.12 -3.84 2.75
C GLN A 71 -5.59 -3.78 3.15
N LEU A 72 -6.31 -2.87 2.51
CA LEU A 72 -7.68 -2.59 2.87
C LEU A 72 -8.54 -3.84 2.78
N ASN A 73 -8.45 -4.56 1.66
CA ASN A 73 -9.33 -5.68 1.45
C ASN A 73 -9.09 -6.72 2.51
N TYR A 74 -7.85 -6.92 2.92
CA TYR A 74 -7.58 -7.82 3.99
C TYR A 74 -8.32 -7.39 5.23
N ASN A 75 -8.12 -6.16 5.67
CA ASN A 75 -8.80 -5.63 6.86
C ASN A 75 -10.31 -5.64 6.68
N LYS A 76 -10.74 -5.89 5.45
CA LYS A 76 -12.17 -6.04 5.15
C LYS A 76 -12.67 -7.42 5.58
N GLY A 77 -11.74 -8.25 6.00
CA GLY A 77 -12.06 -9.61 6.38
C GLY A 77 -11.78 -10.56 5.24
N LYS A 78 -10.92 -10.08 4.35
CA LYS A 78 -10.43 -10.89 3.25
C LYS A 78 -9.02 -11.20 3.54
N LYS A 79 -8.87 -11.60 4.76
CA LYS A 79 -7.66 -12.13 5.33
C LYS A 79 -7.10 -13.22 4.42
N ASP A 80 -7.98 -13.76 3.57
CA ASP A 80 -7.58 -14.60 2.45
C ASP A 80 -7.31 -13.78 1.19
N ASP A 81 -8.36 -13.10 0.70
CA ASP A 81 -8.33 -12.49 -0.63
C ASP A 81 -7.24 -11.42 -0.78
N ALA A 82 -7.26 -10.39 0.05
CA ALA A 82 -6.22 -9.35 -0.06
C ALA A 82 -4.88 -9.84 0.45
N ALA A 83 -4.88 -10.86 1.27
CA ALA A 83 -3.64 -11.50 1.65
C ALA A 83 -2.87 -11.85 0.38
N TYR A 84 -3.62 -12.29 -0.63
CA TYR A 84 -3.07 -12.54 -1.94
C TYR A 84 -2.94 -11.21 -2.73
N TYR A 85 -3.81 -10.23 -2.46
CA TYR A 85 -3.69 -8.90 -3.11
C TYR A 85 -2.30 -8.35 -2.89
N PHE A 86 -1.87 -8.33 -1.63
CA PHE A 86 -0.50 -7.96 -1.31
C PHE A 86 0.46 -8.80 -2.12
N ALA A 87 0.25 -10.10 -2.10
CA ALA A 87 1.06 -11.04 -2.86
C ALA A 87 1.09 -10.65 -4.34
N SER A 88 0.00 -10.10 -4.82
CA SER A 88 -0.09 -9.61 -6.18
C SER A 88 0.69 -8.29 -6.33
N VAL A 89 0.55 -7.36 -5.39
CA VAL A 89 1.18 -6.05 -5.53
C VAL A 89 2.67 -6.15 -5.29
N VAL A 90 3.06 -6.78 -4.18
CA VAL A 90 4.48 -7.09 -3.92
C VAL A 90 5.14 -7.71 -5.16
N LYS A 91 4.43 -8.65 -5.74
CA LYS A 91 4.86 -9.34 -6.94
C LYS A 91 4.84 -8.42 -8.17
N ASN A 92 3.65 -8.01 -8.57
CA ASN A 92 3.46 -7.28 -9.81
C ASN A 92 4.13 -5.93 -9.75
N TYR A 93 4.08 -5.33 -8.59
CA TYR A 93 4.61 -4.00 -8.40
C TYR A 93 5.86 -4.01 -7.58
N PRO A 94 6.99 -4.04 -8.29
CA PRO A 94 8.31 -4.15 -7.71
C PRO A 94 8.72 -2.81 -7.12
N LYS A 95 8.04 -1.79 -7.58
CA LYS A 95 8.35 -0.41 -7.20
C LYS A 95 7.58 -0.02 -5.96
N SER A 96 6.53 -0.77 -5.71
CA SER A 96 5.65 -0.52 -4.58
C SER A 96 6.40 -0.66 -3.27
N PRO A 97 6.14 0.23 -2.29
CA PRO A 97 6.59 0.06 -0.93
C PRO A 97 5.79 -1.05 -0.25
N LYS A 98 4.72 -1.47 -0.93
CA LYS A 98 3.82 -2.50 -0.45
C LYS A 98 4.52 -3.80 -0.22
N ALA A 99 5.46 -4.07 -1.09
CA ALA A 99 6.30 -5.22 -0.96
C ALA A 99 6.83 -5.31 0.46
N ALA A 100 7.10 -4.16 1.06
CA ALA A 100 7.41 -4.07 2.49
C ALA A 100 6.15 -3.95 3.32
N ASP A 101 5.33 -2.97 2.96
CA ASP A 101 4.22 -2.51 3.79
C ASP A 101 3.28 -3.64 4.13
N ALA A 102 2.74 -4.25 3.10
CA ALA A 102 1.82 -5.34 3.28
C ALA A 102 2.57 -6.60 3.62
N MET A 103 3.87 -6.61 3.35
CA MET A 103 4.69 -7.67 3.90
C MET A 103 4.61 -7.59 5.41
N PHE A 104 4.62 -6.37 5.90
CA PHE A 104 4.42 -6.14 7.30
C PHE A 104 2.95 -6.40 7.71
N LYS A 105 2.03 -5.67 7.08
CA LYS A 105 0.62 -5.63 7.50
C LYS A 105 -0.15 -6.87 7.07
N VAL A 106 0.08 -7.34 5.86
CA VAL A 106 -0.48 -8.61 5.47
C VAL A 106 0.40 -9.69 6.07
N GLY A 107 1.63 -9.29 6.39
CA GLY A 107 2.48 -10.02 7.27
C GLY A 107 1.87 -10.17 8.64
N VAL A 108 0.92 -9.29 8.94
CA VAL A 108 0.17 -9.31 10.20
C VAL A 108 -0.94 -10.36 10.23
N ILE A 109 -1.70 -10.47 9.14
CA ILE A 109 -2.87 -11.35 9.13
C ILE A 109 -2.48 -12.80 9.41
N MET A 110 -1.25 -13.15 9.09
CA MET A 110 -0.78 -14.53 9.25
C MET A 110 -1.08 -15.12 10.60
N GLN A 111 -0.69 -14.45 11.65
CA GLN A 111 -0.89 -14.93 12.98
C GLN A 111 -2.36 -14.93 13.31
N ASP A 112 -3.09 -14.03 12.68
CA ASP A 112 -4.53 -14.05 12.76
C ASP A 112 -5.08 -15.39 12.24
N LYS A 113 -4.50 -15.88 11.14
CA LYS A 113 -4.86 -17.19 10.62
C LYS A 113 -4.03 -18.31 11.27
N GLY A 114 -2.89 -17.95 11.85
CA GLY A 114 -2.05 -18.91 12.53
C GLY A 114 -0.68 -19.14 11.88
N ASP A 115 0.02 -18.06 11.52
CA ASP A 115 1.43 -18.17 11.13
C ASP A 115 2.30 -17.24 11.92
N THR A 116 1.88 -16.90 13.10
CA THR A 116 2.75 -16.21 14.01
C THR A 116 4.07 -16.94 14.17
N ALA A 117 4.04 -18.21 13.90
CA ALA A 117 5.25 -18.99 13.93
C ALA A 117 6.08 -18.75 12.67
N LYS A 118 5.44 -18.93 11.53
CA LYS A 118 6.14 -18.94 10.26
C LYS A 118 6.28 -17.53 9.74
N ALA A 119 5.14 -16.90 9.62
CA ALA A 119 5.01 -15.63 9.00
C ALA A 119 5.53 -14.50 9.88
N LYS A 120 5.66 -14.70 11.17
CA LYS A 120 6.32 -13.70 11.99
C LYS A 120 7.71 -13.43 11.44
N ALA A 121 8.23 -14.45 10.80
CA ALA A 121 9.52 -14.37 10.11
C ALA A 121 9.45 -13.40 8.93
N VAL A 122 8.27 -13.34 8.30
CA VAL A 122 7.95 -12.33 7.29
C VAL A 122 8.44 -10.97 7.70
N TYR A 123 8.03 -10.55 8.89
CA TYR A 123 8.47 -9.28 9.44
C TYR A 123 9.98 -9.17 9.37
N GLN A 124 10.64 -10.18 9.91
CA GLN A 124 12.09 -10.19 10.09
C GLN A 124 12.75 -9.93 8.76
N GLN A 125 12.04 -10.36 7.75
CA GLN A 125 12.46 -10.21 6.38
C GLN A 125 12.27 -8.80 5.91
N VAL A 126 11.10 -8.22 6.08
CA VAL A 126 10.92 -6.84 5.64
C VAL A 126 11.98 -5.97 6.24
N ILE A 127 12.19 -6.10 7.53
CA ILE A 127 13.19 -5.33 8.24
C ILE A 127 14.54 -5.42 7.54
N SER A 128 14.82 -6.57 6.94
CA SER A 128 16.16 -6.86 6.48
C SER A 128 16.25 -6.85 4.96
N LYS A 129 15.19 -7.31 4.33
CA LYS A 129 15.15 -7.53 2.92
C LYS A 129 14.52 -6.34 2.25
N TYR A 130 13.55 -5.79 2.95
CA TYR A 130 12.88 -4.57 2.56
C TYR A 130 13.30 -3.38 3.42
N PRO A 131 14.60 -3.20 3.70
CA PRO A 131 15.05 -2.35 4.82
C PRO A 131 14.69 -0.89 4.62
N GLY A 132 14.11 -0.32 5.64
CA GLY A 132 13.80 1.08 5.63
C GLY A 132 12.68 1.43 4.68
N THR A 133 11.75 0.52 4.53
CA THR A 133 10.56 0.77 3.76
C THR A 133 9.39 0.70 4.72
N ASP A 134 8.22 1.19 4.31
CA ASP A 134 7.04 1.24 5.20
C ASP A 134 6.90 -0.02 6.04
N GLY A 135 6.98 -1.13 5.37
CA GLY A 135 6.89 -2.42 6.01
C GLY A 135 8.03 -2.68 6.96
N ALA A 136 9.27 -2.51 6.50
CA ALA A 136 10.46 -2.81 7.32
C ALA A 136 10.49 -1.88 8.52
N LYS A 137 9.88 -0.74 8.33
CA LYS A 137 9.82 0.31 9.32
C LYS A 137 8.92 -0.11 10.45
N GLN A 138 7.67 -0.40 10.11
CA GLN A 138 6.67 -0.75 11.10
C GLN A 138 6.82 -2.19 11.57
N ALA A 139 7.39 -3.06 10.74
CA ALA A 139 7.49 -4.49 11.07
C ALA A 139 8.51 -4.71 12.17
N GLN A 140 9.42 -3.76 12.29
CA GLN A 140 10.49 -3.81 13.29
C GLN A 140 9.95 -4.06 14.69
N LYS A 141 8.79 -3.49 15.01
CA LYS A 141 8.19 -3.71 16.32
C LYS A 141 7.62 -5.11 16.44
N ARG A 142 7.11 -5.65 15.33
CA ARG A 142 6.57 -6.98 15.33
C ARG A 142 7.70 -7.98 15.47
N LEU A 143 8.79 -7.64 14.82
CA LEU A 143 9.98 -8.47 14.83
C LEU A 143 10.56 -8.62 16.23
N ASN A 144 10.66 -7.52 16.95
CA ASN A 144 11.35 -7.54 18.24
C ASN A 144 10.38 -7.60 19.41
N ALA A 145 9.15 -7.16 19.20
CA ALA A 145 8.22 -7.00 20.30
C ALA A 145 6.98 -7.84 20.11
N MET A 146 6.15 -7.42 19.21
CA MET A 146 4.81 -7.92 19.11
C MET A 146 4.61 -8.83 17.90
N MET A 1 -33.81 -0.04 1.33
CA MET A 1 -33.01 0.32 0.14
C MET A 1 -31.60 0.70 0.55
N GLY A 2 -30.79 1.14 -0.40
CA GLY A 2 -29.41 1.50 -0.10
C GLY A 2 -29.32 2.70 0.81
N SER A 3 -29.86 3.83 0.36
CA SER A 3 -29.89 5.05 1.14
C SER A 3 -28.49 5.48 1.56
N SER A 4 -27.56 5.43 0.61
CA SER A 4 -26.20 5.85 0.85
C SER A 4 -25.98 7.23 0.24
N HIS A 5 -26.06 8.26 1.08
CA HIS A 5 -25.88 9.63 0.61
C HIS A 5 -24.39 9.98 0.56
N HIS A 6 -24.05 10.97 -0.24
CA HIS A 6 -22.68 11.42 -0.37
C HIS A 6 -22.60 12.93 -0.31
N HIS A 7 -21.82 13.45 0.63
CA HIS A 7 -21.65 14.90 0.76
C HIS A 7 -20.17 15.22 0.98
N HIS A 8 -19.30 14.23 0.82
CA HIS A 8 -17.87 14.45 0.96
C HIS A 8 -17.33 15.13 -0.28
N HIS A 9 -16.64 16.22 -0.08
CA HIS A 9 -16.04 16.95 -1.18
C HIS A 9 -14.66 16.38 -1.48
N HIS A 10 -14.52 15.84 -2.68
CA HIS A 10 -13.30 15.14 -3.07
C HIS A 10 -12.18 16.14 -3.39
N SER A 11 -11.41 16.46 -2.37
CA SER A 11 -10.27 17.35 -2.53
C SER A 11 -9.10 16.58 -3.15
N SER A 12 -8.09 17.31 -3.62
CA SER A 12 -6.95 16.70 -4.30
C SER A 12 -5.79 16.44 -3.35
N GLY A 13 -6.06 16.58 -2.06
CA GLY A 13 -5.08 16.27 -1.05
C GLY A 13 -4.16 17.42 -0.74
N LEU A 14 -3.07 17.53 -1.52
CA LEU A 14 -2.05 18.56 -1.30
C LEU A 14 -1.45 18.46 0.10
N VAL A 15 -1.39 17.23 0.61
CA VAL A 15 -0.77 16.96 1.90
C VAL A 15 0.71 17.39 1.94
N PRO A 16 1.50 17.07 0.87
CA PRO A 16 2.87 17.58 0.70
C PRO A 16 3.04 19.01 1.20
N ARG A 17 4.12 19.24 1.93
CA ARG A 17 4.37 20.55 2.50
C ARG A 17 4.97 21.48 1.45
N GLY A 18 4.25 22.54 1.12
CA GLY A 18 4.68 23.43 0.07
C GLY A 18 4.36 22.89 -1.30
N SER A 19 4.99 23.43 -2.33
CA SER A 19 4.74 23.01 -3.69
C SER A 19 5.66 21.85 -4.10
N HIS A 20 5.87 20.93 -3.17
CA HIS A 20 6.70 19.75 -3.43
C HIS A 20 6.05 18.87 -4.48
N MET A 21 4.75 18.65 -4.35
CA MET A 21 4.01 17.87 -5.31
C MET A 21 2.61 18.43 -5.53
N SER A 22 2.18 18.41 -6.77
CA SER A 22 0.83 18.81 -7.13
C SER A 22 0.17 17.67 -7.88
N GLY A 23 -0.84 17.07 -7.28
CA GLY A 23 -1.40 15.86 -7.83
C GLY A 23 -0.70 14.66 -7.26
N ASN A 24 -0.08 14.88 -6.10
CA ASN A 24 0.59 13.84 -5.32
C ASN A 24 -0.24 12.58 -5.29
N ALA A 25 0.25 11.56 -5.97
CA ALA A 25 -0.46 10.31 -6.10
C ALA A 25 -0.65 9.67 -4.74
N ASN A 26 0.26 9.98 -3.82
CA ASN A 26 0.22 9.45 -2.48
C ASN A 26 -1.10 9.82 -1.88
N THR A 27 -1.41 11.09 -1.99
CA THR A 27 -2.54 11.61 -1.29
C THR A 27 -3.82 11.33 -2.04
N ASP A 28 -3.79 11.46 -3.35
CA ASP A 28 -4.96 11.22 -4.17
C ASP A 28 -5.32 9.75 -4.12
N TYR A 29 -4.30 8.89 -4.12
CA TYR A 29 -4.52 7.46 -4.10
C TYR A 29 -4.86 6.97 -2.72
N ASN A 30 -4.09 7.37 -1.74
CA ASN A 30 -4.41 7.05 -0.37
C ASN A 30 -5.82 7.51 -0.09
N ALA A 31 -6.25 8.56 -0.80
CA ALA A 31 -7.63 9.03 -0.78
C ALA A 31 -8.56 8.14 -1.63
N ALA A 32 -8.00 7.49 -2.65
CA ALA A 32 -8.80 6.69 -3.56
C ALA A 32 -9.13 5.40 -2.91
N ILE A 33 -8.09 4.78 -2.47
CA ILE A 33 -8.19 3.56 -1.77
C ILE A 33 -8.62 3.81 -0.30
N ALA A 34 -8.45 5.02 0.20
CA ALA A 34 -9.14 5.41 1.45
C ALA A 34 -10.62 5.13 1.36
N LEU A 35 -11.13 5.07 0.13
CA LEU A 35 -12.49 4.72 -0.08
C LEU A 35 -12.71 3.27 0.31
N VAL A 36 -11.74 2.39 0.00
CA VAL A 36 -11.86 1.01 0.38
C VAL A 36 -12.02 0.91 1.90
N GLN A 37 -11.26 1.73 2.63
CA GLN A 37 -11.30 1.71 4.09
C GLN A 37 -12.63 2.27 4.57
N ASP A 38 -13.16 3.22 3.81
CA ASP A 38 -14.42 3.81 4.14
C ASP A 38 -15.48 2.75 4.10
N LYS A 39 -16.20 2.69 5.19
CA LYS A 39 -17.23 1.70 5.40
C LYS A 39 -18.22 1.69 4.25
N SER A 40 -18.35 2.84 3.61
CA SER A 40 -19.38 3.00 2.59
C SER A 40 -18.82 3.22 1.20
N ARG A 41 -17.50 3.27 1.09
CA ARG A 41 -16.90 3.57 -0.20
C ARG A 41 -16.09 2.40 -0.69
N GLN A 42 -16.41 1.21 -0.20
CA GLN A 42 -15.71 0.00 -0.60
C GLN A 42 -15.72 -0.12 -2.13
N ASP A 43 -16.88 0.16 -2.72
CA ASP A 43 -17.05 0.13 -4.17
C ASP A 43 -16.48 1.39 -4.81
N ASP A 44 -16.58 2.51 -4.11
CA ASP A 44 -16.07 3.77 -4.64
C ASP A 44 -14.56 3.72 -4.73
N ALA A 45 -13.94 2.90 -3.91
CA ALA A 45 -12.53 2.63 -4.03
C ALA A 45 -12.25 1.76 -5.20
N MET A 46 -13.12 0.78 -5.41
CA MET A 46 -12.97 -0.14 -6.49
C MET A 46 -12.91 0.64 -7.77
N VAL A 47 -13.67 1.71 -7.78
CA VAL A 47 -13.73 2.59 -8.94
C VAL A 47 -12.59 3.60 -8.92
N ALA A 48 -12.37 4.21 -7.76
CA ALA A 48 -11.30 5.18 -7.57
C ALA A 48 -9.98 4.62 -8.00
N PHE A 49 -9.64 3.54 -7.35
CA PHE A 49 -8.31 2.99 -7.44
C PHE A 49 -8.09 2.35 -8.78
N GLN A 50 -9.15 1.79 -9.39
CA GLN A 50 -9.08 1.29 -10.76
C GLN A 50 -8.49 2.35 -11.66
N ASN A 51 -8.71 3.58 -11.26
CA ASN A 51 -8.18 4.70 -12.00
C ASN A 51 -6.70 4.82 -11.74
N PHE A 52 -6.32 4.40 -10.56
CA PHE A 52 -4.93 4.46 -10.11
C PHE A 52 -4.07 3.34 -10.65
N ILE A 53 -4.43 2.13 -10.27
CA ILE A 53 -3.57 0.99 -10.50
C ILE A 53 -3.59 0.54 -11.96
N LYS A 54 -4.67 0.86 -12.65
CA LYS A 54 -4.77 0.52 -14.06
C LYS A 54 -4.57 1.74 -14.95
N ASN A 55 -5.34 2.79 -14.70
CA ASN A 55 -5.41 3.93 -15.62
C ASN A 55 -4.61 5.14 -15.16
N TYR A 56 -3.61 4.91 -14.33
CA TYR A 56 -2.77 6.01 -13.87
C TYR A 56 -1.29 5.62 -13.86
N PRO A 57 -0.74 5.27 -15.03
CA PRO A 57 0.68 4.88 -15.16
C PRO A 57 1.58 6.03 -14.79
N ASP A 58 1.06 7.19 -15.09
CA ASP A 58 1.75 8.45 -14.81
C ASP A 58 2.11 8.58 -13.33
N SER A 59 1.27 8.07 -12.45
CA SER A 59 1.49 8.23 -11.02
C SER A 59 2.48 7.19 -10.52
N THR A 60 3.28 7.60 -9.55
CA THR A 60 4.20 6.71 -8.88
C THR A 60 3.46 5.56 -8.23
N TYR A 61 2.28 5.86 -7.71
CA TYR A 61 1.53 4.93 -6.91
C TYR A 61 0.51 4.13 -7.69
N LEU A 62 0.65 4.16 -8.98
CA LEU A 62 0.00 3.18 -9.86
C LEU A 62 -0.02 1.79 -9.21
N PRO A 63 1.15 1.27 -8.75
CA PRO A 63 1.26 -0.10 -8.25
C PRO A 63 0.70 -0.21 -6.84
N ASN A 64 1.15 0.75 -6.07
CA ASN A 64 0.90 0.90 -4.65
C ASN A 64 -0.54 1.12 -4.38
N ALA A 65 -1.24 1.71 -5.32
CA ALA A 65 -2.62 1.97 -5.08
C ALA A 65 -3.35 0.63 -4.87
N ASN A 66 -2.87 -0.39 -5.55
CA ASN A 66 -3.37 -1.74 -5.41
C ASN A 66 -2.98 -2.33 -4.05
N TYR A 67 -1.91 -1.79 -3.45
CA TYR A 67 -1.42 -2.27 -2.17
C TYR A 67 -2.36 -1.89 -1.07
N TRP A 68 -2.86 -0.68 -1.16
CA TRP A 68 -3.83 -0.19 -0.21
C TRP A 68 -5.02 -1.12 -0.29
N LEU A 69 -5.24 -1.64 -1.49
CA LEU A 69 -6.27 -2.67 -1.68
C LEU A 69 -5.80 -3.98 -1.05
N GLY A 70 -4.52 -4.29 -1.17
CA GLY A 70 -3.97 -5.47 -0.53
C GLY A 70 -4.08 -5.40 0.98
N GLN A 71 -3.87 -4.23 1.52
CA GLN A 71 -3.88 -4.00 2.94
C GLN A 71 -5.31 -3.91 3.44
N LEU A 72 -6.07 -3.00 2.85
CA LEU A 72 -7.41 -2.72 3.32
C LEU A 72 -8.34 -3.88 3.08
N ASN A 73 -8.29 -4.51 1.91
CA ASN A 73 -9.27 -5.53 1.59
C ASN A 73 -9.13 -6.64 2.60
N TYR A 74 -7.90 -6.97 2.97
CA TYR A 74 -7.69 -7.94 4.00
C TYR A 74 -8.42 -7.48 5.26
N ASN A 75 -8.14 -6.28 5.73
CA ASN A 75 -8.79 -5.73 6.92
C ASN A 75 -10.30 -5.59 6.73
N LYS A 76 -10.76 -5.87 5.52
CA LYS A 76 -12.20 -5.93 5.24
C LYS A 76 -12.77 -7.30 5.59
N GLY A 77 -11.87 -8.19 5.99
CA GLY A 77 -12.27 -9.57 6.27
C GLY A 77 -12.00 -10.44 5.07
N LYS A 78 -11.09 -9.96 4.24
CA LYS A 78 -10.62 -10.70 3.10
C LYS A 78 -9.24 -11.15 3.41
N LYS A 79 -9.16 -11.64 4.61
CA LYS A 79 -7.98 -12.25 5.17
C LYS A 79 -7.48 -13.34 4.22
N ASP A 80 -8.37 -13.76 3.32
CA ASP A 80 -8.01 -14.59 2.17
C ASP A 80 -7.64 -13.75 0.94
N ASP A 81 -8.62 -12.98 0.47
CA ASP A 81 -8.51 -12.32 -0.85
C ASP A 81 -7.36 -11.32 -0.94
N ALA A 82 -7.32 -10.31 -0.06
CA ALA A 82 -6.22 -9.35 -0.09
C ALA A 82 -4.93 -9.96 0.42
N ALA A 83 -5.03 -11.01 1.22
CA ALA A 83 -3.84 -11.73 1.62
C ALA A 83 -3.03 -12.09 0.39
N TYR A 84 -3.74 -12.46 -0.67
CA TYR A 84 -3.12 -12.69 -1.97
C TYR A 84 -2.88 -11.36 -2.72
N TYR A 85 -3.74 -10.36 -2.50
CA TYR A 85 -3.55 -9.02 -3.08
C TYR A 85 -2.17 -8.50 -2.77
N PHE A 86 -1.80 -8.55 -1.49
CA PHE A 86 -0.47 -8.17 -1.09
C PHE A 86 0.55 -8.98 -1.88
N ALA A 87 0.38 -10.28 -1.89
CA ALA A 87 1.26 -11.16 -2.64
C ALA A 87 1.39 -10.68 -4.07
N SER A 88 0.29 -10.22 -4.63
CA SER A 88 0.26 -9.76 -6.01
C SER A 88 1.01 -8.43 -6.18
N VAL A 89 0.72 -7.42 -5.35
CA VAL A 89 1.33 -6.10 -5.54
C VAL A 89 2.79 -6.12 -5.09
N VAL A 90 3.06 -6.73 -3.93
CA VAL A 90 4.45 -6.99 -3.50
C VAL A 90 5.27 -7.63 -4.62
N LYS A 91 4.78 -8.77 -5.12
CA LYS A 91 5.45 -9.51 -6.18
C LYS A 91 5.56 -8.66 -7.44
N ASN A 92 4.43 -8.22 -7.94
CA ASN A 92 4.36 -7.54 -9.21
C ASN A 92 5.05 -6.19 -9.16
N TYR A 93 4.81 -5.44 -8.08
CA TYR A 93 5.29 -4.09 -8.05
C TYR A 93 6.38 -3.86 -7.03
N PRO A 94 7.61 -3.92 -7.53
CA PRO A 94 8.82 -3.68 -6.75
C PRO A 94 9.10 -2.19 -6.65
N LYS A 95 8.30 -1.45 -7.40
CA LYS A 95 8.45 -0.01 -7.53
C LYS A 95 7.68 0.67 -6.43
N SER A 96 6.76 -0.08 -5.86
CA SER A 96 5.94 0.41 -4.78
C SER A 96 6.63 0.22 -3.44
N PRO A 97 6.23 0.99 -2.42
CA PRO A 97 6.73 0.83 -1.05
C PRO A 97 6.05 -0.34 -0.38
N LYS A 98 5.10 -0.91 -1.12
CA LYS A 98 4.16 -1.85 -0.58
C LYS A 98 4.78 -3.19 -0.29
N ALA A 99 5.72 -3.57 -1.12
CA ALA A 99 6.35 -4.85 -1.00
C ALA A 99 6.84 -5.06 0.41
N ALA A 100 7.18 -3.96 1.06
CA ALA A 100 7.47 -3.95 2.48
C ALA A 100 6.19 -3.85 3.30
N ASP A 101 5.40 -2.83 2.99
CA ASP A 101 4.23 -2.45 3.78
C ASP A 101 3.27 -3.59 3.98
N ALA A 102 2.79 -4.16 2.87
CA ALA A 102 1.85 -5.25 2.95
C ALA A 102 2.55 -6.52 3.33
N MET A 103 3.85 -6.56 3.14
CA MET A 103 4.64 -7.62 3.71
C MET A 103 4.54 -7.55 5.21
N PHE A 104 4.55 -6.34 5.71
CA PHE A 104 4.36 -6.11 7.12
C PHE A 104 2.91 -6.36 7.54
N LYS A 105 1.98 -5.64 6.91
CA LYS A 105 0.56 -5.61 7.32
C LYS A 105 -0.19 -6.86 6.93
N VAL A 106 0.03 -7.34 5.74
CA VAL A 106 -0.54 -8.60 5.35
C VAL A 106 0.35 -9.68 5.93
N GLY A 107 1.57 -9.28 6.23
CA GLY A 107 2.44 -10.03 7.09
C GLY A 107 1.84 -10.18 8.47
N VAL A 108 0.88 -9.31 8.77
CA VAL A 108 0.15 -9.31 10.03
C VAL A 108 -0.97 -10.35 10.11
N ILE A 109 -1.74 -10.51 9.04
CA ILE A 109 -2.93 -11.37 9.06
C ILE A 109 -2.55 -12.82 9.40
N MET A 110 -1.33 -13.20 9.08
CA MET A 110 -0.87 -14.58 9.26
C MET A 110 -1.11 -15.15 10.65
N GLN A 111 -0.68 -14.44 11.66
CA GLN A 111 -0.77 -14.86 13.03
C GLN A 111 -2.22 -14.91 13.43
N ASP A 112 -2.98 -14.05 12.78
CA ASP A 112 -4.42 -14.09 12.93
C ASP A 112 -4.95 -15.45 12.47
N LYS A 113 -4.35 -16.01 11.41
CA LYS A 113 -4.60 -17.38 11.01
C LYS A 113 -3.84 -18.36 11.90
N GLY A 114 -2.68 -17.93 12.36
CA GLY A 114 -1.79 -18.78 13.11
C GLY A 114 -0.47 -19.07 12.39
N ASP A 115 0.11 -18.05 11.74
CA ASP A 115 1.49 -18.18 11.22
C ASP A 115 2.40 -17.23 11.93
N THR A 116 2.01 -16.84 13.10
CA THR A 116 2.89 -16.09 13.96
C THR A 116 4.20 -16.84 14.13
N ALA A 117 4.16 -18.13 13.88
CA ALA A 117 5.37 -18.91 13.83
C ALA A 117 6.13 -18.68 12.53
N LYS A 118 5.46 -18.93 11.41
CA LYS A 118 6.11 -18.94 10.10
C LYS A 118 6.22 -17.56 9.54
N ALA A 119 5.08 -16.94 9.45
CA ALA A 119 4.93 -15.68 8.80
C ALA A 119 5.48 -14.54 9.63
N LYS A 120 5.65 -14.74 10.93
CA LYS A 120 6.34 -13.73 11.73
C LYS A 120 7.70 -13.45 11.15
N ALA A 121 8.23 -14.48 10.52
CA ALA A 121 9.50 -14.38 9.82
C ALA A 121 9.43 -13.36 8.70
N VAL A 122 8.26 -13.31 8.06
CA VAL A 122 7.91 -12.27 7.09
C VAL A 122 8.35 -10.91 7.57
N TYR A 123 7.92 -10.55 8.77
CA TYR A 123 8.32 -9.29 9.37
C TYR A 123 9.83 -9.17 9.34
N GLN A 124 10.48 -10.17 9.92
CA GLN A 124 11.92 -10.16 10.14
C GLN A 124 12.62 -9.91 8.82
N GLN A 125 11.96 -10.42 7.81
CA GLN A 125 12.39 -10.31 6.45
C GLN A 125 12.19 -8.93 5.91
N VAL A 126 11.02 -8.33 6.07
CA VAL A 126 10.86 -6.97 5.63
C VAL A 126 11.92 -6.09 6.24
N ILE A 127 12.11 -6.23 7.54
CA ILE A 127 13.11 -5.46 8.24
C ILE A 127 14.48 -5.56 7.56
N SER A 128 14.74 -6.71 6.95
CA SER A 128 16.08 -7.04 6.51
C SER A 128 16.18 -7.05 4.98
N LYS A 129 15.10 -7.46 4.33
CA LYS A 129 15.07 -7.69 2.92
C LYS A 129 14.44 -6.50 2.23
N TYR A 130 13.46 -5.94 2.92
CA TYR A 130 12.79 -4.73 2.54
C TYR A 130 13.20 -3.54 3.40
N PRO A 131 14.51 -3.35 3.70
CA PRO A 131 14.92 -2.53 4.82
C PRO A 131 14.63 -1.05 4.62
N GLY A 132 14.15 -0.44 5.68
CA GLY A 132 13.91 0.98 5.69
C GLY A 132 12.80 1.40 4.76
N THR A 133 11.86 0.51 4.54
CA THR A 133 10.69 0.83 3.78
C THR A 133 9.50 0.70 4.72
N ASP A 134 8.33 1.23 4.35
CA ASP A 134 7.18 1.30 5.26
C ASP A 134 6.98 0.03 6.07
N GLY A 135 7.10 -1.09 5.38
CA GLY A 135 6.97 -2.39 6.00
C GLY A 135 8.11 -2.71 6.95
N ALA A 136 9.35 -2.57 6.48
CA ALA A 136 10.52 -2.90 7.29
C ALA A 136 10.56 -1.99 8.50
N LYS A 137 9.95 -0.84 8.31
CA LYS A 137 9.87 0.19 9.31
C LYS A 137 8.90 -0.20 10.41
N GLN A 138 7.66 -0.46 10.02
CA GLN A 138 6.62 -0.80 10.97
C GLN A 138 6.72 -2.25 11.46
N ALA A 139 7.31 -3.13 10.65
CA ALA A 139 7.38 -4.55 11.00
C ALA A 139 8.39 -4.75 12.11
N GLN A 140 9.31 -3.80 12.21
CA GLN A 140 10.33 -3.79 13.24
C GLN A 140 9.71 -3.91 14.63
N LYS A 141 8.57 -3.27 14.83
CA LYS A 141 7.88 -3.36 16.10
C LYS A 141 7.37 -4.77 16.32
N ARG A 142 6.77 -5.35 15.29
CA ARG A 142 6.18 -6.69 15.41
C ARG A 142 7.27 -7.70 15.64
N LEU A 143 8.41 -7.43 15.07
CA LEU A 143 9.58 -8.27 15.24
C LEU A 143 9.90 -8.42 16.72
N ASN A 144 9.86 -7.32 17.46
CA ASN A 144 10.28 -7.31 18.86
C ASN A 144 9.09 -7.32 19.82
N ALA A 145 7.92 -6.92 19.32
CA ALA A 145 6.75 -6.74 20.15
C ALA A 145 5.77 -7.88 19.95
N MET A 146 5.20 -7.87 18.77
CA MET A 146 4.15 -8.77 18.42
C MET A 146 4.69 -9.97 17.66
#